data_2JZ3
#
_entry.id   2JZ3
#
loop_
_entity.id
_entity.type
_entity.pdbx_description
1 polymer 'Suppressor of cytokine signaling 3'
2 polymer 'Transcription elongation factor B polypeptide 2'
3 polymer 'Transcription elongation factor B polypeptide 1'
#
loop_
_entity_poly.entity_id
_entity_poly.type
_entity_poly.pdbx_seq_one_letter_code
_entity_poly.pdbx_strand_id
1 'polypeptide(L)' VATLQHLCRKTVNGHLDSYEKVTQLPGPIREFLDQYDAPL A
2 'polypeptide(L)'
;MDVFLMIRRHKTTIFTDAKESSTVFELKRIVEGILKRPPDEQRLYKDDQLLDDGKTLGECGFTSQTARPQAPATVGLAFR
ADDTFEALCIEPFSSPPELPDVMKPQDSGSSANEQAVQ
;
B
3 'polypeptide(L)'
;MYVKLISSDGHEFIVKREHALTSGTIKAMLSGPGQFAENETNEVNFREIPSHVLSKVCMYFTYKVRYTNSSTEIPEFPIA
PEIALELLMAANFLDC
;
C
#
# COMPACT_ATOMS: atom_id res chain seq x y z
N VAL A 1 -9.62 17.30 -2.36
CA VAL A 1 -8.90 16.35 -1.45
C VAL A 1 -7.55 16.88 -1.06
N ALA A 2 -7.25 16.65 0.16
CA ALA A 2 -5.96 17.12 0.74
C ALA A 2 -5.08 15.94 1.16
N THR A 3 -3.81 16.16 1.29
CA THR A 3 -2.90 15.06 1.72
C THR A 3 -3.12 14.80 3.21
N LEU A 4 -2.21 14.12 3.84
CA LEU A 4 -2.37 13.85 5.30
C LEU A 4 -1.89 15.05 6.12
N GLN A 5 -1.21 15.97 5.49
CA GLN A 5 -0.70 17.16 6.24
C GLN A 5 -1.87 17.93 6.88
N HIS A 6 -2.92 18.14 6.14
CA HIS A 6 -4.09 18.89 6.70
C HIS A 6 -4.82 18.05 7.74
N LEU A 7 -5.07 16.79 7.45
CA LEU A 7 -5.79 15.92 8.42
C LEU A 7 -5.02 15.84 9.74
N CYS A 8 -3.72 15.83 9.68
CA CYS A 8 -2.92 15.75 10.94
C CYS A 8 -3.11 17.01 11.77
N ARG A 9 -3.24 18.15 11.13
CA ARG A 9 -3.43 19.42 11.88
C ARG A 9 -4.81 19.44 12.57
N LYS A 10 -5.76 18.73 12.03
CA LYS A 10 -7.11 18.72 12.65
C LYS A 10 -7.02 18.32 14.12
N THR A 11 -6.26 17.31 14.43
CA THR A 11 -6.13 16.88 15.86
C THR A 11 -5.29 17.89 16.65
N VAL A 12 -4.19 18.30 16.09
CA VAL A 12 -3.32 19.28 16.81
C VAL A 12 -4.05 20.63 16.95
N ASN A 13 -4.75 21.04 15.94
CA ASN A 13 -5.47 22.34 16.01
C ASN A 13 -6.65 22.25 16.99
N GLY A 14 -7.41 21.19 16.93
CA GLY A 14 -8.57 21.06 17.86
C GLY A 14 -8.18 20.18 19.06
N HIS A 15 -7.66 19.00 18.80
CA HIS A 15 -7.26 18.11 19.92
C HIS A 15 -5.92 18.55 20.50
N MET B 1 -14.47 -3.07 -14.24
CA MET B 1 -13.57 -2.37 -15.20
C MET B 1 -12.22 -2.07 -14.55
N ASP B 2 -12.25 -1.43 -13.41
CA ASP B 2 -10.97 -1.10 -12.71
C ASP B 2 -10.90 -1.79 -11.34
N VAL B 3 -9.73 -2.16 -10.91
CA VAL B 3 -9.60 -2.84 -9.59
C VAL B 3 -8.21 -2.58 -9.00
N PHE B 4 -8.13 -2.34 -7.71
CA PHE B 4 -6.80 -2.08 -7.10
C PHE B 4 -6.24 -3.37 -6.49
N LEU B 5 -5.03 -3.72 -6.85
CA LEU B 5 -4.43 -4.96 -6.30
C LEU B 5 -3.15 -4.63 -5.53
N MET B 6 -2.73 -5.50 -4.67
CA MET B 6 -1.49 -5.24 -3.89
C MET B 6 -0.75 -6.56 -3.64
N ILE B 7 0.55 -6.55 -3.65
CA ILE B 7 1.29 -7.81 -3.41
C ILE B 7 1.73 -7.84 -1.95
N ARG B 8 1.74 -9.00 -1.35
CA ARG B 8 2.14 -9.03 0.07
C ARG B 8 3.46 -9.78 0.24
N ARG B 9 4.31 -9.22 1.06
CA ARG B 9 5.64 -9.82 1.34
C ARG B 9 6.03 -9.40 2.75
N HIS B 10 6.78 -10.17 3.45
CA HIS B 10 7.14 -9.76 4.83
C HIS B 10 7.76 -8.40 4.80
N LYS B 11 7.50 -7.64 5.79
CA LYS B 11 8.05 -6.26 5.87
C LYS B 11 7.99 -5.61 4.48
N THR B 12 7.89 -6.40 3.44
CA THR B 12 7.84 -5.81 2.07
C THR B 12 6.43 -5.91 1.45
N THR B 13 5.83 -4.78 1.16
CA THR B 13 4.48 -4.75 0.52
C THR B 13 4.50 -3.80 -0.67
N ILE B 14 4.07 -4.24 -1.83
CA ILE B 14 4.09 -3.32 -3.01
C ILE B 14 2.67 -2.97 -3.44
N PHE B 15 2.41 -1.72 -3.66
CA PHE B 15 1.04 -1.34 -4.12
C PHE B 15 1.00 -1.51 -5.64
N THR B 16 0.22 -2.44 -6.12
CA THR B 16 0.16 -2.67 -7.58
C THR B 16 -1.20 -2.24 -8.15
N ASP B 17 -1.21 -1.70 -9.32
CA ASP B 17 -2.51 -1.28 -9.93
C ASP B 17 -2.72 -1.97 -11.26
N ALA B 18 -3.93 -2.34 -11.58
CA ALA B 18 -4.20 -3.02 -12.87
C ALA B 18 -5.70 -2.95 -13.20
N LYS B 19 -6.07 -3.35 -14.38
CA LYS B 19 -7.51 -3.32 -14.75
C LYS B 19 -8.17 -4.66 -14.39
N GLU B 20 -9.41 -4.65 -13.98
CA GLU B 20 -10.09 -5.92 -13.64
C GLU B 20 -10.00 -6.88 -14.82
N SER B 21 -9.98 -6.36 -16.01
CA SER B 21 -9.90 -7.23 -17.21
C SER B 21 -8.46 -7.26 -17.74
N SER B 22 -7.51 -6.81 -16.95
CA SER B 22 -6.10 -6.82 -17.42
C SER B 22 -5.65 -8.27 -17.63
N THR B 23 -4.94 -8.81 -16.69
CA THR B 23 -4.45 -10.22 -16.80
C THR B 23 -3.43 -10.51 -15.72
N VAL B 24 -3.67 -11.51 -14.90
CA VAL B 24 -2.69 -11.84 -13.83
C VAL B 24 -1.28 -11.79 -14.39
N PHE B 25 -1.14 -12.00 -15.67
CA PHE B 25 0.22 -11.96 -16.29
C PHE B 25 0.76 -10.53 -16.23
N GLU B 26 -0.08 -9.55 -16.44
CA GLU B 26 0.39 -8.15 -16.37
C GLU B 26 0.86 -7.83 -14.95
N LEU B 27 0.06 -8.17 -13.96
CA LEU B 27 0.47 -7.90 -12.55
C LEU B 27 1.77 -8.65 -12.25
N LYS B 28 1.95 -9.79 -12.85
CA LYS B 28 3.20 -10.58 -12.62
C LYS B 28 4.44 -9.75 -13.01
N ARG B 29 4.33 -8.94 -14.03
CA ARG B 29 5.50 -8.13 -14.47
C ARG B 29 5.98 -7.23 -13.33
N ILE B 30 5.09 -6.68 -12.55
CA ILE B 30 5.52 -5.80 -11.44
C ILE B 30 6.44 -6.59 -10.49
N VAL B 31 6.15 -7.85 -10.30
CA VAL B 31 7.00 -8.67 -9.41
C VAL B 31 8.42 -8.75 -9.99
N GLU B 32 8.52 -9.01 -11.27
CA GLU B 32 9.86 -9.09 -11.93
C GLU B 32 10.54 -7.72 -11.88
N GLY B 33 9.87 -6.71 -11.40
CA GLY B 33 10.49 -5.37 -11.32
C GLY B 33 10.79 -5.07 -9.85
N ILE B 34 9.97 -5.56 -8.97
CA ILE B 34 10.19 -5.35 -7.53
C ILE B 34 10.97 -6.54 -6.96
N LEU B 35 10.44 -7.72 -7.13
CA LEU B 35 11.14 -8.93 -6.62
C LEU B 35 11.95 -9.57 -7.77
N LYS B 36 11.71 -9.13 -8.98
CA LYS B 36 12.46 -9.70 -10.14
C LYS B 36 12.16 -11.19 -10.28
N ARG B 37 10.92 -11.58 -10.21
CA ARG B 37 10.60 -13.03 -10.36
C ARG B 37 9.63 -13.27 -11.51
N PRO B 38 9.99 -14.20 -12.36
CA PRO B 38 9.16 -14.54 -13.54
C PRO B 38 8.02 -15.47 -13.12
N PRO B 39 7.15 -15.73 -14.05
CA PRO B 39 5.99 -16.63 -13.80
C PRO B 39 6.44 -18.08 -13.74
N ASP B 40 7.33 -18.40 -12.84
CA ASP B 40 7.82 -19.81 -12.73
C ASP B 40 8.12 -20.15 -11.27
N GLU B 41 9.15 -19.56 -10.71
CA GLU B 41 9.49 -19.85 -9.29
C GLU B 41 8.78 -18.85 -8.38
N GLN B 42 7.54 -18.56 -8.66
CA GLN B 42 6.78 -17.60 -7.81
C GLN B 42 5.31 -18.01 -7.74
N ARG B 43 4.70 -17.83 -6.60
CA ARG B 43 3.27 -18.21 -6.45
C ARG B 43 2.47 -17.03 -5.88
N LEU B 44 1.21 -16.93 -6.19
CA LEU B 44 0.40 -15.80 -5.66
C LEU B 44 -0.74 -16.34 -4.80
N TYR B 45 -1.16 -15.59 -3.82
CA TYR B 45 -2.26 -16.06 -2.95
C TYR B 45 -3.31 -14.95 -2.80
N LYS B 46 -4.56 -15.29 -2.96
CA LYS B 46 -5.64 -14.26 -2.83
C LYS B 46 -6.72 -14.76 -1.88
N ASP B 47 -7.08 -13.96 -0.92
CA ASP B 47 -8.15 -14.38 0.05
C ASP B 47 -7.78 -15.72 0.69
N ASP B 48 -6.78 -15.73 1.53
CA ASP B 48 -6.39 -17.01 2.19
C ASP B 48 -6.39 -18.15 1.17
N GLN B 49 -6.03 -17.89 -0.04
CA GLN B 49 -6.01 -18.96 -1.07
C GLN B 49 -4.89 -18.72 -2.09
N LEU B 50 -4.86 -19.47 -3.15
CA LEU B 50 -3.79 -19.27 -4.17
C LEU B 50 -4.34 -18.53 -5.39
N LEU B 51 -3.63 -17.55 -5.87
CA LEU B 51 -4.12 -16.78 -7.04
C LEU B 51 -3.91 -17.60 -8.32
N ASP B 52 -4.85 -17.54 -9.23
CA ASP B 52 -4.71 -18.32 -10.49
C ASP B 52 -4.50 -17.37 -11.69
N ASP B 53 -3.36 -17.45 -12.33
CA ASP B 53 -3.11 -16.54 -13.49
C ASP B 53 -3.93 -17.01 -14.71
N GLY B 54 -4.70 -18.05 -14.56
CA GLY B 54 -5.51 -18.54 -15.70
C GLY B 54 -6.82 -17.75 -15.76
N LYS B 55 -7.00 -16.81 -14.88
CA LYS B 55 -8.22 -16.01 -14.88
C LYS B 55 -7.85 -14.56 -14.63
N THR B 56 -8.76 -13.69 -14.85
CA THR B 56 -8.51 -12.24 -14.64
C THR B 56 -8.98 -11.82 -13.25
N LEU B 57 -8.71 -10.61 -12.86
CA LEU B 57 -9.14 -10.14 -11.51
C LEU B 57 -10.65 -10.38 -11.34
N GLY B 58 -11.43 -10.05 -12.33
CA GLY B 58 -12.91 -10.25 -12.22
C GLY B 58 -13.21 -11.75 -12.32
N GLU B 59 -12.53 -12.44 -13.17
CA GLU B 59 -12.78 -13.91 -13.32
C GLU B 59 -11.97 -14.68 -12.29
N CYS B 60 -11.31 -13.98 -11.41
CA CYS B 60 -10.50 -14.66 -10.36
C CYS B 60 -11.05 -14.31 -8.97
N GLY B 61 -11.41 -13.06 -8.76
CA GLY B 61 -11.96 -12.67 -7.44
C GLY B 61 -11.44 -11.28 -7.06
N PHE B 62 -11.94 -10.27 -7.71
CA PHE B 62 -11.50 -8.88 -7.40
C PHE B 62 -12.56 -7.87 -7.87
N THR B 63 -12.95 -7.95 -9.12
CA THR B 63 -13.97 -7.00 -9.63
C THR B 63 -13.73 -5.60 -9.08
N SER B 64 -14.75 -4.97 -8.56
CA SER B 64 -14.58 -3.60 -8.00
C SER B 64 -15.09 -3.57 -6.56
N GLN B 65 -15.09 -4.69 -5.91
CA GLN B 65 -15.56 -4.76 -4.51
C GLN B 65 -14.44 -5.28 -3.59
N THR B 66 -13.48 -5.94 -4.16
CA THR B 66 -12.35 -6.47 -3.34
C THR B 66 -11.03 -5.82 -3.77
N ALA B 67 -11.09 -4.63 -4.29
CA ALA B 67 -9.84 -3.93 -4.73
C ALA B 67 -10.18 -2.51 -5.15
N ARG B 68 -9.73 -1.54 -4.40
CA ARG B 68 -10.03 -0.12 -4.77
C ARG B 68 -9.45 0.82 -3.70
N PRO B 69 -9.79 2.09 -3.80
CA PRO B 69 -9.29 3.07 -2.81
C PRO B 69 -9.92 2.80 -1.44
N GLN B 70 -11.05 2.15 -1.42
CA GLN B 70 -11.70 1.84 -0.13
C GLN B 70 -11.21 0.48 0.37
N ALA B 71 -11.26 -0.51 -0.48
CA ALA B 71 -10.78 -1.86 -0.08
C ALA B 71 -9.87 -2.43 -1.18
N PRO B 72 -8.59 -2.42 -0.91
CA PRO B 72 -7.60 -2.93 -1.89
C PRO B 72 -7.49 -4.44 -1.80
N ALA B 73 -6.89 -5.06 -2.79
CA ALA B 73 -6.72 -6.54 -2.77
C ALA B 73 -5.25 -6.89 -2.54
N THR B 74 -4.99 -7.86 -1.71
CA THR B 74 -3.57 -8.23 -1.44
C THR B 74 -3.27 -9.63 -1.96
N VAL B 75 -2.12 -9.80 -2.55
CA VAL B 75 -1.75 -11.15 -3.08
C VAL B 75 -0.46 -11.61 -2.40
N GLY B 76 -0.37 -12.86 -2.06
CA GLY B 76 0.85 -13.38 -1.39
C GLY B 76 1.80 -13.92 -2.44
N LEU B 77 3.01 -13.45 -2.43
CA LEU B 77 4.00 -13.92 -3.42
C LEU B 77 5.11 -14.71 -2.73
N ALA B 78 5.24 -15.94 -3.09
CA ALA B 78 6.29 -16.80 -2.49
C ALA B 78 7.02 -17.58 -3.59
N PHE B 79 8.32 -17.72 -3.48
CA PHE B 79 9.07 -18.48 -4.52
C PHE B 79 9.44 -19.87 -3.99
N ARG B 80 9.09 -20.89 -4.72
CA ARG B 80 9.42 -22.27 -4.26
C ARG B 80 10.60 -22.83 -5.05
N ALA B 81 11.74 -22.94 -4.42
CA ALA B 81 12.93 -23.49 -5.13
C ALA B 81 13.56 -24.62 -4.31
N ASP B 82 13.36 -25.85 -4.73
CA ASP B 82 13.94 -26.99 -3.97
C ASP B 82 13.27 -27.11 -2.59
N ASP B 83 13.34 -26.08 -1.80
CA ASP B 83 12.70 -26.14 -0.45
C ASP B 83 12.75 -24.77 0.22
N THR B 84 12.15 -23.77 -0.38
CA THR B 84 12.17 -22.41 0.23
C THR B 84 10.79 -21.75 0.08
N PHE B 85 10.48 -20.81 0.93
CA PHE B 85 9.15 -20.15 0.84
C PHE B 85 9.28 -18.64 1.14
N GLU B 86 8.28 -17.88 0.80
CA GLU B 86 8.35 -16.40 1.07
C GLU B 86 7.01 -15.90 1.61
N ALA B 87 6.03 -15.71 0.76
CA ALA B 87 4.71 -15.24 1.24
C ALA B 87 4.12 -16.24 2.24
N LEU B 88 2.88 -16.63 2.06
CA LEU B 88 2.26 -17.61 3.00
C LEU B 88 2.04 -16.93 4.36
N CYS B 89 3.06 -16.29 4.87
CA CYS B 89 2.91 -15.58 6.15
C CYS B 89 3.22 -14.11 5.87
N ILE B 90 2.24 -13.27 5.90
CA ILE B 90 2.52 -11.85 5.59
C ILE B 90 2.85 -11.09 6.86
N GLU B 91 4.09 -10.74 7.01
CA GLU B 91 4.50 -9.97 8.23
C GLU B 91 4.04 -8.52 8.10
N PRO B 92 3.07 -8.16 8.89
CA PRO B 92 2.52 -6.78 8.85
C PRO B 92 3.52 -5.78 9.42
N PHE B 93 3.65 -4.64 8.79
CA PHE B 93 4.61 -3.62 9.28
C PHE B 93 4.30 -3.27 10.73
N SER B 94 4.77 -2.14 11.19
CA SER B 94 4.50 -1.74 12.61
C SER B 94 3.10 -1.14 12.73
N SER B 95 2.27 -1.69 13.58
CA SER B 95 0.90 -1.14 13.75
C SER B 95 0.29 -1.60 15.07
N PRO B 96 1.06 -1.42 16.11
CA PRO B 96 0.60 -1.82 17.47
C PRO B 96 -0.50 -0.89 18.01
N PRO B 97 -0.49 0.35 17.61
CA PRO B 97 -1.52 1.30 18.11
C PRO B 97 -2.87 1.03 17.44
N GLU B 98 -2.94 1.12 16.14
CA GLU B 98 -4.23 0.86 15.43
C GLU B 98 -3.98 0.03 14.17
N LEU B 99 -4.87 0.11 13.22
CA LEU B 99 -4.69 -0.68 11.97
C LEU B 99 -4.41 -2.15 12.29
N PRO B 100 -5.22 -2.69 13.16
CA PRO B 100 -5.06 -4.11 13.56
C PRO B 100 -5.51 -5.05 12.44
N ASP B 101 -4.65 -5.30 11.49
CA ASP B 101 -5.02 -6.20 10.36
C ASP B 101 -5.79 -7.41 10.89
N VAL B 102 -5.55 -7.79 12.11
CA VAL B 102 -6.26 -8.97 12.69
C VAL B 102 -6.46 -8.78 14.19
N MET B 103 -6.78 -9.83 14.89
CA MET B 103 -7.00 -9.71 16.37
C MET B 103 -5.66 -9.87 17.10
N LYS B 104 -4.60 -9.33 16.56
CA LYS B 104 -3.28 -9.45 17.23
C LYS B 104 -3.41 -9.13 18.72
N PRO B 105 -3.38 -10.17 19.51
CA PRO B 105 -3.50 -10.01 20.98
C PRO B 105 -2.20 -9.43 21.56
N GLN B 106 -1.08 -9.93 21.15
CA GLN B 106 0.21 -9.41 21.69
C GLN B 106 0.33 -9.71 23.18
N ASP B 107 -0.20 -10.82 23.61
CA ASP B 107 -0.11 -11.18 25.05
C ASP B 107 1.32 -11.04 25.56
N SER B 108 2.26 -11.65 24.87
CA SER B 108 3.68 -11.56 25.30
C SER B 108 4.62 -11.87 24.13
N GLY B 109 5.67 -11.12 23.98
CA GLY B 109 6.61 -11.38 22.86
C GLY B 109 7.40 -10.10 22.55
N SER B 110 8.48 -9.86 23.25
CA SER B 110 9.28 -8.64 22.99
C SER B 110 10.59 -8.69 23.79
N SER B 111 10.51 -8.79 25.08
CA SER B 111 11.75 -8.85 25.91
C SER B 111 12.11 -10.31 26.22
N ALA B 112 11.57 -11.23 25.48
CA ALA B 112 11.88 -12.66 25.74
C ALA B 112 12.53 -13.30 24.50
N ASN B 113 12.41 -12.67 23.37
CA ASN B 113 13.02 -13.23 22.14
C ASN B 113 12.42 -14.61 21.83
N GLU B 114 12.34 -14.97 20.58
CA GLU B 114 11.78 -16.30 20.22
C GLU B 114 12.41 -16.81 18.93
N GLN B 115 13.44 -17.61 19.04
CA GLN B 115 14.10 -18.15 17.81
C GLN B 115 14.79 -17.02 17.05
N ALA B 116 14.04 -16.03 16.64
CA ALA B 116 14.65 -14.89 15.89
C ALA B 116 15.21 -15.39 14.55
N VAL B 117 14.86 -14.73 13.48
CA VAL B 117 15.38 -15.16 12.14
C VAL B 117 16.67 -14.42 11.81
N GLN B 118 17.67 -15.12 11.36
CA GLN B 118 18.97 -14.46 11.02
C GLN B 118 19.76 -15.32 10.03
N MET C 1 4.31 2.47 -13.37
CA MET C 1 5.46 3.00 -12.58
C MET C 1 5.10 3.08 -11.10
N TYR C 2 5.99 2.69 -10.24
CA TYR C 2 5.70 2.73 -8.78
C TYR C 2 6.98 3.05 -7.99
N VAL C 3 6.83 3.47 -6.76
CA VAL C 3 8.04 3.81 -5.96
C VAL C 3 7.95 3.15 -4.58
N LYS C 4 9.06 2.84 -3.99
CA LYS C 4 9.05 2.17 -2.66
C LYS C 4 9.39 3.16 -1.55
N LEU C 5 8.69 3.09 -0.46
CA LEU C 5 8.96 4.02 0.68
C LEU C 5 9.48 3.23 1.86
N ILE C 6 10.54 3.66 2.48
CA ILE C 6 11.09 2.91 3.63
C ILE C 6 10.86 3.67 4.94
N SER C 7 10.57 2.97 5.99
CA SER C 7 10.35 3.63 7.31
C SER C 7 11.54 3.39 8.23
N SER C 8 11.79 4.27 9.16
CA SER C 8 12.94 4.07 10.09
C SER C 8 12.77 2.77 10.86
N ASP C 9 11.60 2.19 10.84
CA ASP C 9 11.37 0.91 11.57
C ASP C 9 11.97 -0.25 10.78
N GLY C 10 11.90 -0.20 9.48
CA GLY C 10 12.47 -1.31 8.66
C GLY C 10 11.40 -1.82 7.68
N HIS C 11 10.18 -1.39 7.85
CA HIS C 11 9.10 -1.84 6.92
C HIS C 11 9.24 -1.15 5.57
N GLU C 12 8.74 -1.77 4.53
CA GLU C 12 8.85 -1.14 3.17
C GLU C 12 7.50 -1.16 2.47
N PHE C 13 7.19 -0.11 1.76
CA PHE C 13 5.89 -0.04 1.03
C PHE C 13 6.11 0.64 -0.32
N ILE C 14 5.52 0.13 -1.36
CA ILE C 14 5.73 0.75 -2.70
C ILE C 14 4.40 1.30 -3.26
N VAL C 15 4.42 2.52 -3.72
CA VAL C 15 3.18 3.11 -4.30
C VAL C 15 3.43 3.54 -5.76
N LYS C 16 2.49 3.28 -6.63
CA LYS C 16 2.68 3.66 -8.06
C LYS C 16 3.22 5.10 -8.16
N ARG C 17 4.01 5.37 -9.16
CA ARG C 17 4.57 6.74 -9.32
C ARG C 17 3.44 7.76 -9.13
N GLU C 18 2.42 7.67 -9.94
CA GLU C 18 1.29 8.62 -9.81
C GLU C 18 0.74 8.53 -8.39
N HIS C 19 0.67 7.33 -7.85
CA HIS C 19 0.17 7.19 -6.46
C HIS C 19 1.13 7.90 -5.51
N ALA C 20 2.41 7.80 -5.78
CA ALA C 20 3.41 8.48 -4.92
C ALA C 20 3.53 9.95 -5.34
N LEU C 21 3.11 10.26 -6.54
CA LEU C 21 3.21 11.68 -7.00
C LEU C 21 2.40 12.58 -6.06
N THR C 22 1.59 12.01 -5.22
CA THR C 22 0.77 12.83 -4.28
C THR C 22 1.63 13.31 -3.11
N SER C 23 2.91 13.07 -3.16
CA SER C 23 3.80 13.53 -2.07
C SER C 23 4.43 14.88 -2.42
N GLY C 24 4.62 15.13 -3.69
CA GLY C 24 5.23 16.44 -4.10
C GLY C 24 6.76 16.33 -3.97
N THR C 25 7.23 15.48 -3.11
CA THR C 25 8.71 15.31 -2.95
C THR C 25 9.13 13.95 -3.49
N ILE C 26 8.30 12.96 -3.33
CA ILE C 26 8.65 11.60 -3.83
C ILE C 26 8.75 11.63 -5.36
N LYS C 27 7.89 12.37 -6.00
CA LYS C 27 7.93 12.46 -7.48
C LYS C 27 9.23 13.14 -7.93
N ALA C 28 9.62 14.18 -7.25
CA ALA C 28 10.88 14.88 -7.64
C ALA C 28 12.09 13.98 -7.35
N MET C 29 11.95 13.07 -6.44
CA MET C 29 13.08 12.16 -6.11
C MET C 29 13.25 11.12 -7.21
N LEU C 30 12.18 10.66 -7.79
CA LEU C 30 12.28 9.65 -8.88
C LEU C 30 13.31 10.10 -9.92
N SER C 31 13.53 11.39 -10.03
CA SER C 31 14.51 11.90 -11.03
C SER C 31 15.26 13.12 -10.46
N GLY C 32 15.10 13.38 -9.20
CA GLY C 32 15.79 14.56 -8.59
C GLY C 32 17.19 14.69 -9.18
N PRO C 33 17.71 15.90 -9.11
CA PRO C 33 19.06 16.17 -9.65
C PRO C 33 20.13 15.57 -8.74
N GLY C 34 20.17 14.27 -8.65
CA GLY C 34 21.20 13.61 -7.79
C GLY C 34 21.94 12.55 -8.59
N GLN C 35 22.94 11.94 -8.00
CA GLN C 35 23.71 10.89 -8.74
C GLN C 35 22.86 9.62 -8.89
N PHE C 36 23.29 8.71 -9.71
CA PHE C 36 22.50 7.46 -9.91
C PHE C 36 23.30 6.25 -9.40
N ALA C 37 22.82 5.59 -8.38
CA ALA C 37 23.55 4.41 -7.84
C ALA C 37 23.26 3.18 -8.68
N GLU C 38 24.18 2.25 -8.74
CA GLU C 38 23.95 1.02 -9.55
C GLU C 38 22.53 0.49 -9.30
N ASN C 39 21.97 0.77 -8.16
CA ASN C 39 20.59 0.28 -7.87
C ASN C 39 19.79 1.37 -7.15
N GLU C 40 18.75 1.00 -6.46
CA GLU C 40 17.93 2.00 -5.74
C GLU C 40 17.31 3.00 -6.73
N THR C 41 16.28 2.60 -7.42
CA THR C 41 15.64 3.52 -8.41
C THR C 41 14.17 3.73 -8.05
N ASN C 42 13.61 4.85 -8.40
CA ASN C 42 12.18 5.11 -8.08
C ASN C 42 11.87 4.62 -6.66
N GLU C 43 12.61 5.10 -5.69
CA GLU C 43 12.36 4.67 -4.29
C GLU C 43 12.36 5.88 -3.36
N VAL C 44 11.78 5.75 -2.19
CA VAL C 44 11.75 6.90 -1.24
C VAL C 44 12.43 6.50 0.07
N ASN C 45 12.98 7.46 0.76
CA ASN C 45 13.66 7.15 2.05
C ASN C 45 13.30 8.20 3.10
N PHE C 46 12.61 7.81 4.13
CA PHE C 46 12.22 8.78 5.18
C PHE C 46 12.91 8.44 6.51
N ARG C 47 13.90 9.20 6.89
CA ARG C 47 14.62 8.91 8.16
C ARG C 47 13.84 9.49 9.35
N GLU C 48 12.65 9.96 9.11
CA GLU C 48 11.84 10.54 10.24
C GLU C 48 10.36 10.13 10.09
N ILE C 49 10.11 8.99 9.50
CA ILE C 49 8.70 8.55 9.33
C ILE C 49 8.61 7.03 9.54
N PRO C 50 7.81 6.66 10.50
CA PRO C 50 7.64 5.22 10.82
C PRO C 50 6.80 4.51 9.75
N SER C 51 6.83 3.21 9.73
CA SER C 51 6.05 2.45 8.70
C SER C 51 4.56 2.75 8.80
N HIS C 52 4.01 2.75 9.99
CA HIS C 52 2.56 3.03 10.14
C HIS C 52 2.22 4.45 9.67
N VAL C 53 3.15 5.36 9.75
CA VAL C 53 2.85 6.76 9.31
C VAL C 53 3.02 6.89 7.79
N LEU C 54 4.07 6.34 7.23
CA LEU C 54 4.26 6.46 5.75
C LEU C 54 3.08 5.81 5.01
N SER C 55 2.42 4.88 5.65
CA SER C 55 1.26 4.22 4.98
C SER C 55 0.02 5.06 5.23
N LYS C 56 -0.04 5.70 6.36
CA LYS C 56 -1.21 6.55 6.67
C LYS C 56 -1.33 7.64 5.59
N VAL C 57 -0.32 8.47 5.49
CA VAL C 57 -0.34 9.54 4.45
C VAL C 57 -0.43 8.91 3.06
N CYS C 58 0.21 7.80 2.87
CA CYS C 58 0.18 7.15 1.53
C CYS C 58 -1.26 6.87 1.11
N MET C 59 -2.11 6.55 2.04
CA MET C 59 -3.53 6.29 1.66
C MET C 59 -4.10 7.55 1.00
N TYR C 60 -3.69 8.70 1.45
CA TYR C 60 -4.19 9.95 0.82
C TYR C 60 -3.49 10.12 -0.53
N PHE C 61 -2.36 9.49 -0.70
CA PHE C 61 -1.64 9.60 -2.00
C PHE C 61 -2.50 8.96 -3.09
N THR C 62 -3.20 7.92 -2.75
CA THR C 62 -4.08 7.25 -3.75
C THR C 62 -5.49 7.82 -3.64
N TYR C 63 -5.91 8.12 -2.44
CA TYR C 63 -7.28 8.70 -2.26
C TYR C 63 -7.34 10.07 -2.96
N LYS C 64 -6.29 10.83 -2.89
CA LYS C 64 -6.29 12.16 -3.55
C LYS C 64 -6.28 12.02 -5.07
N VAL C 65 -5.64 11.00 -5.58
CA VAL C 65 -5.60 10.82 -7.07
C VAL C 65 -7.02 10.68 -7.64
N ARG C 66 -7.82 9.83 -7.07
CA ARG C 66 -9.20 9.66 -7.60
C ARG C 66 -10.12 10.74 -7.05
N TYR C 67 -9.68 11.47 -6.05
CA TYR C 67 -10.52 12.55 -5.48
C TYR C 67 -10.17 13.88 -6.13
N THR C 68 -9.07 13.93 -6.86
CA THR C 68 -8.68 15.20 -7.52
C THR C 68 -9.70 15.55 -8.60
N ASN C 69 -10.35 14.56 -9.15
CA ASN C 69 -11.36 14.83 -10.20
C ASN C 69 -12.77 14.55 -9.66
N SER C 70 -12.94 14.59 -8.37
CA SER C 70 -14.29 14.32 -7.79
C SER C 70 -14.94 15.62 -7.34
N SER C 71 -14.55 16.13 -6.21
CA SER C 71 -15.16 17.41 -5.71
C SER C 71 -16.63 17.20 -5.37
N THR C 72 -16.91 16.36 -4.41
CA THR C 72 -18.33 16.12 -4.03
C THR C 72 -18.40 15.61 -2.58
N GLU C 73 -17.67 14.57 -2.26
CA GLU C 73 -17.70 14.03 -0.88
C GLU C 73 -16.35 14.29 -0.18
N ILE C 74 -15.31 13.65 -0.64
CA ILE C 74 -13.98 13.86 0.00
C ILE C 74 -14.11 13.89 1.52
N PRO C 75 -14.04 12.72 2.11
CA PRO C 75 -14.15 12.61 3.58
C PRO C 75 -12.87 13.11 4.25
N GLU C 76 -12.63 12.71 5.47
CA GLU C 76 -11.40 13.17 6.18
C GLU C 76 -10.75 12.01 6.92
N PHE C 77 -9.45 11.92 6.89
CA PHE C 77 -8.74 10.81 7.59
C PHE C 77 -8.95 10.94 9.10
N PRO C 78 -9.02 9.81 9.75
CA PRO C 78 -9.21 9.77 11.21
C PRO C 78 -7.92 10.13 11.94
N ILE C 79 -7.99 10.96 12.95
CA ILE C 79 -6.76 11.35 13.69
C ILE C 79 -7.01 11.23 15.20
N ALA C 80 -6.07 10.69 15.92
CA ALA C 80 -6.27 10.54 17.40
C ALA C 80 -4.93 10.44 18.12
N PRO C 81 -5.00 10.37 19.42
CA PRO C 81 -3.77 10.27 20.25
C PRO C 81 -3.18 8.86 20.11
N GLU C 82 -2.57 8.58 18.99
CA GLU C 82 -1.97 7.24 18.77
C GLU C 82 -1.34 7.25 17.39
N ILE C 83 -1.97 7.94 16.48
CA ILE C 83 -1.43 8.05 15.11
C ILE C 83 -1.84 9.41 14.56
N ALA C 84 -0.94 10.08 13.89
CA ALA C 84 -1.20 11.43 13.31
C ALA C 84 -0.10 12.38 13.75
N LEU C 85 0.42 12.18 14.93
CA LEU C 85 1.50 13.07 15.44
C LEU C 85 2.68 13.07 14.47
N GLU C 86 3.12 11.92 14.06
CA GLU C 86 4.26 11.86 13.09
C GLU C 86 3.87 12.52 11.77
N LEU C 87 2.64 12.37 11.37
CA LEU C 87 2.19 12.99 10.10
C LEU C 87 2.35 14.51 10.16
N LEU C 88 2.32 15.07 11.35
CA LEU C 88 2.49 16.54 11.48
C LEU C 88 3.65 17.01 10.60
N MET C 89 4.84 16.56 10.89
CA MET C 89 6.02 16.96 10.08
C MET C 89 6.18 16.06 8.86
N ALA C 90 5.71 14.83 8.96
CA ALA C 90 5.83 13.90 7.79
C ALA C 90 4.75 14.20 6.76
N ALA C 91 3.51 14.26 7.17
CA ALA C 91 2.42 14.55 6.20
C ALA C 91 2.70 15.88 5.51
N ASN C 92 3.05 16.88 6.26
CA ASN C 92 3.36 18.21 5.65
C ASN C 92 4.64 18.13 4.83
N PHE C 93 5.58 17.32 5.25
CA PHE C 93 6.86 17.20 4.49
C PHE C 93 6.59 16.55 3.14
N LEU C 94 5.48 15.89 2.99
CA LEU C 94 5.16 15.24 1.68
C LEU C 94 4.23 16.14 0.87
N ASP C 95 4.52 17.41 0.81
CA ASP C 95 3.66 18.34 0.02
C ASP C 95 2.18 17.98 0.20
N CYS C 96 1.41 18.07 -0.84
CA CYS C 96 -0.05 17.74 -0.73
C CYS C 96 -0.53 17.03 -2.00
N VAL A 1 -9.26 16.82 -2.74
CA VAL A 1 -8.49 16.01 -1.75
C VAL A 1 -7.12 16.59 -1.51
N ALA A 2 -6.74 16.53 -0.29
CA ALA A 2 -5.44 17.09 0.14
C ALA A 2 -4.53 15.97 0.65
N THR A 3 -3.24 16.20 0.67
CA THR A 3 -2.31 15.15 1.17
C THR A 3 -2.61 14.87 2.65
N LEU A 4 -1.74 14.17 3.32
CA LEU A 4 -1.99 13.86 4.75
C LEU A 4 -1.58 15.06 5.63
N GLN A 5 -0.88 16.00 5.07
CA GLN A 5 -0.45 17.19 5.87
C GLN A 5 -1.67 17.92 6.44
N HIS A 6 -2.71 18.03 5.66
CA HIS A 6 -3.93 18.74 6.14
C HIS A 6 -4.71 17.85 7.11
N LEU A 7 -4.83 16.60 6.82
CA LEU A 7 -5.58 15.68 7.74
C LEU A 7 -4.91 15.62 9.11
N CYS A 8 -3.63 15.39 9.14
CA CYS A 8 -2.92 15.32 10.45
C CYS A 8 -2.92 16.67 11.16
N ARG A 9 -2.77 17.73 10.42
CA ARG A 9 -2.77 19.08 11.07
C ARG A 9 -4.19 19.48 11.48
N LYS A 10 -5.18 18.98 10.79
CA LYS A 10 -6.58 19.33 11.15
C LYS A 10 -6.93 18.84 12.56
N THR A 11 -6.55 17.63 12.88
CA THR A 11 -6.85 17.09 14.23
C THR A 11 -6.17 17.94 15.31
N VAL A 12 -4.89 18.16 15.19
CA VAL A 12 -4.18 18.99 16.20
C VAL A 12 -4.75 20.41 16.23
N ASN A 13 -5.00 20.98 15.08
CA ASN A 13 -5.56 22.36 15.04
C ASN A 13 -7.04 22.35 15.44
N GLY A 14 -7.76 21.34 15.02
CA GLY A 14 -9.21 21.27 15.38
C GLY A 14 -9.37 20.95 16.87
N HIS A 15 -8.27 20.72 17.55
CA HIS A 15 -8.36 20.40 19.01
C HIS A 15 -8.84 21.63 19.79
N MET B 1 -14.39 -2.32 -14.73
CA MET B 1 -13.50 -1.57 -15.67
C MET B 1 -12.07 -1.52 -15.14
N ASP B 2 -11.83 -0.72 -14.13
CA ASP B 2 -10.45 -0.63 -13.57
C ASP B 2 -10.48 -0.98 -12.07
N VAL B 3 -9.51 -1.74 -11.62
CA VAL B 3 -9.47 -2.11 -10.18
C VAL B 3 -8.05 -1.97 -9.63
N PHE B 4 -7.90 -1.92 -8.34
CA PHE B 4 -6.53 -1.78 -7.75
C PHE B 4 -6.12 -3.10 -7.09
N LEU B 5 -4.84 -3.30 -6.91
CA LEU B 5 -4.36 -4.56 -6.28
C LEU B 5 -3.14 -4.28 -5.40
N MET B 6 -3.00 -5.00 -4.32
CA MET B 6 -1.83 -4.77 -3.43
C MET B 6 -1.01 -6.06 -3.36
N ILE B 7 0.29 -5.95 -3.39
CA ILE B 7 1.14 -7.17 -3.33
C ILE B 7 1.82 -7.21 -1.97
N ARG B 8 1.75 -8.30 -1.27
CA ARG B 8 2.39 -8.34 0.07
C ARG B 8 3.57 -9.31 0.12
N ARG B 9 4.62 -8.86 0.74
CA ARG B 9 5.86 -9.65 0.88
C ARG B 9 6.54 -9.21 2.17
N HIS B 10 7.27 -10.05 2.84
CA HIS B 10 7.89 -9.59 4.10
C HIS B 10 8.68 -8.34 3.85
N LYS B 11 8.67 -7.49 4.81
CA LYS B 11 9.42 -6.20 4.67
C LYS B 11 9.18 -5.62 3.28
N THR B 12 8.83 -6.45 2.33
CA THR B 12 8.60 -5.92 0.95
C THR B 12 7.10 -5.89 0.57
N THR B 13 6.58 -4.70 0.36
CA THR B 13 5.15 -4.55 -0.06
C THR B 13 5.08 -3.62 -1.26
N ILE B 14 4.61 -4.08 -2.38
CA ILE B 14 4.52 -3.19 -3.58
C ILE B 14 3.07 -2.91 -3.93
N PHE B 15 2.73 -1.67 -4.15
CA PHE B 15 1.34 -1.35 -4.54
C PHE B 15 1.22 -1.54 -6.05
N THR B 16 0.47 -2.51 -6.48
CA THR B 16 0.35 -2.76 -7.94
C THR B 16 -1.05 -2.38 -8.44
N ASP B 17 -1.14 -1.86 -9.62
CA ASP B 17 -2.47 -1.47 -10.16
C ASP B 17 -2.74 -2.19 -11.49
N ALA B 18 -3.95 -2.57 -11.73
CA ALA B 18 -4.28 -3.28 -13.00
C ALA B 18 -5.79 -3.21 -13.27
N LYS B 19 -6.22 -3.64 -14.41
CA LYS B 19 -7.67 -3.60 -14.72
C LYS B 19 -8.33 -4.92 -14.31
N GLU B 20 -9.56 -4.87 -13.85
CA GLU B 20 -10.23 -6.13 -13.43
C GLU B 20 -10.26 -7.12 -14.59
N SER B 21 -10.25 -6.62 -15.80
CA SER B 21 -10.26 -7.54 -16.98
C SER B 21 -8.87 -7.62 -17.60
N SER B 22 -7.88 -7.09 -16.93
CA SER B 22 -6.49 -7.17 -17.47
C SER B 22 -6.04 -8.61 -17.57
N THR B 23 -5.32 -9.08 -16.59
CA THR B 23 -4.86 -10.49 -16.61
C THR B 23 -3.87 -10.74 -15.47
N VAL B 24 -4.18 -11.65 -14.58
CA VAL B 24 -3.25 -11.94 -13.46
C VAL B 24 -1.82 -11.97 -13.99
N PHE B 25 -1.64 -12.28 -15.25
CA PHE B 25 -0.28 -12.32 -15.83
C PHE B 25 0.29 -10.90 -15.89
N GLU B 26 -0.49 -9.95 -16.33
CA GLU B 26 0.01 -8.54 -16.40
C GLU B 26 0.50 -8.10 -15.02
N LEU B 27 -0.27 -8.33 -14.00
CA LEU B 27 0.17 -7.95 -12.63
C LEU B 27 1.43 -8.74 -12.27
N LYS B 28 1.52 -9.94 -12.76
CA LYS B 28 2.71 -10.79 -12.49
C LYS B 28 3.99 -10.08 -12.95
N ARG B 29 3.91 -9.35 -14.03
CA ARG B 29 5.13 -8.65 -14.55
C ARG B 29 5.68 -7.70 -13.49
N ILE B 30 4.84 -7.03 -12.75
CA ILE B 30 5.36 -6.10 -11.71
C ILE B 30 6.22 -6.87 -10.71
N VAL B 31 5.80 -8.05 -10.35
CA VAL B 31 6.61 -8.85 -9.39
C VAL B 31 8.01 -9.04 -9.97
N GLU B 32 8.09 -9.42 -11.22
CA GLU B 32 9.42 -9.59 -11.88
C GLU B 32 9.99 -8.23 -12.26
N GLY B 33 9.25 -7.18 -12.01
CA GLY B 33 9.73 -5.82 -12.35
C GLY B 33 10.38 -5.20 -11.11
N ILE B 34 9.82 -5.44 -9.96
CA ILE B 34 10.41 -4.90 -8.70
C ILE B 34 11.02 -6.05 -7.91
N LEU B 35 10.25 -7.07 -7.67
CA LEU B 35 10.77 -8.25 -6.92
C LEU B 35 11.53 -9.17 -7.88
N LYS B 36 11.39 -8.93 -9.15
CA LYS B 36 12.11 -9.76 -10.17
C LYS B 36 11.84 -11.26 -9.94
N ARG B 37 10.60 -11.64 -9.75
CA ARG B 37 10.33 -13.10 -9.55
C ARG B 37 9.97 -13.76 -10.88
N PRO B 38 10.63 -14.83 -11.18
CA PRO B 38 10.37 -15.58 -12.44
C PRO B 38 9.04 -16.34 -12.35
N PRO B 39 8.36 -16.40 -13.47
CA PRO B 39 7.07 -17.11 -13.54
C PRO B 39 7.29 -18.63 -13.56
N ASP B 40 7.37 -19.24 -12.40
CA ASP B 40 7.58 -20.72 -12.36
C ASP B 40 7.48 -21.22 -10.92
N GLU B 41 8.54 -21.11 -10.16
CA GLU B 41 8.50 -21.58 -8.75
C GLU B 41 7.96 -20.48 -7.84
N GLN B 42 6.99 -19.74 -8.30
CA GLN B 42 6.42 -18.64 -7.47
C GLN B 42 4.89 -18.77 -7.40
N ARG B 43 4.30 -18.35 -6.32
CA ARG B 43 2.81 -18.44 -6.20
C ARG B 43 2.26 -17.18 -5.53
N LEU B 44 1.05 -16.81 -5.85
CA LEU B 44 0.45 -15.60 -5.24
C LEU B 44 -0.78 -15.96 -4.41
N TYR B 45 -1.04 -15.24 -3.36
CA TYR B 45 -2.22 -15.55 -2.51
C TYR B 45 -3.03 -14.28 -2.24
N LYS B 46 -4.31 -14.34 -2.42
CA LYS B 46 -5.16 -13.14 -2.18
C LYS B 46 -6.09 -13.38 -0.99
N ASP B 47 -6.15 -12.46 -0.08
CA ASP B 47 -7.05 -12.64 1.11
C ASP B 47 -6.87 -14.04 1.69
N ASP B 48 -5.78 -14.27 2.38
CA ASP B 48 -5.55 -15.62 2.99
C ASP B 48 -5.94 -16.71 1.99
N GLN B 49 -5.79 -16.46 0.73
CA GLN B 49 -6.16 -17.49 -0.29
C GLN B 49 -5.08 -17.58 -1.37
N LEU B 50 -5.29 -18.40 -2.37
CA LEU B 50 -4.28 -18.53 -3.46
C LEU B 50 -4.77 -17.80 -4.71
N LEU B 51 -3.98 -16.91 -5.24
CA LEU B 51 -4.40 -16.17 -6.46
C LEU B 51 -4.25 -17.06 -7.70
N ASP B 52 -5.32 -17.32 -8.40
CA ASP B 52 -5.23 -18.17 -9.62
C ASP B 52 -4.97 -17.32 -10.85
N ASP B 53 -3.82 -17.47 -11.46
CA ASP B 53 -3.51 -16.66 -12.68
C ASP B 53 -4.28 -17.20 -13.88
N GLY B 54 -5.06 -18.23 -13.69
CA GLY B 54 -5.82 -18.80 -14.83
C GLY B 54 -7.12 -18.01 -15.01
N LYS B 55 -7.38 -17.08 -14.13
CA LYS B 55 -8.61 -16.26 -14.24
C LYS B 55 -8.25 -14.83 -13.91
N THR B 56 -8.88 -13.93 -14.56
CA THR B 56 -8.63 -12.49 -14.32
C THR B 56 -9.33 -12.04 -13.03
N LEU B 57 -9.10 -10.83 -12.62
CA LEU B 57 -9.75 -10.34 -11.37
C LEU B 57 -11.27 -10.57 -11.45
N GLY B 58 -11.86 -10.22 -12.56
CA GLY B 58 -13.33 -10.41 -12.70
C GLY B 58 -13.63 -11.90 -12.88
N GLU B 59 -12.81 -12.59 -13.64
CA GLU B 59 -13.04 -14.04 -13.84
C GLU B 59 -12.64 -14.82 -12.59
N CYS B 60 -12.20 -14.12 -11.58
CA CYS B 60 -11.81 -14.79 -10.32
C CYS B 60 -12.69 -14.27 -9.17
N GLY B 61 -13.31 -13.15 -9.35
CA GLY B 61 -14.18 -12.60 -8.28
C GLY B 61 -13.29 -12.06 -7.16
N PHE B 62 -12.16 -11.53 -7.51
CA PHE B 62 -11.23 -10.99 -6.48
C PHE B 62 -11.03 -9.48 -6.69
N THR B 63 -11.93 -8.69 -6.16
CA THR B 63 -11.81 -7.21 -6.31
C THR B 63 -13.12 -6.54 -5.89
N SER B 64 -13.38 -5.37 -6.40
CA SER B 64 -14.64 -4.67 -6.03
C SER B 64 -14.58 -3.21 -6.48
N GLN B 65 -13.89 -2.93 -7.56
CA GLN B 65 -13.79 -1.53 -8.05
C GLN B 65 -13.26 -0.64 -6.94
N THR B 66 -12.68 -1.21 -5.93
CA THR B 66 -12.13 -0.40 -4.81
C THR B 66 -11.03 -1.16 -4.09
N ALA B 67 -10.40 -2.08 -4.77
CA ALA B 67 -9.31 -2.87 -4.14
C ALA B 67 -8.13 -1.94 -3.80
N ARG B 68 -8.33 -1.05 -2.88
CA ARG B 68 -7.25 -0.11 -2.48
C ARG B 68 -7.76 0.86 -1.41
N PRO B 69 -8.73 1.67 -1.77
CA PRO B 69 -9.31 2.65 -0.81
C PRO B 69 -10.16 1.93 0.24
N GLN B 70 -11.44 1.81 0.01
CA GLN B 70 -12.31 1.12 1.00
C GLN B 70 -11.78 -0.29 1.25
N ALA B 71 -12.17 -1.24 0.44
CA ALA B 71 -11.66 -2.64 0.63
C ALA B 71 -10.51 -2.89 -0.35
N PRO B 72 -9.32 -2.91 0.19
CA PRO B 72 -8.12 -3.11 -0.63
C PRO B 72 -7.91 -4.58 -0.97
N ALA B 73 -7.25 -4.86 -2.06
CA ALA B 73 -6.97 -6.26 -2.45
C ALA B 73 -5.48 -6.54 -2.27
N THR B 74 -5.14 -7.61 -1.60
CA THR B 74 -3.69 -7.89 -1.38
C THR B 74 -3.30 -9.27 -1.93
N VAL B 75 -2.16 -9.35 -2.54
CA VAL B 75 -1.66 -10.65 -3.08
C VAL B 75 -0.32 -10.97 -2.42
N GLY B 76 -0.10 -12.21 -2.06
CA GLY B 76 1.16 -12.59 -1.41
C GLY B 76 2.11 -13.18 -2.45
N LEU B 77 3.37 -13.13 -2.17
CA LEU B 77 4.37 -13.70 -3.12
C LEU B 77 5.25 -14.72 -2.41
N ALA B 78 5.20 -15.94 -2.86
CA ALA B 78 6.04 -17.00 -2.25
C ALA B 78 6.44 -18.04 -3.30
N PHE B 79 7.56 -18.69 -3.13
CA PHE B 79 7.96 -19.74 -4.11
C PHE B 79 7.76 -21.12 -3.47
N ARG B 80 7.02 -21.98 -4.11
CA ARG B 80 6.77 -23.32 -3.51
C ARG B 80 7.85 -24.32 -3.92
N ALA B 81 8.71 -24.69 -3.00
CA ALA B 81 9.77 -25.68 -3.32
C ALA B 81 9.54 -26.94 -2.50
N ASP B 82 9.05 -27.98 -3.12
CA ASP B 82 8.77 -29.25 -2.37
C ASP B 82 7.50 -29.06 -1.52
N ASP B 83 7.02 -27.86 -1.41
CA ASP B 83 5.80 -27.60 -0.60
C ASP B 83 5.64 -26.10 -0.38
N THR B 84 6.46 -25.53 0.47
CA THR B 84 6.38 -24.06 0.73
C THR B 84 7.80 -23.49 0.86
N PHE B 85 8.15 -22.53 0.06
CA PHE B 85 9.53 -21.95 0.15
C PHE B 85 9.51 -20.44 -0.09
N GLU B 86 10.59 -19.78 0.23
CA GLU B 86 10.68 -18.30 0.01
C GLU B 86 9.80 -17.53 0.99
N ALA B 87 8.57 -17.22 0.62
CA ALA B 87 7.71 -16.45 1.56
C ALA B 87 6.38 -17.17 1.82
N LEU B 88 5.29 -16.62 1.36
CA LEU B 88 3.95 -17.24 1.62
C LEU B 88 3.47 -16.77 2.99
N CYS B 89 4.32 -16.07 3.69
CA CYS B 89 3.93 -15.54 5.01
C CYS B 89 4.07 -14.03 4.94
N ILE B 90 2.99 -13.32 4.95
CA ILE B 90 3.11 -11.86 4.83
C ILE B 90 3.24 -11.23 6.21
N GLU B 91 4.41 -10.75 6.52
CA GLU B 91 4.64 -10.11 7.85
C GLU B 91 4.01 -8.71 7.87
N PRO B 92 2.95 -8.59 8.63
CA PRO B 92 2.24 -7.30 8.75
C PRO B 92 3.06 -6.30 9.57
N PHE B 93 2.82 -5.03 9.38
CA PHE B 93 3.58 -4.01 10.15
C PHE B 93 3.03 -3.92 11.58
N SER B 94 2.75 -2.74 12.05
CA SER B 94 2.22 -2.60 13.43
C SER B 94 0.69 -2.63 13.43
N SER B 95 0.07 -1.67 12.79
CA SER B 95 -1.42 -1.65 12.74
C SER B 95 -1.93 -2.64 11.69
N PRO B 96 -3.23 -2.69 11.57
CA PRO B 96 -3.87 -3.62 10.60
C PRO B 96 -3.67 -3.10 9.17
N PRO B 97 -3.92 -3.98 8.23
CA PRO B 97 -3.77 -3.62 6.80
C PRO B 97 -4.92 -2.72 6.34
N GLU B 98 -6.12 -3.00 6.78
CA GLU B 98 -7.28 -2.16 6.38
C GLU B 98 -7.25 -0.81 7.12
N LEU B 99 -6.15 -0.12 7.06
CA LEU B 99 -6.06 1.20 7.76
C LEU B 99 -6.29 1.02 9.26
N PRO B 100 -5.55 1.77 10.04
CA PRO B 100 -5.66 1.70 11.51
C PRO B 100 -6.97 2.36 11.97
N ASP B 101 -8.09 1.74 11.70
CA ASP B 101 -9.38 2.35 12.13
C ASP B 101 -9.77 1.83 13.51
N VAL B 102 -9.57 2.63 14.53
CA VAL B 102 -9.94 2.19 15.91
C VAL B 102 -11.03 3.09 16.48
N MET B 103 -12.13 3.23 15.78
CA MET B 103 -13.22 4.10 16.30
C MET B 103 -14.42 4.05 15.34
N LYS B 104 -15.41 3.27 15.67
CA LYS B 104 -16.61 3.18 14.78
C LYS B 104 -17.87 3.65 15.51
N PRO B 105 -18.08 4.94 15.48
CA PRO B 105 -19.26 5.54 16.15
C PRO B 105 -20.54 5.22 15.37
N GLN B 106 -20.44 5.15 14.07
CA GLN B 106 -21.66 4.85 13.26
C GLN B 106 -22.03 3.37 13.40
N ASP B 107 -23.30 3.07 13.48
CA ASP B 107 -23.73 1.65 13.63
C ASP B 107 -23.65 0.94 12.27
N SER B 108 -24.17 1.55 11.24
CA SER B 108 -24.12 0.91 9.89
C SER B 108 -24.88 1.76 8.87
N GLY B 109 -26.18 1.79 8.95
CA GLY B 109 -26.97 2.61 7.98
C GLY B 109 -27.05 1.87 6.65
N SER B 110 -27.78 0.79 6.60
CA SER B 110 -27.91 0.02 5.33
C SER B 110 -28.17 0.98 4.16
N SER B 111 -27.15 1.33 3.44
CA SER B 111 -27.34 2.27 2.29
C SER B 111 -27.38 1.48 0.98
N ALA B 112 -26.26 1.01 0.51
CA ALA B 112 -26.24 0.24 -0.76
C ALA B 112 -25.07 -0.74 -0.77
N ASN B 113 -24.54 -1.07 0.39
CA ASN B 113 -23.39 -2.02 0.44
C ASN B 113 -23.90 -3.46 0.41
N GLU B 114 -24.49 -3.92 1.48
CA GLU B 114 -25.00 -5.32 1.52
C GLU B 114 -26.42 -5.34 2.08
N GLN B 115 -27.37 -5.79 1.32
CA GLN B 115 -28.78 -5.84 1.81
C GLN B 115 -29.04 -7.18 2.51
N ALA B 116 -28.26 -7.50 3.50
CA ALA B 116 -28.47 -8.79 4.22
C ALA B 116 -29.04 -8.54 5.61
N VAL B 117 -29.42 -9.57 6.30
CA VAL B 117 -30.00 -9.39 7.67
C VAL B 117 -29.13 -10.12 8.71
N GLN B 118 -28.46 -9.38 9.55
CA GLN B 118 -27.60 -10.03 10.58
C GLN B 118 -27.47 -9.12 11.81
N MET C 1 5.81 4.09 -14.09
CA MET C 1 6.84 4.50 -13.09
C MET C 1 6.36 4.21 -11.67
N TYR C 2 7.25 3.81 -10.81
CA TYR C 2 6.85 3.51 -9.40
C TYR C 2 7.98 3.89 -8.43
N VAL C 3 7.66 4.06 -7.17
CA VAL C 3 8.72 4.44 -6.19
C VAL C 3 8.59 3.60 -4.91
N LYS C 4 9.69 3.31 -4.27
CA LYS C 4 9.64 2.51 -3.02
C LYS C 4 9.84 3.42 -1.80
N LEU C 5 9.08 3.21 -0.76
CA LEU C 5 9.22 4.06 0.45
C LEU C 5 9.71 3.22 1.62
N ILE C 6 10.74 3.66 2.29
CA ILE C 6 11.26 2.88 3.44
C ILE C 6 10.98 3.63 4.75
N SER C 7 10.65 2.90 5.78
CA SER C 7 10.36 3.56 7.09
C SER C 7 11.48 3.26 8.09
N SER C 8 11.69 4.12 9.05
CA SER C 8 12.77 3.87 10.04
C SER C 8 12.56 2.53 10.73
N ASP C 9 11.38 1.98 10.63
CA ASP C 9 11.13 0.66 11.28
C ASP C 9 11.82 -0.47 10.49
N GLY C 10 11.85 -0.36 9.19
CA GLY C 10 12.51 -1.41 8.37
C GLY C 10 11.52 -1.94 7.33
N HIS C 11 10.29 -1.49 7.38
CA HIS C 11 9.28 -1.97 6.38
C HIS C 11 9.48 -1.25 5.05
N GLU C 12 9.11 -1.87 3.96
CA GLU C 12 9.26 -1.21 2.63
C GLU C 12 7.93 -1.19 1.90
N PHE C 13 7.67 -0.13 1.18
CA PHE C 13 6.39 -0.03 0.43
C PHE C 13 6.64 0.67 -0.91
N ILE C 14 6.07 0.17 -1.96
CA ILE C 14 6.30 0.82 -3.28
C ILE C 14 4.99 1.38 -3.85
N VAL C 15 5.01 2.63 -4.24
CA VAL C 15 3.77 3.24 -4.81
C VAL C 15 4.05 3.75 -6.23
N LYS C 16 3.17 3.45 -7.16
CA LYS C 16 3.39 3.90 -8.56
C LYS C 16 3.71 5.40 -8.59
N ARG C 17 4.50 5.83 -9.55
CA ARG C 17 4.85 7.28 -9.63
C ARG C 17 3.62 8.13 -9.30
N GLU C 18 2.60 8.05 -10.10
CA GLU C 18 1.36 8.85 -9.82
C GLU C 18 0.94 8.63 -8.37
N HIS C 19 0.87 7.39 -7.94
CA HIS C 19 0.47 7.12 -6.53
C HIS C 19 1.41 7.88 -5.59
N ALA C 20 2.67 7.91 -5.91
CA ALA C 20 3.64 8.65 -5.05
C ALA C 20 3.62 10.13 -5.40
N LEU C 21 3.15 10.46 -6.57
CA LEU C 21 3.10 11.91 -6.96
C LEU C 21 2.20 12.67 -5.99
N THR C 22 1.47 11.98 -5.17
CA THR C 22 0.58 12.66 -4.18
C THR C 22 1.40 13.19 -3.01
N SER C 23 2.69 13.06 -3.08
CA SER C 23 3.54 13.56 -1.95
C SER C 23 4.02 14.98 -2.26
N GLY C 24 4.25 15.28 -3.51
CA GLY C 24 4.74 16.64 -3.87
C GLY C 24 6.27 16.66 -3.76
N THR C 25 6.82 15.80 -2.94
CA THR C 25 8.30 15.76 -2.80
C THR C 25 8.84 14.45 -3.38
N ILE C 26 8.09 13.39 -3.28
CA ILE C 26 8.55 12.10 -3.85
C ILE C 26 8.66 12.21 -5.37
N LYS C 27 7.72 12.86 -5.99
CA LYS C 27 7.76 13.02 -7.47
C LYS C 27 9.06 13.73 -7.88
N ALA C 28 9.50 14.67 -7.10
CA ALA C 28 10.75 15.40 -7.45
C ALA C 28 11.96 14.46 -7.36
N MET C 29 12.02 13.66 -6.32
CA MET C 29 13.17 12.73 -6.18
C MET C 29 13.05 11.58 -7.19
N LEU C 30 11.84 11.21 -7.55
CA LEU C 30 11.67 10.10 -8.53
C LEU C 30 11.51 10.67 -9.94
N SER C 31 11.55 11.96 -10.09
CA SER C 31 11.40 12.56 -11.44
C SER C 31 12.78 12.80 -12.06
N GLY C 32 13.53 13.73 -11.54
CA GLY C 32 14.88 14.00 -12.11
C GLY C 32 14.73 14.47 -13.57
N PRO C 33 15.43 15.53 -13.88
CA PRO C 33 15.38 16.09 -15.25
C PRO C 33 16.16 15.21 -16.21
N GLY C 34 17.35 14.82 -15.85
CA GLY C 34 18.17 13.95 -16.74
C GLY C 34 18.22 12.53 -16.17
N GLN C 35 18.61 11.57 -16.97
CA GLN C 35 18.68 10.17 -16.48
C GLN C 35 19.85 9.44 -17.14
N PHE C 36 20.27 8.35 -16.56
CA PHE C 36 21.41 7.58 -17.16
C PHE C 36 20.92 6.22 -17.66
N ALA C 37 21.25 5.87 -18.87
CA ALA C 37 20.81 4.55 -19.41
C ALA C 37 19.28 4.48 -19.42
N GLU C 38 18.73 3.34 -19.10
CA GLU C 38 17.25 3.19 -19.10
C GLU C 38 16.67 3.74 -17.79
N ASN C 39 15.45 3.40 -17.48
CA ASN C 39 14.83 3.90 -16.21
C ASN C 39 15.34 3.08 -15.02
N GLU C 40 15.75 3.74 -13.97
CA GLU C 40 16.26 3.00 -12.78
C GLU C 40 16.62 3.98 -11.67
N THR C 41 15.66 4.68 -11.13
CA THR C 41 15.94 5.65 -10.04
C THR C 41 14.64 6.23 -9.48
N ASN C 42 13.98 5.51 -8.63
CA ASN C 42 12.70 6.01 -8.05
C ASN C 42 12.46 5.38 -6.67
N GLU C 43 13.02 5.96 -5.64
CA GLU C 43 12.82 5.40 -4.27
C GLU C 43 12.67 6.52 -3.25
N VAL C 44 12.11 6.21 -2.11
CA VAL C 44 11.93 7.25 -1.06
C VAL C 44 12.56 6.80 0.25
N ASN C 45 12.95 7.72 1.09
CA ASN C 45 13.58 7.34 2.39
C ASN C 45 13.00 8.21 3.51
N PHE C 46 12.29 7.62 4.42
CA PHE C 46 11.69 8.40 5.54
C PHE C 46 12.40 8.06 6.86
N ARG C 47 13.25 8.94 7.32
CA ARG C 47 13.97 8.66 8.61
C ARG C 47 13.22 9.30 9.77
N GLU C 48 12.11 9.95 9.52
CA GLU C 48 11.34 10.60 10.62
C GLU C 48 9.87 10.16 10.56
N ILE C 49 9.59 9.05 9.93
CA ILE C 49 8.19 8.57 9.85
C ILE C 49 8.11 7.08 10.19
N PRO C 50 7.35 6.78 11.21
CA PRO C 50 7.19 5.37 11.65
C PRO C 50 6.33 4.59 10.65
N SER C 51 6.23 3.29 10.82
CA SER C 51 5.42 2.47 9.88
C SER C 51 3.97 2.96 9.88
N HIS C 52 3.39 3.14 11.03
CA HIS C 52 1.98 3.61 11.09
C HIS C 52 1.75 4.73 10.05
N VAL C 53 2.68 5.63 9.94
CA VAL C 53 2.53 6.73 8.95
C VAL C 53 2.98 6.26 7.57
N LEU C 54 4.01 5.47 7.51
CA LEU C 54 4.50 4.96 6.20
C LEU C 54 3.32 4.62 5.29
N SER C 55 2.28 4.05 5.85
CA SER C 55 1.09 3.69 5.03
C SER C 55 0.01 4.74 5.22
N LYS C 56 0.01 5.42 6.33
CA LYS C 56 -1.03 6.46 6.57
C LYS C 56 -1.06 7.45 5.41
N VAL C 57 -0.04 8.25 5.27
CA VAL C 57 -0.01 9.23 4.14
C VAL C 57 -0.04 8.48 2.81
N CYS C 58 0.60 7.34 2.74
CA CYS C 58 0.62 6.57 1.46
C CYS C 58 -0.82 6.25 1.04
N MET C 59 -1.65 5.88 1.98
CA MET C 59 -3.06 5.57 1.61
C MET C 59 -3.70 6.80 0.99
N TYR C 60 -3.40 7.97 1.50
CA TYR C 60 -3.99 9.20 0.91
C TYR C 60 -3.30 9.47 -0.42
N PHE C 61 -2.13 8.93 -0.63
CA PHE C 61 -1.44 9.14 -1.93
C PHE C 61 -2.28 8.48 -3.02
N THR C 62 -2.89 7.38 -2.70
CA THR C 62 -3.76 6.68 -3.70
C THR C 62 -5.18 7.22 -3.58
N TYR C 63 -5.62 7.47 -2.37
CA TYR C 63 -7.00 8.01 -2.18
C TYR C 63 -7.10 9.36 -2.88
N LYS C 64 -6.14 10.22 -2.68
CA LYS C 64 -6.17 11.56 -3.34
C LYS C 64 -6.12 11.39 -4.87
N VAL C 65 -5.42 10.40 -5.35
CA VAL C 65 -5.33 10.20 -6.82
C VAL C 65 -6.74 10.01 -7.43
N ARG C 66 -7.54 9.18 -6.82
CA ARG C 66 -8.91 8.95 -7.36
C ARG C 66 -9.88 10.01 -6.85
N TYR C 67 -9.50 10.72 -5.83
CA TYR C 67 -10.40 11.78 -5.28
C TYR C 67 -9.98 13.16 -5.80
N THR C 68 -8.79 13.27 -6.30
CA THR C 68 -8.33 14.59 -6.83
C THR C 68 -9.01 14.88 -8.18
N ASN C 69 -9.48 13.86 -8.85
CA ASN C 69 -10.15 14.07 -10.16
C ASN C 69 -11.66 14.00 -10.01
N SER C 70 -12.15 14.04 -8.80
CA SER C 70 -13.63 13.98 -8.57
C SER C 70 -14.09 15.15 -7.72
N SER C 71 -15.36 15.47 -7.77
CA SER C 71 -15.86 16.61 -6.94
C SER C 71 -17.17 16.22 -6.24
N THR C 72 -17.55 16.94 -5.22
CA THR C 72 -18.81 16.61 -4.51
C THR C 72 -18.81 15.14 -4.08
N GLU C 73 -17.74 14.69 -3.48
CA GLU C 73 -17.68 13.27 -3.04
C GLU C 73 -16.34 12.98 -2.36
N ILE C 74 -16.01 13.72 -1.34
CA ILE C 74 -14.72 13.50 -0.63
C ILE C 74 -14.91 13.62 0.88
N PRO C 75 -14.86 12.49 1.54
CA PRO C 75 -15.03 12.45 3.01
C PRO C 75 -13.79 13.03 3.70
N GLU C 76 -13.58 12.70 4.95
CA GLU C 76 -12.39 13.23 5.67
C GLU C 76 -11.64 12.10 6.37
N PHE C 77 -10.37 11.97 6.13
CA PHE C 77 -9.59 10.88 6.78
C PHE C 77 -9.78 10.93 8.30
N PRO C 78 -10.03 9.78 8.87
CA PRO C 78 -10.25 9.69 10.33
C PRO C 78 -8.92 9.85 11.09
N ILE C 79 -8.93 10.59 12.16
CA ILE C 79 -7.68 10.79 12.95
C ILE C 79 -7.90 10.34 14.39
N ALA C 80 -6.97 9.63 14.96
CA ALA C 80 -7.15 9.16 16.37
C ALA C 80 -5.80 9.09 17.09
N PRO C 81 -5.86 8.81 18.36
CA PRO C 81 -4.62 8.70 19.18
C PRO C 81 -3.88 7.41 18.82
N GLU C 82 -3.19 7.41 17.70
CA GLU C 82 -2.45 6.21 17.28
C GLU C 82 -1.82 6.50 15.93
N ILE C 83 -2.54 7.26 15.13
CA ILE C 83 -2.02 7.65 13.81
C ILE C 83 -2.43 9.10 13.55
N ALA C 84 -1.53 9.87 13.01
CA ALA C 84 -1.80 11.32 12.70
C ALA C 84 -0.77 12.19 13.42
N LEU C 85 -0.37 11.77 14.60
CA LEU C 85 0.62 12.57 15.36
C LEU C 85 1.94 12.66 14.58
N GLU C 86 2.40 11.56 14.04
CA GLU C 86 3.68 11.59 13.28
C GLU C 86 3.49 12.42 12.00
N LEU C 87 2.33 12.37 11.42
CA LEU C 87 2.08 13.16 10.17
C LEU C 87 2.27 14.65 10.44
N LEU C 88 2.11 15.07 11.67
CA LEU C 88 2.30 16.52 11.98
C LEU C 88 3.47 17.08 11.18
N MET C 89 4.68 16.70 11.54
CA MET C 89 5.86 17.21 10.80
C MET C 89 6.16 16.30 9.60
N ALA C 90 5.64 15.10 9.61
CA ALA C 90 5.89 14.16 8.48
C ALA C 90 4.94 14.46 7.31
N ALA C 91 3.67 14.51 7.57
CA ALA C 91 2.70 14.79 6.47
C ALA C 91 3.05 16.11 5.79
N ASN C 92 3.36 17.12 6.57
CA ASN C 92 3.73 18.44 5.98
C ASN C 92 5.07 18.35 5.25
N PHE C 93 5.96 17.52 5.75
CA PHE C 93 7.28 17.39 5.08
C PHE C 93 7.11 16.90 3.65
N LEU C 94 5.99 16.28 3.36
CA LEU C 94 5.76 15.79 1.98
C LEU C 94 5.18 16.91 1.12
N ASP C 95 5.92 17.97 0.92
CA ASP C 95 5.41 19.10 0.09
C ASP C 95 4.16 19.72 0.74
N CYS C 96 4.17 21.01 0.94
CA CYS C 96 2.99 21.68 1.58
C CYS C 96 1.83 21.74 0.58
N VAL A 1 -8.43 16.16 -3.30
CA VAL A 1 -7.45 15.53 -2.37
C VAL A 1 -6.40 16.52 -1.94
N ALA A 2 -6.07 16.41 -0.71
CA ALA A 2 -5.06 17.30 -0.09
C ALA A 2 -3.83 16.51 0.32
N THR A 3 -2.70 17.17 0.41
CA THR A 3 -1.47 16.45 0.84
C THR A 3 -1.64 15.98 2.28
N LEU A 4 -0.95 14.94 2.66
CA LEU A 4 -1.09 14.44 4.07
C LEU A 4 -0.84 15.59 5.06
N GLN A 5 -0.31 16.69 4.59
CA GLN A 5 -0.03 17.83 5.50
C GLN A 5 -1.33 18.42 6.06
N HIS A 6 -2.35 18.52 5.24
CA HIS A 6 -3.64 19.10 5.70
C HIS A 6 -4.39 18.09 6.59
N LEU A 7 -4.49 16.87 6.16
CA LEU A 7 -5.23 15.86 6.97
C LEU A 7 -4.57 15.71 8.36
N CYS A 8 -3.28 15.54 8.39
CA CYS A 8 -2.59 15.38 9.69
C CYS A 8 -2.80 16.62 10.56
N ARG A 9 -2.82 17.78 9.97
CA ARG A 9 -3.02 19.03 10.76
C ARG A 9 -4.48 19.14 11.20
N LYS A 10 -5.39 18.57 10.46
CA LYS A 10 -6.83 18.65 10.83
C LYS A 10 -7.10 17.84 12.10
N THR A 11 -6.56 16.65 12.17
CA THR A 11 -6.80 15.81 13.38
C THR A 11 -6.12 16.42 14.60
N VAL A 12 -4.86 16.73 14.49
CA VAL A 12 -4.14 17.34 15.65
C VAL A 12 -4.86 18.61 16.12
N ASN A 13 -5.36 19.39 15.20
CA ASN A 13 -6.08 20.64 15.58
C ASN A 13 -7.30 20.30 16.44
N GLY A 14 -7.98 19.24 16.11
CA GLY A 14 -9.19 18.85 16.90
C GLY A 14 -8.91 19.06 18.39
N HIS A 15 -7.68 18.95 18.81
CA HIS A 15 -7.37 19.14 20.25
C HIS A 15 -7.41 20.62 20.61
N MET B 1 -15.51 -0.98 -13.98
CA MET B 1 -14.88 -2.23 -13.48
C MET B 1 -13.43 -1.96 -13.07
N ASP B 2 -13.23 -1.33 -11.95
CA ASP B 2 -11.84 -1.04 -11.49
C ASP B 2 -11.58 -1.68 -10.12
N VAL B 3 -10.39 -2.16 -9.90
CA VAL B 3 -10.09 -2.79 -8.58
C VAL B 3 -8.64 -2.51 -8.18
N PHE B 4 -8.37 -2.33 -6.91
CA PHE B 4 -6.98 -2.06 -6.47
C PHE B 4 -6.33 -3.34 -5.93
N LEU B 5 -5.07 -3.54 -6.20
CA LEU B 5 -4.40 -4.77 -5.70
C LEU B 5 -3.10 -4.42 -4.97
N MET B 6 -2.63 -5.31 -4.14
CA MET B 6 -1.36 -5.04 -3.40
C MET B 6 -0.64 -6.37 -3.14
N ILE B 7 0.65 -6.42 -3.36
CA ILE B 7 1.38 -7.68 -3.12
C ILE B 7 1.96 -7.66 -1.71
N ARG B 8 2.00 -8.77 -1.04
CA ARG B 8 2.55 -8.75 0.33
C ARG B 8 3.85 -9.54 0.41
N ARG B 9 4.80 -8.98 1.09
CA ARG B 9 6.12 -9.62 1.27
C ARG B 9 6.69 -9.13 2.60
N HIS B 10 7.48 -9.91 3.27
CA HIS B 10 8.00 -9.42 4.56
C HIS B 10 8.66 -8.08 4.40
N LYS B 11 8.53 -7.26 5.36
CA LYS B 11 9.13 -5.90 5.29
C LYS B 11 8.93 -5.32 3.90
N THR B 12 8.70 -6.16 2.92
CA THR B 12 8.51 -5.62 1.53
C THR B 12 7.06 -5.71 1.05
N THR B 13 6.47 -4.58 0.74
CA THR B 13 5.06 -4.54 0.23
C THR B 13 5.00 -3.66 -1.01
N ILE B 14 4.41 -4.13 -2.08
CA ILE B 14 4.35 -3.28 -3.32
C ILE B 14 2.92 -2.81 -3.58
N PHE B 15 2.75 -1.55 -3.86
CA PHE B 15 1.38 -1.06 -4.17
C PHE B 15 1.13 -1.33 -5.65
N THR B 16 0.22 -2.20 -5.96
CA THR B 16 -0.03 -2.51 -7.39
C THR B 16 -1.44 -2.10 -7.80
N ASP B 17 -1.62 -1.64 -9.00
CA ASP B 17 -2.98 -1.24 -9.45
C ASP B 17 -3.37 -2.02 -10.71
N ALA B 18 -4.62 -2.38 -10.82
CA ALA B 18 -5.07 -3.14 -12.02
C ALA B 18 -6.59 -3.06 -12.16
N LYS B 19 -7.12 -3.54 -13.24
CA LYS B 19 -8.60 -3.49 -13.43
C LYS B 19 -9.23 -4.84 -13.05
N GLU B 20 -10.40 -4.82 -12.50
CA GLU B 20 -11.05 -6.11 -12.10
C GLU B 20 -11.23 -6.99 -13.34
N SER B 21 -11.30 -6.40 -14.49
CA SER B 21 -11.46 -7.21 -15.73
C SER B 21 -10.14 -7.29 -16.48
N SER B 22 -9.07 -6.86 -15.88
CA SER B 22 -7.75 -6.92 -16.56
C SER B 22 -7.39 -8.38 -16.83
N THR B 23 -6.59 -8.98 -15.99
CA THR B 23 -6.20 -10.40 -16.20
C THR B 23 -5.05 -10.77 -15.26
N VAL B 24 -5.23 -11.77 -14.45
CA VAL B 24 -4.14 -12.17 -13.52
C VAL B 24 -2.79 -12.08 -14.24
N PHE B 25 -2.79 -12.26 -15.53
CA PHE B 25 -1.52 -12.17 -16.30
C PHE B 25 -0.95 -10.76 -16.16
N GLU B 26 -1.77 -9.75 -16.34
CA GLU B 26 -1.27 -8.35 -16.20
C GLU B 26 -0.66 -8.18 -14.81
N LEU B 27 -1.33 -8.66 -13.79
CA LEU B 27 -0.77 -8.53 -12.42
C LEU B 27 0.60 -9.20 -12.35
N LYS B 28 0.79 -10.24 -13.11
CA LYS B 28 2.11 -10.95 -13.12
C LYS B 28 3.22 -9.96 -13.47
N ARG B 29 2.95 -9.03 -14.34
CA ARG B 29 4.00 -8.04 -14.74
C ARG B 29 4.47 -7.24 -13.51
N ILE B 30 3.57 -6.94 -12.61
CA ILE B 30 3.96 -6.18 -11.40
C ILE B 30 5.06 -6.91 -10.63
N VAL B 31 4.94 -8.21 -10.50
CA VAL B 31 5.98 -8.98 -9.77
C VAL B 31 7.26 -9.04 -10.61
N GLU B 32 7.13 -9.36 -11.87
CA GLU B 32 8.32 -9.43 -12.76
C GLU B 32 8.84 -8.02 -13.05
N GLY B 33 8.14 -7.01 -12.61
CA GLY B 33 8.58 -5.62 -12.84
C GLY B 33 9.16 -5.07 -11.53
N ILE B 34 8.62 -5.51 -10.44
CA ILE B 34 9.13 -5.03 -9.12
C ILE B 34 10.20 -6.01 -8.61
N LEU B 35 9.85 -7.26 -8.49
CA LEU B 35 10.84 -8.27 -8.01
C LEU B 35 11.37 -9.07 -9.20
N LYS B 36 10.80 -8.88 -10.35
CA LYS B 36 11.27 -9.63 -11.56
C LYS B 36 11.04 -11.13 -11.39
N ARG B 37 9.88 -11.52 -10.95
CA ARG B 37 9.62 -12.99 -10.77
C ARG B 37 8.89 -13.55 -11.99
N PRO B 38 9.41 -14.63 -12.50
CA PRO B 38 8.81 -15.29 -13.68
C PRO B 38 7.64 -16.18 -13.26
N PRO B 39 6.77 -16.45 -14.20
CA PRO B 39 5.60 -17.32 -13.92
C PRO B 39 6.01 -18.79 -13.82
N ASP B 40 7.01 -19.08 -13.03
CA ASP B 40 7.45 -20.49 -12.90
C ASP B 40 7.99 -20.75 -11.49
N GLU B 41 9.12 -20.19 -11.16
CA GLU B 41 9.69 -20.39 -9.80
C GLU B 41 9.05 -19.39 -8.81
N GLN B 42 7.95 -18.80 -9.18
CA GLN B 42 7.29 -17.82 -8.28
C GLN B 42 5.83 -18.21 -8.07
N ARG B 43 5.31 -18.00 -6.90
CA ARG B 43 3.88 -18.35 -6.63
C ARG B 43 3.14 -17.16 -6.04
N LEU B 44 1.87 -17.06 -6.28
CA LEU B 44 1.08 -15.91 -5.74
C LEU B 44 0.00 -16.41 -4.77
N TYR B 45 -0.36 -15.62 -3.81
CA TYR B 45 -1.42 -16.06 -2.85
C TYR B 45 -2.38 -14.91 -2.58
N LYS B 46 -3.66 -15.18 -2.63
CA LYS B 46 -4.66 -14.09 -2.38
C LYS B 46 -5.14 -14.14 -0.92
N ASP B 47 -4.83 -13.12 -0.16
CA ASP B 47 -5.27 -13.09 1.26
C ASP B 47 -4.68 -14.27 2.03
N ASP B 48 -5.22 -15.45 1.82
CA ASP B 48 -4.70 -16.65 2.53
C ASP B 48 -4.77 -17.87 1.60
N GLN B 49 -4.85 -17.65 0.31
CA GLN B 49 -4.92 -18.80 -0.64
C GLN B 49 -3.93 -18.59 -1.78
N LEU B 50 -4.05 -19.37 -2.82
CA LEU B 50 -3.13 -19.22 -3.98
C LEU B 50 -3.80 -18.46 -5.11
N LEU B 51 -3.12 -17.51 -5.69
CA LEU B 51 -3.75 -16.72 -6.80
C LEU B 51 -3.77 -17.55 -8.08
N ASP B 52 -4.93 -17.85 -8.59
CA ASP B 52 -5.02 -18.65 -9.84
C ASP B 52 -5.22 -17.73 -11.05
N ASP B 53 -4.31 -17.77 -11.99
CA ASP B 53 -4.46 -16.90 -13.20
C ASP B 53 -5.57 -17.41 -14.11
N GLY B 54 -6.22 -18.48 -13.73
CA GLY B 54 -7.32 -19.02 -14.58
C GLY B 54 -8.59 -18.22 -14.33
N LYS B 55 -8.56 -17.27 -13.44
CA LYS B 55 -9.74 -16.46 -13.16
C LYS B 55 -9.31 -15.00 -13.01
N THR B 56 -10.14 -14.12 -13.44
CA THR B 56 -9.83 -12.67 -13.33
C THR B 56 -10.27 -12.15 -11.96
N LEU B 57 -9.97 -10.93 -11.66
CA LEU B 57 -10.37 -10.36 -10.34
C LEU B 57 -11.86 -10.57 -10.13
N GLY B 58 -12.67 -10.33 -11.12
CA GLY B 58 -14.13 -10.53 -10.97
C GLY B 58 -14.42 -12.03 -10.83
N GLU B 59 -13.72 -12.84 -11.57
CA GLU B 59 -13.95 -14.31 -11.48
C GLU B 59 -13.04 -14.91 -10.40
N CYS B 60 -12.34 -14.08 -9.71
CA CYS B 60 -11.43 -14.57 -8.63
C CYS B 60 -11.92 -14.07 -7.27
N GLY B 61 -12.50 -12.89 -7.24
CA GLY B 61 -13.01 -12.36 -5.94
C GLY B 61 -12.50 -10.93 -5.73
N PHE B 62 -12.15 -10.25 -6.79
CA PHE B 62 -11.66 -8.85 -6.65
C PHE B 62 -12.39 -7.93 -7.62
N THR B 63 -13.00 -6.90 -7.11
CA THR B 63 -13.74 -5.96 -8.02
C THR B 63 -13.69 -4.54 -7.44
N SER B 64 -14.83 -3.96 -7.16
CA SER B 64 -14.85 -2.59 -6.59
C SER B 64 -15.20 -2.67 -5.10
N GLN B 65 -14.94 -3.79 -4.50
CA GLN B 65 -15.25 -3.96 -3.06
C GLN B 65 -14.11 -4.72 -2.36
N THR B 66 -13.54 -5.68 -3.04
CA THR B 66 -12.43 -6.46 -2.43
C THR B 66 -11.09 -5.87 -2.87
N ALA B 67 -11.08 -4.61 -3.20
CA ALA B 67 -9.81 -3.95 -3.64
C ALA B 67 -10.10 -2.51 -4.05
N ARG B 68 -9.55 -1.56 -3.34
CA ARG B 68 -9.81 -0.13 -3.68
C ARG B 68 -8.99 0.78 -2.77
N PRO B 69 -9.16 2.07 -2.94
CA PRO B 69 -8.44 3.05 -2.09
C PRO B 69 -8.93 2.95 -0.65
N GLN B 70 -10.11 2.42 -0.45
CA GLN B 70 -10.64 2.27 0.93
C GLN B 70 -10.12 0.95 1.50
N ALA B 71 -10.36 -0.12 0.81
CA ALA B 71 -9.87 -1.45 1.28
C ALA B 71 -9.22 -2.17 0.09
N PRO B 72 -7.92 -2.20 0.10
CA PRO B 72 -7.16 -2.85 -0.99
C PRO B 72 -7.07 -4.36 -0.78
N ALA B 73 -6.61 -5.06 -1.78
CA ALA B 73 -6.47 -6.54 -1.66
C ALA B 73 -4.99 -6.91 -1.57
N THR B 74 -4.66 -7.93 -0.81
CA THR B 74 -3.23 -8.31 -0.68
C THR B 74 -2.93 -9.62 -1.40
N VAL B 75 -1.81 -9.69 -2.05
CA VAL B 75 -1.41 -10.93 -2.76
C VAL B 75 -0.06 -11.40 -2.19
N GLY B 76 0.11 -12.68 -2.02
CA GLY B 76 1.38 -13.19 -1.47
C GLY B 76 2.33 -13.53 -2.61
N LEU B 77 3.50 -12.98 -2.59
CA LEU B 77 4.47 -13.24 -3.67
C LEU B 77 5.66 -14.02 -3.12
N ALA B 78 5.86 -15.18 -3.64
CA ALA B 78 7.00 -16.03 -3.18
C ALA B 78 7.57 -16.82 -4.36
N PHE B 79 8.85 -17.04 -4.38
CA PHE B 79 9.48 -17.81 -5.49
C PHE B 79 10.61 -18.68 -4.96
N ARG B 80 10.62 -19.94 -5.28
CA ARG B 80 11.70 -20.83 -4.78
C ARG B 80 12.96 -20.67 -5.62
N ALA B 81 13.97 -20.04 -5.09
CA ALA B 81 15.23 -19.85 -5.85
C ALA B 81 16.41 -20.39 -5.04
N ASP B 82 16.94 -21.52 -5.42
CA ASP B 82 18.08 -22.10 -4.65
C ASP B 82 17.61 -22.53 -3.26
N ASP B 83 17.08 -21.62 -2.49
CA ASP B 83 16.60 -21.98 -1.12
C ASP B 83 16.13 -20.72 -0.39
N THR B 84 15.13 -20.06 -0.90
CA THR B 84 14.64 -18.82 -0.23
C THR B 84 13.11 -18.76 -0.29
N PHE B 85 12.50 -18.01 0.60
CA PHE B 85 11.01 -17.90 0.60
C PHE B 85 10.59 -16.47 0.92
N GLU B 86 9.45 -16.05 0.44
CA GLU B 86 8.99 -14.66 0.71
C GLU B 86 7.55 -14.66 1.22
N ALA B 87 6.60 -14.78 0.31
CA ALA B 87 5.17 -14.78 0.74
C ALA B 87 4.91 -15.94 1.71
N LEU B 88 3.73 -16.50 1.71
CA LEU B 88 3.41 -17.62 2.64
C LEU B 88 3.32 -17.07 4.06
N CYS B 89 4.30 -16.35 4.50
CA CYS B 89 4.24 -15.75 5.84
C CYS B 89 4.35 -14.26 5.67
N ILE B 90 3.30 -13.54 5.89
CA ILE B 90 3.39 -12.08 5.70
C ILE B 90 3.77 -11.42 7.01
N GLU B 91 4.98 -10.94 7.09
CA GLU B 91 5.43 -10.28 8.35
C GLU B 91 4.82 -8.87 8.45
N PRO B 92 3.91 -8.74 9.37
CA PRO B 92 3.22 -7.43 9.56
C PRO B 92 4.16 -6.43 10.24
N PHE B 93 4.19 -5.23 9.75
CA PHE B 93 5.08 -4.20 10.37
C PHE B 93 4.59 -3.86 11.78
N SER B 94 4.95 -2.71 12.29
CA SER B 94 4.51 -2.33 13.66
C SER B 94 3.03 -1.92 13.64
N SER B 95 2.20 -2.65 14.33
CA SER B 95 0.74 -2.29 14.34
C SER B 95 0.27 -2.11 15.79
N PRO B 96 1.00 -1.31 16.52
CA PRO B 96 0.65 -1.04 17.94
C PRO B 96 -0.60 -0.14 18.07
N PRO B 97 -0.84 0.70 17.09
CA PRO B 97 -2.03 1.59 17.16
C PRO B 97 -3.30 0.80 16.84
N GLU B 98 -3.20 -0.50 16.75
CA GLU B 98 -4.41 -1.32 16.42
C GLU B 98 -4.84 -1.09 14.97
N LEU B 99 -3.91 -1.01 14.07
CA LEU B 99 -4.27 -0.79 12.64
C LEU B 99 -4.00 -2.05 11.83
N PRO B 100 -4.87 -3.02 12.01
CA PRO B 100 -4.72 -4.30 11.28
C PRO B 100 -5.10 -4.12 9.81
N ASP B 101 -5.25 -5.21 9.09
CA ASP B 101 -5.61 -5.09 7.65
C ASP B 101 -7.07 -4.67 7.51
N VAL B 102 -7.97 -5.63 7.46
CA VAL B 102 -9.41 -5.28 7.31
C VAL B 102 -9.91 -4.57 8.58
N MET B 103 -10.85 -3.67 8.44
CA MET B 103 -11.38 -2.96 9.63
C MET B 103 -12.38 -3.84 10.39
N LYS B 104 -11.91 -4.90 10.98
CA LYS B 104 -12.84 -5.79 11.73
C LYS B 104 -12.20 -6.22 13.06
N PRO B 105 -12.82 -5.79 14.13
CA PRO B 105 -12.31 -6.13 15.48
C PRO B 105 -12.58 -7.60 15.80
N GLN B 106 -13.72 -7.89 16.38
CA GLN B 106 -14.05 -9.30 16.72
C GLN B 106 -13.01 -9.87 17.69
N ASP B 107 -13.45 -10.55 18.71
CA ASP B 107 -12.50 -11.13 19.70
C ASP B 107 -11.49 -10.07 20.14
N SER B 108 -10.44 -10.47 20.80
CA SER B 108 -9.42 -9.49 21.25
C SER B 108 -8.01 -10.00 20.95
N GLY B 109 -7.90 -11.06 20.20
CA GLY B 109 -6.56 -11.61 19.86
C GLY B 109 -6.43 -13.02 20.42
N SER B 110 -7.53 -13.66 20.70
CA SER B 110 -7.46 -15.05 21.24
C SER B 110 -6.47 -15.11 22.42
N SER B 111 -6.92 -14.79 23.60
CA SER B 111 -6.01 -14.82 24.78
C SER B 111 -6.34 -16.03 25.67
N ALA B 112 -7.58 -16.44 25.68
CA ALA B 112 -7.97 -17.60 26.53
C ALA B 112 -9.35 -18.12 26.11
N ASN B 113 -9.52 -19.42 26.10
CA ASN B 113 -10.83 -19.99 25.70
C ASN B 113 -10.74 -21.52 25.59
N GLU B 114 -9.57 -22.02 25.28
CA GLU B 114 -9.42 -23.50 25.17
C GLU B 114 -9.23 -24.13 26.56
N GLN B 115 -10.09 -23.79 27.48
CA GLN B 115 -9.97 -24.36 28.85
C GLN B 115 -11.32 -24.92 29.32
N ALA B 116 -11.36 -26.17 29.68
CA ALA B 116 -12.65 -26.77 30.14
C ALA B 116 -12.89 -26.41 31.62
N VAL B 117 -12.34 -27.19 32.51
CA VAL B 117 -12.54 -26.90 33.96
C VAL B 117 -11.23 -26.41 34.58
N GLN B 118 -11.28 -25.35 35.35
CA GLN B 118 -10.04 -24.83 35.98
C GLN B 118 -10.24 -24.67 37.49
N MET C 1 5.96 3.94 -13.83
CA MET C 1 7.18 3.84 -13.00
C MET C 1 6.80 3.48 -11.55
N TYR C 2 7.68 2.83 -10.84
CA TYR C 2 7.36 2.46 -9.43
C TYR C 2 8.40 3.05 -8.48
N VAL C 3 8.02 3.33 -7.26
CA VAL C 3 8.99 3.90 -6.28
C VAL C 3 8.88 3.18 -4.94
N LYS C 4 9.99 2.95 -4.28
CA LYS C 4 9.95 2.25 -2.97
C LYS C 4 10.15 3.25 -1.84
N LEU C 5 9.40 3.12 -0.77
CA LEU C 5 9.55 4.07 0.36
C LEU C 5 9.84 3.32 1.65
N ILE C 6 10.85 3.70 2.37
CA ILE C 6 11.17 3.02 3.64
C ILE C 6 10.86 3.96 4.81
N SER C 7 10.34 3.44 5.88
CA SER C 7 10.00 4.32 7.03
C SER C 7 10.55 3.74 8.34
N SER C 8 11.20 4.54 9.13
CA SER C 8 11.76 4.04 10.42
C SER C 8 12.61 2.79 10.20
N ASP C 9 12.83 2.42 8.97
CA ASP C 9 13.66 1.21 8.69
C ASP C 9 12.95 -0.04 9.22
N GLY C 10 11.70 0.07 9.55
CA GLY C 10 10.96 -1.11 10.07
C GLY C 10 10.32 -1.88 8.90
N HIS C 11 9.89 -1.17 7.88
CA HIS C 11 9.27 -1.86 6.72
C HIS C 11 9.42 -1.00 5.45
N GLU C 12 9.03 -1.54 4.32
CA GLU C 12 9.15 -0.75 3.06
C GLU C 12 7.88 -0.90 2.22
N PHE C 13 7.64 0.05 1.37
CA PHE C 13 6.43 0.02 0.50
C PHE C 13 6.76 0.58 -0.88
N ILE C 14 6.30 -0.03 -1.92
CA ILE C 14 6.61 0.48 -3.28
C ILE C 14 5.33 1.00 -3.95
N VAL C 15 5.33 2.25 -4.33
CA VAL C 15 4.12 2.82 -5.00
C VAL C 15 4.48 3.38 -6.38
N LYS C 16 3.53 3.47 -7.26
CA LYS C 16 3.82 3.99 -8.62
C LYS C 16 4.35 5.42 -8.54
N ARG C 17 5.34 5.76 -9.32
CA ARG C 17 5.90 7.15 -9.27
C ARG C 17 4.75 8.16 -9.19
N GLU C 18 3.63 7.86 -9.79
CA GLU C 18 2.48 8.81 -9.73
C GLU C 18 1.85 8.77 -8.34
N HIS C 19 1.65 7.60 -7.81
CA HIS C 19 1.05 7.50 -6.45
C HIS C 19 1.87 8.36 -5.49
N ALA C 20 3.18 8.21 -5.51
CA ALA C 20 4.02 9.03 -4.61
C ALA C 20 4.16 10.44 -5.17
N LEU C 21 3.83 10.62 -6.42
CA LEU C 21 3.92 11.98 -7.02
C LEU C 21 3.07 12.96 -6.21
N THR C 22 2.20 12.45 -5.37
CA THR C 22 1.35 13.34 -4.55
C THR C 22 2.12 13.88 -3.35
N SER C 23 3.41 13.68 -3.33
CA SER C 23 4.22 14.19 -2.20
C SER C 23 5.35 15.06 -2.74
N GLY C 24 5.31 16.33 -2.48
CA GLY C 24 6.37 17.24 -2.99
C GLY C 24 7.75 16.68 -2.64
N THR C 25 7.80 15.56 -1.95
CA THR C 25 9.14 14.98 -1.59
C THR C 25 9.49 13.84 -2.54
N ILE C 26 8.63 12.88 -2.69
CA ILE C 26 8.93 11.74 -3.61
C ILE C 26 9.11 12.29 -5.04
N LYS C 27 8.22 13.13 -5.47
CA LYS C 27 8.35 13.70 -6.84
C LYS C 27 9.59 14.59 -6.92
N ALA C 28 9.91 15.27 -5.86
CA ALA C 28 11.11 16.15 -5.87
C ALA C 28 12.38 15.33 -5.69
N MET C 29 12.28 14.20 -5.02
CA MET C 29 13.48 13.36 -4.81
C MET C 29 13.52 12.21 -5.83
N LEU C 30 12.41 11.90 -6.43
CA LEU C 30 12.38 10.79 -7.43
C LEU C 30 13.28 11.15 -8.63
N SER C 31 13.21 12.37 -9.08
CA SER C 31 14.05 12.77 -10.24
C SER C 31 15.35 13.42 -9.75
N GLY C 32 15.31 14.70 -9.49
CA GLY C 32 16.55 15.39 -9.00
C GLY C 32 17.67 15.20 -10.03
N PRO C 33 18.66 16.06 -9.92
CA PRO C 33 19.81 15.99 -10.85
C PRO C 33 20.70 14.80 -10.52
N GLY C 34 21.66 14.97 -9.66
CA GLY C 34 22.55 13.83 -9.29
C GLY C 34 22.30 13.41 -7.84
N GLN C 35 22.86 12.32 -7.42
CA GLN C 35 22.66 11.86 -6.02
C GLN C 35 23.96 11.32 -5.44
N PHE C 36 24.17 11.47 -4.16
CA PHE C 36 25.41 10.97 -3.53
C PHE C 36 25.13 9.68 -2.76
N ALA C 37 25.79 8.61 -3.12
CA ALA C 37 25.55 7.32 -2.41
C ALA C 37 24.05 7.03 -2.31
N GLU C 38 23.55 6.19 -3.17
CA GLU C 38 22.09 5.87 -3.13
C GLU C 38 21.77 4.77 -4.14
N ASN C 39 20.92 3.84 -3.78
CA ASN C 39 20.57 2.74 -4.73
C ASN C 39 19.78 3.31 -5.91
N GLU C 40 18.76 2.61 -6.34
CA GLU C 40 17.94 3.10 -7.50
C GLU C 40 17.68 4.61 -7.34
N THR C 41 17.21 5.24 -8.38
CA THR C 41 16.93 6.70 -8.30
C THR C 41 15.48 6.94 -7.86
N ASN C 42 14.63 5.97 -8.06
CA ASN C 42 13.20 6.14 -7.66
C ASN C 42 12.95 5.50 -6.29
N GLU C 43 13.64 5.95 -5.28
CA GLU C 43 13.45 5.36 -3.92
C GLU C 43 13.23 6.46 -2.89
N VAL C 44 12.44 6.18 -1.88
CA VAL C 44 12.16 7.20 -0.83
C VAL C 44 12.72 6.71 0.51
N ASN C 45 13.03 7.61 1.39
CA ASN C 45 13.59 7.21 2.71
C ASN C 45 12.95 8.00 3.84
N PHE C 46 12.23 7.33 4.70
CA PHE C 46 11.58 8.04 5.84
C PHE C 46 12.13 7.50 7.16
N ARG C 47 12.84 8.31 7.89
CA ARG C 47 13.41 7.84 9.19
C ARG C 47 12.63 8.44 10.35
N GLU C 48 11.42 8.87 10.11
CA GLU C 48 10.61 9.47 11.22
C GLU C 48 9.14 9.09 11.04
N ILE C 49 8.86 7.95 10.48
CA ILE C 49 7.44 7.54 10.28
C ILE C 49 7.31 6.02 10.40
N PRO C 50 6.33 5.60 11.16
CA PRO C 50 6.09 4.15 11.37
C PRO C 50 5.49 3.51 10.11
N SER C 51 5.44 2.21 10.06
CA SER C 51 4.88 1.51 8.87
C SER C 51 3.42 1.88 8.66
N HIS C 52 2.65 1.97 9.71
CA HIS C 52 1.20 2.32 9.54
C HIS C 52 1.05 3.79 9.13
N VAL C 53 1.99 4.62 9.47
CA VAL C 53 1.88 6.06 9.08
C VAL C 53 2.18 6.22 7.59
N LEU C 54 3.22 5.58 7.11
CA LEU C 54 3.55 5.71 5.65
C LEU C 54 2.39 5.16 4.83
N SER C 55 1.70 4.16 5.34
CA SER C 55 0.56 3.59 4.58
C SER C 55 -0.57 4.60 4.61
N LYS C 56 -0.61 5.39 5.64
CA LYS C 56 -1.67 6.43 5.75
C LYS C 56 -1.54 7.41 4.59
N VAL C 57 -0.45 8.13 4.54
CA VAL C 57 -0.24 9.10 3.42
C VAL C 57 -0.21 8.34 2.09
N CYS C 58 0.32 7.16 2.08
CA CYS C 58 0.38 6.39 0.81
C CYS C 58 -1.04 6.24 0.25
N MET C 59 -2.00 6.05 1.11
CA MET C 59 -3.41 5.94 0.62
C MET C 59 -3.77 7.25 -0.06
N TYR C 60 -3.26 8.34 0.44
CA TYR C 60 -3.56 9.66 -0.18
C TYR C 60 -2.79 9.75 -1.50
N PHE C 61 -1.72 9.01 -1.63
CA PHE C 61 -0.94 9.05 -2.90
C PHE C 61 -1.80 8.49 -4.02
N THR C 62 -2.61 7.52 -3.71
CA THR C 62 -3.50 6.93 -4.75
C THR C 62 -4.85 7.65 -4.73
N TYR C 63 -5.25 8.13 -3.58
CA TYR C 63 -6.56 8.84 -3.50
C TYR C 63 -6.51 10.11 -4.35
N LYS C 64 -5.37 10.74 -4.46
CA LYS C 64 -5.28 11.98 -5.28
C LYS C 64 -5.47 11.64 -6.76
N VAL C 65 -4.99 10.50 -7.20
CA VAL C 65 -5.16 10.15 -8.64
C VAL C 65 -6.65 10.16 -9.00
N ARG C 66 -7.49 9.87 -8.04
CA ARG C 66 -8.96 9.86 -8.33
C ARG C 66 -9.58 11.20 -7.91
N TYR C 67 -8.88 11.95 -7.09
CA TYR C 67 -9.42 13.26 -6.64
C TYR C 67 -8.82 14.38 -7.48
N THR C 68 -7.75 14.11 -8.18
CA THR C 68 -7.12 15.16 -9.03
C THR C 68 -7.98 15.42 -10.26
N ASN C 69 -8.81 14.49 -10.63
CA ASN C 69 -9.69 14.69 -11.82
C ASN C 69 -11.08 15.15 -11.39
N SER C 70 -11.31 15.27 -10.11
CA SER C 70 -12.64 15.72 -9.63
C SER C 70 -12.51 16.99 -8.80
N SER C 71 -12.94 18.10 -9.31
CA SER C 71 -12.83 19.38 -8.54
C SER C 71 -14.18 19.72 -7.90
N THR C 72 -14.87 18.73 -7.41
CA THR C 72 -16.19 19.00 -6.76
C THR C 72 -16.45 18.00 -5.64
N GLU C 73 -16.32 18.44 -4.41
CA GLU C 73 -16.55 17.51 -3.26
C GLU C 73 -15.50 16.40 -3.26
N ILE C 74 -14.75 16.27 -2.21
CA ILE C 74 -13.72 15.21 -2.14
C ILE C 74 -13.62 14.64 -0.72
N PRO C 75 -14.13 13.45 -0.56
CA PRO C 75 -14.10 12.78 0.76
C PRO C 75 -12.68 12.31 1.10
N GLU C 76 -12.17 12.70 2.22
CA GLU C 76 -10.79 12.27 2.60
C GLU C 76 -10.84 11.17 3.67
N PHE C 77 -9.76 10.49 3.89
CA PHE C 77 -9.75 9.40 4.91
C PHE C 77 -9.84 10.00 6.32
N PRO C 78 -10.70 9.43 7.11
CA PRO C 78 -10.89 9.92 8.50
C PRO C 78 -9.69 9.54 9.38
N ILE C 79 -9.42 10.31 10.39
CA ILE C 79 -8.26 10.00 11.28
C ILE C 79 -8.76 9.62 12.68
N ALA C 80 -8.19 8.59 13.26
CA ALA C 80 -8.64 8.16 14.62
C ALA C 80 -7.48 8.27 15.61
N PRO C 81 -7.81 8.12 16.87
CA PRO C 81 -6.79 8.19 17.94
C PRO C 81 -5.95 6.92 17.95
N GLU C 82 -4.97 6.85 17.08
CA GLU C 82 -4.11 5.64 17.01
C GLU C 82 -3.19 5.80 15.82
N ILE C 83 -3.71 6.40 14.79
CA ILE C 83 -2.90 6.65 13.58
C ILE C 83 -3.30 8.01 12.99
N ALA C 84 -2.33 8.77 12.58
CA ALA C 84 -2.57 10.12 11.99
C ALA C 84 -1.74 11.16 12.75
N LEU C 85 -1.66 11.01 14.05
CA LEU C 85 -0.86 11.98 14.86
C LEU C 85 0.58 12.00 14.34
N GLU C 86 1.06 10.87 13.88
CA GLU C 86 2.45 10.82 13.34
C GLU C 86 2.52 11.60 12.02
N LEU C 87 1.50 11.51 11.22
CA LEU C 87 1.50 12.24 9.93
C LEU C 87 1.61 13.75 10.19
N LEU C 88 1.15 14.21 11.32
CA LEU C 88 1.24 15.66 11.64
C LEU C 88 2.58 16.21 11.16
N MET C 89 3.66 15.78 11.75
CA MET C 89 5.00 16.29 11.33
C MET C 89 5.52 15.45 10.16
N ALA C 90 4.96 14.30 9.94
CA ALA C 90 5.43 13.44 8.81
C ALA C 90 4.83 13.91 7.49
N ALA C 91 3.62 14.42 7.51
CA ALA C 91 2.99 14.89 6.26
C ALA C 91 3.61 16.23 5.85
N ASN C 92 3.87 17.08 6.80
CA ASN C 92 4.48 18.40 6.47
C ASN C 92 5.92 18.20 6.00
N PHE C 93 6.60 17.22 6.54
CA PHE C 93 8.01 16.97 6.12
C PHE C 93 8.05 16.23 4.79
N LEU C 94 6.97 15.58 4.44
CA LEU C 94 6.94 14.84 3.14
C LEU C 94 6.49 15.75 2.01
N ASP C 95 7.05 16.93 1.93
CA ASP C 95 6.66 17.87 0.83
C ASP C 95 7.47 19.17 0.93
N CYS C 96 8.70 19.07 1.35
CA CYS C 96 9.55 20.29 1.46
C CYS C 96 10.95 20.01 0.93
N VAL A 1 -8.42 17.24 -3.90
CA VAL A 1 -7.90 16.26 -2.91
C VAL A 1 -6.54 16.65 -2.39
N ALA A 2 -6.38 16.45 -1.15
CA ALA A 2 -5.11 16.79 -0.46
C ALA A 2 -4.40 15.53 0.05
N THR A 3 -3.13 15.62 0.30
CA THR A 3 -2.40 14.43 0.83
C THR A 3 -2.72 14.27 2.30
N LEU A 4 -1.92 13.56 3.03
CA LEU A 4 -2.19 13.37 4.48
C LEU A 4 -1.69 14.59 5.27
N GLN A 5 -0.90 15.42 4.65
CA GLN A 5 -0.36 16.62 5.38
C GLN A 5 -1.50 17.57 5.75
N HIS A 6 -2.52 17.67 4.94
CA HIS A 6 -3.65 18.58 5.25
C HIS A 6 -4.52 18.00 6.37
N LEU A 7 -4.88 16.75 6.28
CA LEU A 7 -5.73 16.13 7.33
C LEU A 7 -4.96 15.98 8.64
N CYS A 8 -3.70 15.66 8.57
CA CYS A 8 -2.90 15.50 9.81
C CYS A 8 -2.89 16.80 10.62
N ARG A 9 -2.89 17.92 9.95
CA ARG A 9 -2.90 19.22 10.68
C ARG A 9 -4.28 19.49 11.27
N LYS A 10 -5.30 18.96 10.67
CA LYS A 10 -6.68 19.18 11.20
C LYS A 10 -6.80 18.67 12.64
N THR A 11 -6.24 17.53 12.92
CA THR A 11 -6.33 16.98 14.31
C THR A 11 -5.69 17.95 15.30
N VAL A 12 -4.48 18.38 15.04
CA VAL A 12 -3.82 19.32 15.97
C VAL A 12 -4.60 20.64 16.03
N ASN A 13 -5.11 21.09 14.92
CA ASN A 13 -5.89 22.37 14.92
C ASN A 13 -7.20 22.19 15.70
N GLY A 14 -7.96 21.19 15.37
CA GLY A 14 -9.25 20.96 16.09
C GLY A 14 -8.99 20.94 17.60
N HIS A 15 -7.79 20.65 18.01
CA HIS A 15 -7.48 20.61 19.46
C HIS A 15 -6.83 21.93 19.90
N MET B 1 -15.70 -0.80 -12.57
CA MET B 1 -14.86 0.09 -13.43
C MET B 1 -13.38 -0.17 -13.16
N ASP B 2 -12.90 0.16 -11.99
CA ASP B 2 -11.46 -0.08 -11.67
C ASP B 2 -11.33 -0.81 -10.34
N VAL B 3 -10.31 -1.61 -10.18
CA VAL B 3 -10.11 -2.35 -8.90
C VAL B 3 -8.71 -2.09 -8.35
N PHE B 4 -8.52 -2.26 -7.07
CA PHE B 4 -7.17 -2.03 -6.48
C PHE B 4 -6.55 -3.35 -6.03
N LEU B 5 -5.27 -3.51 -6.23
CA LEU B 5 -4.59 -4.77 -5.82
C LEU B 5 -3.33 -4.46 -5.02
N MET B 6 -2.88 -5.38 -4.22
CA MET B 6 -1.65 -5.14 -3.42
C MET B 6 -0.85 -6.44 -3.29
N ILE B 7 0.45 -6.37 -3.38
CA ILE B 7 1.26 -7.60 -3.26
C ILE B 7 1.86 -7.67 -1.87
N ARG B 8 1.94 -8.84 -1.30
CA ARG B 8 2.50 -8.92 0.08
C ARG B 8 3.83 -9.66 0.10
N ARG B 9 4.75 -9.11 0.83
CA ARG B 9 6.10 -9.72 0.97
C ARG B 9 6.64 -9.31 2.35
N HIS B 10 7.46 -10.11 2.96
CA HIS B 10 7.96 -9.70 4.30
C HIS B 10 8.57 -8.34 4.21
N LYS B 11 8.41 -7.59 5.24
CA LYS B 11 8.98 -6.23 5.27
C LYS B 11 8.77 -5.55 3.92
N THR B 12 8.57 -6.32 2.88
CA THR B 12 8.37 -5.70 1.53
C THR B 12 6.91 -5.79 1.05
N THR B 13 6.30 -4.66 0.84
CA THR B 13 4.88 -4.61 0.35
C THR B 13 4.79 -3.66 -0.84
N ILE B 14 4.20 -4.06 -1.93
CA ILE B 14 4.11 -3.13 -3.10
C ILE B 14 2.67 -2.70 -3.34
N PHE B 15 2.44 -1.44 -3.53
CA PHE B 15 1.06 -0.99 -3.83
C PHE B 15 0.86 -1.13 -5.33
N THR B 16 0.00 -2.02 -5.74
CA THR B 16 -0.20 -2.22 -7.20
C THR B 16 -1.62 -1.84 -7.63
N ASP B 17 -1.76 -1.30 -8.80
CA ASP B 17 -3.12 -0.92 -9.29
C ASP B 17 -3.41 -1.63 -10.61
N ALA B 18 -4.62 -2.05 -10.83
CA ALA B 18 -4.93 -2.76 -12.10
C ALA B 18 -6.43 -2.77 -12.37
N LYS B 19 -6.83 -3.23 -13.52
CA LYS B 19 -8.28 -3.28 -13.85
C LYS B 19 -8.88 -4.62 -13.41
N GLU B 20 -10.17 -4.69 -13.29
CA GLU B 20 -10.82 -5.97 -12.87
C GLU B 20 -10.26 -7.14 -13.70
N SER B 21 -9.75 -6.85 -14.87
CA SER B 21 -9.19 -7.94 -15.71
C SER B 21 -7.67 -7.95 -15.60
N SER B 22 -7.13 -7.13 -14.73
CA SER B 22 -5.65 -7.11 -14.57
C SER B 22 -5.25 -7.44 -13.13
N THR B 23 -5.58 -8.62 -12.67
CA THR B 23 -5.22 -9.00 -11.28
C THR B 23 -4.42 -10.31 -11.28
N VAL B 24 -4.27 -10.91 -12.42
CA VAL B 24 -3.50 -12.18 -12.50
C VAL B 24 -2.34 -12.04 -13.49
N PHE B 25 -2.57 -12.31 -14.75
CA PHE B 25 -1.46 -12.17 -15.74
C PHE B 25 -0.87 -10.76 -15.64
N GLU B 26 -1.71 -9.75 -15.61
CA GLU B 26 -1.19 -8.36 -15.51
C GLU B 26 -0.46 -8.16 -14.17
N LEU B 27 -0.98 -8.74 -13.12
CA LEU B 27 -0.31 -8.59 -11.79
C LEU B 27 1.13 -9.12 -11.86
N LYS B 28 1.35 -10.13 -12.66
CA LYS B 28 2.73 -10.69 -12.78
C LYS B 28 3.71 -9.60 -13.21
N ARG B 29 3.27 -8.70 -14.06
CA ARG B 29 4.17 -7.61 -14.54
C ARG B 29 4.62 -6.76 -13.35
N ILE B 30 3.75 -6.53 -12.39
CA ILE B 30 4.13 -5.71 -11.22
C ILE B 30 5.33 -6.33 -10.50
N VAL B 31 5.28 -7.62 -10.23
CA VAL B 31 6.40 -8.27 -9.53
C VAL B 31 7.68 -8.16 -10.39
N GLU B 32 7.57 -8.43 -11.66
CA GLU B 32 8.77 -8.34 -12.55
C GLU B 32 9.08 -6.87 -12.85
N GLY B 33 8.24 -5.98 -12.42
CA GLY B 33 8.49 -4.53 -12.67
C GLY B 33 9.26 -3.93 -11.50
N ILE B 34 9.01 -4.41 -10.31
CA ILE B 34 9.73 -3.89 -9.12
C ILE B 34 10.61 -4.99 -8.53
N LEU B 35 10.01 -6.12 -8.26
CA LEU B 35 10.79 -7.25 -7.69
C LEU B 35 11.48 -8.02 -8.83
N LYS B 36 11.14 -7.71 -10.05
CA LYS B 36 11.77 -8.41 -11.20
C LYS B 36 11.62 -9.93 -11.07
N ARG B 37 10.44 -10.39 -10.75
CA ARG B 37 10.25 -11.86 -10.59
C ARG B 37 9.73 -12.47 -11.90
N PRO B 38 10.40 -13.52 -12.33
CA PRO B 38 10.00 -14.20 -13.57
C PRO B 38 8.83 -15.16 -13.31
N PRO B 39 7.94 -15.24 -14.26
CA PRO B 39 6.76 -16.13 -14.13
C PRO B 39 7.17 -17.59 -14.30
N ASP B 40 7.65 -18.21 -13.26
CA ASP B 40 8.07 -19.64 -13.37
C ASP B 40 8.18 -20.29 -11.99
N GLU B 41 9.18 -19.92 -11.23
CA GLU B 41 9.34 -20.51 -9.87
C GLU B 41 8.75 -19.59 -8.81
N GLN B 42 7.59 -19.03 -9.07
CA GLN B 42 6.97 -18.12 -8.08
C GLN B 42 5.47 -18.41 -7.96
N ARG B 43 4.91 -18.18 -6.80
CA ARG B 43 3.45 -18.45 -6.61
C ARG B 43 2.78 -17.23 -5.96
N LEU B 44 1.52 -17.03 -6.23
CA LEU B 44 0.82 -15.86 -5.63
C LEU B 44 -0.33 -16.34 -4.73
N TYR B 45 -0.63 -15.62 -3.69
CA TYR B 45 -1.73 -16.04 -2.79
C TYR B 45 -2.69 -14.87 -2.54
N LYS B 46 -3.95 -15.10 -2.66
CA LYS B 46 -4.95 -14.01 -2.44
C LYS B 46 -5.77 -14.28 -1.17
N ASP B 47 -5.85 -13.35 -0.28
CA ASP B 47 -6.64 -13.56 0.97
C ASP B 47 -6.34 -14.94 1.55
N ASP B 48 -5.21 -15.11 2.18
CA ASP B 48 -4.87 -16.44 2.78
C ASP B 48 -5.27 -17.56 1.81
N GLN B 49 -4.87 -17.46 0.57
CA GLN B 49 -5.22 -18.53 -0.41
C GLN B 49 -4.30 -18.45 -1.63
N LEU B 50 -4.57 -19.24 -2.64
CA LEU B 50 -3.71 -19.20 -3.86
C LEU B 50 -4.41 -18.42 -4.97
N LEU B 51 -3.71 -17.54 -5.62
CA LEU B 51 -4.33 -16.75 -6.72
C LEU B 51 -4.23 -17.50 -8.05
N ASP B 52 -5.35 -17.82 -8.65
CA ASP B 52 -5.32 -18.54 -9.95
C ASP B 52 -5.13 -17.55 -11.10
N ASP B 53 -4.00 -17.60 -11.75
CA ASP B 53 -3.75 -16.66 -12.88
C ASP B 53 -4.71 -16.93 -14.04
N GLY B 54 -5.48 -17.99 -13.96
CA GLY B 54 -6.44 -18.30 -15.05
C GLY B 54 -7.70 -17.45 -14.90
N LYS B 55 -7.81 -16.71 -13.82
CA LYS B 55 -9.00 -15.87 -13.62
C LYS B 55 -8.55 -14.53 -13.04
N THR B 56 -9.21 -13.50 -13.42
CA THR B 56 -8.87 -12.15 -12.92
C THR B 56 -9.62 -11.88 -11.62
N LEU B 57 -9.34 -10.79 -10.97
CA LEU B 57 -10.03 -10.49 -9.69
C LEU B 57 -11.55 -10.52 -9.91
N GLY B 58 -12.00 -10.10 -11.06
CA GLY B 58 -13.45 -10.11 -11.35
C GLY B 58 -13.89 -11.57 -11.58
N GLU B 59 -13.07 -12.32 -12.26
CA GLU B 59 -13.42 -13.75 -12.51
C GLU B 59 -13.10 -14.58 -11.27
N CYS B 60 -12.67 -13.93 -10.23
CA CYS B 60 -12.35 -14.65 -8.98
C CYS B 60 -13.37 -14.27 -7.90
N GLY B 61 -13.79 -13.03 -7.89
CA GLY B 61 -14.80 -12.61 -6.88
C GLY B 61 -14.31 -11.37 -6.12
N PHE B 62 -13.43 -10.62 -6.70
CA PHE B 62 -12.93 -9.39 -6.02
C PHE B 62 -13.94 -8.25 -6.18
N THR B 63 -14.53 -8.14 -7.33
CA THR B 63 -15.55 -7.05 -7.54
C THR B 63 -15.01 -5.72 -7.00
N SER B 64 -15.68 -5.13 -6.05
CA SER B 64 -15.22 -3.84 -5.48
C SER B 64 -15.25 -3.92 -3.96
N GLN B 65 -15.19 -5.11 -3.44
CA GLN B 65 -15.21 -5.28 -1.96
C GLN B 65 -13.81 -5.66 -1.48
N THR B 66 -12.97 -6.10 -2.37
CA THR B 66 -11.58 -6.48 -1.98
C THR B 66 -10.57 -5.78 -2.90
N ALA B 67 -10.92 -4.65 -3.44
CA ALA B 67 -10.00 -3.92 -4.33
C ALA B 67 -10.45 -2.47 -4.48
N ARG B 68 -9.81 -1.56 -3.79
CA ARG B 68 -10.22 -0.13 -3.89
C ARG B 68 -9.44 0.71 -2.88
N PRO B 69 -9.80 1.97 -2.77
CA PRO B 69 -9.11 2.88 -1.83
C PRO B 69 -9.47 2.49 -0.39
N GLN B 70 -10.54 1.77 -0.20
CA GLN B 70 -10.93 1.34 1.17
C GLN B 70 -10.33 -0.03 1.45
N ALA B 71 -10.98 -1.07 1.02
CA ALA B 71 -10.42 -2.44 1.24
C ALA B 71 -9.95 -3.01 -0.09
N PRO B 72 -8.65 -3.01 -0.26
CA PRO B 72 -8.05 -3.52 -1.52
C PRO B 72 -7.82 -5.02 -1.45
N ALA B 73 -7.21 -5.57 -2.46
CA ALA B 73 -6.93 -7.04 -2.48
C ALA B 73 -5.44 -7.27 -2.28
N THR B 74 -5.06 -8.21 -1.46
CA THR B 74 -3.61 -8.47 -1.22
C THR B 74 -3.19 -9.78 -1.87
N VAL B 75 -2.04 -9.79 -2.48
CA VAL B 75 -1.53 -11.03 -3.12
C VAL B 75 -0.17 -11.37 -2.49
N GLY B 76 0.09 -12.63 -2.23
CA GLY B 76 1.37 -13.01 -1.62
C GLY B 76 2.38 -13.37 -2.70
N LEU B 77 3.62 -13.26 -2.38
CA LEU B 77 4.70 -13.58 -3.35
C LEU B 77 5.58 -14.70 -2.78
N ALA B 78 5.63 -15.79 -3.46
CA ALA B 78 6.48 -16.93 -2.98
C ALA B 78 7.21 -17.57 -4.16
N PHE B 79 8.37 -18.14 -3.91
CA PHE B 79 9.15 -18.78 -5.01
C PHE B 79 9.35 -20.26 -4.72
N ARG B 80 9.54 -21.05 -5.73
CA ARG B 80 9.75 -22.52 -5.51
C ARG B 80 11.05 -22.97 -6.19
N ALA B 81 12.07 -23.25 -5.41
CA ALA B 81 13.36 -23.69 -6.01
C ALA B 81 13.82 -25.00 -5.36
N ASP B 82 14.28 -25.93 -6.16
CA ASP B 82 14.75 -27.23 -5.58
C ASP B 82 13.61 -27.92 -4.84
N ASP B 83 12.42 -27.86 -5.36
CA ASP B 83 11.27 -28.53 -4.69
C ASP B 83 11.03 -27.90 -3.31
N THR B 84 11.54 -26.72 -3.08
CA THR B 84 11.34 -26.06 -1.76
C THR B 84 10.39 -24.87 -1.90
N PHE B 85 9.81 -24.44 -0.81
CA PHE B 85 8.87 -23.28 -0.88
C PHE B 85 9.37 -22.15 0.02
N GLU B 86 9.30 -20.94 -0.45
CA GLU B 86 9.77 -19.78 0.38
C GLU B 86 8.86 -18.56 0.17
N ALA B 87 8.93 -17.61 1.04
CA ALA B 87 8.07 -16.39 0.88
C ALA B 87 6.60 -16.79 0.80
N LEU B 88 6.06 -17.30 1.87
CA LEU B 88 4.62 -17.71 1.87
C LEU B 88 3.91 -17.04 3.04
N CYS B 89 4.66 -16.46 3.94
CA CYS B 89 4.05 -15.76 5.08
C CYS B 89 4.52 -14.33 5.01
N ILE B 90 3.65 -13.44 4.69
CA ILE B 90 4.07 -12.03 4.59
C ILE B 90 3.92 -11.35 5.92
N GLU B 91 5.01 -11.03 6.55
CA GLU B 91 4.95 -10.37 7.88
C GLU B 91 4.55 -8.91 7.70
N PRO B 92 3.35 -8.61 8.11
CA PRO B 92 2.81 -7.23 7.97
C PRO B 92 3.46 -6.29 8.98
N PHE B 93 2.83 -5.18 9.24
CA PHE B 93 3.40 -4.20 10.21
C PHE B 93 2.33 -3.76 11.21
N SER B 94 1.40 -2.95 10.78
CA SER B 94 0.33 -2.48 11.70
C SER B 94 -1.05 -2.68 11.07
N SER B 95 -1.35 -3.88 10.64
CA SER B 95 -2.68 -4.15 10.01
C SER B 95 -3.74 -4.41 11.08
N PRO B 96 -3.49 -5.40 11.89
CA PRO B 96 -4.45 -5.77 12.96
C PRO B 96 -4.48 -4.74 14.11
N PRO B 97 -3.37 -4.09 14.37
CA PRO B 97 -3.34 -3.09 15.46
C PRO B 97 -4.08 -1.81 15.05
N GLU B 98 -4.65 -1.79 13.88
CA GLU B 98 -5.39 -0.58 13.42
C GLU B 98 -6.29 -0.93 12.22
N LEU B 99 -5.75 -0.86 11.04
CA LEU B 99 -6.58 -1.18 9.84
C LEU B 99 -6.41 -2.66 9.45
N PRO B 100 -7.45 -3.42 9.70
CA PRO B 100 -7.42 -4.86 9.38
C PRO B 100 -7.52 -5.08 7.86
N ASP B 101 -7.12 -6.22 7.39
CA ASP B 101 -7.19 -6.49 5.92
C ASP B 101 -8.54 -6.04 5.37
N VAL B 102 -9.62 -6.48 5.98
CA VAL B 102 -10.96 -6.07 5.48
C VAL B 102 -11.61 -5.09 6.47
N MET B 103 -11.29 -3.83 6.36
CA MET B 103 -11.89 -2.84 7.30
C MET B 103 -13.42 -2.89 7.22
N LYS B 104 -14.09 -2.66 8.32
CA LYS B 104 -15.58 -2.71 8.31
C LYS B 104 -16.15 -1.40 8.87
N PRO B 105 -16.39 -0.48 7.98
CA PRO B 105 -16.94 0.84 8.38
C PRO B 105 -18.42 0.71 8.75
N GLN B 106 -19.31 0.86 7.79
CA GLN B 106 -20.76 0.73 8.10
C GLN B 106 -21.24 -0.69 7.83
N ASP B 107 -22.18 -1.16 8.60
CA ASP B 107 -22.69 -2.56 8.38
C ASP B 107 -24.03 -2.52 7.65
N SER B 108 -24.21 -3.37 6.67
CA SER B 108 -25.49 -3.38 5.91
C SER B 108 -26.68 -3.40 6.89
N GLY B 109 -27.30 -2.28 7.10
CA GLY B 109 -28.47 -2.23 8.02
C GLY B 109 -27.97 -2.03 9.46
N SER B 110 -28.29 -2.94 10.34
CA SER B 110 -27.83 -2.79 11.75
C SER B 110 -26.83 -3.90 12.10
N SER B 111 -26.43 -3.99 13.34
CA SER B 111 -25.46 -5.06 13.74
C SER B 111 -26.18 -6.40 13.87
N ALA B 112 -25.79 -7.37 13.09
CA ALA B 112 -26.44 -8.70 13.18
C ALA B 112 -25.69 -9.60 14.16
N ASN B 113 -26.10 -9.63 15.40
CA ASN B 113 -25.40 -10.48 16.40
C ASN B 113 -26.41 -11.40 17.11
N GLU B 114 -27.60 -10.91 17.34
CA GLU B 114 -28.62 -11.74 18.03
C GLU B 114 -28.68 -13.13 17.40
N GLN B 115 -29.02 -13.21 16.14
CA GLN B 115 -29.09 -14.53 15.46
C GLN B 115 -27.68 -15.08 15.19
N ALA B 116 -26.99 -15.49 16.21
CA ALA B 116 -25.62 -16.03 16.02
C ALA B 116 -25.65 -17.55 15.89
N VAL B 117 -24.76 -18.11 15.13
CA VAL B 117 -24.73 -19.60 14.96
C VAL B 117 -23.35 -20.16 15.32
N GLN B 118 -23.31 -21.16 16.16
CA GLN B 118 -21.99 -21.74 16.55
C GLN B 118 -22.19 -22.90 17.52
N MET C 1 6.51 4.28 -13.97
CA MET C 1 7.67 4.30 -13.04
C MET C 1 7.25 3.82 -11.65
N TYR C 2 8.18 3.40 -10.84
CA TYR C 2 7.83 2.91 -9.48
C TYR C 2 8.80 3.50 -8.44
N VAL C 3 8.33 3.72 -7.24
CA VAL C 3 9.24 4.28 -6.19
C VAL C 3 9.08 3.50 -4.89
N LYS C 4 10.17 3.30 -4.19
CA LYS C 4 10.10 2.54 -2.91
C LYS C 4 10.19 3.49 -1.71
N LEU C 5 9.39 3.27 -0.70
CA LEU C 5 9.45 4.17 0.49
C LEU C 5 9.92 3.37 1.71
N ILE C 6 10.81 3.93 2.48
CA ILE C 6 11.31 3.20 3.67
C ILE C 6 10.80 3.88 4.95
N SER C 7 10.47 3.09 5.93
CA SER C 7 9.96 3.68 7.21
C SER C 7 11.01 3.52 8.32
N SER C 8 10.99 4.40 9.29
CA SER C 8 11.99 4.29 10.39
C SER C 8 11.91 2.92 11.06
N ASP C 9 10.85 2.20 10.83
CA ASP C 9 10.71 0.85 11.46
C ASP C 9 11.64 -0.15 10.77
N GLY C 10 11.87 0.00 9.50
CA GLY C 10 12.77 -0.93 8.78
C GLY C 10 12.02 -1.57 7.61
N HIS C 11 10.72 -1.46 7.60
CA HIS C 11 9.93 -2.06 6.49
C HIS C 11 10.02 -1.18 5.24
N GLU C 12 9.46 -1.63 4.15
CA GLU C 12 9.53 -0.81 2.91
C GLU C 12 8.23 -0.91 2.12
N PHE C 13 7.95 0.08 1.32
CA PHE C 13 6.71 0.08 0.50
C PHE C 13 7.00 0.72 -0.85
N ILE C 14 6.50 0.15 -1.91
CA ILE C 14 6.78 0.74 -3.25
C ILE C 14 5.49 1.26 -3.90
N VAL C 15 5.48 2.50 -4.31
CA VAL C 15 4.26 3.05 -4.95
C VAL C 15 4.59 3.54 -6.36
N LYS C 16 3.64 3.48 -7.26
CA LYS C 16 3.91 3.93 -8.66
C LYS C 16 4.24 5.42 -8.69
N ARG C 17 5.12 5.83 -9.57
CA ARG C 17 5.47 7.27 -9.66
C ARG C 17 4.24 8.14 -9.39
N GLU C 18 3.24 8.04 -10.22
CA GLU C 18 2.01 8.84 -10.00
C GLU C 18 1.55 8.67 -8.55
N HIS C 19 1.50 7.45 -8.08
CA HIS C 19 1.08 7.21 -6.67
C HIS C 19 1.97 8.02 -5.75
N ALA C 20 3.24 8.10 -6.04
CA ALA C 20 4.18 8.88 -5.18
C ALA C 20 4.17 10.34 -5.61
N LEU C 21 3.73 10.62 -6.80
CA LEU C 21 3.69 12.03 -7.27
C LEU C 21 2.74 12.84 -6.38
N THR C 22 2.00 12.17 -5.53
CA THR C 22 1.06 12.88 -4.63
C THR C 22 1.82 13.58 -3.50
N SER C 23 3.12 13.49 -3.53
CA SER C 23 3.93 14.16 -2.48
C SER C 23 4.94 15.09 -3.16
N GLY C 24 4.76 16.36 -3.02
CA GLY C 24 5.71 17.33 -3.66
C GLY C 24 7.14 17.02 -3.21
N THR C 25 7.34 15.96 -2.47
CA THR C 25 8.72 15.63 -2.02
C THR C 25 9.17 14.31 -2.65
N ILE C 26 8.31 13.33 -2.69
CA ILE C 26 8.70 12.03 -3.30
C ILE C 26 8.94 12.24 -4.80
N LYS C 27 8.05 12.92 -5.46
CA LYS C 27 8.23 13.17 -6.92
C LYS C 27 9.57 13.90 -7.16
N ALA C 28 9.94 14.75 -6.25
CA ALA C 28 11.24 15.49 -6.42
C ALA C 28 12.41 14.60 -6.01
N MET C 29 12.13 13.48 -5.39
CA MET C 29 13.22 12.57 -4.95
C MET C 29 13.38 11.43 -5.97
N LEU C 30 12.34 11.10 -6.68
CA LEU C 30 12.44 10.01 -7.68
C LEU C 30 13.73 10.14 -8.49
N SER C 31 14.03 11.33 -8.95
CA SER C 31 15.27 11.53 -9.75
C SER C 31 16.29 12.34 -8.94
N GLY C 32 16.43 12.04 -7.68
CA GLY C 32 17.41 12.78 -6.84
C GLY C 32 18.68 13.08 -7.64
N PRO C 33 19.59 12.16 -7.59
CA PRO C 33 20.87 12.30 -8.32
C PRO C 33 20.65 12.12 -9.83
N GLY C 34 21.69 12.22 -10.61
CA GLY C 34 21.54 12.04 -12.08
C GLY C 34 22.06 10.68 -12.48
N GLN C 35 21.36 9.98 -13.34
CA GLN C 35 21.83 8.63 -13.77
C GLN C 35 21.66 8.46 -15.29
N PHE C 36 22.48 7.65 -15.89
CA PHE C 36 22.36 7.46 -17.37
C PHE C 36 21.62 6.15 -17.67
N ALA C 37 20.75 6.17 -18.65
CA ALA C 37 20.00 4.93 -18.99
C ALA C 37 19.05 4.56 -17.85
N GLU C 38 18.83 5.46 -16.93
CA GLU C 38 17.92 5.15 -15.79
C GLU C 38 18.41 3.92 -15.03
N ASN C 39 18.89 4.09 -13.83
CA ASN C 39 19.39 2.93 -13.05
C ASN C 39 19.44 3.28 -11.56
N GLU C 40 18.52 2.78 -10.79
CA GLU C 40 18.51 3.08 -9.33
C GLU C 40 18.24 4.57 -9.10
N THR C 41 17.11 5.05 -9.56
CA THR C 41 16.78 6.49 -9.37
C THR C 41 15.28 6.65 -9.12
N ASN C 42 14.80 6.20 -7.99
CA ASN C 42 13.35 6.33 -7.70
C ASN C 42 13.03 5.66 -6.35
N GLU C 43 13.60 6.16 -5.28
CA GLU C 43 13.33 5.55 -3.95
C GLU C 43 13.10 6.63 -2.89
N VAL C 44 12.39 6.31 -1.86
CA VAL C 44 12.12 7.31 -0.79
C VAL C 44 12.62 6.77 0.55
N ASN C 45 12.96 7.64 1.47
CA ASN C 45 13.45 7.17 2.79
C ASN C 45 12.83 8.00 3.91
N PHE C 46 12.03 7.38 4.73
CA PHE C 46 11.40 8.14 5.85
C PHE C 46 12.16 7.88 7.16
N ARG C 47 13.05 8.76 7.52
CA ARG C 47 13.83 8.57 8.78
C ARG C 47 13.08 9.16 9.96
N GLU C 48 11.85 9.55 9.75
CA GLU C 48 11.05 10.14 10.87
C GLU C 48 9.57 9.74 10.74
N ILE C 49 9.32 8.56 10.22
CA ILE C 49 7.91 8.12 10.06
C ILE C 49 7.80 6.60 10.24
N PRO C 50 6.88 6.20 11.07
CA PRO C 50 6.67 4.75 11.33
C PRO C 50 6.01 4.06 10.13
N SER C 51 6.16 2.77 10.02
CA SER C 51 5.54 2.05 8.87
C SER C 51 4.03 2.25 8.86
N HIS C 52 3.37 1.96 9.95
CA HIS C 52 1.89 2.16 10.01
C HIS C 52 1.51 3.45 9.30
N VAL C 53 2.30 4.48 9.47
CA VAL C 53 2.00 5.78 8.81
C VAL C 53 2.40 5.69 7.33
N LEU C 54 3.50 5.07 7.04
CA LEU C 54 3.95 4.94 5.63
C LEU C 54 2.77 4.56 4.74
N SER C 55 1.85 3.79 5.26
CA SER C 55 0.67 3.38 4.45
C SER C 55 -0.46 4.39 4.64
N LYS C 56 -0.54 4.95 5.81
CA LYS C 56 -1.60 5.96 6.08
C LYS C 56 -1.53 7.07 5.03
N VAL C 57 -0.48 7.83 5.04
CA VAL C 57 -0.34 8.93 4.04
C VAL C 57 -0.31 8.33 2.63
N CYS C 58 0.27 7.17 2.48
CA CYS C 58 0.35 6.53 1.14
C CYS C 58 -1.06 6.36 0.57
N MET C 59 -2.03 6.10 1.41
CA MET C 59 -3.41 5.94 0.90
C MET C 59 -3.84 7.21 0.19
N TYR C 60 -3.46 8.36 0.71
CA TYR C 60 -3.83 9.62 0.03
C TYR C 60 -3.00 9.76 -1.25
N PHE C 61 -1.88 9.08 -1.31
CA PHE C 61 -1.04 9.16 -2.54
C PHE C 61 -1.81 8.53 -3.69
N THR C 62 -2.57 7.52 -3.41
CA THR C 62 -3.36 6.86 -4.49
C THR C 62 -4.77 7.45 -4.51
N TYR C 63 -5.30 7.78 -3.36
CA TYR C 63 -6.66 8.38 -3.29
C TYR C 63 -6.65 9.73 -3.99
N LYS C 64 -5.58 10.46 -3.87
CA LYS C 64 -5.51 11.80 -4.53
C LYS C 64 -5.43 11.63 -6.05
N VAL C 65 -4.77 10.60 -6.50
CA VAL C 65 -4.64 10.38 -7.98
C VAL C 65 -6.02 10.20 -8.61
N ARG C 66 -6.92 9.55 -7.94
CA ARG C 66 -8.28 9.33 -8.52
C ARG C 66 -9.22 10.47 -8.11
N TYR C 67 -8.87 11.19 -7.07
CA TYR C 67 -9.75 12.32 -6.63
C TYR C 67 -9.21 13.64 -7.18
N THR C 68 -7.98 13.65 -7.63
CA THR C 68 -7.41 14.92 -8.18
C THR C 68 -8.04 15.23 -9.54
N ASN C 69 -8.56 14.22 -10.20
CA ASN C 69 -9.18 14.46 -11.53
C ASN C 69 -10.47 15.27 -11.37
N SER C 70 -10.98 15.35 -10.18
CA SER C 70 -12.24 16.12 -9.96
C SER C 70 -11.92 17.48 -9.31
N SER C 71 -12.91 18.31 -9.13
CA SER C 71 -12.66 19.64 -8.50
C SER C 71 -13.40 19.73 -7.16
N THR C 72 -14.62 19.28 -7.12
CA THR C 72 -15.40 19.35 -5.84
C THR C 72 -15.94 17.97 -5.48
N GLU C 73 -16.68 17.87 -4.41
CA GLU C 73 -17.25 16.55 -4.02
C GLU C 73 -16.12 15.58 -3.66
N ILE C 74 -15.45 15.79 -2.56
CA ILE C 74 -14.34 14.88 -2.18
C ILE C 74 -14.42 14.56 -0.68
N PRO C 75 -14.22 13.31 -0.36
CA PRO C 75 -14.27 12.86 1.05
C PRO C 75 -13.02 13.34 1.81
N GLU C 76 -12.69 12.70 2.90
CA GLU C 76 -11.49 13.12 3.67
C GLU C 76 -11.01 11.99 4.57
N PHE C 77 -9.73 11.71 4.57
CA PHE C 77 -9.19 10.62 5.43
C PHE C 77 -9.63 10.81 6.88
N PRO C 78 -9.95 9.72 7.52
CA PRO C 78 -10.39 9.76 8.93
C PRO C 78 -9.21 10.02 9.86
N ILE C 79 -9.44 10.64 10.99
CA ILE C 79 -8.33 10.93 11.94
C ILE C 79 -8.73 10.54 13.36
N ALA C 80 -7.86 9.90 14.08
CA ALA C 80 -8.20 9.49 15.47
C ALA C 80 -6.95 9.47 16.35
N PRO C 81 -7.16 9.27 17.63
CA PRO C 81 -6.04 9.23 18.59
C PRO C 81 -5.27 7.92 18.41
N GLU C 82 -4.42 7.86 17.43
CA GLU C 82 -3.63 6.61 17.18
C GLU C 82 -2.87 6.81 15.88
N ILE C 83 -3.46 7.55 14.98
CA ILE C 83 -2.79 7.85 13.70
C ILE C 83 -3.14 9.28 13.31
N ALA C 84 -2.17 9.99 12.83
CA ALA C 84 -2.34 11.43 12.41
C ALA C 84 -1.30 12.28 13.12
N LEU C 85 -1.04 12.00 14.37
CA LEU C 85 -0.03 12.79 15.12
C LEU C 85 1.32 12.71 14.41
N GLU C 86 1.75 11.55 14.01
CA GLU C 86 3.05 11.41 13.30
C GLU C 86 2.95 12.03 11.91
N LEU C 87 1.81 11.91 11.28
CA LEU C 87 1.63 12.48 9.92
C LEU C 87 1.84 14.00 9.96
N LEU C 88 1.63 14.60 11.09
CA LEU C 88 1.81 16.08 11.20
C LEU C 88 3.11 16.49 10.51
N MET C 89 4.22 16.02 11.00
CA MET C 89 5.52 16.39 10.37
C MET C 89 5.84 15.45 9.19
N ALA C 90 5.37 14.22 9.27
CA ALA C 90 5.65 13.26 8.16
C ALA C 90 4.76 13.57 6.96
N ALA C 91 3.48 13.68 7.16
CA ALA C 91 2.56 13.97 6.01
C ALA C 91 2.99 15.27 5.32
N ASN C 92 3.24 16.30 6.08
CA ASN C 92 3.67 17.60 5.48
C ASN C 92 5.07 17.48 4.88
N PHE C 93 5.91 16.66 5.45
CA PHE C 93 7.30 16.53 4.91
C PHE C 93 7.26 16.01 3.47
N LEU C 94 6.15 15.47 3.06
CA LEU C 94 6.06 14.96 1.65
C LEU C 94 5.44 16.03 0.75
N ASP C 95 5.41 17.25 1.19
CA ASP C 95 4.82 18.34 0.35
C ASP C 95 3.48 17.90 -0.23
N CYS C 96 2.94 18.66 -1.15
CA CYS C 96 1.64 18.28 -1.75
C CYS C 96 1.60 16.78 -2.06
N VAL A 1 -9.35 14.79 -3.12
CA VAL A 1 -8.49 14.09 -2.13
C VAL A 1 -7.23 14.87 -1.86
N ALA A 2 -6.87 14.85 -0.63
CA ALA A 2 -5.67 15.58 -0.16
C ALA A 2 -4.64 14.62 0.42
N THR A 3 -3.40 15.03 0.49
CA THR A 3 -2.37 14.13 1.08
C THR A 3 -2.55 14.10 2.61
N LEU A 4 -1.96 13.15 3.26
CA LEU A 4 -2.11 13.09 4.75
C LEU A 4 -1.62 14.40 5.39
N GLN A 5 -0.94 15.22 4.64
CA GLN A 5 -0.42 16.50 5.22
C GLN A 5 -1.58 17.41 5.65
N HIS A 6 -2.61 17.49 4.86
CA HIS A 6 -3.76 18.38 5.25
C HIS A 6 -4.46 17.85 6.49
N LEU A 7 -4.76 16.57 6.54
CA LEU A 7 -5.46 16.02 7.73
C LEU A 7 -4.53 16.01 8.95
N CYS A 8 -3.30 15.61 8.78
CA CYS A 8 -2.36 15.56 9.93
C CYS A 8 -2.21 16.97 10.53
N ARG A 9 -2.23 17.98 9.71
CA ARG A 9 -2.09 19.38 10.23
C ARG A 9 -3.39 19.82 10.93
N LYS A 10 -4.52 19.57 10.33
CA LYS A 10 -5.81 19.97 10.95
C LYS A 10 -5.97 19.32 12.32
N THR A 11 -5.55 18.09 12.47
CA THR A 11 -5.68 17.40 13.78
C THR A 11 -4.90 18.16 14.85
N VAL A 12 -3.66 18.44 14.61
CA VAL A 12 -2.84 19.18 15.62
C VAL A 12 -3.45 20.56 15.88
N ASN A 13 -3.91 21.22 14.85
CA ASN A 13 -4.51 22.57 15.05
C ASN A 13 -5.77 22.47 15.92
N GLY A 14 -6.54 21.44 15.76
CA GLY A 14 -7.78 21.29 16.58
C GLY A 14 -7.46 21.62 18.03
N HIS A 15 -6.28 21.30 18.49
CA HIS A 15 -5.92 21.60 19.90
C HIS A 15 -4.86 22.71 19.96
N MET B 1 -14.47 -0.19 -15.24
CA MET B 1 -13.60 -1.17 -15.94
C MET B 1 -12.17 -1.08 -15.41
N ASP B 2 -12.01 -0.81 -14.14
CA ASP B 2 -10.64 -0.71 -13.56
C ASP B 2 -10.57 -1.48 -12.24
N VAL B 3 -9.40 -1.95 -11.88
CA VAL B 3 -9.27 -2.70 -10.60
C VAL B 3 -7.90 -2.44 -9.97
N PHE B 4 -7.85 -2.29 -8.67
CA PHE B 4 -6.54 -2.05 -8.00
C PHE B 4 -6.14 -3.29 -7.19
N LEU B 5 -4.87 -3.55 -7.07
CA LEU B 5 -4.43 -4.74 -6.29
C LEU B 5 -3.14 -4.45 -5.53
N MET B 6 -2.96 -5.10 -4.42
CA MET B 6 -1.73 -4.87 -3.62
C MET B 6 -1.01 -6.21 -3.41
N ILE B 7 0.28 -6.24 -3.56
CA ILE B 7 1.02 -7.52 -3.38
C ILE B 7 1.64 -7.54 -2.00
N ARG B 8 1.69 -8.68 -1.36
CA ARG B 8 2.28 -8.71 -0.01
C ARG B 8 3.54 -9.58 0.02
N ARG B 9 4.54 -9.06 0.67
CA ARG B 9 5.84 -9.77 0.81
C ARG B 9 6.48 -9.28 2.10
N HIS B 10 7.26 -10.09 2.76
CA HIS B 10 7.87 -9.61 4.02
C HIS B 10 8.59 -8.32 3.77
N LYS B 11 8.56 -7.47 4.72
CA LYS B 11 9.25 -6.16 4.57
C LYS B 11 8.98 -5.60 3.18
N THR B 12 8.67 -6.44 2.23
CA THR B 12 8.40 -5.94 0.85
C THR B 12 6.90 -5.90 0.51
N THR B 13 6.38 -4.73 0.29
CA THR B 13 4.94 -4.57 -0.08
C THR B 13 4.83 -3.65 -1.29
N ILE B 14 4.10 -4.01 -2.31
CA ILE B 14 3.99 -3.11 -3.49
C ILE B 14 2.54 -2.85 -3.87
N PHE B 15 2.19 -1.61 -4.06
CA PHE B 15 0.80 -1.31 -4.48
C PHE B 15 0.74 -1.42 -6.00
N THR B 16 0.01 -2.38 -6.49
CA THR B 16 -0.05 -2.55 -7.98
C THR B 16 -1.43 -2.18 -8.52
N ASP B 17 -1.48 -1.61 -9.69
CA ASP B 17 -2.79 -1.22 -10.28
C ASP B 17 -2.96 -1.90 -11.64
N ALA B 18 -4.16 -2.30 -11.97
CA ALA B 18 -4.39 -2.99 -13.27
C ALA B 18 -5.87 -2.92 -13.66
N LYS B 19 -6.20 -3.36 -14.85
CA LYS B 19 -7.62 -3.33 -15.28
C LYS B 19 -8.31 -4.64 -14.89
N GLU B 20 -9.60 -4.62 -14.76
CA GLU B 20 -10.34 -5.87 -14.37
C GLU B 20 -9.82 -7.06 -15.16
N SER B 21 -9.28 -6.83 -16.32
CA SER B 21 -8.76 -7.96 -17.14
C SER B 21 -7.23 -7.99 -17.08
N SER B 22 -6.65 -7.08 -16.36
CA SER B 22 -5.16 -7.05 -16.24
C SER B 22 -4.77 -7.42 -14.82
N THR B 23 -5.22 -8.54 -14.34
CA THR B 23 -4.88 -8.96 -12.97
C THR B 23 -4.57 -10.46 -12.94
N VAL B 24 -3.97 -10.93 -11.88
CA VAL B 24 -3.61 -12.37 -11.79
C VAL B 24 -2.61 -12.68 -12.90
N PHE B 25 -3.07 -12.75 -14.12
CA PHE B 25 -2.13 -12.99 -15.25
C PHE B 25 -1.24 -11.77 -15.42
N GLU B 26 -1.84 -10.63 -15.61
CA GLU B 26 -1.06 -9.37 -15.74
C GLU B 26 -0.34 -9.07 -14.43
N LEU B 27 -0.95 -9.41 -13.33
CA LEU B 27 -0.32 -9.16 -12.00
C LEU B 27 1.06 -9.83 -11.94
N LYS B 28 1.22 -10.95 -12.59
CA LYS B 28 2.54 -11.63 -12.56
C LYS B 28 3.63 -10.68 -13.06
N ARG B 29 3.31 -9.86 -14.01
CA ARG B 29 4.31 -8.89 -14.55
C ARG B 29 4.76 -7.95 -13.44
N ILE B 30 3.87 -7.56 -12.57
CA ILE B 30 4.24 -6.63 -11.47
C ILE B 30 5.37 -7.21 -10.63
N VAL B 31 5.27 -8.44 -10.22
CA VAL B 31 6.35 -9.04 -9.41
C VAL B 31 7.64 -9.09 -10.23
N GLU B 32 7.57 -9.56 -11.44
CA GLU B 32 8.78 -9.61 -12.31
C GLU B 32 9.18 -8.19 -12.74
N GLY B 33 8.36 -7.22 -12.41
CA GLY B 33 8.69 -5.82 -12.77
C GLY B 33 9.18 -5.11 -11.51
N ILE B 34 8.63 -5.45 -10.39
CA ILE B 34 9.06 -4.82 -9.11
C ILE B 34 10.20 -5.63 -8.50
N LEU B 35 9.95 -6.88 -8.22
CA LEU B 35 11.02 -7.74 -7.64
C LEU B 35 11.67 -8.57 -8.74
N LYS B 36 11.11 -8.55 -9.92
CA LYS B 36 11.70 -9.33 -11.04
C LYS B 36 11.65 -10.83 -10.74
N ARG B 37 10.53 -11.33 -10.29
CA ARG B 37 10.45 -12.79 -9.98
C ARG B 37 9.89 -13.56 -11.18
N PRO B 38 10.59 -14.59 -11.56
CA PRO B 38 10.18 -15.43 -12.71
C PRO B 38 9.12 -16.45 -12.28
N PRO B 39 8.22 -16.74 -13.19
CA PRO B 39 7.15 -17.72 -12.90
C PRO B 39 7.70 -19.15 -12.94
N ASP B 40 7.67 -19.83 -11.82
CA ASP B 40 8.20 -21.23 -11.79
C ASP B 40 7.92 -21.87 -10.43
N GLU B 41 8.76 -21.62 -9.46
CA GLU B 41 8.54 -22.20 -8.11
C GLU B 41 7.99 -21.13 -7.17
N GLN B 42 7.00 -20.41 -7.60
CA GLN B 42 6.42 -19.34 -6.72
C GLN B 42 4.91 -19.54 -6.58
N ARG B 43 4.33 -18.97 -5.55
CA ARG B 43 2.86 -19.12 -5.34
C ARG B 43 2.21 -17.77 -5.04
N LEU B 44 0.97 -17.61 -5.39
CA LEU B 44 0.27 -16.31 -5.13
C LEU B 44 -0.92 -16.54 -4.20
N TYR B 45 -1.26 -15.57 -3.40
CA TYR B 45 -2.41 -15.74 -2.48
C TYR B 45 -3.43 -14.63 -2.72
N LYS B 46 -4.67 -14.97 -2.84
CA LYS B 46 -5.72 -13.93 -3.07
C LYS B 46 -6.50 -13.67 -1.78
N ASP B 47 -6.33 -12.51 -1.20
CA ASP B 47 -7.07 -12.19 0.05
C ASP B 47 -6.76 -13.20 1.15
N ASP B 48 -7.32 -14.38 1.04
CA ASP B 48 -7.05 -15.42 2.06
C ASP B 48 -6.96 -16.80 1.40
N GLN B 49 -6.67 -16.82 0.12
CA GLN B 49 -6.56 -18.13 -0.60
C GLN B 49 -5.43 -18.06 -1.63
N LEU B 50 -5.35 -19.04 -2.49
CA LEU B 50 -4.27 -19.04 -3.52
C LEU B 50 -4.76 -18.35 -4.79
N LEU B 51 -3.97 -17.48 -5.35
CA LEU B 51 -4.39 -16.76 -6.59
C LEU B 51 -4.28 -17.70 -7.80
N ASP B 52 -5.25 -17.69 -8.67
CA ASP B 52 -5.20 -18.57 -9.86
C ASP B 52 -4.97 -17.74 -11.13
N ASP B 53 -3.87 -17.95 -11.80
CA ASP B 53 -3.60 -17.17 -13.04
C ASP B 53 -4.69 -17.42 -14.09
N GLY B 54 -5.52 -18.41 -13.86
CA GLY B 54 -6.59 -18.71 -14.85
C GLY B 54 -7.81 -17.82 -14.58
N LYS B 55 -7.69 -16.90 -13.66
CA LYS B 55 -8.82 -16.00 -13.37
C LYS B 55 -8.27 -14.60 -13.17
N THR B 56 -9.03 -13.65 -13.57
CA THR B 56 -8.61 -12.22 -13.44
C THR B 56 -9.42 -11.56 -12.31
N LEU B 57 -9.08 -10.34 -11.97
CA LEU B 57 -9.82 -9.64 -10.88
C LEU B 57 -11.27 -9.38 -11.31
N GLY B 58 -11.46 -8.90 -12.51
CA GLY B 58 -12.85 -8.64 -13.00
C GLY B 58 -13.65 -9.94 -12.94
N GLU B 59 -13.04 -11.04 -13.28
CA GLU B 59 -13.75 -12.35 -13.22
C GLU B 59 -13.85 -12.80 -11.77
N CYS B 60 -13.37 -11.98 -10.87
CA CYS B 60 -13.43 -12.32 -9.43
C CYS B 60 -14.38 -11.37 -8.72
N GLY B 61 -14.30 -10.09 -9.02
CA GLY B 61 -15.23 -9.12 -8.36
C GLY B 61 -14.43 -8.12 -7.52
N PHE B 62 -13.15 -8.02 -7.72
CA PHE B 62 -12.36 -7.05 -6.92
C PHE B 62 -12.59 -5.62 -7.45
N THR B 63 -12.87 -5.49 -8.71
CA THR B 63 -13.12 -4.14 -9.29
C THR B 63 -12.06 -3.15 -8.82
N SER B 64 -12.36 -1.88 -8.89
CA SER B 64 -11.38 -0.85 -8.43
C SER B 64 -11.99 0.00 -7.33
N GLN B 65 -12.97 -0.54 -6.65
CA GLN B 65 -13.62 0.21 -5.54
C GLN B 65 -13.38 -0.52 -4.23
N THR B 66 -13.01 -1.78 -4.30
CA THR B 66 -12.75 -2.56 -3.06
C THR B 66 -11.31 -3.09 -3.08
N ALA B 67 -10.42 -2.39 -3.72
CA ALA B 67 -9.01 -2.86 -3.78
C ALA B 67 -8.06 -1.67 -3.87
N ARG B 68 -8.21 -0.70 -3.01
CA ARG B 68 -7.30 0.49 -3.03
C ARG B 68 -7.84 1.61 -2.13
N PRO B 69 -9.11 1.91 -2.29
CA PRO B 69 -9.73 2.99 -1.49
C PRO B 69 -10.02 2.51 -0.06
N GLN B 70 -11.22 2.05 0.19
CA GLN B 70 -11.55 1.57 1.56
C GLN B 70 -10.84 0.24 1.84
N ALA B 71 -11.39 -0.85 1.39
CA ALA B 71 -10.73 -2.15 1.62
C ALA B 71 -9.97 -2.56 0.35
N PRO B 72 -8.68 -2.43 0.42
CA PRO B 72 -7.82 -2.74 -0.74
C PRO B 72 -7.72 -4.26 -0.96
N ALA B 73 -7.15 -4.66 -2.06
CA ALA B 73 -7.00 -6.11 -2.34
C ALA B 73 -5.53 -6.50 -2.19
N THR B 74 -5.25 -7.47 -1.36
CA THR B 74 -3.83 -7.88 -1.15
C THR B 74 -3.56 -9.26 -1.73
N VAL B 75 -2.45 -9.43 -2.35
CA VAL B 75 -2.08 -10.76 -2.91
C VAL B 75 -0.75 -11.20 -2.32
N GLY B 76 -0.60 -12.45 -2.00
CA GLY B 76 0.66 -12.93 -1.41
C GLY B 76 1.55 -13.46 -2.51
N LEU B 77 2.82 -13.34 -2.33
CA LEU B 77 3.78 -13.83 -3.35
C LEU B 77 4.76 -14.82 -2.73
N ALA B 78 4.77 -16.01 -3.23
CA ALA B 78 5.68 -17.05 -2.69
C ALA B 78 6.70 -17.45 -3.76
N PHE B 79 7.92 -17.71 -3.36
CA PHE B 79 8.96 -18.13 -4.36
C PHE B 79 9.92 -19.13 -3.73
N ARG B 80 10.13 -20.25 -4.37
CA ARG B 80 11.06 -21.27 -3.80
C ARG B 80 12.21 -21.54 -4.78
N ALA B 81 13.42 -21.56 -4.29
CA ALA B 81 14.58 -21.82 -5.19
C ALA B 81 15.35 -23.05 -4.72
N ASP B 82 15.50 -24.03 -5.58
CA ASP B 82 16.24 -25.26 -5.18
C ASP B 82 15.44 -26.04 -4.12
N ASP B 83 15.43 -25.56 -2.91
CA ASP B 83 14.68 -26.27 -1.83
C ASP B 83 14.59 -25.38 -0.59
N THR B 84 14.12 -24.17 -0.73
CA THR B 84 14.00 -23.27 0.45
C THR B 84 12.70 -22.46 0.38
N PHE B 85 12.27 -21.93 1.48
CA PHE B 85 11.01 -21.13 1.48
C PHE B 85 11.29 -19.69 1.95
N GLU B 86 10.60 -18.74 1.40
CA GLU B 86 10.83 -17.32 1.81
C GLU B 86 9.50 -16.58 1.96
N ALA B 87 9.06 -15.92 0.92
CA ALA B 87 7.78 -15.16 1.00
C ALA B 87 6.63 -16.10 1.42
N LEU B 88 5.41 -15.75 1.09
CA LEU B 88 4.23 -16.58 1.47
C LEU B 88 3.76 -16.16 2.87
N CYS B 89 4.61 -15.48 3.59
CA CYS B 89 4.23 -14.99 4.93
C CYS B 89 4.36 -13.49 4.90
N ILE B 90 3.28 -12.78 5.00
CA ILE B 90 3.37 -11.31 4.92
C ILE B 90 3.58 -10.70 6.30
N GLU B 91 4.76 -10.22 6.55
CA GLU B 91 5.04 -9.59 7.88
C GLU B 91 4.40 -8.20 7.93
N PRO B 92 3.40 -8.09 8.76
CA PRO B 92 2.67 -6.80 8.90
C PRO B 92 3.54 -5.77 9.63
N PHE B 93 3.68 -4.60 9.06
CA PHE B 93 4.51 -3.54 9.71
C PHE B 93 3.67 -2.78 10.74
N SER B 94 4.29 -2.28 11.76
CA SER B 94 3.54 -1.52 12.80
C SER B 94 2.54 -2.45 13.52
N SER B 95 2.42 -2.32 14.81
CA SER B 95 1.47 -3.20 15.56
C SER B 95 1.84 -4.66 15.37
N PRO B 96 1.74 -5.41 16.43
CA PRO B 96 2.07 -6.86 16.38
C PRO B 96 1.00 -7.67 15.61
N PRO B 97 -0.24 -7.21 15.64
CA PRO B 97 -1.31 -7.95 14.92
C PRO B 97 -1.19 -7.72 13.41
N GLU B 98 -1.83 -6.71 12.91
CA GLU B 98 -1.75 -6.43 11.44
C GLU B 98 -2.28 -5.01 11.15
N LEU B 99 -1.48 -4.02 11.36
CA LEU B 99 -1.93 -2.62 11.10
C LEU B 99 -3.16 -2.29 11.95
N PRO B 100 -3.02 -1.25 12.74
CA PRO B 100 -4.13 -0.83 13.63
C PRO B 100 -5.25 -0.17 12.80
N ASP B 101 -5.88 -0.92 11.95
CA ASP B 101 -6.98 -0.33 11.12
C ASP B 101 -7.94 -1.44 10.66
N VAL B 102 -9.20 -1.30 10.97
CA VAL B 102 -10.19 -2.33 10.55
C VAL B 102 -11.34 -1.69 9.77
N MET B 103 -11.64 -2.21 8.61
CA MET B 103 -12.74 -1.62 7.81
C MET B 103 -13.85 -2.65 7.60
N LYS B 104 -13.51 -3.91 7.58
CA LYS B 104 -14.56 -4.96 7.39
C LYS B 104 -14.01 -6.33 7.80
N PRO B 105 -14.47 -6.79 8.93
CA PRO B 105 -14.03 -8.12 9.43
C PRO B 105 -14.65 -9.26 8.62
N GLN B 106 -14.58 -10.46 9.11
CA GLN B 106 -15.17 -11.60 8.36
C GLN B 106 -16.08 -12.43 9.27
N ASP B 107 -15.53 -13.40 9.95
CA ASP B 107 -16.36 -14.24 10.86
C ASP B 107 -15.51 -14.76 12.02
N SER B 108 -16.14 -15.11 13.11
CA SER B 108 -15.36 -15.63 14.28
C SER B 108 -16.32 -16.11 15.36
N GLY B 109 -17.18 -15.25 15.84
CA GLY B 109 -18.14 -15.67 16.90
C GLY B 109 -18.72 -14.42 17.58
N SER B 110 -19.47 -13.64 16.86
CA SER B 110 -20.06 -12.41 17.46
C SER B 110 -18.97 -11.59 18.16
N SER B 111 -18.72 -11.85 19.42
CA SER B 111 -17.68 -11.08 20.15
C SER B 111 -16.97 -11.98 21.15
N ALA B 112 -17.03 -13.27 20.96
CA ALA B 112 -16.37 -14.20 21.91
C ALA B 112 -14.86 -14.27 21.62
N ASN B 113 -14.06 -14.49 22.62
CA ASN B 113 -12.58 -14.55 22.39
C ASN B 113 -12.28 -15.48 21.22
N GLU B 114 -11.15 -15.32 20.59
CA GLU B 114 -10.78 -16.19 19.44
C GLU B 114 -9.34 -16.70 19.59
N GLN B 115 -9.03 -17.29 20.70
CA GLN B 115 -7.64 -17.81 20.90
C GLN B 115 -7.66 -19.04 21.81
N ALA B 116 -8.79 -19.67 21.94
CA ALA B 116 -8.88 -20.88 22.81
C ALA B 116 -8.09 -22.04 22.18
N VAL B 117 -7.74 -23.02 22.95
CA VAL B 117 -6.99 -24.18 22.40
C VAL B 117 -7.66 -25.50 22.77
N GLN B 118 -8.24 -26.16 21.81
CA GLN B 118 -8.92 -27.46 22.11
C GLN B 118 -10.06 -27.23 23.10
N MET C 1 7.00 5.08 -14.42
CA MET C 1 7.78 5.61 -13.26
C MET C 1 7.38 4.90 -11.97
N TYR C 2 8.33 4.47 -11.19
CA TYR C 2 8.00 3.77 -9.91
C TYR C 2 8.93 4.25 -8.80
N VAL C 3 8.44 4.34 -7.59
CA VAL C 3 9.32 4.80 -6.47
C VAL C 3 9.14 3.90 -5.25
N LYS C 4 10.21 3.61 -4.55
CA LYS C 4 10.12 2.74 -3.36
C LYS C 4 10.21 3.59 -2.09
N LEU C 5 9.39 3.28 -1.10
CA LEU C 5 9.43 4.06 0.16
C LEU C 5 9.91 3.19 1.31
N ILE C 6 10.89 3.64 2.05
CA ILE C 6 11.41 2.83 3.18
C ILE C 6 11.01 3.48 4.51
N SER C 7 10.68 2.68 5.49
CA SER C 7 10.29 3.25 6.81
C SER C 7 11.35 2.91 7.86
N SER C 8 11.46 3.74 8.87
CA SER C 8 12.48 3.47 9.92
C SER C 8 12.32 2.05 10.47
N ASP C 9 11.15 1.49 10.34
CA ASP C 9 10.92 0.10 10.85
C ASP C 9 11.76 -0.89 10.03
N GLY C 10 11.98 -0.60 8.78
CA GLY C 10 12.78 -1.53 7.93
C GLY C 10 11.90 -2.09 6.81
N HIS C 11 10.63 -1.74 6.81
CA HIS C 11 9.72 -2.25 5.74
C HIS C 11 9.95 -1.49 4.44
N GLU C 12 9.47 -2.00 3.34
CA GLU C 12 9.66 -1.30 2.03
C GLU C 12 8.33 -1.28 1.27
N PHE C 13 8.06 -0.18 0.61
CA PHE C 13 6.79 -0.08 -0.17
C PHE C 13 7.04 0.67 -1.47
N ILE C 14 6.62 0.13 -2.57
CA ILE C 14 6.85 0.83 -3.88
C ILE C 14 5.55 1.42 -4.39
N VAL C 15 5.52 2.69 -4.70
CA VAL C 15 4.28 3.32 -5.22
C VAL C 15 4.54 3.91 -6.61
N LYS C 16 3.60 3.78 -7.50
CA LYS C 16 3.80 4.32 -8.88
C LYS C 16 3.91 5.85 -8.84
N ARG C 17 4.74 6.41 -9.68
CA ARG C 17 4.89 7.89 -9.69
C ARG C 17 3.54 8.57 -9.42
N GLU C 18 2.57 8.33 -10.25
CA GLU C 18 1.24 8.94 -10.02
C GLU C 18 0.79 8.66 -8.59
N HIS C 19 0.83 7.43 -8.18
CA HIS C 19 0.42 7.09 -6.79
C HIS C 19 1.36 7.81 -5.82
N ALA C 20 2.55 8.12 -6.26
CA ALA C 20 3.52 8.85 -5.39
C ALA C 20 3.35 10.35 -5.58
N LEU C 21 2.82 10.76 -6.69
CA LEU C 21 2.64 12.23 -6.91
C LEU C 21 1.77 12.79 -5.78
N THR C 22 1.17 11.93 -5.00
CA THR C 22 0.33 12.40 -3.86
C THR C 22 1.18 13.12 -2.83
N SER C 23 2.46 13.15 -3.05
CA SER C 23 3.37 13.85 -2.11
C SER C 23 4.29 14.78 -2.90
N GLY C 24 4.11 16.06 -2.76
CA GLY C 24 4.98 17.02 -3.50
C GLY C 24 6.45 16.74 -3.20
N THR C 25 6.74 15.71 -2.45
CA THR C 25 8.16 15.40 -2.13
C THR C 25 8.59 14.12 -2.82
N ILE C 26 7.76 13.11 -2.82
CA ILE C 26 8.14 11.84 -3.51
C ILE C 26 8.29 12.09 -5.01
N LYS C 27 7.34 12.75 -5.61
CA LYS C 27 7.44 13.03 -7.07
C LYS C 27 8.72 13.80 -7.36
N ALA C 28 9.12 14.67 -6.47
CA ALA C 28 10.37 15.46 -6.70
C ALA C 28 11.59 14.54 -6.68
N MET C 29 11.48 13.42 -6.00
CA MET C 29 12.64 12.47 -5.94
C MET C 29 12.84 11.79 -7.30
N LEU C 30 11.77 11.41 -7.94
CA LEU C 30 11.89 10.75 -9.27
C LEU C 30 12.92 11.49 -10.13
N SER C 31 12.86 12.79 -10.16
CA SER C 31 13.84 13.56 -10.98
C SER C 31 14.02 12.90 -12.34
N GLY C 32 12.95 12.48 -12.97
CA GLY C 32 13.07 11.83 -14.30
C GLY C 32 13.76 10.47 -14.13
N PRO C 33 13.82 9.76 -15.22
CA PRO C 33 14.46 8.41 -15.22
C PRO C 33 15.97 8.54 -15.12
N GLY C 34 16.48 9.74 -15.08
CA GLY C 34 17.96 9.94 -14.98
C GLY C 34 18.45 9.42 -13.62
N GLN C 35 19.59 8.78 -13.60
CA GLN C 35 20.12 8.25 -12.31
C GLN C 35 21.04 9.29 -11.65
N PHE C 36 21.54 9.00 -10.48
CA PHE C 36 22.44 9.96 -9.79
C PHE C 36 23.88 9.45 -9.83
N ALA C 37 24.82 10.34 -10.08
CA ALA C 37 26.24 9.91 -10.13
C ALA C 37 26.73 9.49 -8.74
N GLU C 38 26.01 9.88 -7.72
CA GLU C 38 26.43 9.50 -6.34
C GLU C 38 25.59 8.33 -5.83
N ASN C 39 24.50 8.04 -6.49
CA ASN C 39 23.64 6.90 -6.04
C ASN C 39 22.53 6.64 -7.07
N GLU C 40 21.39 6.19 -6.63
CA GLU C 40 20.29 5.90 -7.58
C GLU C 40 19.16 6.93 -7.39
N THR C 41 17.98 6.62 -7.87
CA THR C 41 16.84 7.57 -7.72
C THR C 41 15.52 6.81 -7.67
N ASN C 42 14.44 7.46 -8.03
CA ASN C 42 13.12 6.77 -8.00
C ASN C 42 12.95 6.01 -6.69
N GLU C 43 13.45 6.55 -5.60
CA GLU C 43 13.31 5.85 -4.30
C GLU C 43 13.09 6.87 -3.18
N VAL C 44 12.32 6.51 -2.19
CA VAL C 44 12.06 7.45 -1.06
C VAL C 44 12.64 6.87 0.23
N ASN C 45 12.98 7.72 1.16
CA ASN C 45 13.56 7.22 2.44
C ASN C 45 12.94 7.98 3.62
N PHE C 46 12.21 7.29 4.45
CA PHE C 46 11.59 7.96 5.63
C PHE C 46 12.40 7.65 6.88
N ARG C 47 13.28 8.53 7.27
CA ARG C 47 14.09 8.29 8.50
C ARG C 47 13.49 9.05 9.68
N GLU C 48 12.21 9.25 9.68
CA GLU C 48 11.56 9.99 10.81
C GLU C 48 10.07 9.61 10.90
N ILE C 49 9.73 8.46 10.38
CA ILE C 49 8.30 8.02 10.43
C ILE C 49 8.22 6.53 10.75
N PRO C 50 7.36 6.20 11.68
CA PRO C 50 7.18 4.79 12.09
C PRO C 50 6.40 4.03 11.02
N SER C 51 6.38 2.73 11.10
CA SER C 51 5.64 1.92 10.09
C SER C 51 4.16 2.33 10.06
N HIS C 52 3.58 2.56 11.21
CA HIS C 52 2.14 2.95 11.25
C HIS C 52 1.91 4.19 10.38
N VAL C 53 2.82 5.14 10.42
CA VAL C 53 2.66 6.36 9.60
C VAL C 53 3.16 6.10 8.17
N LEU C 54 4.10 5.21 8.02
CA LEU C 54 4.64 4.90 6.67
C LEU C 54 3.50 4.45 5.74
N SER C 55 2.55 3.72 6.26
CA SER C 55 1.42 3.25 5.40
C SER C 55 0.24 4.21 5.54
N LYS C 56 0.18 4.89 6.65
CA LYS C 56 -0.94 5.85 6.86
C LYS C 56 -0.99 6.85 5.70
N VAL C 57 0.00 7.69 5.60
CA VAL C 57 0.02 8.70 4.49
C VAL C 57 0.05 7.96 3.15
N CYS C 58 0.73 6.85 3.08
CA CYS C 58 0.80 6.10 1.81
C CYS C 58 -0.62 5.72 1.35
N MET C 59 -1.49 5.45 2.29
CA MET C 59 -2.88 5.10 1.90
C MET C 59 -3.49 6.27 1.15
N TYR C 60 -3.17 7.47 1.55
CA TYR C 60 -3.71 8.65 0.82
C TYR C 60 -3.06 8.73 -0.55
N PHE C 61 -1.89 8.16 -0.69
CA PHE C 61 -1.21 8.20 -2.02
C PHE C 61 -2.04 7.41 -3.03
N THR C 62 -2.64 6.34 -2.57
CA THR C 62 -3.48 5.52 -3.47
C THR C 62 -4.94 5.98 -3.35
N TYR C 63 -5.38 6.26 -2.17
CA TYR C 63 -6.78 6.74 -1.99
C TYR C 63 -6.99 8.00 -2.81
N LYS C 64 -5.93 8.74 -3.07
CA LYS C 64 -6.07 9.99 -3.87
C LYS C 64 -6.42 9.64 -5.32
N VAL C 65 -5.87 8.58 -5.84
CA VAL C 65 -6.20 8.20 -7.25
C VAL C 65 -7.71 8.02 -7.41
N ARG C 66 -8.39 7.71 -6.34
CA ARG C 66 -9.87 7.52 -6.42
C ARG C 66 -10.57 8.88 -6.52
N TYR C 67 -9.89 9.94 -6.14
CA TYR C 67 -10.52 11.28 -6.21
C TYR C 67 -10.78 11.65 -7.68
N THR C 68 -9.94 11.19 -8.57
CA THR C 68 -10.14 11.51 -10.00
C THR C 68 -11.62 11.32 -10.37
N ASN C 69 -12.34 10.59 -9.57
CA ASN C 69 -13.79 10.36 -9.86
C ASN C 69 -14.63 11.55 -9.37
N SER C 70 -14.08 12.36 -8.52
CA SER C 70 -14.84 13.54 -7.99
C SER C 70 -16.28 13.12 -7.67
N SER C 71 -17.18 13.32 -8.59
CA SER C 71 -18.61 12.94 -8.33
C SER C 71 -19.17 13.76 -7.17
N THR C 72 -18.94 13.33 -5.96
CA THR C 72 -19.46 14.08 -4.79
C THR C 72 -18.33 14.85 -4.10
N GLU C 73 -18.62 15.52 -3.02
CA GLU C 73 -17.56 16.28 -2.30
C GLU C 73 -16.27 15.45 -2.23
N ILE C 74 -16.08 14.72 -1.16
CA ILE C 74 -14.85 13.90 -1.04
C ILE C 74 -14.74 13.31 0.37
N PRO C 75 -14.14 12.15 0.44
CA PRO C 75 -13.97 11.47 1.75
C PRO C 75 -12.91 12.17 2.59
N GLU C 76 -12.63 11.66 3.75
CA GLU C 76 -11.60 12.29 4.62
C GLU C 76 -10.83 11.22 5.42
N PHE C 77 -9.55 11.38 5.55
CA PHE C 77 -8.74 10.38 6.32
C PHE C 77 -9.18 10.37 7.79
N PRO C 78 -9.12 9.21 8.37
CA PRO C 78 -9.51 9.04 9.80
C PRO C 78 -8.41 9.59 10.71
N ILE C 79 -8.79 10.27 11.77
CA ILE C 79 -7.78 10.83 12.70
C ILE C 79 -8.20 10.57 14.15
N ALA C 80 -7.28 10.16 14.99
CA ALA C 80 -7.65 9.90 16.41
C ALA C 80 -6.40 9.90 17.29
N PRO C 81 -6.62 9.73 18.57
CA PRO C 81 -5.50 9.70 19.55
C PRO C 81 -4.73 8.39 19.40
N GLU C 82 -3.91 8.29 18.39
CA GLU C 82 -3.13 7.04 18.18
C GLU C 82 -2.41 7.17 16.84
N ILE C 83 -3.03 7.87 15.94
CA ILE C 83 -2.40 8.10 14.62
C ILE C 83 -2.89 9.45 14.08
N ALA C 84 -2.00 10.21 13.52
CA ALA C 84 -2.34 11.56 12.96
C ALA C 84 -1.37 12.60 13.54
N LEU C 85 -0.91 12.37 14.74
CA LEU C 85 0.04 13.33 15.37
C LEU C 85 1.42 13.22 14.73
N GLU C 86 1.92 12.03 14.58
CA GLU C 86 3.27 11.86 13.96
C GLU C 86 3.26 12.32 12.51
N LEU C 87 2.26 11.93 11.76
CA LEU C 87 2.18 12.34 10.33
C LEU C 87 2.10 13.86 10.24
N LEU C 88 1.64 14.52 11.28
CA LEU C 88 1.55 16.01 11.25
C LEU C 88 2.73 16.59 10.47
N MET C 89 3.93 16.41 10.98
CA MET C 89 5.12 16.94 10.26
C MET C 89 5.60 15.93 9.22
N ALA C 90 5.29 14.68 9.39
CA ALA C 90 5.73 13.65 8.41
C ALA C 90 4.91 13.75 7.12
N ALA C 91 3.61 13.82 7.23
CA ALA C 91 2.76 13.92 6.01
C ALA C 91 3.18 15.15 5.20
N ASN C 92 3.31 16.28 5.84
CA ASN C 92 3.71 17.50 5.10
C ASN C 92 5.17 17.42 4.65
N PHE C 93 6.00 16.75 5.41
CA PHE C 93 7.45 16.65 5.04
C PHE C 93 7.64 15.76 3.80
N LEU C 94 7.00 14.63 3.73
CA LEU C 94 7.17 13.73 2.56
C LEU C 94 6.29 14.17 1.39
N ASP C 95 5.62 15.29 1.52
CA ASP C 95 4.73 15.75 0.40
C ASP C 95 4.99 17.24 0.12
N CYS C 96 5.82 17.87 0.90
CA CYS C 96 6.10 19.31 0.67
C CYS C 96 7.57 19.62 0.95
N VAL A 1 -8.79 16.18 -2.66
CA VAL A 1 -7.74 15.54 -1.82
C VAL A 1 -6.67 16.53 -1.43
N ALA A 2 -6.26 16.38 -0.23
CA ALA A 2 -5.22 17.27 0.35
C ALA A 2 -3.99 16.48 0.78
N THR A 3 -2.86 17.12 0.88
CA THR A 3 -1.64 16.40 1.32
C THR A 3 -1.84 15.91 2.75
N LEU A 4 -1.17 14.86 3.14
CA LEU A 4 -1.34 14.36 4.53
C LEU A 4 -1.10 15.50 5.54
N GLN A 5 -0.54 16.59 5.09
CA GLN A 5 -0.28 17.72 6.02
C GLN A 5 -1.60 18.28 6.58
N HIS A 6 -2.63 18.27 5.79
CA HIS A 6 -3.94 18.81 6.28
C HIS A 6 -4.56 17.87 7.32
N LEU A 7 -4.53 16.58 7.06
CA LEU A 7 -5.13 15.62 8.04
C LEU A 7 -4.35 15.66 9.35
N CYS A 8 -3.06 15.56 9.29
CA CYS A 8 -2.24 15.59 10.53
C CYS A 8 -2.42 16.93 11.26
N ARG A 9 -2.57 17.99 10.52
CA ARG A 9 -2.75 19.33 11.18
C ARG A 9 -4.15 19.44 11.77
N LYS A 10 -5.10 18.74 11.21
CA LYS A 10 -6.49 18.81 11.74
C LYS A 10 -6.57 18.17 13.12
N THR A 11 -5.86 17.10 13.33
CA THR A 11 -5.90 16.42 14.66
C THR A 11 -5.40 17.37 15.75
N VAL A 12 -4.24 17.94 15.56
CA VAL A 12 -3.69 18.88 16.58
C VAL A 12 -4.54 20.14 16.65
N ASN A 13 -5.01 20.63 15.54
CA ASN A 13 -5.85 21.87 15.55
C ASN A 13 -7.22 21.56 16.16
N GLY A 14 -7.90 20.56 15.67
CA GLY A 14 -9.23 20.22 16.23
C GLY A 14 -9.26 18.77 16.70
N HIS A 15 -8.44 18.43 17.66
CA HIS A 15 -8.41 17.03 18.15
C HIS A 15 -9.78 16.65 18.74
N MET B 1 -14.76 0.36 -15.57
CA MET B 1 -14.71 -0.57 -14.41
C MET B 1 -13.28 -1.01 -14.13
N ASP B 2 -12.68 -0.52 -13.07
CA ASP B 2 -11.28 -0.91 -12.75
C ASP B 2 -11.19 -1.44 -11.31
N VAL B 3 -10.23 -2.28 -11.03
CA VAL B 3 -10.10 -2.83 -9.66
C VAL B 3 -8.68 -2.58 -9.14
N PHE B 4 -8.52 -2.31 -7.87
CA PHE B 4 -7.16 -2.08 -7.31
C PHE B 4 -6.64 -3.34 -6.63
N LEU B 5 -5.35 -3.49 -6.53
CA LEU B 5 -4.80 -4.70 -5.87
C LEU B 5 -3.54 -4.36 -5.08
N MET B 6 -3.21 -5.17 -4.10
CA MET B 6 -1.99 -4.90 -3.29
C MET B 6 -1.14 -6.18 -3.20
N ILE B 7 0.15 -6.04 -3.19
CA ILE B 7 1.00 -7.26 -3.10
C ILE B 7 1.70 -7.26 -1.74
N ARG B 8 1.72 -8.38 -1.07
CA ARG B 8 2.37 -8.38 0.27
C ARG B 8 3.61 -9.27 0.30
N ARG B 9 4.64 -8.75 0.89
CA ARG B 9 5.92 -9.47 1.01
C ARG B 9 6.62 -9.00 2.28
N HIS B 10 7.40 -9.82 2.92
CA HIS B 10 8.07 -9.35 4.16
C HIS B 10 8.80 -8.07 3.88
N LYS B 11 8.80 -7.21 4.83
CA LYS B 11 9.50 -5.91 4.65
C LYS B 11 9.21 -5.35 3.27
N THR B 12 8.86 -6.20 2.34
CA THR B 12 8.58 -5.68 0.95
C THR B 12 7.08 -5.65 0.64
N THR B 13 6.56 -4.47 0.41
CA THR B 13 5.11 -4.31 0.06
C THR B 13 4.99 -3.39 -1.16
N ILE B 14 4.25 -3.79 -2.16
CA ILE B 14 4.12 -2.92 -3.36
C ILE B 14 2.65 -2.65 -3.68
N PHE B 15 2.30 -1.42 -3.93
CA PHE B 15 0.89 -1.12 -4.29
C PHE B 15 0.74 -1.39 -5.78
N THR B 16 -0.03 -2.38 -6.14
CA THR B 16 -0.17 -2.71 -7.59
C THR B 16 -1.57 -2.34 -8.10
N ASP B 17 -1.65 -1.89 -9.31
CA ASP B 17 -2.98 -1.53 -9.87
C ASP B 17 -3.22 -2.33 -11.16
N ALA B 18 -4.43 -2.74 -11.40
CA ALA B 18 -4.71 -3.53 -12.63
C ALA B 18 -6.20 -3.50 -12.96
N LYS B 19 -6.58 -4.02 -14.10
CA LYS B 19 -8.03 -4.02 -14.47
C LYS B 19 -8.65 -5.37 -14.07
N GLU B 20 -9.88 -5.37 -13.68
CA GLU B 20 -10.55 -6.65 -13.30
C GLU B 20 -10.55 -7.58 -14.51
N SER B 21 -10.39 -7.03 -15.68
CA SER B 21 -10.36 -7.88 -16.90
C SER B 21 -8.92 -8.02 -17.39
N SER B 22 -7.96 -7.63 -16.60
CA SER B 22 -6.55 -7.77 -17.03
C SER B 22 -6.29 -9.22 -17.41
N THR B 23 -5.72 -9.97 -16.51
CA THR B 23 -5.45 -11.42 -16.81
C THR B 23 -4.53 -12.04 -15.77
N VAL B 24 -4.47 -11.48 -14.59
CA VAL B 24 -3.57 -12.05 -13.55
C VAL B 24 -2.11 -11.93 -14.01
N PHE B 25 -1.79 -12.45 -15.17
CA PHE B 25 -0.40 -12.35 -15.66
C PHE B 25 0.05 -10.89 -15.65
N GLU B 26 -0.82 -9.99 -16.04
CA GLU B 26 -0.44 -8.55 -16.03
C GLU B 26 0.01 -8.17 -14.62
N LEU B 27 -0.76 -8.55 -13.62
CA LEU B 27 -0.36 -8.23 -12.22
C LEU B 27 1.01 -8.88 -11.93
N LYS B 28 1.24 -10.01 -12.53
CA LYS B 28 2.54 -10.72 -12.32
C LYS B 28 3.72 -9.83 -12.70
N ARG B 29 3.55 -9.00 -13.70
CA ARG B 29 4.66 -8.10 -14.13
C ARG B 29 5.14 -7.21 -12.98
N ILE B 30 4.23 -6.77 -12.15
CA ILE B 30 4.64 -5.89 -11.01
C ILE B 30 5.68 -6.61 -10.16
N VAL B 31 5.49 -7.88 -9.90
CA VAL B 31 6.47 -8.63 -9.08
C VAL B 31 7.79 -8.75 -9.85
N GLU B 32 7.72 -9.14 -11.10
CA GLU B 32 8.97 -9.27 -11.92
C GLU B 32 9.65 -7.91 -12.03
N GLY B 33 9.00 -6.87 -11.60
CA GLY B 33 9.60 -5.51 -11.68
C GLY B 33 10.25 -5.17 -10.35
N ILE B 34 9.50 -5.27 -9.28
CA ILE B 34 10.07 -4.94 -7.94
C ILE B 34 10.84 -6.15 -7.39
N LEU B 35 10.28 -7.32 -7.47
CA LEU B 35 10.99 -8.52 -6.94
C LEU B 35 11.60 -9.32 -8.10
N LYS B 36 11.25 -8.99 -9.31
CA LYS B 36 11.82 -9.73 -10.47
C LYS B 36 11.49 -11.22 -10.38
N ARG B 37 10.26 -11.56 -10.09
CA ARG B 37 9.90 -13.00 -9.98
C ARG B 37 9.23 -13.49 -11.27
N PRO B 38 9.73 -14.57 -11.78
CA PRO B 38 9.18 -15.15 -13.03
C PRO B 38 7.90 -15.92 -12.74
N PRO B 39 7.04 -16.00 -13.72
CA PRO B 39 5.76 -16.72 -13.57
C PRO B 39 6.00 -18.24 -13.56
N ASP B 40 6.87 -18.71 -12.72
CA ASP B 40 7.16 -20.17 -12.66
C ASP B 40 7.62 -20.57 -11.25
N GLU B 41 8.48 -19.80 -10.67
CA GLU B 41 8.97 -20.13 -9.30
C GLU B 41 8.38 -19.15 -8.27
N GLN B 42 7.13 -18.80 -8.42
CA GLN B 42 6.50 -17.85 -7.47
C GLN B 42 5.00 -18.11 -7.38
N ARG B 43 4.43 -17.97 -6.21
CA ARG B 43 2.97 -18.21 -6.06
C ARG B 43 2.31 -16.99 -5.41
N LEU B 44 1.07 -16.74 -5.73
CA LEU B 44 0.38 -15.57 -5.11
C LEU B 44 -0.84 -16.04 -4.30
N TYR B 45 -1.23 -15.29 -3.31
CA TYR B 45 -2.40 -15.71 -2.50
C TYR B 45 -3.48 -14.63 -2.55
N LYS B 46 -4.70 -15.03 -2.79
CA LYS B 46 -5.81 -14.04 -2.86
C LYS B 46 -6.56 -13.97 -1.52
N ASP B 47 -6.42 -12.88 -0.81
CA ASP B 47 -7.12 -12.75 0.50
C ASP B 47 -6.63 -13.83 1.47
N ASP B 48 -7.04 -15.05 1.27
CA ASP B 48 -6.59 -16.15 2.17
C ASP B 48 -6.43 -17.45 1.38
N GLN B 49 -6.31 -17.35 0.09
CA GLN B 49 -6.14 -18.56 -0.75
C GLN B 49 -4.99 -18.36 -1.74
N LEU B 50 -4.89 -19.22 -2.72
CA LEU B 50 -3.79 -19.09 -3.71
C LEU B 50 -4.32 -18.43 -4.99
N LEU B 51 -3.61 -17.46 -5.51
CA LEU B 51 -4.08 -16.78 -6.75
C LEU B 51 -3.85 -17.68 -7.97
N ASP B 52 -4.82 -17.77 -8.85
CA ASP B 52 -4.64 -18.62 -10.05
C ASP B 52 -4.75 -17.78 -11.33
N ASP B 53 -3.74 -17.86 -12.17
CA ASP B 53 -3.78 -17.06 -13.43
C ASP B 53 -4.78 -17.67 -14.42
N GLY B 54 -5.30 -18.82 -14.11
CA GLY B 54 -6.28 -19.46 -15.03
C GLY B 54 -7.60 -18.71 -14.97
N LYS B 55 -7.71 -17.73 -14.11
CA LYS B 55 -8.94 -16.94 -14.01
C LYS B 55 -8.57 -15.48 -13.85
N THR B 56 -9.35 -14.63 -14.40
CA THR B 56 -9.09 -13.17 -14.30
C THR B 56 -9.69 -12.61 -13.01
N LEU B 57 -9.42 -11.38 -12.72
CA LEU B 57 -9.97 -10.77 -11.47
C LEU B 57 -11.50 -10.98 -11.41
N GLY B 58 -12.17 -10.76 -12.51
CA GLY B 58 -13.65 -10.94 -12.51
C GLY B 58 -13.98 -12.43 -12.46
N GLU B 59 -13.24 -13.24 -13.18
CA GLU B 59 -13.52 -14.71 -13.17
C GLU B 59 -12.88 -15.35 -11.95
N CYS B 60 -12.30 -14.55 -11.10
CA CYS B 60 -11.64 -15.09 -9.87
C CYS B 60 -12.33 -14.52 -8.62
N GLY B 61 -12.87 -13.34 -8.72
CA GLY B 61 -13.56 -12.73 -7.54
C GLY B 61 -12.64 -11.70 -6.89
N PHE B 62 -11.68 -11.20 -7.62
CA PHE B 62 -10.75 -10.19 -7.04
C PHE B 62 -11.48 -8.86 -6.81
N THR B 63 -12.72 -8.78 -7.23
CA THR B 63 -13.49 -7.51 -7.02
C THR B 63 -14.34 -7.62 -5.77
N SER B 64 -15.62 -7.37 -5.91
CA SER B 64 -16.52 -7.45 -4.73
C SER B 64 -16.18 -6.33 -3.74
N GLN B 65 -15.81 -5.19 -4.24
CA GLN B 65 -15.44 -4.05 -3.35
C GLN B 65 -14.08 -4.29 -2.71
N THR B 66 -13.42 -5.35 -3.10
CA THR B 66 -12.08 -5.64 -2.51
C THR B 66 -10.98 -5.07 -3.43
N ALA B 67 -11.32 -4.08 -4.21
CA ALA B 67 -10.31 -3.48 -5.12
C ALA B 67 -10.72 -2.03 -5.43
N ARG B 68 -10.07 -1.08 -4.81
CA ARG B 68 -10.42 0.35 -5.07
C ARG B 68 -9.56 1.27 -4.21
N PRO B 69 -9.76 2.55 -4.36
CA PRO B 69 -8.98 3.54 -3.57
C PRO B 69 -9.38 3.45 -2.09
N GLN B 70 -10.51 2.85 -1.80
CA GLN B 70 -10.94 2.71 -0.39
C GLN B 70 -10.41 1.39 0.16
N ALA B 71 -11.04 0.30 -0.19
CA ALA B 71 -10.55 -1.03 0.27
C ALA B 71 -10.18 -1.87 -0.95
N PRO B 72 -8.90 -1.99 -1.17
CA PRO B 72 -8.38 -2.75 -2.32
C PRO B 72 -8.21 -4.23 -1.97
N ALA B 73 -7.62 -4.98 -2.87
CA ALA B 73 -7.40 -6.43 -2.61
C ALA B 73 -5.90 -6.68 -2.38
N THR B 74 -5.58 -7.62 -1.52
CA THR B 74 -4.14 -7.89 -1.25
C THR B 74 -3.74 -9.28 -1.75
N VAL B 75 -2.59 -9.39 -2.33
CA VAL B 75 -2.12 -10.71 -2.83
C VAL B 75 -0.80 -11.05 -2.12
N GLY B 76 -0.61 -12.29 -1.77
CA GLY B 76 0.64 -12.68 -1.08
C GLY B 76 1.65 -13.14 -2.12
N LEU B 77 2.89 -13.07 -1.77
CA LEU B 77 3.95 -13.48 -2.71
C LEU B 77 4.68 -14.71 -2.15
N ALA B 78 4.63 -15.76 -2.88
CA ALA B 78 5.30 -17.02 -2.44
C ALA B 78 6.27 -17.51 -3.51
N PHE B 79 7.30 -18.22 -3.11
CA PHE B 79 8.29 -18.73 -4.11
C PHE B 79 8.79 -20.11 -3.68
N ARG B 80 8.68 -21.10 -4.52
CA ARG B 80 9.15 -22.46 -4.14
C ARG B 80 10.41 -22.84 -4.94
N ALA B 81 11.41 -23.35 -4.27
CA ALA B 81 12.65 -23.74 -4.98
C ALA B 81 13.02 -25.18 -4.65
N ASP B 82 13.01 -26.05 -5.62
CA ASP B 82 13.35 -27.48 -5.37
C ASP B 82 12.45 -28.05 -4.26
N ASP B 83 12.87 -27.94 -3.03
CA ASP B 83 12.03 -28.48 -1.91
C ASP B 83 12.09 -27.54 -0.71
N THR B 84 12.13 -26.26 -0.95
CA THR B 84 12.20 -25.28 0.18
C THR B 84 11.31 -24.07 -0.12
N PHE B 85 10.95 -23.32 0.89
CA PHE B 85 10.09 -22.12 0.66
C PHE B 85 10.81 -20.86 1.14
N GLU B 86 10.33 -19.71 0.76
CA GLU B 86 10.98 -18.44 1.19
C GLU B 86 9.95 -17.34 1.41
N ALA B 87 8.68 -17.70 1.41
CA ALA B 87 7.62 -16.67 1.62
C ALA B 87 6.32 -17.34 2.05
N LEU B 88 5.20 -16.81 1.65
CA LEU B 88 3.88 -17.39 2.05
C LEU B 88 3.50 -16.84 3.43
N CYS B 89 4.37 -16.06 4.00
CA CYS B 89 4.08 -15.45 5.30
C CYS B 89 4.13 -13.95 5.10
N ILE B 90 3.01 -13.30 5.14
CA ILE B 90 3.02 -11.84 4.91
C ILE B 90 3.19 -11.11 6.22
N GLU B 91 4.34 -10.54 6.43
CA GLU B 91 4.59 -9.78 7.70
C GLU B 91 3.88 -8.43 7.64
N PRO B 92 2.86 -8.29 8.43
CA PRO B 92 2.07 -7.03 8.46
C PRO B 92 2.84 -5.94 9.21
N PHE B 93 2.39 -4.71 9.10
CA PHE B 93 3.08 -3.60 9.81
C PHE B 93 2.04 -2.72 10.51
N SER B 94 2.42 -2.07 11.59
CA SER B 94 1.45 -1.20 12.31
C SER B 94 0.33 -2.05 12.92
N SER B 95 -0.17 -1.67 14.07
CA SER B 95 -1.25 -2.46 14.71
C SER B 95 -2.26 -1.54 15.40
N PRO B 96 -2.69 -0.55 14.67
CA PRO B 96 -3.67 0.42 15.21
C PRO B 96 -5.06 -0.20 15.28
N PRO B 97 -5.98 0.54 15.84
CA PRO B 97 -7.38 0.05 15.97
C PRO B 97 -8.08 0.06 14.60
N GLU B 98 -7.57 0.80 13.67
CA GLU B 98 -8.21 0.85 12.32
C GLU B 98 -7.50 -0.10 11.37
N LEU B 99 -6.24 -0.35 11.58
CA LEU B 99 -5.49 -1.27 10.67
C LEU B 99 -4.81 -2.37 11.49
N PRO B 100 -5.56 -2.96 12.37
CA PRO B 100 -5.04 -4.04 13.24
C PRO B 100 -4.83 -5.32 12.43
N ASP B 101 -4.75 -6.45 13.09
CA ASP B 101 -4.55 -7.73 12.35
C ASP B 101 -5.09 -8.91 13.18
N VAL B 102 -4.71 -10.10 12.85
CA VAL B 102 -5.19 -11.28 13.62
C VAL B 102 -4.50 -11.35 14.98
N MET B 103 -3.32 -11.92 15.02
CA MET B 103 -2.59 -12.02 16.32
C MET B 103 -3.31 -12.98 17.26
N LYS B 104 -4.48 -12.61 17.73
CA LYS B 104 -5.23 -13.51 18.65
C LYS B 104 -6.61 -13.80 18.10
N PRO B 105 -6.81 -15.01 17.67
CA PRO B 105 -8.12 -15.43 17.11
C PRO B 105 -9.16 -15.57 18.23
N GLN B 106 -10.38 -15.19 17.97
CA GLN B 106 -11.43 -15.29 19.02
C GLN B 106 -11.47 -16.72 19.59
N ASP B 107 -10.95 -16.90 20.77
CA ASP B 107 -10.95 -18.26 21.38
C ASP B 107 -11.42 -18.19 22.83
N SER B 108 -12.01 -17.09 23.22
CA SER B 108 -12.50 -16.95 24.62
C SER B 108 -13.97 -16.52 24.64
N GLY B 109 -14.77 -17.15 25.46
CA GLY B 109 -16.21 -16.77 25.52
C GLY B 109 -16.80 -17.21 26.85
N SER B 110 -17.99 -16.77 27.16
CA SER B 110 -18.62 -17.16 28.45
C SER B 110 -20.07 -16.65 28.52
N SER B 111 -20.29 -15.45 28.07
CA SER B 111 -21.69 -14.90 28.10
C SER B 111 -22.51 -15.49 26.96
N ALA B 112 -22.14 -15.21 25.74
CA ALA B 112 -22.91 -15.75 24.58
C ALA B 112 -22.05 -15.72 23.32
N ASN B 113 -20.92 -16.36 23.34
CA ASN B 113 -20.04 -16.36 22.14
C ASN B 113 -18.76 -17.15 22.41
N GLU B 114 -18.88 -18.44 22.63
CA GLU B 114 -17.67 -19.26 22.92
C GLU B 114 -17.27 -20.05 21.66
N GLN B 115 -16.17 -19.69 21.05
CA GLN B 115 -15.72 -20.43 19.83
C GLN B 115 -15.39 -21.88 20.17
N ALA B 116 -14.25 -22.12 20.76
CA ALA B 116 -13.87 -23.52 21.12
C ALA B 116 -12.94 -23.51 22.33
N VAL B 117 -12.09 -24.49 22.44
CA VAL B 117 -11.15 -24.55 23.60
C VAL B 117 -9.70 -24.38 23.12
N GLN B 118 -8.97 -23.48 23.72
CA GLN B 118 -7.55 -23.28 23.30
C GLN B 118 -6.63 -23.25 24.52
N MET C 1 6.20 4.51 -14.12
CA MET C 1 7.39 4.46 -13.23
C MET C 1 6.99 4.07 -11.80
N TYR C 2 7.92 3.60 -11.01
CA TYR C 2 7.58 3.20 -9.62
C TYR C 2 8.63 3.73 -8.64
N VAL C 3 8.25 3.95 -7.42
CA VAL C 3 9.23 4.46 -6.41
C VAL C 3 9.10 3.66 -5.10
N LYS C 4 10.20 3.43 -4.43
CA LYS C 4 10.15 2.66 -3.17
C LYS C 4 10.27 3.60 -1.97
N LEU C 5 9.49 3.37 -0.94
CA LEU C 5 9.56 4.24 0.26
C LEU C 5 9.94 3.41 1.48
N ILE C 6 10.93 3.84 2.22
CA ILE C 6 11.35 3.06 3.42
C ILE C 6 10.98 3.82 4.69
N SER C 7 10.56 3.12 5.70
CA SER C 7 10.19 3.78 6.98
C SER C 7 11.19 3.43 8.08
N SER C 8 11.44 4.33 8.98
CA SER C 8 12.41 4.04 10.08
C SER C 8 12.11 2.67 10.71
N ASP C 9 10.91 2.19 10.58
CA ASP C 9 10.55 0.87 11.16
C ASP C 9 11.29 -0.25 10.41
N GLY C 10 11.57 -0.05 9.16
CA GLY C 10 12.28 -1.10 8.38
C GLY C 10 11.37 -1.63 7.28
N HIS C 11 10.11 -1.28 7.31
CA HIS C 11 9.16 -1.77 6.27
C HIS C 11 9.46 -1.08 4.93
N GLU C 12 9.09 -1.71 3.85
CA GLU C 12 9.36 -1.09 2.51
C GLU C 12 8.07 -1.02 1.71
N PHE C 13 7.90 0.03 0.95
CA PHE C 13 6.66 0.17 0.12
C PHE C 13 7.02 0.81 -1.22
N ILE C 14 6.50 0.30 -2.29
CA ILE C 14 6.82 0.90 -3.62
C ILE C 14 5.54 1.39 -4.30
N VAL C 15 5.50 2.66 -4.64
CA VAL C 15 4.27 3.20 -5.31
C VAL C 15 4.64 3.78 -6.67
N LYS C 16 3.69 3.86 -7.57
CA LYS C 16 3.99 4.43 -8.92
C LYS C 16 4.37 5.90 -8.80
N ARG C 17 5.30 6.36 -9.61
CA ARG C 17 5.71 7.79 -9.54
C ARG C 17 4.48 8.68 -9.34
N GLU C 18 3.38 8.33 -9.93
CA GLU C 18 2.15 9.15 -9.78
C GLU C 18 1.59 8.96 -8.37
N HIS C 19 1.55 7.74 -7.90
CA HIS C 19 1.03 7.49 -6.52
C HIS C 19 1.90 8.23 -5.51
N ALA C 20 3.17 8.35 -5.78
CA ALA C 20 4.07 9.08 -4.85
C ALA C 20 4.10 10.56 -5.22
N LEU C 21 3.71 10.89 -6.42
CA LEU C 21 3.70 12.32 -6.82
C LEU C 21 2.83 13.11 -5.86
N THR C 22 2.05 12.43 -5.06
CA THR C 22 1.18 13.13 -4.07
C THR C 22 2.01 13.73 -2.95
N SER C 23 3.31 13.61 -3.04
CA SER C 23 4.19 14.19 -2.00
C SER C 23 5.23 15.09 -2.67
N GLY C 24 5.13 16.37 -2.48
CA GLY C 24 6.11 17.30 -3.10
C GLY C 24 7.54 16.90 -2.71
N THR C 25 7.71 15.80 -2.04
CA THR C 25 9.08 15.38 -1.65
C THR C 25 9.52 14.16 -2.46
N ILE C 26 8.65 13.20 -2.63
CA ILE C 26 9.03 12.00 -3.43
C ILE C 26 9.28 12.41 -4.88
N LYS C 27 8.38 13.16 -5.46
CA LYS C 27 8.57 13.60 -6.86
C LYS C 27 9.88 14.38 -6.98
N ALA C 28 10.24 15.13 -5.97
CA ALA C 28 11.51 15.91 -6.03
C ALA C 28 12.70 14.97 -6.08
N MET C 29 12.56 13.77 -5.57
CA MET C 29 13.70 12.81 -5.60
C MET C 29 13.86 12.22 -7.00
N LEU C 30 12.79 11.76 -7.60
CA LEU C 30 12.90 11.18 -8.97
C LEU C 30 13.48 12.22 -9.94
N SER C 31 12.71 13.22 -10.27
CA SER C 31 13.22 14.26 -11.22
C SER C 31 12.38 15.53 -11.09
N GLY C 32 11.16 15.50 -11.54
CA GLY C 32 10.29 16.71 -11.45
C GLY C 32 10.09 17.30 -12.84
N PRO C 33 10.14 18.60 -12.91
CA PRO C 33 9.96 19.31 -14.20
C PRO C 33 11.20 19.13 -15.09
N GLY C 34 12.31 18.77 -14.50
CA GLY C 34 13.55 18.58 -15.32
C GLY C 34 14.12 17.18 -15.06
N GLN C 35 14.67 16.57 -16.07
CA GLN C 35 15.24 15.21 -15.88
C GLN C 35 16.77 15.29 -15.74
N PHE C 36 17.33 14.47 -14.87
CA PHE C 36 18.80 14.50 -14.68
C PHE C 36 19.42 13.17 -15.13
N ALA C 37 20.52 13.23 -15.84
CA ALA C 37 21.17 11.97 -16.31
C ALA C 37 21.63 11.13 -15.12
N GLU C 38 20.72 10.53 -14.41
CA GLU C 38 21.10 9.70 -13.24
C GLU C 38 20.79 8.23 -13.51
N ASN C 39 21.72 7.35 -13.21
CA ASN C 39 21.48 5.91 -13.45
C ASN C 39 20.13 5.49 -12.88
N GLU C 40 19.93 5.68 -11.61
CA GLU C 40 18.63 5.29 -10.99
C GLU C 40 18.41 6.05 -9.67
N THR C 41 17.23 6.57 -9.46
CA THR C 41 16.96 7.32 -8.21
C THR C 41 15.45 7.32 -7.90
N ASN C 42 14.75 6.33 -8.36
CA ASN C 42 13.28 6.27 -8.10
C ASN C 42 13.01 5.63 -6.74
N GLU C 43 13.59 6.16 -5.69
CA GLU C 43 13.37 5.58 -4.34
C GLU C 43 13.14 6.69 -3.31
N VAL C 44 12.56 6.36 -2.19
CA VAL C 44 12.30 7.40 -1.15
C VAL C 44 12.84 6.92 0.20
N ASN C 45 13.17 7.83 1.07
CA ASN C 45 13.70 7.43 2.40
C ASN C 45 13.06 8.30 3.49
N PHE C 46 12.29 7.70 4.34
CA PHE C 46 11.65 8.48 5.44
C PHE C 46 12.10 7.96 6.80
N ARG C 47 13.08 8.60 7.40
CA ARG C 47 13.57 8.13 8.73
C ARG C 47 12.78 8.82 9.85
N GLU C 48 11.78 9.58 9.50
CA GLU C 48 10.99 10.29 10.55
C GLU C 48 9.52 9.84 10.47
N ILE C 49 9.25 8.79 9.76
CA ILE C 49 7.84 8.29 9.64
C ILE C 49 7.78 6.80 10.00
N PRO C 50 7.00 6.50 11.00
CA PRO C 50 6.85 5.09 11.45
C PRO C 50 6.00 4.30 10.46
N SER C 51 5.87 3.02 10.67
CA SER C 51 5.06 2.18 9.73
C SER C 51 3.61 2.71 9.69
N HIS C 52 2.98 2.83 10.82
CA HIS C 52 1.58 3.33 10.84
C HIS C 52 1.44 4.51 9.87
N VAL C 53 2.45 5.33 9.80
CA VAL C 53 2.40 6.50 8.88
C VAL C 53 2.74 6.06 7.46
N LEU C 54 3.70 5.17 7.33
CA LEU C 54 4.09 4.69 5.98
C LEU C 54 2.83 4.42 5.15
N SER C 55 1.78 3.95 5.78
CA SER C 55 0.52 3.67 5.03
C SER C 55 -0.42 4.86 5.16
N LYS C 56 -0.30 5.59 6.23
CA LYS C 56 -1.19 6.77 6.42
C LYS C 56 -1.10 7.70 5.21
N VAL C 57 0.00 8.40 5.08
CA VAL C 57 0.16 9.31 3.92
C VAL C 57 0.10 8.51 2.61
N CYS C 58 0.61 7.30 2.62
CA CYS C 58 0.58 6.49 1.37
C CYS C 58 -0.88 6.33 0.92
N MET C 59 -1.78 6.14 1.83
CA MET C 59 -3.21 6.01 1.44
C MET C 59 -3.63 7.30 0.74
N TYR C 60 -3.14 8.42 1.21
CA TYR C 60 -3.49 9.71 0.56
C TYR C 60 -2.78 9.78 -0.80
N PHE C 61 -1.71 9.04 -0.97
CA PHE C 61 -1.01 9.06 -2.28
C PHE C 61 -1.92 8.47 -3.34
N THR C 62 -2.71 7.49 -2.97
CA THR C 62 -3.65 6.88 -3.95
C THR C 62 -5.02 7.55 -3.83
N TYR C 63 -5.38 7.98 -2.66
CA TYR C 63 -6.69 8.66 -2.49
C TYR C 63 -6.69 9.97 -3.28
N LYS C 64 -5.56 10.59 -3.40
CA LYS C 64 -5.48 11.87 -4.16
C LYS C 64 -5.82 11.61 -5.63
N VAL C 65 -5.41 10.49 -6.16
CA VAL C 65 -5.72 10.20 -7.59
C VAL C 65 -7.23 10.23 -7.82
N ARG C 66 -7.99 9.99 -6.78
CA ARG C 66 -9.48 10.00 -6.93
C ARG C 66 -10.01 11.44 -6.94
N TYR C 67 -9.26 12.36 -6.38
CA TYR C 67 -9.73 13.78 -6.36
C TYR C 67 -9.67 14.38 -7.76
N THR C 68 -8.63 14.10 -8.49
CA THR C 68 -8.52 14.65 -9.87
C THR C 68 -9.86 14.49 -10.60
N ASN C 69 -10.67 13.57 -10.16
CA ASN C 69 -11.99 13.36 -10.82
C ASN C 69 -13.11 14.00 -10.00
N SER C 70 -12.82 14.38 -8.78
CA SER C 70 -13.86 15.01 -7.92
C SER C 70 -14.93 13.99 -7.54
N SER C 71 -15.98 14.41 -6.90
CA SER C 71 -17.06 13.46 -6.50
C SER C 71 -16.55 12.52 -5.40
N THR C 72 -17.29 11.48 -5.12
CA THR C 72 -16.85 10.53 -4.06
C THR C 72 -16.47 11.29 -2.79
N GLU C 73 -16.08 10.59 -1.76
CA GLU C 73 -15.69 11.27 -0.49
C GLU C 73 -14.17 11.24 -0.32
N ILE C 74 -13.49 12.25 -0.78
CA ILE C 74 -12.01 12.29 -0.64
C ILE C 74 -11.60 12.60 0.82
N PRO C 75 -12.20 13.62 1.36
CA PRO C 75 -11.90 14.01 2.76
C PRO C 75 -12.52 13.02 3.75
N GLU C 76 -11.77 12.01 4.14
CA GLU C 76 -12.32 11.01 5.09
C GLU C 76 -11.17 10.23 5.74
N PHE C 77 -9.99 10.78 5.76
CA PHE C 77 -8.84 10.06 6.39
C PHE C 77 -9.10 9.85 7.88
N PRO C 78 -8.83 8.65 8.33
CA PRO C 78 -9.04 8.31 9.76
C PRO C 78 -7.97 8.97 10.63
N ILE C 79 -8.37 9.58 11.71
CA ILE C 79 -7.39 10.24 12.62
C ILE C 79 -7.74 9.93 14.08
N ALA C 80 -6.77 9.61 14.89
CA ALA C 80 -7.07 9.29 16.31
C ALA C 80 -5.77 9.19 17.12
N PRO C 81 -5.92 8.86 18.38
CA PRO C 81 -4.75 8.72 19.28
C PRO C 81 -4.00 7.44 18.95
N GLU C 82 -3.31 7.43 17.84
CA GLU C 82 -2.54 6.23 17.42
C GLU C 82 -1.90 6.54 16.08
N ILE C 83 -2.61 7.27 15.28
CA ILE C 83 -2.07 7.68 13.96
C ILE C 83 -2.55 9.10 13.66
N ALA C 84 -1.67 9.90 13.13
CA ALA C 84 -2.00 11.34 12.80
C ALA C 84 -1.03 12.25 13.54
N LEU C 85 -0.57 11.84 14.68
CA LEU C 85 0.38 12.69 15.46
C LEU C 85 1.77 12.69 14.79
N GLU C 86 2.27 11.54 14.46
CA GLU C 86 3.61 11.48 13.80
C GLU C 86 3.57 12.21 12.46
N LEU C 87 2.57 11.96 11.66
CA LEU C 87 2.48 12.64 10.34
C LEU C 87 2.39 14.16 10.54
N LEU C 88 1.93 14.60 11.68
CA LEU C 88 1.83 16.07 11.92
C LEU C 88 3.00 16.79 11.24
N MET C 89 4.20 16.53 11.68
CA MET C 89 5.39 17.16 11.05
C MET C 89 5.85 16.32 9.86
N ALA C 90 5.45 15.08 9.80
CA ALA C 90 5.87 14.20 8.67
C ALA C 90 5.02 14.47 7.44
N ALA C 91 3.74 14.63 7.61
CA ALA C 91 2.86 14.89 6.43
C ALA C 91 3.27 16.21 5.77
N ASN C 92 3.61 17.20 6.56
CA ASN C 92 4.02 18.51 5.99
C ASN C 92 5.38 18.36 5.31
N PHE C 93 6.25 17.55 5.85
CA PHE C 93 7.60 17.35 5.24
C PHE C 93 7.50 16.39 4.05
N LEU C 94 6.45 15.64 3.98
CA LEU C 94 6.30 14.68 2.85
C LEU C 94 5.87 15.41 1.58
N ASP C 95 5.78 16.72 1.64
CA ASP C 95 5.36 17.48 0.44
C ASP C 95 5.89 18.92 0.53
N CYS C 96 6.68 19.33 -0.41
CA CYS C 96 7.22 20.73 -0.38
C CYS C 96 8.05 20.94 0.90
N VAL A 1 -10.02 15.83 -1.55
CA VAL A 1 -8.82 15.23 -0.89
C VAL A 1 -7.75 16.26 -0.64
N ALA A 2 -7.14 16.12 0.47
CA ALA A 2 -6.07 17.06 0.89
C ALA A 2 -4.81 16.30 1.29
N THR A 3 -3.66 16.90 1.19
CA THR A 3 -2.42 16.20 1.60
C THR A 3 -2.62 15.66 3.02
N LEU A 4 -1.90 14.65 3.40
CA LEU A 4 -2.09 14.11 4.77
C LEU A 4 -1.79 15.19 5.81
N GLN A 5 -1.19 16.27 5.38
CA GLN A 5 -0.86 17.36 6.35
C GLN A 5 -2.13 17.94 6.98
N HIS A 6 -3.14 18.20 6.20
CA HIS A 6 -4.40 18.76 6.76
C HIS A 6 -5.08 17.73 7.67
N LEU A 7 -5.17 16.51 7.23
CA LEU A 7 -5.83 15.46 8.06
C LEU A 7 -5.06 15.27 9.37
N CYS A 8 -3.76 15.20 9.31
CA CYS A 8 -2.97 15.01 10.55
C CYS A 8 -3.05 16.26 11.44
N ARG A 9 -3.08 17.42 10.84
CA ARG A 9 -3.16 18.66 11.66
C ARG A 9 -4.42 18.65 12.54
N LYS A 10 -5.47 18.05 12.07
CA LYS A 10 -6.73 17.99 12.87
C LYS A 10 -6.48 17.27 14.20
N THR A 11 -5.70 16.22 14.17
CA THR A 11 -5.42 15.47 15.43
C THR A 11 -4.50 16.29 16.35
N VAL A 12 -3.45 16.85 15.81
CA VAL A 12 -2.52 17.65 16.64
C VAL A 12 -3.28 18.78 17.35
N ASN A 13 -4.21 19.40 16.68
CA ASN A 13 -4.99 20.50 17.32
C ASN A 13 -5.63 20.01 18.62
N GLY A 14 -6.11 18.80 18.64
CA GLY A 14 -6.74 18.27 19.88
C GLY A 14 -5.67 17.67 20.79
N HIS A 15 -4.55 17.31 20.24
CA HIS A 15 -3.46 16.72 21.08
C HIS A 15 -2.50 17.82 21.54
N MET B 1 -13.90 0.58 -14.21
CA MET B 1 -13.13 -0.06 -15.32
C MET B 1 -11.72 -0.40 -14.85
N ASP B 2 -11.41 -0.13 -13.60
CA ASP B 2 -10.05 -0.45 -13.09
C ASP B 2 -10.14 -1.04 -11.68
N VAL B 3 -9.20 -1.86 -11.31
CA VAL B 3 -9.23 -2.46 -9.94
C VAL B 3 -7.90 -2.21 -9.22
N PHE B 4 -7.94 -1.89 -7.97
CA PHE B 4 -6.66 -1.64 -7.22
C PHE B 4 -6.19 -2.91 -6.53
N LEU B 5 -4.98 -3.32 -6.79
CA LEU B 5 -4.45 -4.57 -6.16
C LEU B 5 -3.24 -4.25 -5.28
N MET B 6 -3.00 -5.03 -4.28
CA MET B 6 -1.83 -4.79 -3.39
C MET B 6 -1.10 -6.10 -3.12
N ILE B 7 0.19 -6.14 -3.28
CA ILE B 7 0.94 -7.39 -3.02
C ILE B 7 1.49 -7.35 -1.60
N ARG B 8 1.44 -8.45 -0.89
CA ARG B 8 1.95 -8.41 0.50
C ARG B 8 3.22 -9.25 0.66
N ARG B 9 4.17 -8.70 1.35
CA ARG B 9 5.47 -9.39 1.59
C ARG B 9 6.02 -8.86 2.91
N HIS B 10 6.77 -9.63 3.64
CA HIS B 10 7.28 -9.09 4.92
C HIS B 10 7.98 -7.80 4.68
N LYS B 11 7.86 -6.92 5.60
CA LYS B 11 8.52 -5.60 5.47
C LYS B 11 8.36 -5.09 4.04
N THR B 12 8.14 -5.97 3.09
CA THR B 12 8.00 -5.50 1.67
C THR B 12 6.54 -5.54 1.20
N THR B 13 6.00 -4.40 0.87
CA THR B 13 4.60 -4.32 0.35
C THR B 13 4.57 -3.45 -0.91
N ILE B 14 4.07 -3.97 -2.00
CA ILE B 14 4.05 -3.13 -3.25
C ILE B 14 2.63 -2.79 -3.64
N PHE B 15 2.38 -1.55 -3.96
CA PHE B 15 1.01 -1.18 -4.39
C PHE B 15 0.90 -1.45 -5.88
N THR B 16 0.10 -2.40 -6.27
CA THR B 16 0.00 -2.73 -7.72
C THR B 16 -1.37 -2.31 -8.28
N ASP B 17 -1.40 -1.85 -9.49
CA ASP B 17 -2.70 -1.43 -10.09
C ASP B 17 -2.94 -2.20 -11.40
N ALA B 18 -4.16 -2.54 -11.67
CA ALA B 18 -4.46 -3.29 -12.93
C ALA B 18 -5.94 -3.18 -13.28
N LYS B 19 -6.33 -3.65 -14.43
CA LYS B 19 -7.77 -3.57 -14.83
C LYS B 19 -8.49 -4.84 -14.38
N GLU B 20 -9.74 -4.72 -14.01
CA GLU B 20 -10.50 -5.93 -13.56
C GLU B 20 -10.50 -6.97 -14.69
N SER B 21 -10.39 -6.53 -15.91
CA SER B 21 -10.39 -7.49 -17.05
C SER B 21 -8.98 -7.56 -17.66
N SER B 22 -8.00 -7.07 -16.96
CA SER B 22 -6.61 -7.12 -17.49
C SER B 22 -6.15 -8.57 -17.57
N THR B 23 -5.36 -9.00 -16.63
CA THR B 23 -4.86 -10.41 -16.64
C THR B 23 -3.80 -10.60 -15.55
N VAL B 24 -3.96 -11.58 -14.71
CA VAL B 24 -2.95 -11.81 -13.64
C VAL B 24 -1.56 -11.66 -14.23
N PHE B 25 -1.41 -11.93 -15.50
CA PHE B 25 -0.08 -11.79 -16.15
C PHE B 25 0.41 -10.36 -15.99
N GLU B 26 -0.40 -9.39 -16.32
CA GLU B 26 0.03 -7.97 -16.18
C GLU B 26 0.44 -7.72 -14.73
N LEU B 27 -0.38 -8.14 -13.80
CA LEU B 27 -0.03 -7.95 -12.36
C LEU B 27 1.29 -8.68 -12.07
N LYS B 28 1.51 -9.78 -12.74
CA LYS B 28 2.76 -10.57 -12.54
C LYS B 28 3.99 -9.69 -12.80
N ARG B 29 3.90 -8.80 -13.74
CA ARG B 29 5.06 -7.91 -14.06
C ARG B 29 5.45 -7.09 -12.83
N ILE B 30 4.49 -6.65 -12.07
CA ILE B 30 4.82 -5.84 -10.86
C ILE B 30 5.73 -6.64 -9.93
N VAL B 31 5.50 -7.92 -9.80
CA VAL B 31 6.37 -8.74 -8.91
C VAL B 31 7.75 -8.90 -9.57
N GLU B 32 7.77 -9.23 -10.83
CA GLU B 32 9.07 -9.39 -11.55
C GLU B 32 9.79 -8.05 -11.62
N GLY B 33 9.14 -7.00 -11.18
CA GLY B 33 9.78 -5.66 -11.21
C GLY B 33 10.39 -5.36 -9.85
N ILE B 34 9.62 -5.51 -8.81
CA ILE B 34 10.16 -5.24 -7.45
C ILE B 34 10.90 -6.46 -6.91
N LEU B 35 10.30 -7.62 -7.03
CA LEU B 35 10.98 -8.86 -6.54
C LEU B 35 11.58 -9.64 -7.72
N LYS B 36 11.24 -9.27 -8.91
CA LYS B 36 11.79 -9.99 -10.10
C LYS B 36 11.43 -11.48 -10.02
N ARG B 37 10.18 -11.79 -9.74
CA ARG B 37 9.80 -13.23 -9.66
C ARG B 37 8.88 -13.60 -10.84
N PRO B 38 9.24 -14.67 -11.49
CA PRO B 38 8.45 -15.16 -12.65
C PRO B 38 7.27 -16.00 -12.16
N PRO B 39 6.29 -16.15 -13.01
CA PRO B 39 5.09 -16.95 -12.67
C PRO B 39 5.42 -18.44 -12.68
N ASP B 40 6.43 -18.84 -11.95
CA ASP B 40 6.80 -20.28 -11.92
C ASP B 40 7.19 -20.70 -10.50
N GLU B 41 8.34 -20.28 -10.03
CA GLU B 41 8.76 -20.66 -8.65
C GLU B 41 8.13 -19.72 -7.63
N GLN B 42 7.18 -18.92 -8.05
CA GLN B 42 6.53 -17.99 -7.09
C GLN B 42 5.01 -18.18 -7.12
N ARG B 43 4.37 -18.07 -5.99
CA ARG B 43 2.89 -18.23 -5.95
C ARG B 43 2.25 -17.05 -5.23
N LEU B 44 1.04 -16.71 -5.57
CA LEU B 44 0.38 -15.54 -4.90
C LEU B 44 -0.87 -16.01 -4.15
N TYR B 45 -1.25 -15.31 -3.12
CA TYR B 45 -2.45 -15.70 -2.35
C TYR B 45 -3.44 -14.55 -2.28
N LYS B 46 -4.68 -14.81 -2.56
CA LYS B 46 -5.71 -13.72 -2.52
C LYS B 46 -6.81 -14.08 -1.52
N ASP B 47 -7.16 -13.15 -0.66
CA ASP B 47 -8.23 -13.44 0.34
C ASP B 47 -7.99 -14.79 1.01
N ASP B 48 -6.99 -14.88 1.86
CA ASP B 48 -6.71 -16.17 2.54
C ASP B 48 -6.82 -17.33 1.55
N GLN B 49 -6.29 -17.16 0.37
CA GLN B 49 -6.36 -18.26 -0.64
C GLN B 49 -5.18 -18.16 -1.60
N LEU B 50 -5.17 -18.98 -2.62
CA LEU B 50 -4.04 -18.94 -3.60
C LEU B 50 -4.47 -18.21 -4.88
N LEU B 51 -3.76 -17.20 -5.27
CA LEU B 51 -4.14 -16.45 -6.51
C LEU B 51 -3.72 -17.24 -7.74
N ASP B 52 -4.64 -17.54 -8.61
CA ASP B 52 -4.29 -18.31 -9.84
C ASP B 52 -4.33 -17.40 -11.06
N ASP B 53 -3.26 -17.35 -11.81
CA ASP B 53 -3.23 -16.47 -13.02
C ASP B 53 -4.11 -17.06 -14.12
N GLY B 54 -4.70 -18.20 -13.88
CA GLY B 54 -5.58 -18.82 -14.92
C GLY B 54 -6.94 -18.13 -14.90
N LYS B 55 -7.11 -17.14 -14.06
CA LYS B 55 -8.39 -16.43 -14.01
C LYS B 55 -8.10 -14.95 -13.86
N THR B 56 -8.92 -14.15 -14.45
CA THR B 56 -8.75 -12.68 -14.38
C THR B 56 -9.27 -12.16 -13.05
N LEU B 57 -9.07 -10.89 -12.79
CA LEU B 57 -9.55 -10.31 -11.51
C LEU B 57 -11.04 -10.62 -11.31
N GLY B 58 -11.82 -10.52 -12.35
CA GLY B 58 -13.28 -10.80 -12.23
C GLY B 58 -13.48 -12.31 -12.08
N GLU B 59 -12.72 -13.09 -12.79
CA GLU B 59 -12.87 -14.57 -12.69
C GLU B 59 -12.00 -15.12 -11.57
N CYS B 60 -11.37 -14.25 -10.84
CA CYS B 60 -10.50 -14.69 -9.72
C CYS B 60 -11.04 -14.16 -8.39
N GLY B 61 -11.61 -12.99 -8.40
CA GLY B 61 -12.16 -12.41 -7.14
C GLY B 61 -11.60 -11.01 -6.94
N PHE B 62 -12.09 -10.07 -7.68
CA PHE B 62 -11.60 -8.67 -7.55
C PHE B 62 -12.64 -7.70 -8.13
N THR B 63 -12.82 -7.71 -9.42
CA THR B 63 -13.82 -6.80 -10.05
C THR B 63 -13.53 -5.35 -9.63
N SER B 64 -14.54 -4.63 -9.23
CA SER B 64 -14.32 -3.21 -8.81
C SER B 64 -14.91 -2.99 -7.42
N GLN B 65 -14.97 -4.02 -6.63
CA GLN B 65 -15.53 -3.89 -5.25
C GLN B 65 -14.50 -4.37 -4.23
N THR B 66 -13.59 -5.21 -4.64
CA THR B 66 -12.56 -5.71 -3.69
C THR B 66 -11.20 -5.13 -4.03
N ALA B 67 -11.17 -3.96 -4.63
CA ALA B 67 -9.88 -3.33 -4.99
C ALA B 67 -10.11 -1.88 -5.43
N ARG B 68 -9.70 -0.94 -4.63
CA ARG B 68 -9.91 0.49 -4.99
C ARG B 68 -9.52 1.38 -3.79
N PRO B 69 -9.82 2.65 -3.88
CA PRO B 69 -9.50 3.58 -2.77
C PRO B 69 -10.38 3.27 -1.56
N GLN B 70 -11.49 2.62 -1.78
CA GLN B 70 -12.38 2.26 -0.64
C GLN B 70 -11.98 0.90 -0.08
N ALA B 71 -11.93 -0.10 -0.93
CA ALA B 71 -11.51 -1.45 -0.47
C ALA B 71 -10.48 -2.04 -1.44
N PRO B 72 -9.26 -2.04 -1.01
CA PRO B 72 -8.15 -2.57 -1.85
C PRO B 72 -8.07 -4.09 -1.76
N ALA B 73 -7.35 -4.70 -2.67
CA ALA B 73 -7.20 -6.18 -2.65
C ALA B 73 -5.79 -6.54 -2.21
N THR B 74 -5.63 -7.63 -1.51
CA THR B 74 -4.26 -8.01 -1.04
C THR B 74 -3.83 -9.35 -1.66
N VAL B 75 -2.59 -9.42 -2.06
CA VAL B 75 -2.06 -10.69 -2.64
C VAL B 75 -0.78 -11.07 -1.88
N GLY B 76 -0.59 -12.33 -1.60
CA GLY B 76 0.63 -12.73 -0.86
C GLY B 76 1.71 -13.11 -1.85
N LEU B 77 2.92 -13.03 -1.42
CA LEU B 77 4.07 -13.38 -2.29
C LEU B 77 4.83 -14.56 -1.69
N ALA B 78 4.89 -15.63 -2.41
CA ALA B 78 5.63 -16.84 -1.91
C ALA B 78 6.28 -17.57 -3.08
N PHE B 79 7.56 -17.85 -2.99
CA PHE B 79 8.25 -18.57 -4.10
C PHE B 79 9.19 -19.62 -3.53
N ARG B 80 9.04 -20.86 -3.95
CA ARG B 80 9.94 -21.93 -3.44
C ARG B 80 11.29 -21.90 -4.15
N ALA B 81 12.34 -21.64 -3.44
CA ALA B 81 13.68 -21.59 -4.08
C ALA B 81 14.44 -22.89 -3.83
N ASP B 82 14.55 -23.74 -4.82
CA ASP B 82 15.28 -25.02 -4.63
C ASP B 82 14.64 -25.82 -3.48
N ASP B 83 13.44 -26.27 -3.64
CA ASP B 83 12.77 -27.05 -2.56
C ASP B 83 12.91 -26.31 -1.23
N THR B 84 12.64 -25.04 -1.21
CA THR B 84 12.75 -24.28 0.07
C THR B 84 11.61 -23.27 0.19
N PHE B 85 11.35 -22.80 1.38
CA PHE B 85 10.24 -21.82 1.56
C PHE B 85 10.80 -20.52 2.16
N GLU B 86 10.02 -19.46 2.14
CA GLU B 86 10.52 -18.17 2.70
C GLU B 86 9.37 -17.21 2.95
N ALA B 87 8.35 -17.23 2.11
CA ALA B 87 7.21 -16.31 2.31
C ALA B 87 5.93 -17.09 2.66
N LEU B 88 4.81 -16.63 2.17
CA LEU B 88 3.51 -17.31 2.48
C LEU B 88 3.00 -16.81 3.82
N CYS B 89 3.81 -16.06 4.51
CA CYS B 89 3.39 -15.47 5.79
C CYS B 89 3.49 -13.96 5.65
N ILE B 90 2.39 -13.29 5.61
CA ILE B 90 2.47 -11.83 5.42
C ILE B 90 2.54 -11.13 6.78
N GLU B 91 3.69 -10.61 7.09
CA GLU B 91 3.86 -9.90 8.39
C GLU B 91 3.21 -8.52 8.32
N PRO B 92 2.15 -8.37 9.07
CA PRO B 92 1.41 -7.08 9.09
C PRO B 92 2.22 -6.01 9.82
N PHE B 93 2.74 -5.06 9.10
CA PHE B 93 3.54 -3.97 9.75
C PHE B 93 2.69 -3.26 10.80
N SER B 94 3.23 -2.22 11.39
CA SER B 94 2.44 -1.48 12.43
C SER B 94 1.09 -1.06 11.88
N SER B 95 0.03 -1.69 12.32
CA SER B 95 -1.32 -1.33 11.81
C SER B 95 -2.40 -2.08 12.60
N PRO B 96 -2.36 -1.93 13.90
CA PRO B 96 -3.35 -2.60 14.76
C PRO B 96 -4.75 -1.97 14.65
N PRO B 97 -4.82 -0.68 14.38
CA PRO B 97 -6.13 -0.01 14.24
C PRO B 97 -6.78 -0.38 12.91
N GLU B 98 -7.96 0.12 12.65
CA GLU B 98 -8.63 -0.20 11.35
C GLU B 98 -7.62 -0.13 10.21
N LEU B 99 -7.35 -1.24 9.57
CA LEU B 99 -6.37 -1.23 8.44
C LEU B 99 -6.03 -2.65 8.01
N PRO B 100 -5.64 -3.45 8.97
CA PRO B 100 -5.28 -4.86 8.68
C PRO B 100 -6.53 -5.69 8.34
N ASP B 101 -6.38 -6.97 8.18
CA ASP B 101 -7.56 -7.82 7.85
C ASP B 101 -8.19 -8.38 9.13
N VAL B 102 -8.62 -7.52 10.01
CA VAL B 102 -9.24 -8.00 11.28
C VAL B 102 -8.28 -8.95 12.01
N MET B 103 -7.70 -8.50 13.09
CA MET B 103 -6.75 -9.38 13.84
C MET B 103 -7.01 -9.25 15.34
N LYS B 104 -6.86 -10.33 16.07
CA LYS B 104 -7.08 -10.27 17.54
C LYS B 104 -5.76 -10.51 18.29
N PRO B 105 -4.91 -9.52 18.23
CA PRO B 105 -3.59 -9.61 18.91
C PRO B 105 -3.77 -9.50 20.43
N GLN B 106 -3.04 -10.28 21.17
CA GLN B 106 -3.16 -10.22 22.66
C GLN B 106 -2.31 -9.07 23.21
N ASP B 107 -2.39 -8.82 24.49
CA ASP B 107 -1.59 -7.72 25.08
C ASP B 107 -0.85 -8.20 26.33
N SER B 108 -1.54 -8.35 27.43
CA SER B 108 -0.87 -8.84 28.67
C SER B 108 -1.43 -10.20 29.08
N GLY B 109 -2.02 -10.90 28.16
CA GLY B 109 -2.58 -12.25 28.50
C GLY B 109 -1.77 -13.33 27.79
N SER B 110 -1.38 -14.35 28.50
CA SER B 110 -0.59 -15.45 27.87
C SER B 110 -1.29 -16.79 28.06
N SER B 111 -2.34 -16.82 28.83
CA SER B 111 -3.08 -18.09 29.07
C SER B 111 -2.13 -19.14 29.67
N ALA B 112 -2.67 -20.11 30.37
CA ALA B 112 -1.80 -21.15 30.97
C ALA B 112 -1.30 -22.13 29.90
N ASN B 113 -0.34 -21.72 29.11
CA ASN B 113 0.18 -22.62 28.06
C ASN B 113 1.71 -22.49 27.96
N GLU B 114 2.32 -21.88 28.93
CA GLU B 114 3.80 -21.73 28.90
C GLU B 114 4.45 -22.64 29.95
N GLN B 115 5.74 -22.54 30.12
CA GLN B 115 6.43 -23.39 31.12
C GLN B 115 5.97 -24.84 30.99
N ALA B 116 6.33 -25.49 29.92
CA ALA B 116 5.91 -26.91 29.72
C ALA B 116 6.31 -27.75 30.95
N VAL B 117 5.92 -29.00 30.97
CA VAL B 117 6.28 -29.86 32.12
C VAL B 117 7.48 -30.75 31.79
N GLN B 118 8.46 -30.80 32.64
CA GLN B 118 9.66 -31.65 32.35
C GLN B 118 10.29 -31.24 31.02
N MET C 1 6.03 4.44 -14.33
CA MET C 1 7.14 4.22 -13.37
C MET C 1 6.61 4.04 -11.95
N TYR C 2 7.38 3.46 -11.09
CA TYR C 2 6.91 3.26 -9.68
C TYR C 2 8.05 3.58 -8.69
N VAL C 3 7.72 3.84 -7.46
CA VAL C 3 8.79 4.17 -6.47
C VAL C 3 8.59 3.40 -5.16
N LYS C 4 9.68 3.09 -4.50
CA LYS C 4 9.57 2.34 -3.21
C LYS C 4 9.80 3.29 -2.04
N LEU C 5 9.03 3.16 -1.00
CA LEU C 5 9.20 4.05 0.19
C LEU C 5 9.72 3.24 1.38
N ILE C 6 10.80 3.66 1.98
CA ILE C 6 11.36 2.91 3.13
C ILE C 6 11.15 3.70 4.42
N SER C 7 10.86 3.02 5.49
CA SER C 7 10.66 3.72 6.79
C SER C 7 11.87 3.50 7.70
N SER C 8 12.16 4.44 8.56
CA SER C 8 13.33 4.29 9.47
C SER C 8 13.26 2.95 10.21
N ASP C 9 12.10 2.38 10.30
CA ASP C 9 11.95 1.07 11.00
C ASP C 9 12.50 -0.07 10.13
N GLY C 10 12.35 0.03 8.85
CA GLY C 10 12.86 -1.04 7.95
C GLY C 10 11.74 -1.51 7.02
N HIS C 11 10.52 -1.11 7.28
CA HIS C 11 9.39 -1.53 6.41
C HIS C 11 9.56 -0.96 5.01
N GLU C 12 8.94 -1.56 4.02
CA GLU C 12 9.08 -1.04 2.63
C GLU C 12 7.70 -0.95 1.96
N PHE C 13 7.50 0.07 1.18
CA PHE C 13 6.19 0.22 0.47
C PHE C 13 6.45 0.80 -0.92
N ILE C 14 5.80 0.30 -1.93
CA ILE C 14 6.05 0.83 -3.29
C ILE C 14 4.78 1.50 -3.86
N VAL C 15 4.92 2.70 -4.33
CA VAL C 15 3.75 3.42 -4.91
C VAL C 15 4.10 3.91 -6.33
N LYS C 16 3.20 3.76 -7.25
CA LYS C 16 3.48 4.22 -8.65
C LYS C 16 3.94 5.68 -8.64
N ARG C 17 4.75 6.05 -9.60
CA ARG C 17 5.23 7.46 -9.66
C ARG C 17 4.07 8.42 -9.34
N GLU C 18 3.04 8.39 -10.14
CA GLU C 18 1.88 9.29 -9.88
C GLU C 18 1.36 9.05 -8.46
N HIS C 19 1.20 7.82 -8.08
CA HIS C 19 0.72 7.52 -6.71
C HIS C 19 1.62 8.24 -5.70
N ALA C 20 2.90 8.25 -5.94
CA ALA C 20 3.82 8.94 -5.00
C ALA C 20 3.91 10.42 -5.37
N LEU C 21 3.52 10.77 -6.56
CA LEU C 21 3.56 12.20 -6.96
C LEU C 21 2.58 13.01 -6.11
N THR C 22 1.76 12.36 -5.34
CA THR C 22 0.78 13.10 -4.49
C THR C 22 1.49 13.66 -3.26
N SER C 23 2.77 13.47 -3.17
CA SER C 23 3.53 14.02 -2.00
C SER C 23 4.10 15.39 -2.33
N GLY C 24 4.48 15.60 -3.56
CA GLY C 24 5.04 16.93 -3.95
C GLY C 24 6.54 16.95 -3.64
N THR C 25 6.99 16.10 -2.76
CA THR C 25 8.44 16.07 -2.42
C THR C 25 9.07 14.76 -2.92
N ILE C 26 8.30 13.71 -3.02
CA ILE C 26 8.85 12.42 -3.50
C ILE C 26 9.23 12.53 -4.98
N LYS C 27 8.40 13.17 -5.77
CA LYS C 27 8.72 13.32 -7.22
C LYS C 27 9.96 14.21 -7.39
N ALA C 28 10.12 15.19 -6.56
CA ALA C 28 11.29 16.10 -6.67
C ALA C 28 12.51 15.48 -5.98
N MET C 29 12.30 14.53 -5.12
CA MET C 29 13.44 13.89 -4.41
C MET C 29 13.66 12.47 -4.95
N LEU C 30 12.77 12.00 -5.78
CA LEU C 30 12.93 10.62 -6.34
C LEU C 30 14.27 10.51 -7.10
N SER C 31 14.84 11.63 -7.46
CA SER C 31 16.14 11.59 -8.19
C SER C 31 16.68 13.01 -8.38
N GLY C 32 15.95 13.85 -9.06
CA GLY C 32 16.42 15.25 -9.28
C GLY C 32 16.05 15.69 -10.69
N PRO C 33 16.67 16.76 -11.13
CA PRO C 33 16.41 17.30 -12.48
C PRO C 33 17.05 16.40 -13.55
N GLY C 34 16.30 15.45 -14.06
CA GLY C 34 16.85 14.55 -15.10
C GLY C 34 15.76 14.17 -16.09
N GLN C 35 16.09 14.08 -17.35
CA GLN C 35 15.07 13.72 -18.37
C GLN C 35 14.60 12.27 -18.17
N PHE C 36 13.35 12.00 -18.43
CA PHE C 36 12.84 10.60 -18.25
C PHE C 36 12.74 9.90 -19.61
N ALA C 37 13.28 8.72 -19.71
CA ALA C 37 13.20 7.97 -21.01
C ALA C 37 13.84 6.59 -20.86
N GLU C 38 14.90 6.50 -20.12
CA GLU C 38 15.58 5.18 -19.94
C GLU C 38 15.10 4.51 -18.64
N ASN C 39 15.93 3.73 -18.02
CA ASN C 39 15.51 3.05 -16.76
C ASN C 39 16.26 3.65 -15.57
N GLU C 40 15.88 4.82 -15.14
CA GLU C 40 16.56 5.46 -13.98
C GLU C 40 16.10 4.82 -12.67
N THR C 41 16.54 5.34 -11.55
CA THR C 41 16.12 4.76 -10.24
C THR C 41 14.89 5.49 -9.71
N ASN C 42 14.14 4.86 -8.86
CA ASN C 42 12.92 5.54 -8.30
C ASN C 42 12.60 4.98 -6.91
N GLU C 43 13.19 5.54 -5.89
CA GLU C 43 12.91 5.04 -4.51
C GLU C 43 12.82 6.20 -3.53
N VAL C 44 12.17 6.00 -2.42
CA VAL C 44 12.03 7.08 -1.41
C VAL C 44 12.64 6.64 -0.08
N ASN C 45 13.06 7.56 0.73
CA ASN C 45 13.67 7.20 2.03
C ASN C 45 13.10 8.08 3.14
N PHE C 46 12.39 7.49 4.04
CA PHE C 46 11.79 8.28 5.16
C PHE C 46 12.49 7.97 6.48
N ARG C 47 13.35 8.84 6.94
CA ARG C 47 14.06 8.59 8.22
C ARG C 47 13.24 9.14 9.39
N GLU C 48 12.37 10.06 9.13
CA GLU C 48 11.54 10.64 10.23
C GLU C 48 10.09 10.16 10.10
N ILE C 49 9.89 9.03 9.49
CA ILE C 49 8.50 8.50 9.32
C ILE C 49 8.52 6.97 9.48
N PRO C 50 7.80 6.51 10.46
CA PRO C 50 7.72 5.05 10.73
C PRO C 50 6.88 4.34 9.66
N SER C 51 6.75 3.05 9.75
CA SER C 51 5.96 2.29 8.74
C SER C 51 4.49 2.72 8.78
N HIS C 52 3.88 2.66 9.92
CA HIS C 52 2.45 3.06 10.02
C HIS C 52 2.22 4.39 9.30
N VAL C 53 3.24 5.21 9.22
CA VAL C 53 3.09 6.53 8.55
C VAL C 53 3.23 6.41 7.02
N LEU C 54 4.23 5.68 6.56
CA LEU C 54 4.40 5.56 5.09
C LEU C 54 3.20 4.87 4.45
N SER C 55 2.35 4.28 5.26
CA SER C 55 1.15 3.59 4.70
C SER C 55 -0.06 4.50 4.86
N LYS C 56 -0.07 5.29 5.91
CA LYS C 56 -1.22 6.22 6.12
C LYS C 56 -1.28 7.24 4.98
N VAL C 57 -0.27 8.07 4.88
CA VAL C 57 -0.25 9.08 3.79
C VAL C 57 -0.26 8.37 2.43
N CYS C 58 0.37 7.24 2.33
CA CYS C 58 0.38 6.54 1.02
C CYS C 58 -1.06 6.29 0.57
N MET C 59 -1.94 6.00 1.50
CA MET C 59 -3.35 5.80 1.11
C MET C 59 -3.86 7.09 0.48
N TYR C 60 -3.38 8.21 0.96
CA TYR C 60 -3.79 9.51 0.36
C TYR C 60 -3.11 9.65 -1.00
N PHE C 61 -2.02 8.96 -1.22
CA PHE C 61 -1.34 9.06 -2.54
C PHE C 61 -2.28 8.50 -3.61
N THR C 62 -3.04 7.50 -3.25
CA THR C 62 -4.01 6.92 -4.21
C THR C 62 -5.37 7.57 -4.01
N TYR C 63 -5.69 7.92 -2.79
CA TYR C 63 -7.00 8.59 -2.54
C TYR C 63 -7.06 9.87 -3.38
N LYS C 64 -5.94 10.49 -3.61
CA LYS C 64 -5.94 11.73 -4.43
C LYS C 64 -6.60 11.45 -5.79
N VAL C 65 -6.36 10.29 -6.34
CA VAL C 65 -7.00 9.96 -7.64
C VAL C 65 -8.52 10.09 -7.52
N ARG C 66 -9.05 9.77 -6.37
CA ARG C 66 -10.52 9.88 -6.18
C ARG C 66 -10.93 11.34 -6.28
N TYR C 67 -10.01 12.25 -6.08
CA TYR C 67 -10.33 13.70 -6.17
C TYR C 67 -10.99 13.99 -7.52
N THR C 68 -10.56 13.33 -8.56
CA THR C 68 -11.17 13.56 -9.90
C THR C 68 -12.62 13.06 -9.91
N ASN C 69 -13.05 12.47 -8.83
CA ASN C 69 -14.46 11.95 -8.77
C ASN C 69 -15.04 12.14 -7.37
N SER C 70 -14.59 13.15 -6.67
CA SER C 70 -15.12 13.39 -5.29
C SER C 70 -16.64 13.18 -5.26
N SER C 71 -17.10 12.20 -4.55
CA SER C 71 -18.57 11.94 -4.47
C SER C 71 -19.04 12.01 -3.03
N THR C 72 -18.17 11.76 -2.09
CA THR C 72 -18.58 11.80 -0.65
C THR C 72 -17.33 11.86 0.25
N GLU C 73 -16.80 13.02 0.48
CA GLU C 73 -15.59 13.12 1.34
C GLU C 73 -14.42 12.35 0.72
N ILE C 74 -13.54 13.03 0.05
CA ILE C 74 -12.38 12.32 -0.58
C ILE C 74 -11.32 11.97 0.48
N PRO C 75 -11.04 12.92 1.34
CA PRO C 75 -10.03 12.71 2.40
C PRO C 75 -10.60 11.83 3.52
N GLU C 76 -11.17 12.43 4.52
CA GLU C 76 -11.75 11.63 5.64
C GLU C 76 -10.71 10.62 6.15
N PHE C 77 -9.47 11.02 6.23
CA PHE C 77 -8.42 10.08 6.71
C PHE C 77 -8.63 9.75 8.19
N PRO C 78 -8.57 8.49 8.50
CA PRO C 78 -8.75 8.02 9.89
C PRO C 78 -7.50 8.32 10.72
N ILE C 79 -7.67 8.88 11.89
CA ILE C 79 -6.50 9.19 12.74
C ILE C 79 -6.80 8.83 14.21
N ALA C 80 -5.87 8.21 14.88
CA ALA C 80 -6.11 7.83 16.30
C ALA C 80 -4.80 7.86 17.09
N PRO C 81 -4.91 7.54 18.35
CA PRO C 81 -3.71 7.52 19.24
C PRO C 81 -2.83 6.31 18.89
N GLU C 82 -2.13 6.38 17.80
CA GLU C 82 -1.26 5.26 17.38
C GLU C 82 -0.68 5.60 16.02
N ILE C 83 -1.46 6.29 15.24
CA ILE C 83 -0.98 6.73 13.90
C ILE C 83 -1.54 8.12 13.63
N ALA C 84 -0.72 8.98 13.09
CA ALA C 84 -1.13 10.39 12.76
C ALA C 84 -0.16 11.35 13.42
N LEU C 85 0.28 11.04 14.60
CA LEU C 85 1.26 11.93 15.30
C LEU C 85 2.51 12.12 14.44
N GLU C 86 3.05 11.04 13.95
CA GLU C 86 4.27 11.14 13.09
C GLU C 86 3.95 11.93 11.82
N LEU C 87 2.75 11.78 11.32
CA LEU C 87 2.37 12.53 10.08
C LEU C 87 2.49 14.03 10.31
N LEU C 88 2.40 14.48 11.53
CA LEU C 88 2.51 15.93 11.79
C LEU C 88 3.61 16.54 10.91
N MET C 89 4.81 16.03 11.02
CA MET C 89 5.92 16.56 10.17
C MET C 89 5.94 15.85 8.82
N ALA C 90 5.57 14.60 8.79
CA ALA C 90 5.57 13.85 7.50
C ALA C 90 4.43 14.35 6.60
N ALA C 91 3.25 14.44 7.14
CA ALA C 91 2.09 14.91 6.33
C ALA C 91 2.42 16.30 5.76
N ASN C 92 2.85 17.20 6.60
CA ASN C 92 3.19 18.57 6.11
C ASN C 92 4.46 18.52 5.26
N PHE C 93 5.36 17.62 5.57
CA PHE C 93 6.63 17.52 4.79
C PHE C 93 6.32 17.08 3.36
N LEU C 94 5.42 16.15 3.20
CA LEU C 94 5.08 15.67 1.81
C LEU C 94 4.32 16.76 1.05
N ASP C 95 4.89 17.92 0.94
CA ASP C 95 4.20 19.03 0.21
C ASP C 95 2.69 18.98 0.45
N CYS C 96 1.91 19.28 -0.55
CA CYS C 96 0.43 19.25 -0.38
C CYS C 96 -0.20 18.33 -1.43
N VAL A 1 -9.03 16.27 -2.95
CA VAL A 1 -8.07 15.54 -2.08
C VAL A 1 -6.88 16.40 -1.75
N ALA A 2 -6.47 16.26 -0.55
CA ALA A 2 -5.32 17.03 -0.02
C ALA A 2 -4.19 16.10 0.40
N THR A 3 -3.00 16.61 0.49
CA THR A 3 -1.86 15.77 0.92
C THR A 3 -1.91 15.59 2.43
N LEU A 4 -1.19 14.65 2.97
CA LEU A 4 -1.22 14.44 4.45
C LEU A 4 -0.86 15.76 5.16
N GLN A 5 -0.32 16.70 4.45
CA GLN A 5 0.06 18.00 5.10
C GLN A 5 -1.18 18.74 5.60
N HIS A 6 -2.20 18.83 4.78
CA HIS A 6 -3.44 19.56 5.21
C HIS A 6 -4.26 18.70 6.18
N LEU A 7 -4.40 17.43 5.89
CA LEU A 7 -5.20 16.56 6.78
C LEU A 7 -4.62 16.53 8.20
N CYS A 8 -3.34 16.31 8.31
CA CYS A 8 -2.72 16.28 9.68
C CYS A 8 -2.79 17.66 10.34
N ARG A 9 -2.41 18.69 9.64
CA ARG A 9 -2.46 20.05 10.24
C ARG A 9 -3.89 20.40 10.65
N LYS A 10 -4.87 19.81 10.01
CA LYS A 10 -6.29 20.12 10.38
C LYS A 10 -6.56 19.73 11.83
N THR A 11 -6.04 18.61 12.26
CA THR A 11 -6.27 18.18 13.67
C THR A 11 -5.47 19.07 14.64
N VAL A 12 -4.20 19.19 14.42
CA VAL A 12 -3.36 20.04 15.33
C VAL A 12 -3.90 21.48 15.35
N ASN A 13 -4.32 21.97 14.22
CA ASN A 13 -4.86 23.37 14.18
C ASN A 13 -6.17 23.46 14.96
N GLY A 14 -6.99 22.45 14.87
CA GLY A 14 -8.29 22.48 15.59
C GLY A 14 -8.17 21.66 16.88
N HIS A 15 -7.17 21.92 17.67
CA HIS A 15 -7.00 21.15 18.94
C HIS A 15 -7.14 22.09 20.15
N MET B 1 -15.06 -0.57 -15.01
CA MET B 1 -14.51 -1.95 -14.84
C MET B 1 -13.09 -1.90 -14.28
N ASP B 2 -12.90 -1.21 -13.19
CA ASP B 2 -11.53 -1.12 -12.59
C ASP B 2 -11.52 -1.77 -11.21
N VAL B 3 -10.44 -2.42 -10.85
CA VAL B 3 -10.37 -3.06 -9.51
C VAL B 3 -9.04 -2.75 -8.83
N PHE B 4 -9.03 -2.60 -7.53
CA PHE B 4 -7.75 -2.30 -6.83
C PHE B 4 -7.09 -3.60 -6.34
N LEU B 5 -5.80 -3.64 -6.27
CA LEU B 5 -5.12 -4.87 -5.81
C LEU B 5 -3.87 -4.53 -4.99
N MET B 6 -3.57 -5.32 -4.00
CA MET B 6 -2.37 -5.04 -3.16
C MET B 6 -1.50 -6.30 -3.12
N ILE B 7 -0.21 -6.15 -3.20
CA ILE B 7 0.67 -7.35 -3.16
C ILE B 7 1.36 -7.42 -1.81
N ARG B 8 1.45 -8.57 -1.22
CA ARG B 8 2.09 -8.65 0.12
C ARG B 8 3.38 -9.47 0.08
N ARG B 9 4.37 -8.95 0.73
CA ARG B 9 5.70 -9.60 0.81
C ARG B 9 6.35 -9.18 2.14
N HIS B 10 7.17 -9.99 2.72
CA HIS B 10 7.78 -9.56 4.01
C HIS B 10 8.41 -8.21 3.85
N LYS B 11 8.34 -7.44 4.85
CA LYS B 11 8.94 -6.08 4.81
C LYS B 11 8.65 -5.44 3.45
N THR B 12 8.38 -6.23 2.44
CA THR B 12 8.11 -5.64 1.09
C THR B 12 6.62 -5.67 0.73
N THR B 13 6.04 -4.51 0.57
CA THR B 13 4.59 -4.42 0.17
C THR B 13 4.46 -3.45 -1.00
N ILE B 14 3.78 -3.83 -2.05
CA ILE B 14 3.64 -2.90 -3.21
C ILE B 14 2.18 -2.59 -3.49
N PHE B 15 1.86 -1.34 -3.68
CA PHE B 15 0.45 -1.00 -4.01
C PHE B 15 0.30 -1.16 -5.52
N THR B 16 -0.48 -2.11 -5.94
CA THR B 16 -0.63 -2.34 -7.40
C THR B 16 -2.06 -2.05 -7.87
N ASP B 17 -2.20 -1.51 -9.04
CA ASP B 17 -3.58 -1.21 -9.56
C ASP B 17 -3.80 -1.94 -10.90
N ALA B 18 -4.98 -2.41 -11.13
CA ALA B 18 -5.25 -3.13 -12.42
C ALA B 18 -6.75 -3.17 -12.70
N LYS B 19 -7.13 -3.62 -13.87
CA LYS B 19 -8.59 -3.69 -14.19
C LYS B 19 -9.12 -5.08 -13.87
N GLU B 20 -10.35 -5.18 -13.44
CA GLU B 20 -10.93 -6.51 -13.12
C GLU B 20 -10.87 -7.40 -14.35
N SER B 21 -10.82 -6.81 -15.52
CA SER B 21 -10.76 -7.61 -16.77
C SER B 21 -9.32 -7.68 -17.27
N SER B 22 -8.38 -7.21 -16.48
CA SER B 22 -6.96 -7.26 -16.93
C SER B 22 -6.54 -8.71 -17.15
N THR B 23 -5.88 -9.28 -16.19
CA THR B 23 -5.45 -10.71 -16.33
C THR B 23 -4.42 -11.05 -15.26
N VAL B 24 -4.67 -12.07 -14.48
CA VAL B 24 -3.69 -12.45 -13.42
C VAL B 24 -2.26 -12.33 -13.98
N PHE B 25 -2.10 -12.52 -15.25
CA PHE B 25 -0.75 -12.41 -15.86
C PHE B 25 -0.26 -10.97 -15.77
N GLU B 26 -1.13 -10.02 -16.02
CA GLU B 26 -0.72 -8.59 -15.94
C GLU B 26 -0.17 -8.30 -14.54
N LEU B 27 -0.87 -8.72 -13.52
CA LEU B 27 -0.40 -8.47 -12.13
C LEU B 27 0.99 -9.10 -11.96
N LYS B 28 1.25 -10.19 -12.62
CA LYS B 28 2.58 -10.85 -12.51
C LYS B 28 3.69 -9.86 -12.90
N ARG B 29 3.43 -9.03 -13.86
CA ARG B 29 4.47 -8.05 -14.31
C ARG B 29 4.87 -7.13 -13.15
N ILE B 30 3.93 -6.77 -12.32
CA ILE B 30 4.26 -5.89 -11.17
C ILE B 30 5.34 -6.53 -10.30
N VAL B 31 5.24 -7.81 -10.06
CA VAL B 31 6.27 -8.48 -9.22
C VAL B 31 7.61 -8.49 -9.97
N GLU B 32 7.60 -8.88 -11.21
CA GLU B 32 8.86 -8.89 -12.01
C GLU B 32 9.41 -7.48 -12.13
N GLY B 33 8.64 -6.49 -11.74
CA GLY B 33 9.12 -5.09 -11.82
C GLY B 33 9.62 -4.65 -10.44
N ILE B 34 8.80 -4.79 -9.42
CA ILE B 34 9.23 -4.38 -8.07
C ILE B 34 10.10 -5.47 -7.43
N LEU B 35 9.69 -6.70 -7.54
CA LEU B 35 10.50 -7.81 -6.95
C LEU B 35 11.29 -8.53 -8.03
N LYS B 36 10.99 -8.26 -9.28
CA LYS B 36 11.73 -8.93 -10.38
C LYS B 36 11.60 -10.45 -10.26
N ARG B 37 10.41 -10.95 -10.05
CA ARG B 37 10.26 -12.43 -9.93
C ARG B 37 9.89 -13.04 -11.28
N PRO B 38 10.63 -14.05 -11.66
CA PRO B 38 10.40 -14.74 -12.95
C PRO B 38 9.31 -15.81 -12.80
N PRO B 39 8.73 -16.17 -13.91
CA PRO B 39 7.66 -17.19 -13.92
C PRO B 39 8.27 -18.60 -13.76
N ASP B 40 7.44 -19.60 -13.66
CA ASP B 40 7.95 -20.99 -13.50
C ASP B 40 8.56 -21.20 -12.10
N GLU B 41 8.60 -20.16 -11.31
CA GLU B 41 9.17 -20.29 -9.94
C GLU B 41 8.49 -19.29 -9.00
N GLN B 42 7.37 -18.75 -9.40
CA GLN B 42 6.65 -17.77 -8.55
C GLN B 42 5.20 -18.23 -8.34
N ARG B 43 4.58 -17.77 -7.28
CA ARG B 43 3.17 -18.18 -7.02
C ARG B 43 2.43 -17.08 -6.27
N LEU B 44 1.15 -16.97 -6.46
CA LEU B 44 0.37 -15.91 -5.75
C LEU B 44 -0.67 -16.55 -4.83
N TYR B 45 -1.00 -15.91 -3.75
CA TYR B 45 -2.01 -16.49 -2.83
C TYR B 45 -3.01 -15.42 -2.38
N LYS B 46 -4.27 -15.72 -2.43
CA LYS B 46 -5.29 -14.72 -2.02
C LYS B 46 -5.92 -15.12 -0.68
N ASP B 47 -5.81 -14.28 0.31
CA ASP B 47 -6.40 -14.60 1.64
C ASP B 47 -6.11 -16.06 2.01
N ASP B 48 -4.99 -16.32 2.63
CA ASP B 48 -4.66 -17.71 3.03
C ASP B 48 -5.06 -18.69 1.92
N GLN B 49 -4.97 -18.28 0.69
CA GLN B 49 -5.34 -19.19 -0.44
C GLN B 49 -4.36 -19.02 -1.60
N LEU B 50 -4.44 -19.86 -2.59
CA LEU B 50 -3.53 -19.75 -3.75
C LEU B 50 -4.23 -19.07 -4.92
N LEU B 51 -3.63 -18.05 -5.48
CA LEU B 51 -4.28 -17.34 -6.62
C LEU B 51 -4.14 -18.17 -7.89
N ASP B 52 -5.17 -18.21 -8.71
CA ASP B 52 -5.09 -19.01 -9.96
C ASP B 52 -5.06 -18.08 -11.18
N ASP B 53 -3.98 -18.08 -11.92
CA ASP B 53 -3.89 -17.20 -13.11
C ASP B 53 -4.79 -17.73 -14.24
N GLY B 54 -5.47 -18.81 -14.01
CA GLY B 54 -6.35 -19.38 -15.06
C GLY B 54 -7.69 -18.64 -15.05
N LYS B 55 -7.85 -17.69 -14.18
CA LYS B 55 -9.10 -16.91 -14.13
C LYS B 55 -8.76 -15.44 -13.90
N THR B 56 -9.52 -14.60 -14.48
CA THR B 56 -9.30 -13.15 -14.34
C THR B 56 -9.85 -12.66 -13.00
N LEU B 57 -9.61 -11.43 -12.66
CA LEU B 57 -10.09 -10.90 -11.36
C LEU B 57 -11.60 -11.16 -11.22
N GLY B 58 -12.35 -10.90 -12.25
CA GLY B 58 -13.83 -11.15 -12.18
C GLY B 58 -14.07 -12.65 -12.15
N GLU B 59 -13.32 -13.42 -12.90
CA GLU B 59 -13.51 -14.90 -12.90
C GLU B 59 -12.81 -15.51 -11.69
N CYS B 60 -12.27 -14.68 -10.84
CA CYS B 60 -11.57 -15.19 -9.63
C CYS B 60 -12.25 -14.66 -8.37
N GLY B 61 -12.85 -13.49 -8.46
CA GLY B 61 -13.52 -12.93 -7.26
C GLY B 61 -12.97 -11.52 -6.97
N PHE B 62 -12.44 -10.87 -7.95
CA PHE B 62 -11.89 -9.50 -7.74
C PHE B 62 -12.55 -8.50 -8.70
N THR B 63 -13.83 -8.28 -8.53
CA THR B 63 -14.54 -7.32 -9.43
C THR B 63 -14.37 -5.89 -8.92
N SER B 64 -15.44 -5.21 -8.62
CA SER B 64 -15.34 -3.82 -8.10
C SER B 64 -15.87 -3.75 -6.67
N GLN B 65 -15.84 -4.87 -6.00
CA GLN B 65 -16.33 -4.91 -4.60
C GLN B 65 -15.27 -5.51 -3.69
N THR B 66 -14.40 -6.33 -4.24
CA THR B 66 -13.33 -6.95 -3.42
C THR B 66 -11.98 -6.30 -3.75
N ALA B 67 -12.00 -5.07 -4.20
CA ALA B 67 -10.74 -4.38 -4.54
C ALA B 67 -11.04 -2.94 -4.95
N ARG B 68 -10.66 -1.99 -4.13
CA ARG B 68 -10.94 -0.56 -4.46
C ARG B 68 -10.05 0.36 -3.61
N PRO B 69 -10.31 1.63 -3.69
CA PRO B 69 -9.52 2.62 -2.91
C PRO B 69 -9.84 2.48 -1.42
N GLN B 70 -11.01 2.00 -1.10
CA GLN B 70 -11.38 1.81 0.33
C GLN B 70 -10.85 0.45 0.80
N ALA B 71 -11.54 -0.61 0.43
CA ALA B 71 -11.06 -1.96 0.82
C ALA B 71 -10.50 -2.65 -0.42
N PRO B 72 -9.19 -2.70 -0.47
CA PRO B 72 -8.50 -3.32 -1.63
C PRO B 72 -8.33 -4.83 -1.43
N ALA B 73 -7.75 -5.47 -2.40
CA ALA B 73 -7.52 -6.94 -2.30
C ALA B 73 -6.03 -7.21 -2.09
N THR B 74 -5.70 -8.22 -1.34
CA THR B 74 -4.26 -8.52 -1.08
C THR B 74 -3.83 -9.81 -1.77
N VAL B 75 -2.65 -9.82 -2.33
CA VAL B 75 -2.14 -11.04 -2.99
C VAL B 75 -0.85 -11.48 -2.29
N GLY B 76 -0.65 -12.76 -2.12
CA GLY B 76 0.56 -13.25 -1.44
C GLY B 76 1.61 -13.56 -2.51
N LEU B 77 2.83 -13.26 -2.21
CA LEU B 77 3.92 -13.50 -3.19
C LEU B 77 4.86 -14.58 -2.67
N ALA B 78 4.97 -15.62 -3.42
CA ALA B 78 5.88 -16.74 -3.03
C ALA B 78 6.53 -17.36 -4.28
N PHE B 79 7.82 -17.51 -4.27
CA PHE B 79 8.50 -18.10 -5.45
C PHE B 79 9.55 -19.11 -5.02
N ARG B 80 9.85 -20.07 -5.86
CA ARG B 80 10.87 -21.09 -5.48
C ARG B 80 12.14 -20.92 -6.31
N ALA B 81 13.28 -20.90 -5.69
CA ALA B 81 14.55 -20.73 -6.46
C ALA B 81 15.20 -22.10 -6.71
N ASP B 82 15.37 -22.46 -7.95
CA ASP B 82 16.00 -23.79 -8.26
C ASP B 82 15.21 -24.91 -7.60
N ASP B 83 15.55 -25.26 -6.39
CA ASP B 83 14.81 -26.35 -5.68
C ASP B 83 14.45 -25.91 -4.26
N THR B 84 14.01 -24.70 -4.10
CA THR B 84 13.64 -24.22 -2.74
C THR B 84 12.38 -23.34 -2.82
N PHE B 85 11.60 -23.32 -1.77
CA PHE B 85 10.36 -22.48 -1.78
C PHE B 85 10.39 -21.48 -0.62
N GLU B 86 9.57 -20.46 -0.68
CA GLU B 86 9.56 -19.46 0.42
C GLU B 86 8.60 -18.32 0.09
N ALA B 87 8.70 -17.23 0.81
CA ALA B 87 7.80 -16.07 0.54
C ALA B 87 6.32 -16.51 0.66
N LEU B 88 5.93 -16.96 1.82
CA LEU B 88 4.53 -17.39 2.05
C LEU B 88 4.07 -16.85 3.39
N CYS B 89 4.91 -16.06 4.02
CA CYS B 89 4.54 -15.47 5.32
C CYS B 89 4.58 -13.97 5.13
N ILE B 90 3.46 -13.36 5.14
CA ILE B 90 3.44 -11.89 4.93
C ILE B 90 3.56 -11.18 6.26
N GLU B 91 4.70 -10.60 6.49
CA GLU B 91 4.91 -9.86 7.77
C GLU B 91 4.19 -8.52 7.73
N PRO B 92 3.16 -8.41 8.53
CA PRO B 92 2.35 -7.16 8.58
C PRO B 92 3.12 -6.07 9.32
N PHE B 93 3.09 -4.86 8.81
CA PHE B 93 3.81 -3.75 9.50
C PHE B 93 3.08 -3.34 10.77
N SER B 94 3.33 -2.17 11.27
CA SER B 94 2.65 -1.72 12.52
C SER B 94 1.15 -1.51 12.25
N SER B 95 0.45 -2.55 11.87
CA SER B 95 -1.00 -2.41 11.59
C SER B 95 -1.81 -2.54 12.90
N PRO B 96 -2.57 -1.52 13.19
CA PRO B 96 -3.41 -1.53 14.41
C PRO B 96 -4.59 -2.49 14.25
N PRO B 97 -5.34 -2.64 15.31
CA PRO B 97 -6.51 -3.55 15.28
C PRO B 97 -7.64 -2.94 14.45
N GLU B 98 -7.37 -2.62 13.20
CA GLU B 98 -8.43 -2.02 12.34
C GLU B 98 -7.99 -2.03 10.88
N LEU B 99 -6.73 -1.82 10.63
CA LEU B 99 -6.23 -1.82 9.22
C LEU B 99 -6.18 -3.24 8.65
N PRO B 100 -5.56 -4.12 9.40
CA PRO B 100 -5.43 -5.53 8.96
C PRO B 100 -6.78 -6.26 9.11
N ASP B 101 -6.76 -7.57 9.10
CA ASP B 101 -8.04 -8.32 9.23
C ASP B 101 -8.44 -8.43 10.71
N VAL B 102 -9.44 -7.70 11.11
CA VAL B 102 -9.88 -7.77 12.53
C VAL B 102 -11.41 -7.68 12.63
N MET B 103 -12.00 -8.29 13.61
CA MET B 103 -13.48 -8.25 13.74
C MET B 103 -13.97 -6.79 13.73
N LYS B 104 -15.09 -6.55 13.11
CA LYS B 104 -15.62 -5.15 13.07
C LYS B 104 -16.97 -5.12 12.35
N PRO B 105 -17.90 -5.86 12.90
CA PRO B 105 -19.26 -5.93 12.30
C PRO B 105 -20.03 -4.62 12.57
N GLN B 106 -19.59 -3.55 11.98
CA GLN B 106 -20.29 -2.25 12.20
C GLN B 106 -20.49 -1.52 10.87
N ASP B 107 -20.68 -2.25 9.81
CA ASP B 107 -20.88 -1.60 8.48
C ASP B 107 -21.71 -2.49 7.57
N SER B 108 -22.91 -2.81 7.98
CA SER B 108 -23.78 -3.69 7.14
C SER B 108 -25.14 -3.02 6.92
N GLY B 109 -26.19 -3.79 6.82
CA GLY B 109 -27.54 -3.20 6.60
C GLY B 109 -27.61 -2.60 5.19
N SER B 110 -28.77 -2.17 4.78
CA SER B 110 -28.91 -1.57 3.42
C SER B 110 -27.86 -0.50 3.20
N SER B 111 -27.92 0.58 3.94
CA SER B 111 -26.92 1.66 3.77
C SER B 111 -26.99 2.64 4.96
N ALA B 112 -26.01 3.48 5.10
CA ALA B 112 -26.03 4.46 6.24
C ALA B 112 -25.93 3.70 7.56
N ASN B 113 -26.99 3.08 7.99
CA ASN B 113 -26.96 2.33 9.28
C ASN B 113 -26.64 3.28 10.43
N GLU B 114 -27.59 3.52 11.30
CA GLU B 114 -27.33 4.45 12.45
C GLU B 114 -27.49 3.69 13.77
N GLN B 115 -28.68 3.62 14.30
CA GLN B 115 -28.89 2.91 15.58
C GLN B 115 -30.39 2.84 15.91
N ALA B 116 -31.16 2.23 15.05
CA ALA B 116 -32.63 2.14 15.32
C ALA B 116 -33.04 0.66 15.44
N VAL B 117 -32.15 -0.24 15.14
CA VAL B 117 -32.49 -1.69 15.24
C VAL B 117 -31.83 -2.31 16.48
N GLN B 118 -32.61 -2.66 17.47
CA GLN B 118 -32.02 -3.26 18.70
C GLN B 118 -30.83 -2.44 19.17
N MET C 1 6.76 4.03 -14.03
CA MET C 1 7.81 4.25 -12.99
C MET C 1 7.30 3.84 -11.61
N TYR C 2 8.19 3.50 -10.72
CA TYR C 2 7.74 3.09 -9.35
C TYR C 2 8.73 3.61 -8.30
N VAL C 3 8.26 3.85 -7.10
CA VAL C 3 9.17 4.37 -6.03
C VAL C 3 8.94 3.58 -4.73
N LYS C 4 9.99 3.26 -4.03
CA LYS C 4 9.84 2.48 -2.77
C LYS C 4 10.00 3.40 -1.55
N LEU C 5 9.18 3.23 -0.56
CA LEU C 5 9.30 4.07 0.66
C LEU C 5 9.65 3.19 1.86
N ILE C 6 10.64 3.57 2.62
CA ILE C 6 11.03 2.73 3.80
C ILE C 6 10.66 3.45 5.09
N SER C 7 10.21 2.71 6.07
CA SER C 7 9.84 3.34 7.37
C SER C 7 10.86 2.97 8.46
N SER C 8 11.01 3.80 9.45
CA SER C 8 11.98 3.50 10.53
C SER C 8 11.64 2.18 11.21
N ASP C 9 10.47 1.66 10.95
CA ASP C 9 10.07 0.37 11.59
C ASP C 9 10.84 -0.80 10.95
N GLY C 10 11.04 -0.75 9.66
CA GLY C 10 11.79 -1.85 8.99
C GLY C 10 10.99 -2.33 7.78
N HIS C 11 9.76 -1.91 7.65
CA HIS C 11 8.94 -2.37 6.49
C HIS C 11 9.14 -1.40 5.30
N GLU C 12 8.59 -1.73 4.16
CA GLU C 12 8.75 -0.84 2.98
C GLU C 12 7.50 -0.86 2.11
N PHE C 13 7.31 0.16 1.34
CA PHE C 13 6.12 0.24 0.45
C PHE C 13 6.51 0.89 -0.88
N ILE C 14 6.05 0.38 -1.98
CA ILE C 14 6.42 0.99 -3.28
C ILE C 14 5.20 1.65 -3.93
N VAL C 15 5.32 2.90 -4.29
CA VAL C 15 4.16 3.60 -4.93
C VAL C 15 4.58 4.13 -6.30
N LYS C 16 3.75 3.95 -7.29
CA LYS C 16 4.09 4.43 -8.66
C LYS C 16 4.42 5.93 -8.64
N ARG C 17 5.35 6.35 -9.46
CA ARG C 17 5.71 7.80 -9.49
C ARG C 17 4.45 8.65 -9.32
N GLU C 18 3.39 8.31 -10.01
CA GLU C 18 2.14 9.10 -9.86
C GLU C 18 1.60 8.96 -8.44
N HIS C 19 1.45 7.76 -7.97
CA HIS C 19 0.95 7.57 -6.58
C HIS C 19 1.86 8.32 -5.60
N ALA C 20 3.11 8.43 -5.93
CA ALA C 20 4.06 9.15 -5.04
C ALA C 20 4.10 10.63 -5.41
N LEU C 21 3.69 10.97 -6.60
CA LEU C 21 3.68 12.40 -7.00
C LEU C 21 2.79 13.19 -6.03
N THR C 22 2.03 12.50 -5.23
CA THR C 22 1.13 13.19 -4.25
C THR C 22 1.97 13.87 -3.16
N SER C 23 3.26 13.75 -3.25
CA SER C 23 4.14 14.40 -2.26
C SER C 23 5.16 15.26 -2.97
N GLY C 24 5.04 16.56 -2.86
CA GLY C 24 6.01 17.46 -3.55
C GLY C 24 7.44 17.12 -3.11
N THR C 25 7.61 16.07 -2.34
CA THR C 25 8.98 15.69 -1.90
C THR C 25 9.40 14.38 -2.55
N ILE C 26 8.50 13.43 -2.62
CA ILE C 26 8.86 12.13 -3.25
C ILE C 26 9.13 12.35 -4.74
N LYS C 27 8.28 13.08 -5.41
CA LYS C 27 8.50 13.34 -6.86
C LYS C 27 9.86 14.03 -7.06
N ALA C 28 10.25 14.86 -6.15
CA ALA C 28 11.57 15.55 -6.29
C ALA C 28 12.71 14.60 -5.92
N MET C 29 12.40 13.52 -5.25
CA MET C 29 13.46 12.55 -4.86
C MET C 29 13.61 11.46 -5.92
N LEU C 30 12.52 11.08 -6.55
CA LEU C 30 12.60 10.03 -7.59
C LEU C 30 12.89 10.65 -8.96
N SER C 31 13.57 11.76 -8.97
CA SER C 31 13.88 12.42 -10.27
C SER C 31 14.71 13.70 -10.03
N GLY C 32 14.07 14.73 -9.54
CA GLY C 32 14.83 16.00 -9.28
C GLY C 32 15.68 16.35 -10.50
N PRO C 33 16.54 17.32 -10.32
CA PRO C 33 17.44 17.75 -11.42
C PRO C 33 18.52 16.70 -11.67
N GLY C 34 18.34 15.86 -12.64
CA GLY C 34 19.36 14.83 -12.94
C GLY C 34 19.49 14.64 -14.45
N GLN C 35 20.65 14.24 -14.91
CA GLN C 35 20.84 14.06 -16.38
C GLN C 35 20.02 12.85 -16.87
N PHE C 36 19.77 12.79 -18.15
CA PHE C 36 18.97 11.65 -18.68
C PHE C 36 19.91 10.53 -19.17
N ALA C 37 19.86 9.38 -18.55
CA ALA C 37 20.74 8.27 -18.98
C ALA C 37 20.64 7.11 -17.99
N GLU C 38 21.27 7.22 -16.85
CA GLU C 38 21.21 6.11 -15.84
C GLU C 38 19.79 5.94 -15.35
N ASN C 39 19.60 5.25 -14.25
CA ASN C 39 18.23 5.04 -13.71
C ASN C 39 18.30 4.39 -12.33
N GLU C 40 18.99 5.00 -11.41
CA GLU C 40 19.10 4.43 -10.04
C GLU C 40 18.39 5.34 -9.03
N THR C 41 17.63 6.29 -9.50
CA THR C 41 16.92 7.20 -8.56
C THR C 41 15.41 6.91 -8.58
N ASN C 42 14.89 6.35 -7.53
CA ASN C 42 13.44 6.03 -7.48
C ASN C 42 13.07 5.40 -6.14
N GLU C 43 13.68 5.84 -5.08
CA GLU C 43 13.36 5.25 -3.75
C GLU C 43 13.20 6.35 -2.70
N VAL C 44 12.31 6.16 -1.76
CA VAL C 44 12.10 7.19 -0.71
C VAL C 44 12.58 6.66 0.64
N ASN C 45 12.94 7.53 1.54
CA ASN C 45 13.42 7.08 2.87
C ASN C 45 12.81 7.94 3.97
N PHE C 46 11.99 7.36 4.80
CA PHE C 46 11.35 8.15 5.90
C PHE C 46 12.16 8.00 7.18
N ARG C 47 13.01 8.94 7.47
CA ARG C 47 13.82 8.86 8.72
C ARG C 47 13.09 9.53 9.88
N GLU C 48 11.93 10.09 9.62
CA GLU C 48 11.17 10.77 10.70
C GLU C 48 9.71 10.32 10.67
N ILE C 49 9.45 9.10 10.31
CA ILE C 49 8.05 8.60 10.25
C ILE C 49 8.01 7.09 10.50
N PRO C 50 7.16 6.70 11.41
CA PRO C 50 7.02 5.26 11.74
C PRO C 50 6.28 4.52 10.62
N SER C 51 6.31 3.22 10.64
CA SER C 51 5.60 2.45 9.56
C SER C 51 4.11 2.80 9.56
N HIS C 52 3.46 2.68 10.68
CA HIS C 52 2.00 3.01 10.73
C HIS C 52 1.74 4.32 9.97
N VAL C 53 2.63 5.26 10.07
CA VAL C 53 2.44 6.54 9.35
C VAL C 53 2.86 6.39 7.89
N LEU C 54 3.73 5.45 7.62
CA LEU C 54 4.19 5.23 6.21
C LEU C 54 2.98 4.88 5.34
N SER C 55 1.99 4.24 5.90
CA SER C 55 0.79 3.86 5.11
C SER C 55 -0.26 4.96 5.25
N LYS C 56 -0.28 5.60 6.38
CA LYS C 56 -1.27 6.71 6.57
C LYS C 56 -1.18 7.69 5.41
N VAL C 57 -0.10 8.41 5.33
CA VAL C 57 0.07 9.38 4.20
C VAL C 57 0.06 8.64 2.86
N CYS C 58 0.60 7.46 2.83
CA CYS C 58 0.61 6.69 1.55
C CYS C 58 -0.81 6.52 1.02
N MET C 59 -1.76 6.38 1.90
CA MET C 59 -3.17 6.22 1.45
C MET C 59 -3.58 7.48 0.69
N TYR C 60 -3.20 8.63 1.18
CA TYR C 60 -3.55 9.89 0.47
C TYR C 60 -2.78 9.95 -0.85
N PHE C 61 -1.68 9.25 -0.94
CA PHE C 61 -0.89 9.27 -2.21
C PHE C 61 -1.69 8.58 -3.30
N THR C 62 -2.43 7.56 -2.95
CA THR C 62 -3.24 6.84 -3.96
C THR C 62 -4.66 7.41 -3.97
N TYR C 63 -5.19 7.70 -2.82
CA TYR C 63 -6.56 8.27 -2.75
C TYR C 63 -6.58 9.62 -3.48
N LYS C 64 -5.48 10.33 -3.46
CA LYS C 64 -5.43 11.65 -4.16
C LYS C 64 -5.48 11.46 -5.67
N VAL C 65 -4.90 10.40 -6.17
CA VAL C 65 -4.91 10.16 -7.65
C VAL C 65 -6.35 9.98 -8.16
N ARG C 66 -7.19 9.33 -7.41
CA ARG C 66 -8.60 9.12 -7.86
C ARG C 66 -9.49 10.27 -7.38
N TYR C 67 -9.07 10.98 -6.37
CA TYR C 67 -9.89 12.11 -5.88
C TYR C 67 -9.41 13.42 -6.51
N THR C 68 -8.24 13.40 -7.11
CA THR C 68 -7.73 14.63 -7.76
C THR C 68 -8.60 14.97 -8.98
N ASN C 69 -9.29 14.00 -9.51
CA ASN C 69 -10.16 14.27 -10.68
C ASN C 69 -11.52 14.78 -10.22
N SER C 70 -11.62 15.21 -8.99
CA SER C 70 -12.94 15.71 -8.48
C SER C 70 -13.91 14.56 -8.29
N SER C 71 -14.11 14.12 -7.07
CA SER C 71 -15.05 13.00 -6.83
C SER C 71 -16.29 13.50 -6.07
N THR C 72 -16.30 14.75 -5.71
CA THR C 72 -17.48 15.30 -4.97
C THR C 72 -17.58 14.66 -3.59
N GLU C 73 -16.51 14.64 -2.85
CA GLU C 73 -16.55 14.02 -1.49
C GLU C 73 -15.20 14.16 -0.80
N ILE C 74 -14.17 13.56 -1.36
CA ILE C 74 -12.81 13.65 -0.74
C ILE C 74 -12.92 13.49 0.79
N PRO C 75 -13.48 12.38 1.20
CA PRO C 75 -13.65 12.10 2.64
C PRO C 75 -12.31 11.72 3.28
N GLU C 76 -11.50 12.70 3.60
CA GLU C 76 -10.18 12.39 4.22
C GLU C 76 -10.37 11.47 5.43
N PHE C 77 -9.33 10.84 5.89
CA PHE C 77 -9.46 9.92 7.07
C PHE C 77 -9.56 10.74 8.36
N PRO C 78 -10.23 10.18 9.32
CA PRO C 78 -10.40 10.84 10.63
C PRO C 78 -9.10 10.83 11.43
N ILE C 79 -8.75 11.92 12.03
CA ILE C 79 -7.49 11.98 12.82
C ILE C 79 -7.81 11.96 14.32
N ALA C 80 -7.08 11.19 15.08
CA ALA C 80 -7.34 11.13 16.55
C ALA C 80 -6.04 11.16 17.34
N PRO C 81 -6.17 11.24 18.64
CA PRO C 81 -4.99 11.26 19.53
C PRO C 81 -4.35 9.87 19.58
N GLU C 82 -3.62 9.51 18.56
CA GLU C 82 -2.98 8.18 18.52
C GLU C 82 -2.27 8.05 17.18
N ILE C 83 -2.85 8.63 16.18
CA ILE C 83 -2.22 8.62 14.84
C ILE C 83 -2.42 9.99 14.20
N ALA C 84 -1.42 10.50 13.56
CA ALA C 84 -1.47 11.84 12.90
C ALA C 84 -0.38 12.73 13.47
N LEU C 85 -0.03 12.54 14.72
CA LEU C 85 1.03 13.37 15.34
C LEU C 85 2.33 13.25 14.54
N GLU C 86 2.74 12.05 14.24
CA GLU C 86 3.99 11.87 13.44
C GLU C 86 3.82 12.52 12.07
N LEU C 87 2.63 12.44 11.52
CA LEU C 87 2.37 13.04 10.18
C LEU C 87 2.63 14.56 10.24
N LEU C 88 2.38 15.16 11.36
CA LEU C 88 2.59 16.63 11.48
C LEU C 88 3.87 17.05 10.74
N MET C 89 4.99 16.49 11.11
CA MET C 89 6.26 16.87 10.43
C MET C 89 6.46 16.03 9.15
N ALA C 90 5.79 14.92 9.05
CA ALA C 90 5.95 14.06 7.83
C ALA C 90 5.06 14.58 6.70
N ALA C 91 3.85 14.97 7.00
CA ALA C 91 2.94 15.48 5.95
C ALA C 91 3.48 16.80 5.40
N ASN C 92 3.97 17.64 6.26
CA ASN C 92 4.52 18.95 5.79
C ASN C 92 5.83 18.71 5.01
N PHE C 93 6.59 17.73 5.42
CA PHE C 93 7.88 17.44 4.71
C PHE C 93 7.60 16.66 3.42
N LEU C 94 6.52 15.92 3.39
CA LEU C 94 6.20 15.13 2.16
C LEU C 94 5.75 16.06 1.03
N ASP C 95 5.66 17.33 1.30
CA ASP C 95 5.22 18.28 0.23
C ASP C 95 5.25 19.72 0.77
N CYS C 96 6.16 20.01 1.67
CA CYS C 96 6.24 21.40 2.22
C CYS C 96 4.84 21.94 2.50
N VAL A 1 -8.74 16.26 -4.48
CA VAL A 1 -8.31 15.42 -3.33
C VAL A 1 -6.93 15.81 -2.86
N ALA A 2 -6.81 15.79 -1.59
CA ALA A 2 -5.53 16.17 -0.93
C ALA A 2 -4.86 14.95 -0.32
N THR A 3 -3.58 15.02 -0.08
CA THR A 3 -2.88 13.88 0.54
C THR A 3 -3.03 13.96 2.06
N LEU A 4 -2.16 13.33 2.80
CA LEU A 4 -2.27 13.39 4.28
C LEU A 4 -1.67 14.68 4.81
N GLN A 5 -0.94 15.39 3.98
CA GLN A 5 -0.31 16.65 4.45
C GLN A 5 -1.38 17.66 4.89
N HIS A 6 -2.50 17.67 4.24
CA HIS A 6 -3.58 18.64 4.62
C HIS A 6 -4.31 18.16 5.89
N LEU A 7 -4.68 16.92 5.95
CA LEU A 7 -5.41 16.42 7.16
C LEU A 7 -4.48 16.40 8.39
N CYS A 8 -3.21 16.21 8.18
CA CYS A 8 -2.27 16.18 9.34
C CYS A 8 -2.34 17.51 10.10
N ARG A 9 -2.45 18.61 9.40
CA ARG A 9 -2.54 19.92 10.09
C ARG A 9 -3.91 20.10 10.74
N LYS A 10 -4.92 19.50 10.16
CA LYS A 10 -6.28 19.63 10.74
C LYS A 10 -6.30 19.18 12.21
N THR A 11 -5.65 18.09 12.50
CA THR A 11 -5.62 17.61 13.92
C THR A 11 -4.83 18.58 14.79
N VAL A 12 -3.64 18.91 14.39
CA VAL A 12 -2.82 19.86 15.21
C VAL A 12 -3.48 21.25 15.23
N ASN A 13 -3.92 21.73 14.09
CA ASN A 13 -4.56 23.06 14.05
C ASN A 13 -5.97 23.00 14.65
N GLY A 14 -6.68 21.92 14.40
CA GLY A 14 -8.06 21.80 14.96
C GLY A 14 -8.03 20.90 16.20
N HIS A 15 -7.11 21.12 17.08
CA HIS A 15 -7.02 20.28 18.31
C HIS A 15 -8.31 20.42 19.13
N MET B 1 -14.44 -1.28 -15.66
CA MET B 1 -13.97 -0.21 -14.73
C MET B 1 -12.48 -0.40 -14.42
N ASP B 2 -12.01 0.20 -13.35
CA ASP B 2 -10.57 0.05 -13.00
C ASP B 2 -10.42 -0.19 -11.49
N VAL B 3 -9.59 -1.13 -11.11
CA VAL B 3 -9.41 -1.40 -9.65
C VAL B 3 -7.93 -1.36 -9.29
N PHE B 4 -7.61 -1.29 -8.03
CA PHE B 4 -6.19 -1.25 -7.61
C PHE B 4 -5.83 -2.53 -6.85
N LEU B 5 -4.58 -2.93 -6.89
CA LEU B 5 -4.19 -4.17 -6.16
C LEU B 5 -2.97 -3.92 -5.28
N MET B 6 -2.87 -4.61 -4.19
CA MET B 6 -1.70 -4.43 -3.28
C MET B 6 -0.94 -5.74 -3.17
N ILE B 7 0.34 -5.74 -3.40
CA ILE B 7 1.11 -7.00 -3.30
C ILE B 7 1.81 -7.05 -1.95
N ARG B 8 1.81 -8.19 -1.32
CA ARG B 8 2.47 -8.23 0.02
C ARG B 8 3.66 -9.18 0.01
N ARG B 9 4.72 -8.72 0.59
CA ARG B 9 5.97 -9.50 0.70
C ARG B 9 6.69 -9.05 1.97
N HIS B 10 7.45 -9.89 2.59
CA HIS B 10 8.12 -9.43 3.84
C HIS B 10 8.88 -8.18 3.56
N LYS B 11 8.90 -7.32 4.51
CA LYS B 11 9.63 -6.03 4.35
C LYS B 11 9.38 -5.47 2.94
N THR B 12 9.00 -6.31 2.01
CA THR B 12 8.75 -5.81 0.63
C THR B 12 7.25 -5.72 0.29
N THR B 13 6.77 -4.54 0.04
CA THR B 13 5.33 -4.33 -0.32
C THR B 13 5.25 -3.42 -1.56
N ILE B 14 4.51 -3.81 -2.56
CA ILE B 14 4.42 -2.94 -3.78
C ILE B 14 3.00 -2.43 -4.00
N PHE B 15 2.85 -1.16 -4.20
CA PHE B 15 1.49 -0.64 -4.49
C PHE B 15 1.30 -0.80 -6.00
N THR B 16 0.42 -1.67 -6.39
CA THR B 16 0.23 -1.91 -7.85
C THR B 16 -1.22 -1.63 -8.28
N ASP B 17 -1.39 -1.09 -9.45
CA ASP B 17 -2.78 -0.81 -9.94
C ASP B 17 -3.03 -1.52 -11.27
N ALA B 18 -4.22 -1.99 -11.49
CA ALA B 18 -4.53 -2.71 -12.76
C ALA B 18 -6.03 -2.72 -13.01
N LYS B 19 -6.46 -3.18 -14.15
CA LYS B 19 -7.92 -3.20 -14.44
C LYS B 19 -8.51 -4.53 -13.98
N GLU B 20 -9.73 -4.52 -13.51
CA GLU B 20 -10.36 -5.79 -13.05
C GLU B 20 -10.39 -6.80 -14.21
N SER B 21 -10.35 -6.31 -15.42
CA SER B 21 -10.38 -7.23 -16.59
C SER B 21 -8.97 -7.36 -17.18
N SER B 22 -7.99 -6.82 -16.51
CA SER B 22 -6.60 -6.92 -17.03
C SER B 22 -6.25 -8.38 -17.27
N THR B 23 -5.62 -9.01 -16.32
CA THR B 23 -5.26 -10.44 -16.47
C THR B 23 -4.25 -10.84 -15.37
N VAL B 24 -4.62 -11.76 -14.52
CA VAL B 24 -3.69 -12.20 -13.45
C VAL B 24 -2.27 -12.27 -14.00
N PHE B 25 -2.13 -12.60 -15.26
CA PHE B 25 -0.78 -12.68 -15.86
C PHE B 25 -0.14 -11.29 -15.88
N GLU B 26 -0.91 -10.29 -16.19
CA GLU B 26 -0.36 -8.90 -16.22
C GLU B 26 0.19 -8.54 -14.84
N LEU B 27 -0.55 -8.80 -13.80
CA LEU B 27 -0.07 -8.49 -12.44
C LEU B 27 1.25 -9.22 -12.17
N LYS B 28 1.41 -10.39 -12.73
CA LYS B 28 2.66 -11.16 -12.53
C LYS B 28 3.86 -10.33 -12.99
N ARG B 29 3.69 -9.57 -14.05
CA ARG B 29 4.80 -8.74 -14.56
C ARG B 29 5.27 -7.74 -13.50
N ILE B 30 4.37 -7.22 -12.73
CA ILE B 30 4.75 -6.25 -11.67
C ILE B 30 5.76 -6.89 -10.72
N VAL B 31 5.57 -8.13 -10.39
CA VAL B 31 6.52 -8.83 -9.48
C VAL B 31 7.88 -8.96 -10.17
N GLU B 32 7.89 -9.41 -11.40
CA GLU B 32 9.17 -9.56 -12.15
C GLU B 32 9.77 -8.19 -12.46
N GLY B 33 9.06 -7.14 -12.13
CA GLY B 33 9.58 -5.78 -12.39
C GLY B 33 10.00 -5.16 -11.05
N ILE B 34 9.33 -5.54 -10.00
CA ILE B 34 9.67 -5.02 -8.66
C ILE B 34 10.56 -6.03 -7.94
N LEU B 35 10.07 -7.23 -7.76
CA LEU B 35 10.89 -8.28 -7.08
C LEU B 35 11.64 -9.09 -8.13
N LYS B 36 11.29 -8.92 -9.38
CA LYS B 36 11.98 -9.68 -10.46
C LYS B 36 11.74 -11.18 -10.32
N ARG B 37 10.52 -11.59 -10.08
CA ARG B 37 10.26 -13.05 -9.93
C ARG B 37 9.56 -13.60 -11.17
N PRO B 38 10.11 -14.66 -11.70
CA PRO B 38 9.55 -15.31 -12.91
C PRO B 38 8.44 -16.29 -12.52
N PRO B 39 7.66 -16.67 -13.50
CA PRO B 39 6.56 -17.62 -13.26
C PRO B 39 7.11 -19.05 -13.14
N ASP B 40 6.25 -20.02 -13.00
CA ASP B 40 6.74 -21.43 -12.88
C ASP B 40 7.52 -21.61 -11.57
N GLU B 41 7.54 -20.61 -10.73
CA GLU B 41 8.27 -20.72 -9.45
C GLU B 41 7.77 -19.66 -8.46
N GLN B 42 6.57 -19.20 -8.64
CA GLN B 42 6.01 -18.16 -7.73
C GLN B 42 4.53 -18.41 -7.48
N ARG B 43 4.07 -18.15 -6.29
CA ARG B 43 2.62 -18.36 -5.99
C ARG B 43 2.00 -17.09 -5.42
N LEU B 44 0.77 -16.82 -5.76
CA LEU B 44 0.11 -15.58 -5.24
C LEU B 44 -1.12 -15.96 -4.40
N TYR B 45 -1.47 -15.14 -3.45
CA TYR B 45 -2.65 -15.46 -2.60
C TYR B 45 -3.64 -14.29 -2.62
N LYS B 46 -4.88 -14.57 -2.82
CA LYS B 46 -5.91 -13.48 -2.85
C LYS B 46 -6.61 -13.35 -1.49
N ASP B 47 -6.35 -12.28 -0.79
CA ASP B 47 -7.00 -12.09 0.54
C ASP B 47 -6.62 -13.22 1.49
N ASP B 48 -7.19 -14.38 1.32
CA ASP B 48 -6.87 -15.52 2.20
C ASP B 48 -6.82 -16.82 1.39
N GLN B 49 -6.65 -16.72 0.11
CA GLN B 49 -6.59 -17.94 -0.74
C GLN B 49 -5.44 -17.82 -1.75
N LEU B 50 -5.41 -18.71 -2.71
CA LEU B 50 -4.31 -18.65 -3.72
C LEU B 50 -4.81 -17.97 -4.99
N LEU B 51 -4.05 -17.05 -5.52
CA LEU B 51 -4.49 -16.34 -6.75
C LEU B 51 -4.31 -17.25 -7.98
N ASP B 52 -5.35 -17.48 -8.72
CA ASP B 52 -5.24 -18.36 -9.92
C ASP B 52 -5.36 -17.54 -11.20
N ASP B 53 -4.39 -17.65 -12.08
CA ASP B 53 -4.44 -16.86 -13.34
C ASP B 53 -5.52 -17.43 -14.27
N GLY B 54 -6.19 -18.48 -13.86
CA GLY B 54 -7.24 -19.07 -14.72
C GLY B 54 -8.46 -18.13 -14.77
N LYS B 55 -8.47 -17.12 -13.94
CA LYS B 55 -9.58 -16.17 -13.93
C LYS B 55 -9.01 -14.77 -13.79
N THR B 56 -9.82 -13.81 -14.02
CA THR B 56 -9.39 -12.40 -13.91
C THR B 56 -9.69 -11.86 -12.50
N LEU B 57 -9.24 -10.68 -12.20
CA LEU B 57 -9.51 -10.12 -10.84
C LEU B 57 -11.02 -10.08 -10.56
N GLY B 58 -11.79 -9.60 -11.51
CA GLY B 58 -13.26 -9.55 -11.31
C GLY B 58 -13.83 -10.97 -11.39
N GLU B 59 -13.35 -11.75 -12.31
CA GLU B 59 -13.87 -13.15 -12.45
C GLU B 59 -13.22 -14.05 -11.40
N CYS B 60 -12.44 -13.48 -10.54
CA CYS B 60 -11.78 -14.29 -9.47
C CYS B 60 -12.21 -13.80 -8.09
N GLY B 61 -12.40 -12.52 -7.93
CA GLY B 61 -12.82 -11.99 -6.61
C GLY B 61 -11.62 -11.39 -5.89
N PHE B 62 -10.72 -10.79 -6.63
CA PHE B 62 -9.51 -10.18 -6.01
C PHE B 62 -9.84 -8.77 -5.51
N THR B 63 -11.08 -8.51 -5.21
CA THR B 63 -11.46 -7.15 -4.73
C THR B 63 -12.95 -7.13 -4.34
N SER B 64 -13.49 -5.96 -4.19
CA SER B 64 -14.94 -5.85 -3.83
C SER B 64 -15.35 -4.38 -3.82
N GLN B 65 -14.74 -3.59 -4.64
CA GLN B 65 -15.08 -2.14 -4.69
C GLN B 65 -13.99 -1.38 -5.46
N THR B 66 -12.88 -1.10 -4.82
CA THR B 66 -11.78 -0.38 -5.51
C THR B 66 -10.43 -0.86 -4.97
N ALA B 67 -10.43 -1.99 -4.34
CA ALA B 67 -9.17 -2.56 -3.76
C ALA B 67 -8.10 -1.48 -3.57
N ARG B 68 -8.27 -0.64 -2.57
CA ARG B 68 -7.26 0.43 -2.32
C ARG B 68 -7.80 1.45 -1.32
N PRO B 69 -8.88 2.09 -1.70
CA PRO B 69 -9.50 3.10 -0.81
C PRO B 69 -10.22 2.43 0.36
N GLN B 70 -11.48 2.12 0.21
CA GLN B 70 -12.23 1.45 1.32
C GLN B 70 -11.63 0.07 1.59
N ALA B 71 -12.00 -0.91 0.82
CA ALA B 71 -11.44 -2.28 1.04
C ALA B 71 -10.31 -2.54 0.04
N PRO B 72 -9.11 -2.50 0.55
CA PRO B 72 -7.92 -2.72 -0.31
C PRO B 72 -7.77 -4.20 -0.65
N ALA B 73 -7.11 -4.50 -1.74
CA ALA B 73 -6.92 -5.92 -2.13
C ALA B 73 -5.45 -6.31 -1.93
N THR B 74 -5.19 -7.32 -1.15
CA THR B 74 -3.78 -7.72 -0.91
C THR B 74 -3.47 -9.05 -1.58
N VAL B 75 -2.31 -9.16 -2.17
CA VAL B 75 -1.92 -10.43 -2.81
C VAL B 75 -0.64 -10.94 -2.14
N GLY B 76 -0.53 -12.23 -1.93
CA GLY B 76 0.67 -12.77 -1.27
C GLY B 76 1.67 -13.16 -2.33
N LEU B 77 2.92 -13.01 -2.02
CA LEU B 77 3.98 -13.35 -2.99
C LEU B 77 4.76 -14.56 -2.50
N ALA B 78 4.73 -15.60 -3.26
CA ALA B 78 5.47 -16.84 -2.89
C ALA B 78 6.40 -17.26 -4.02
N PHE B 79 7.49 -17.89 -3.70
CA PHE B 79 8.45 -18.33 -4.77
C PHE B 79 9.10 -19.66 -4.37
N ARG B 80 9.54 -20.42 -5.34
CA ARG B 80 10.19 -21.73 -5.03
C ARG B 80 11.58 -21.79 -5.65
N ALA B 81 12.56 -22.20 -4.90
CA ALA B 81 13.94 -22.29 -5.46
C ALA B 81 14.46 -23.74 -5.39
N ASP B 82 14.92 -24.26 -6.49
CA ASP B 82 15.43 -25.66 -6.48
C ASP B 82 14.40 -26.60 -5.84
N ASP B 83 14.49 -26.80 -4.54
CA ASP B 83 13.52 -27.69 -3.86
C ASP B 83 13.05 -27.05 -2.55
N THR B 84 13.32 -25.79 -2.36
CA THR B 84 12.88 -25.11 -1.10
C THR B 84 11.82 -24.06 -1.40
N PHE B 85 11.07 -23.66 -0.42
CA PHE B 85 10.02 -22.63 -0.65
C PHE B 85 10.27 -21.41 0.24
N GLU B 86 9.96 -20.24 -0.24
CA GLU B 86 10.17 -19.02 0.58
C GLU B 86 8.93 -18.14 0.57
N ALA B 87 9.03 -16.94 1.12
CA ALA B 87 7.84 -16.04 1.14
C ALA B 87 6.59 -16.81 1.57
N LEU B 88 5.43 -16.31 1.21
CA LEU B 88 4.16 -16.99 1.60
C LEU B 88 3.76 -16.52 2.98
N CYS B 89 4.63 -15.75 3.61
CA CYS B 89 4.32 -15.22 4.94
C CYS B 89 4.35 -13.71 4.81
N ILE B 90 3.24 -13.07 4.89
CA ILE B 90 3.24 -11.60 4.72
C ILE B 90 3.44 -10.91 6.06
N GLU B 91 4.59 -10.35 6.25
CA GLU B 91 4.87 -9.63 7.53
C GLU B 91 4.16 -8.28 7.53
N PRO B 92 3.14 -8.17 8.36
CA PRO B 92 2.36 -6.92 8.46
C PRO B 92 3.17 -5.82 9.15
N PHE B 93 2.77 -4.59 9.00
CA PHE B 93 3.51 -3.48 9.64
C PHE B 93 3.74 -3.77 11.13
N SER B 94 4.27 -2.83 11.86
CA SER B 94 4.50 -3.06 13.31
C SER B 94 3.17 -3.29 14.04
N SER B 95 2.08 -3.05 13.38
CA SER B 95 0.75 -3.26 14.04
C SER B 95 0.06 -4.50 13.47
N PRO B 96 -1.09 -4.79 13.99
CA PRO B 96 -1.87 -5.97 13.53
C PRO B 96 -2.47 -5.70 12.14
N PRO B 97 -3.09 -6.71 11.60
CA PRO B 97 -3.71 -6.59 10.26
C PRO B 97 -4.97 -5.72 10.34
N GLU B 98 -5.32 -5.05 9.27
CA GLU B 98 -6.53 -4.19 9.29
C GLU B 98 -6.31 -2.99 10.20
N LEU B 99 -5.09 -2.50 10.28
CA LEU B 99 -4.81 -1.32 11.14
C LEU B 99 -5.22 -1.62 12.59
N PRO B 100 -4.63 -0.89 13.50
CA PRO B 100 -4.93 -1.09 14.94
C PRO B 100 -6.33 -0.54 15.26
N ASP B 101 -7.27 -1.42 15.46
CA ASP B 101 -8.66 -0.96 15.78
C ASP B 101 -8.96 -1.18 17.26
N VAL B 102 -8.99 -2.43 17.68
CA VAL B 102 -9.28 -2.71 19.11
C VAL B 102 -10.53 -1.96 19.56
N MET B 103 -11.56 -1.97 18.76
CA MET B 103 -12.81 -1.27 19.13
C MET B 103 -13.72 -2.19 19.96
N LYS B 104 -13.42 -3.47 19.97
CA LYS B 104 -14.26 -4.42 20.75
C LYS B 104 -13.51 -5.72 20.99
N PRO B 105 -12.72 -5.72 22.03
CA PRO B 105 -11.92 -6.92 22.38
C PRO B 105 -12.83 -8.02 22.96
N GLN B 106 -13.78 -7.64 23.77
CA GLN B 106 -14.69 -8.66 24.36
C GLN B 106 -16.13 -8.40 23.91
N ASP B 107 -16.78 -9.40 23.36
CA ASP B 107 -18.19 -9.21 22.90
C ASP B 107 -19.08 -8.82 24.09
N SER B 108 -18.64 -9.09 25.28
CA SER B 108 -19.46 -8.74 26.48
C SER B 108 -18.70 -9.09 27.76
N GLY B 109 -19.41 -9.42 28.81
CA GLY B 109 -18.72 -9.77 30.09
C GLY B 109 -19.41 -10.99 30.71
N SER B 110 -18.90 -11.46 31.82
CA SER B 110 -19.51 -12.65 32.48
C SER B 110 -20.66 -12.21 33.39
N SER B 111 -21.14 -13.10 34.22
CA SER B 111 -22.26 -12.73 35.14
C SER B 111 -22.65 -13.94 36.00
N ALA B 112 -23.56 -14.75 35.52
CA ALA B 112 -23.98 -15.93 36.32
C ALA B 112 -23.04 -17.12 36.06
N ASN B 113 -23.31 -17.89 35.05
CA ASN B 113 -22.42 -19.05 34.74
C ASN B 113 -22.50 -19.41 33.26
N GLU B 114 -21.43 -19.25 32.54
CA GLU B 114 -21.44 -19.58 31.08
C GLU B 114 -20.71 -20.89 30.83
N GLN B 115 -19.54 -21.05 31.41
CA GLN B 115 -18.79 -22.33 31.21
C GLN B 115 -18.65 -22.62 29.71
N ALA B 116 -19.56 -23.37 29.16
CA ALA B 116 -19.48 -23.70 27.71
C ALA B 116 -18.14 -24.37 27.39
N VAL B 117 -17.99 -25.61 27.77
CA VAL B 117 -16.71 -26.32 27.49
C VAL B 117 -16.98 -27.78 27.12
N GLN B 118 -16.48 -28.22 25.99
CA GLN B 118 -16.71 -29.62 25.57
C GLN B 118 -15.88 -29.95 24.32
N MET C 1 7.12 3.72 -14.48
CA MET C 1 7.60 4.55 -13.34
C MET C 1 7.30 3.85 -12.01
N TYR C 2 8.27 3.79 -11.13
CA TYR C 2 8.04 3.13 -9.82
C TYR C 2 8.85 3.82 -8.72
N VAL C 3 8.33 3.87 -7.52
CA VAL C 3 9.07 4.53 -6.41
C VAL C 3 9.02 3.65 -5.16
N LYS C 4 10.12 3.51 -4.47
CA LYS C 4 10.15 2.66 -3.26
C LYS C 4 10.17 3.53 -1.99
N LEU C 5 9.43 3.16 -0.99
CA LEU C 5 9.41 3.95 0.28
C LEU C 5 10.00 3.11 1.42
N ILE C 6 10.98 3.62 2.10
CA ILE C 6 11.59 2.84 3.21
C ILE C 6 11.23 3.47 4.55
N SER C 7 10.99 2.66 5.55
CA SER C 7 10.64 3.20 6.90
C SER C 7 11.71 2.81 7.91
N SER C 8 11.88 3.60 8.94
CA SER C 8 12.91 3.26 9.97
C SER C 8 12.62 1.89 10.59
N ASP C 9 11.44 1.37 10.38
CA ASP C 9 11.10 0.05 10.96
C ASP C 9 11.91 -1.05 10.28
N GLY C 10 12.16 -0.91 9.00
CA GLY C 10 12.95 -1.96 8.28
C GLY C 10 12.12 -2.49 7.10
N HIS C 11 10.88 -2.11 7.03
CA HIS C 11 10.02 -2.60 5.91
C HIS C 11 10.14 -1.66 4.70
N GLU C 12 9.56 -2.02 3.60
CA GLU C 12 9.66 -1.15 2.38
C GLU C 12 8.32 -1.15 1.64
N PHE C 13 8.10 -0.13 0.86
CA PHE C 13 6.83 -0.04 0.09
C PHE C 13 7.12 0.60 -1.27
N ILE C 14 6.55 0.08 -2.32
CA ILE C 14 6.82 0.67 -3.66
C ILE C 14 5.53 1.22 -4.27
N VAL C 15 5.51 2.50 -4.56
CA VAL C 15 4.28 3.10 -5.16
C VAL C 15 4.62 3.72 -6.51
N LYS C 16 3.70 3.69 -7.43
CA LYS C 16 3.97 4.29 -8.78
C LYS C 16 4.31 5.77 -8.65
N ARG C 17 5.19 6.26 -9.47
CA ARG C 17 5.56 7.71 -9.39
C ARG C 17 4.32 8.55 -9.15
N GLU C 18 3.20 8.15 -9.68
CA GLU C 18 1.95 8.93 -9.48
C GLU C 18 1.41 8.71 -8.07
N HIS C 19 1.39 7.49 -7.61
CA HIS C 19 0.90 7.21 -6.24
C HIS C 19 1.70 8.03 -5.23
N ALA C 20 2.99 8.13 -5.44
CA ALA C 20 3.84 8.92 -4.51
C ALA C 20 3.85 10.38 -4.95
N LEU C 21 3.44 10.65 -6.15
CA LEU C 21 3.42 12.07 -6.62
C LEU C 21 2.50 12.88 -5.71
N THR C 22 1.70 12.23 -4.92
CA THR C 22 0.78 12.97 -4.00
C THR C 22 1.58 13.70 -2.93
N SER C 23 2.87 13.58 -2.96
CA SER C 23 3.71 14.28 -1.97
C SER C 23 4.78 15.09 -2.70
N GLY C 24 4.67 16.39 -2.65
CA GLY C 24 5.66 17.25 -3.35
C GLY C 24 7.07 16.92 -2.85
N THR C 25 7.22 15.89 -2.06
CA THR C 25 8.58 15.54 -1.55
C THR C 25 9.08 14.27 -2.25
N ILE C 26 8.23 13.29 -2.41
CA ILE C 26 8.69 12.04 -3.08
C ILE C 26 9.00 12.35 -4.55
N LYS C 27 8.12 13.04 -5.22
CA LYS C 27 8.37 13.38 -6.65
C LYS C 27 9.67 14.17 -6.75
N ALA C 28 9.97 14.99 -5.77
CA ALA C 28 11.24 15.78 -5.82
C ALA C 28 12.44 14.84 -5.86
N MET C 29 12.34 13.71 -5.21
CA MET C 29 13.49 12.75 -5.23
C MET C 29 13.76 12.28 -6.65
N LEU C 30 12.75 11.84 -7.35
CA LEU C 30 12.95 11.38 -8.75
C LEU C 30 13.79 12.40 -9.53
N SER C 31 13.30 13.59 -9.69
CA SER C 31 14.07 14.63 -10.43
C SER C 31 13.89 16.00 -9.77
N GLY C 32 12.90 16.75 -10.18
CA GLY C 32 12.68 18.09 -9.57
C GLY C 32 14.01 18.81 -9.41
N PRO C 33 14.04 19.75 -8.51
CA PRO C 33 15.28 20.53 -8.24
C PRO C 33 16.30 19.66 -7.50
N GLY C 34 16.65 18.54 -8.06
CA GLY C 34 17.65 17.66 -7.39
C GLY C 34 19.05 17.96 -7.92
N GLN C 35 20.04 17.31 -7.39
CA GLN C 35 21.44 17.57 -7.86
C GLN C 35 21.59 17.11 -9.31
N PHE C 36 22.63 17.55 -9.98
CA PHE C 36 22.83 17.14 -11.40
C PHE C 36 24.11 16.31 -11.53
N ALA C 37 23.99 15.08 -11.97
CA ALA C 37 25.20 14.22 -12.12
C ALA C 37 24.81 12.85 -12.65
N GLU C 38 23.82 12.22 -12.05
CA GLU C 38 23.39 10.88 -12.52
C GLU C 38 22.20 10.39 -11.69
N ASN C 39 22.14 10.74 -10.44
CA ASN C 39 21.00 10.29 -9.59
C ASN C 39 20.98 8.76 -9.50
N GLU C 40 19.86 8.20 -9.11
CA GLU C 40 19.78 6.72 -9.00
C GLU C 40 18.63 6.19 -9.89
N THR C 41 17.42 6.30 -9.44
CA THR C 41 16.27 5.81 -10.24
C THR C 41 14.95 6.39 -9.73
N ASN C 42 14.53 5.97 -8.56
CA ASN C 42 13.25 6.50 -8.00
C ASN C 42 12.94 5.81 -6.66
N GLU C 43 13.46 6.33 -5.59
CA GLU C 43 13.20 5.70 -4.26
C GLU C 43 12.94 6.78 -3.19
N VAL C 44 12.31 6.41 -2.12
CA VAL C 44 12.02 7.38 -1.04
C VAL C 44 12.64 6.88 0.28
N ASN C 45 12.94 7.77 1.18
CA ASN C 45 13.55 7.34 2.47
C ASN C 45 12.90 8.09 3.64
N PHE C 46 12.21 7.38 4.48
CA PHE C 46 11.57 8.04 5.65
C PHE C 46 12.24 7.58 6.94
N ARG C 47 13.16 8.35 7.46
CA ARG C 47 13.86 7.96 8.71
C ARG C 47 13.31 8.76 9.90
N GLU C 48 12.04 9.06 9.88
CA GLU C 48 11.45 9.85 11.01
C GLU C 48 9.94 9.59 11.09
N ILE C 49 9.49 8.52 10.51
CA ILE C 49 8.02 8.21 10.56
C ILE C 49 7.79 6.74 10.90
N PRO C 50 6.86 6.50 11.78
CA PRO C 50 6.54 5.12 12.20
C PRO C 50 5.76 4.39 11.09
N SER C 51 5.70 3.09 11.16
CA SER C 51 4.96 2.32 10.12
C SER C 51 3.50 2.76 10.07
N HIS C 52 2.86 2.83 11.21
CA HIS C 52 1.43 3.25 11.24
C HIS C 52 1.21 4.43 10.28
N VAL C 53 2.13 5.35 10.26
CA VAL C 53 1.97 6.52 9.35
C VAL C 53 2.40 6.14 7.93
N LEU C 54 3.35 5.25 7.80
CA LEU C 54 3.81 4.82 6.45
C LEU C 54 2.60 4.45 5.59
N SER C 55 1.58 3.89 6.18
CA SER C 55 0.39 3.50 5.39
C SER C 55 -0.66 4.62 5.46
N LYS C 56 -0.69 5.33 6.54
CA LYS C 56 -1.67 6.44 6.68
C LYS C 56 -1.56 7.37 5.47
N VAL C 57 -0.49 8.10 5.36
CA VAL C 57 -0.32 9.03 4.22
C VAL C 57 -0.31 8.24 2.91
N CYS C 58 0.24 7.06 2.92
CA CYS C 58 0.29 6.25 1.67
C CYS C 58 -1.14 6.01 1.15
N MET C 59 -2.08 5.87 2.04
CA MET C 59 -3.48 5.64 1.59
C MET C 59 -3.95 6.83 0.73
N TYR C 60 -3.57 8.02 1.11
CA TYR C 60 -3.98 9.20 0.29
C TYR C 60 -3.17 9.20 -1.00
N PHE C 61 -2.04 8.54 -1.01
CA PHE C 61 -1.23 8.48 -2.26
C PHE C 61 -2.03 7.72 -3.32
N THR C 62 -2.78 6.73 -2.89
CA THR C 62 -3.61 5.96 -3.86
C THR C 62 -5.02 6.53 -3.88
N TYR C 63 -5.53 6.92 -2.75
CA TYR C 63 -6.90 7.50 -2.71
C TYR C 63 -6.94 8.75 -3.61
N LYS C 64 -5.80 9.39 -3.78
CA LYS C 64 -5.78 10.61 -4.63
C LYS C 64 -6.08 10.22 -6.08
N VAL C 65 -5.63 9.07 -6.51
CA VAL C 65 -5.91 8.64 -7.92
C VAL C 65 -7.42 8.46 -8.12
N ARG C 66 -8.13 8.14 -7.08
CA ARG C 66 -9.61 7.96 -7.20
C ARG C 66 -10.29 9.32 -7.38
N TYR C 67 -9.62 10.37 -7.00
CA TYR C 67 -10.23 11.73 -7.13
C TYR C 67 -10.47 12.05 -8.61
N THR C 68 -9.51 11.76 -9.46
CA THR C 68 -9.69 12.04 -10.90
C THR C 68 -11.04 11.51 -11.37
N ASN C 69 -11.63 10.61 -10.62
CA ASN C 69 -12.95 10.05 -11.03
C ASN C 69 -14.06 10.62 -10.14
N SER C 70 -13.71 11.38 -9.14
CA SER C 70 -14.75 11.97 -8.25
C SER C 70 -14.82 13.49 -8.44
N SER C 71 -15.12 14.21 -7.39
CA SER C 71 -15.19 15.70 -7.51
C SER C 71 -15.37 16.34 -6.14
N THR C 72 -16.15 15.74 -5.28
CA THR C 72 -16.35 16.32 -3.92
C THR C 72 -16.38 15.21 -2.88
N GLU C 73 -16.34 15.57 -1.62
CA GLU C 73 -16.36 14.53 -0.55
C GLU C 73 -15.28 13.48 -0.81
N ILE C 74 -14.25 13.83 -1.52
CA ILE C 74 -13.17 12.85 -1.82
C ILE C 74 -12.30 12.63 -0.58
N PRO C 75 -11.96 13.71 0.08
CA PRO C 75 -11.10 13.61 1.29
C PRO C 75 -11.91 13.06 2.47
N GLU C 76 -11.26 12.34 3.36
CA GLU C 76 -12.00 11.78 4.53
C GLU C 76 -11.04 10.94 5.38
N PHE C 77 -9.79 11.30 5.41
CA PHE C 77 -8.81 10.52 6.23
C PHE C 77 -9.21 10.55 7.71
N PRO C 78 -9.11 9.42 8.34
CA PRO C 78 -9.47 9.32 9.78
C PRO C 78 -8.40 9.96 10.65
N ILE C 79 -8.80 10.77 11.59
CA ILE C 79 -7.81 11.44 12.48
C ILE C 79 -8.28 11.35 13.94
N ALA C 80 -7.40 11.04 14.84
CA ALA C 80 -7.81 10.93 16.27
C ALA C 80 -6.59 10.65 17.16
N PRO C 81 -6.85 10.50 18.43
CA PRO C 81 -5.77 10.22 19.40
C PRO C 81 -5.26 8.78 19.21
N GLU C 82 -4.59 8.54 18.12
CA GLU C 82 -4.07 7.18 17.84
C GLU C 82 -3.33 7.23 16.51
N ILE C 83 -3.82 8.05 15.62
CA ILE C 83 -3.15 8.20 14.32
C ILE C 83 -3.40 9.63 13.82
N ALA C 84 -2.40 10.26 13.28
CA ALA C 84 -2.51 11.65 12.75
C ALA C 84 -1.39 12.49 13.36
N LEU C 85 -1.12 12.32 14.62
CA LEU C 85 -0.03 13.11 15.27
C LEU C 85 1.29 12.88 14.54
N GLU C 86 1.58 11.65 14.20
CA GLU C 86 2.86 11.36 13.48
C GLU C 86 2.77 11.91 12.05
N LEU C 87 1.61 11.86 11.45
CA LEU C 87 1.45 12.38 10.06
C LEU C 87 1.79 13.87 10.03
N LEU C 88 1.41 14.61 11.05
CA LEU C 88 1.71 16.07 11.06
C LEU C 88 3.11 16.32 10.49
N MET C 89 4.07 15.51 10.85
CA MET C 89 5.44 15.69 10.33
C MET C 89 5.60 14.97 8.98
N ALA C 90 5.10 13.77 8.89
CA ALA C 90 5.22 13.02 7.60
C ALA C 90 4.31 13.65 6.54
N ALA C 91 3.08 13.90 6.86
CA ALA C 91 2.15 14.52 5.88
C ALA C 91 2.66 15.90 5.48
N ASN C 92 3.02 16.70 6.43
CA ASN C 92 3.54 18.07 6.10
C ASN C 92 4.91 17.97 5.43
N PHE C 93 5.69 16.99 5.80
CA PHE C 93 7.05 16.84 5.18
C PHE C 93 6.92 16.28 3.76
N LEU C 94 6.07 15.30 3.57
CA LEU C 94 5.92 14.72 2.20
C LEU C 94 5.21 15.72 1.28
N ASP C 95 4.77 16.82 1.82
CA ASP C 95 4.07 17.83 0.97
C ASP C 95 2.89 17.19 0.23
N CYS C 96 2.39 17.84 -0.78
CA CYS C 96 1.24 17.28 -1.55
C CYS C 96 1.60 17.15 -3.03
N VAL A 1 -8.50 17.71 -3.51
CA VAL A 1 -7.84 16.70 -2.61
C VAL A 1 -6.48 17.16 -2.18
N ALA A 2 -6.21 16.89 -0.96
CA ALA A 2 -4.92 17.28 -0.33
C ALA A 2 -4.15 16.06 0.15
N THR A 3 -2.86 16.20 0.33
CA THR A 3 -2.05 15.05 0.82
C THR A 3 -2.44 14.76 2.27
N LEU A 4 -1.65 14.00 2.98
CA LEU A 4 -1.99 13.69 4.40
C LEU A 4 -1.54 14.82 5.32
N GLN A 5 -0.74 15.73 4.83
CA GLN A 5 -0.25 16.84 5.69
C GLN A 5 -1.44 17.66 6.23
N HIS A 6 -2.48 17.79 5.46
CA HIS A 6 -3.66 18.58 5.93
C HIS A 6 -4.40 17.86 7.05
N LEU A 7 -4.65 16.59 6.89
CA LEU A 7 -5.37 15.83 7.97
C LEU A 7 -4.48 15.68 9.20
N CYS A 8 -3.20 15.47 9.01
CA CYS A 8 -2.30 15.30 10.18
C CYS A 8 -2.36 16.55 11.10
N ARG A 9 -2.51 17.70 10.51
CA ARG A 9 -2.57 18.94 11.34
C ARG A 9 -3.93 19.04 12.04
N LYS A 10 -4.97 18.57 11.42
CA LYS A 10 -6.32 18.64 12.05
C LYS A 10 -6.36 17.75 13.29
N THR A 11 -5.72 16.60 13.25
CA THR A 11 -5.72 15.71 14.43
C THR A 11 -5.14 16.41 15.65
N VAL A 12 -3.96 16.98 15.51
CA VAL A 12 -3.33 17.69 16.67
C VAL A 12 -4.22 18.87 17.10
N ASN A 13 -4.81 19.57 16.17
CA ASN A 13 -5.67 20.73 16.54
C ASN A 13 -6.84 20.25 17.41
N GLY A 14 -7.38 19.10 17.12
CA GLY A 14 -8.52 18.59 17.94
C GLY A 14 -7.99 17.77 19.11
N HIS A 15 -6.74 17.38 19.06
CA HIS A 15 -6.17 16.59 20.18
C HIS A 15 -5.83 17.50 21.36
N MET B 1 -15.02 -0.48 -14.79
CA MET B 1 -14.36 -1.79 -14.51
C MET B 1 -12.93 -1.58 -14.02
N ASP B 2 -12.75 -0.77 -13.01
CA ASP B 2 -11.37 -0.52 -12.49
C ASP B 2 -11.21 -1.14 -11.10
N VAL B 3 -10.14 -1.85 -10.88
CA VAL B 3 -9.93 -2.49 -9.55
C VAL B 3 -8.48 -2.28 -9.10
N PHE B 4 -8.27 -1.99 -7.83
CA PHE B 4 -6.88 -1.78 -7.35
C PHE B 4 -6.32 -3.09 -6.77
N LEU B 5 -5.03 -3.28 -6.84
CA LEU B 5 -4.44 -4.53 -6.30
C LEU B 5 -3.24 -4.22 -5.40
N MET B 6 -3.05 -4.98 -4.37
CA MET B 6 -1.89 -4.74 -3.46
C MET B 6 -1.11 -6.05 -3.28
N ILE B 7 0.17 -6.04 -3.54
CA ILE B 7 0.95 -7.28 -3.38
C ILE B 7 1.58 -7.28 -1.99
N ARG B 8 1.58 -8.40 -1.33
CA ARG B 8 2.17 -8.43 0.03
C ARG B 8 3.43 -9.28 0.06
N ARG B 9 4.43 -8.77 0.70
CA ARG B 9 5.73 -9.47 0.85
C ARG B 9 6.35 -9.01 2.16
N HIS B 10 7.13 -9.82 2.80
CA HIS B 10 7.72 -9.33 4.08
C HIS B 10 8.41 -8.03 3.84
N LYS B 11 8.34 -7.18 4.80
CA LYS B 11 8.98 -5.84 4.67
C LYS B 11 8.75 -5.29 3.26
N THR B 12 8.47 -6.15 2.31
CA THR B 12 8.26 -5.65 0.91
C THR B 12 6.77 -5.60 0.51
N THR B 13 6.26 -4.42 0.25
CA THR B 13 4.83 -4.26 -0.17
C THR B 13 4.79 -3.36 -1.42
N ILE B 14 4.09 -3.77 -2.45
CA ILE B 14 4.03 -2.91 -3.68
C ILE B 14 2.61 -2.43 -3.95
N PHE B 15 2.45 -1.17 -4.23
CA PHE B 15 1.09 -0.69 -4.57
C PHE B 15 0.90 -0.95 -6.05
N THR B 16 0.03 -1.85 -6.41
CA THR B 16 -0.13 -2.18 -7.84
C THR B 16 -1.58 -1.95 -8.31
N ASP B 17 -1.75 -1.50 -9.52
CA ASP B 17 -3.13 -1.25 -10.04
C ASP B 17 -3.36 -2.09 -11.30
N ALA B 18 -4.55 -2.57 -11.49
CA ALA B 18 -4.83 -3.41 -12.70
C ALA B 18 -6.32 -3.38 -13.03
N LYS B 19 -6.71 -3.95 -14.14
CA LYS B 19 -8.15 -3.96 -14.52
C LYS B 19 -8.84 -5.21 -13.95
N GLU B 20 -10.11 -5.12 -13.70
CA GLU B 20 -10.84 -6.29 -13.14
C GLU B 20 -10.48 -7.57 -13.90
N SER B 21 -10.10 -7.44 -15.15
CA SER B 21 -9.73 -8.65 -15.93
C SER B 21 -8.21 -8.83 -15.94
N SER B 22 -7.51 -7.92 -15.34
CA SER B 22 -6.03 -8.05 -15.28
C SER B 22 -5.65 -8.91 -14.08
N THR B 23 -5.26 -8.29 -13.00
CA THR B 23 -4.92 -9.07 -11.78
C THR B 23 -3.98 -10.24 -12.13
N VAL B 24 -4.08 -11.32 -11.40
CA VAL B 24 -3.23 -12.52 -11.65
C VAL B 24 -2.24 -12.29 -12.81
N PHE B 25 -2.72 -12.29 -14.02
CA PHE B 25 -1.81 -12.08 -15.18
C PHE B 25 -1.01 -10.80 -15.00
N GLU B 26 -1.66 -9.69 -14.80
CA GLU B 26 -0.93 -8.40 -14.61
C GLU B 26 -0.10 -8.46 -13.32
N LEU B 27 -0.65 -9.02 -12.28
CA LEU B 27 0.10 -9.10 -11.00
C LEU B 27 1.41 -9.86 -11.20
N LYS B 28 1.38 -10.93 -11.94
CA LYS B 28 2.63 -11.72 -12.18
C LYS B 28 3.70 -10.82 -12.80
N ARG B 29 3.33 -10.04 -13.79
CA ARG B 29 4.33 -9.14 -14.42
C ARG B 29 4.84 -8.12 -13.42
N ILE B 30 3.99 -7.64 -12.56
CA ILE B 30 4.42 -6.64 -11.54
C ILE B 30 5.53 -7.21 -10.66
N VAL B 31 5.37 -8.42 -10.18
CA VAL B 31 6.42 -9.02 -9.33
C VAL B 31 7.73 -9.11 -10.11
N GLU B 32 7.68 -9.60 -11.32
CA GLU B 32 8.92 -9.70 -12.14
C GLU B 32 9.49 -8.30 -12.41
N GLY B 33 8.74 -7.28 -12.08
CA GLY B 33 9.23 -5.91 -12.29
C GLY B 33 9.76 -5.35 -10.98
N ILE B 34 8.98 -5.41 -9.94
CA ILE B 34 9.43 -4.88 -8.62
C ILE B 34 10.34 -5.91 -7.93
N LEU B 35 9.94 -7.15 -7.90
CA LEU B 35 10.79 -8.18 -7.24
C LEU B 35 11.53 -9.00 -8.28
N LYS B 36 11.17 -8.86 -9.53
CA LYS B 36 11.86 -9.64 -10.60
C LYS B 36 11.70 -11.15 -10.36
N ARG B 37 10.50 -11.59 -10.07
CA ARG B 37 10.31 -13.05 -9.81
C ARG B 37 9.87 -13.76 -11.10
N PRO B 38 10.54 -14.82 -11.41
CA PRO B 38 10.23 -15.60 -12.63
C PRO B 38 8.98 -16.47 -12.39
N PRO B 39 8.29 -16.76 -13.47
CA PRO B 39 7.07 -17.58 -13.39
C PRO B 39 7.44 -19.05 -13.17
N ASP B 40 6.47 -19.88 -12.87
CA ASP B 40 6.75 -21.33 -12.64
C ASP B 40 7.33 -21.55 -11.24
N GLU B 41 8.15 -20.64 -10.77
CA GLU B 41 8.75 -20.80 -9.42
C GLU B 41 8.15 -19.78 -8.46
N GLN B 42 7.08 -19.14 -8.84
CA GLN B 42 6.44 -18.13 -7.95
C GLN B 42 4.95 -18.42 -7.78
N ARG B 43 4.38 -17.99 -6.70
CA ARG B 43 2.93 -18.25 -6.46
C ARG B 43 2.28 -17.04 -5.76
N LEU B 44 1.02 -16.82 -5.99
CA LEU B 44 0.35 -15.66 -5.34
C LEU B 44 -0.78 -16.15 -4.42
N TYR B 45 -1.09 -15.39 -3.40
CA TYR B 45 -2.18 -15.82 -2.48
C TYR B 45 -3.24 -14.72 -2.37
N LYS B 46 -4.48 -15.10 -2.50
CA LYS B 46 -5.58 -14.09 -2.39
C LYS B 46 -6.32 -14.22 -1.06
N ASP B 47 -6.16 -13.26 -0.19
CA ASP B 47 -6.85 -13.33 1.13
C ASP B 47 -6.41 -14.58 1.90
N ASP B 48 -5.28 -14.53 2.55
CA ASP B 48 -4.80 -15.72 3.32
C ASP B 48 -5.07 -17.00 2.54
N GLN B 49 -5.10 -16.93 1.23
CA GLN B 49 -5.37 -18.15 0.42
C GLN B 49 -4.52 -18.13 -0.85
N LEU B 50 -4.65 -19.12 -1.68
CA LEU B 50 -3.84 -19.17 -2.93
C LEU B 50 -4.68 -18.68 -4.11
N LEU B 51 -4.17 -17.74 -4.87
CA LEU B 51 -4.96 -17.24 -6.03
C LEU B 51 -4.44 -17.86 -7.33
N ASP B 52 -5.32 -18.39 -8.14
CA ASP B 52 -4.87 -19.01 -9.42
C ASP B 52 -4.73 -17.95 -10.51
N ASP B 53 -3.70 -18.04 -11.31
CA ASP B 53 -3.51 -17.02 -12.39
C ASP B 53 -4.50 -17.28 -13.53
N GLY B 54 -5.32 -18.28 -13.40
CA GLY B 54 -6.31 -18.58 -14.49
C GLY B 54 -7.60 -17.80 -14.23
N LYS B 55 -7.61 -16.98 -13.22
CA LYS B 55 -8.81 -16.19 -12.92
C LYS B 55 -8.38 -14.78 -12.53
N THR B 56 -9.16 -13.84 -12.89
CA THR B 56 -8.86 -12.42 -12.58
C THR B 56 -9.62 -11.99 -11.32
N LEU B 57 -9.38 -10.80 -10.83
CA LEU B 57 -10.11 -10.37 -9.61
C LEU B 57 -11.61 -10.54 -9.81
N GLY B 58 -12.08 -10.35 -11.01
CA GLY B 58 -13.54 -10.53 -11.27
C GLY B 58 -13.87 -12.01 -11.25
N GLU B 59 -13.00 -12.83 -11.80
CA GLU B 59 -13.26 -14.30 -11.79
C GLU B 59 -12.83 -14.88 -10.44
N CYS B 60 -12.43 -14.03 -9.55
CA CYS B 60 -12.00 -14.49 -8.20
C CYS B 60 -13.01 -14.03 -7.16
N GLY B 61 -13.53 -12.83 -7.32
CA GLY B 61 -14.54 -12.32 -6.33
C GLY B 61 -14.10 -10.97 -5.77
N PHE B 62 -13.25 -10.27 -6.47
CA PHE B 62 -12.79 -8.95 -5.97
C PHE B 62 -13.67 -7.83 -6.54
N THR B 63 -13.89 -7.84 -7.83
CA THR B 63 -14.73 -6.78 -8.45
C THR B 63 -14.21 -5.39 -8.09
N SER B 64 -15.03 -4.57 -7.48
CA SER B 64 -14.57 -3.20 -7.10
C SER B 64 -14.92 -2.93 -5.64
N GLN B 65 -15.05 -3.98 -4.87
CA GLN B 65 -15.37 -3.81 -3.43
C GLN B 65 -14.16 -4.20 -2.58
N THR B 66 -13.25 -4.94 -3.16
CA THR B 66 -12.04 -5.35 -2.40
C THR B 66 -10.78 -4.88 -3.12
N ALA B 67 -10.89 -3.82 -3.87
CA ALA B 67 -9.70 -3.29 -4.60
C ALA B 67 -10.00 -1.87 -5.09
N ARG B 68 -9.38 -0.89 -4.48
CA ARG B 68 -9.62 0.52 -4.90
C ARG B 68 -8.98 1.48 -3.88
N PRO B 69 -9.26 2.75 -4.03
CA PRO B 69 -8.69 3.75 -3.10
C PRO B 69 -9.34 3.61 -1.72
N GLN B 70 -10.46 2.97 -1.65
CA GLN B 70 -11.14 2.77 -0.34
C GLN B 70 -10.70 1.44 0.27
N ALA B 71 -10.92 0.36 -0.43
CA ALA B 71 -10.49 -0.97 0.09
C ALA B 71 -9.73 -1.72 -1.01
N PRO B 72 -8.43 -1.77 -0.85
CA PRO B 72 -7.57 -2.44 -1.84
C PRO B 72 -7.52 -3.96 -1.59
N ALA B 73 -6.97 -4.69 -2.52
CA ALA B 73 -6.87 -6.17 -2.35
C ALA B 73 -5.42 -6.56 -2.08
N THR B 74 -5.19 -7.56 -1.28
CA THR B 74 -3.79 -7.97 -0.97
C THR B 74 -3.46 -9.32 -1.61
N VAL B 75 -2.27 -9.42 -2.15
CA VAL B 75 -1.85 -10.71 -2.77
C VAL B 75 -0.52 -11.14 -2.13
N GLY B 76 -0.36 -12.41 -1.88
CA GLY B 76 0.89 -12.89 -1.24
C GLY B 76 1.88 -13.29 -2.32
N LEU B 77 3.13 -13.13 -2.01
CA LEU B 77 4.19 -13.50 -3.00
C LEU B 77 5.05 -14.61 -2.43
N ALA B 78 5.08 -15.71 -3.11
CA ALA B 78 5.91 -16.86 -2.68
C ALA B 78 6.54 -17.54 -3.89
N PHE B 79 7.82 -17.72 -3.89
CA PHE B 79 8.48 -18.38 -5.07
C PHE B 79 9.67 -19.22 -4.60
N ARG B 80 9.84 -20.40 -5.15
CA ARG B 80 10.99 -21.25 -4.73
C ARG B 80 12.12 -21.17 -5.75
N ALA B 81 13.24 -20.61 -5.35
CA ALA B 81 14.38 -20.50 -6.29
C ALA B 81 15.51 -21.45 -5.87
N ASP B 82 16.10 -22.14 -6.81
CA ASP B 82 17.20 -23.09 -6.46
C ASP B 82 17.94 -22.62 -5.21
N ASP B 83 17.84 -23.36 -4.13
CA ASP B 83 18.54 -22.96 -2.88
C ASP B 83 17.88 -21.70 -2.30
N THR B 84 16.59 -21.57 -2.42
CA THR B 84 15.90 -20.37 -1.88
C THR B 84 14.56 -20.78 -1.25
N PHE B 85 14.01 -19.94 -0.43
CA PHE B 85 12.71 -20.29 0.22
C PHE B 85 11.64 -19.25 -0.15
N GLU B 86 10.45 -19.70 -0.42
CA GLU B 86 9.35 -18.76 -0.78
C GLU B 86 8.76 -18.11 0.47
N ALA B 87 8.36 -16.88 0.37
CA ALA B 87 7.76 -16.20 1.56
C ALA B 87 6.46 -16.90 1.95
N LEU B 88 5.36 -16.52 1.36
CA LEU B 88 4.05 -17.16 1.69
C LEU B 88 3.46 -16.53 2.96
N CYS B 89 4.29 -15.94 3.77
CA CYS B 89 3.78 -15.27 4.99
C CYS B 89 4.17 -13.83 4.91
N ILE B 90 3.25 -12.95 4.70
CA ILE B 90 3.63 -11.52 4.59
C ILE B 90 3.55 -10.88 5.96
N GLU B 91 4.68 -10.57 6.52
CA GLU B 91 4.69 -9.92 7.86
C GLU B 91 4.27 -8.46 7.73
N PRO B 92 3.09 -8.18 8.20
CA PRO B 92 2.54 -6.81 8.12
C PRO B 92 3.23 -5.88 9.11
N PHE B 93 2.62 -4.76 9.41
CA PHE B 93 3.24 -3.81 10.37
C PHE B 93 2.58 -3.96 11.74
N SER B 94 2.84 -3.04 12.64
CA SER B 94 2.22 -3.13 13.99
C SER B 94 0.75 -3.54 13.88
N SER B 95 0.13 -3.22 12.77
CA SER B 95 -1.31 -3.58 12.60
C SER B 95 -1.43 -4.83 11.73
N PRO B 96 -2.66 -5.21 11.45
CA PRO B 96 -2.92 -6.41 10.62
C PRO B 96 -2.57 -6.11 9.16
N PRO B 97 -2.70 -7.12 8.33
CA PRO B 97 -2.40 -6.97 6.89
C PRO B 97 -3.46 -6.08 6.21
N GLU B 98 -3.58 -4.86 6.65
CA GLU B 98 -4.58 -3.95 6.04
C GLU B 98 -4.59 -2.60 6.78
N LEU B 99 -4.71 -1.52 6.07
CA LEU B 99 -4.73 -0.18 6.74
C LEU B 99 -5.58 -0.23 8.00
N PRO B 100 -5.35 0.71 8.87
CA PRO B 100 -6.12 0.79 10.14
C PRO B 100 -7.55 1.26 9.88
N ASP B 101 -8.50 0.39 9.95
CA ASP B 101 -9.92 0.79 9.71
C ASP B 101 -10.87 -0.20 10.37
N VAL B 102 -12.11 0.19 10.58
CA VAL B 102 -13.08 -0.73 11.23
C VAL B 102 -14.48 -0.51 10.64
N MET B 103 -14.57 -0.27 9.36
CA MET B 103 -15.90 -0.04 8.74
C MET B 103 -16.66 1.06 9.47
N LYS B 104 -17.36 0.73 10.52
CA LYS B 104 -18.12 1.77 11.27
C LYS B 104 -17.31 2.23 12.49
N PRO B 105 -16.86 3.45 12.44
CA PRO B 105 -16.06 4.02 13.55
C PRO B 105 -16.97 4.32 14.76
N GLN B 106 -17.99 5.11 14.56
CA GLN B 106 -18.90 5.43 15.71
C GLN B 106 -18.09 5.74 16.96
N ASP B 107 -17.24 6.73 16.90
CA ASP B 107 -16.42 7.07 18.10
C ASP B 107 -17.30 7.73 19.17
N SER B 108 -17.50 9.01 19.08
CA SER B 108 -18.35 9.71 20.09
C SER B 108 -19.06 10.90 19.45
N GLY B 109 -20.33 11.07 19.72
CA GLY B 109 -21.08 12.22 19.13
C GLY B 109 -21.64 11.81 17.77
N SER B 110 -21.81 10.54 17.54
CA SER B 110 -22.35 10.08 16.23
C SER B 110 -23.42 9.00 16.44
N SER B 111 -24.18 8.71 15.44
CA SER B 111 -25.24 7.67 15.58
C SER B 111 -26.23 8.07 16.69
N ALA B 112 -27.42 7.54 16.65
CA ALA B 112 -28.43 7.88 17.69
C ALA B 112 -27.82 7.72 19.08
N ASN B 113 -28.52 8.13 20.10
CA ASN B 113 -27.98 8.00 21.48
C ASN B 113 -28.65 6.82 22.20
N GLU B 114 -29.95 6.87 22.34
CA GLU B 114 -30.66 5.75 23.03
C GLU B 114 -31.62 5.04 22.06
N GLN B 115 -31.09 4.36 21.09
CA GLN B 115 -31.96 3.65 20.11
C GLN B 115 -31.60 2.16 20.06
N ALA B 116 -30.37 1.84 19.82
CA ALA B 116 -29.96 0.41 19.76
C ALA B 116 -28.45 0.30 19.50
N VAL B 117 -27.79 -0.63 20.13
CA VAL B 117 -26.33 -0.79 19.91
C VAL B 117 -25.98 -2.26 19.73
N GLN B 118 -25.22 -2.59 18.72
CA GLN B 118 -24.84 -4.01 18.48
C GLN B 118 -26.09 -4.84 18.18
N MET C 1 6.67 4.27 -14.52
CA MET C 1 7.73 4.45 -13.49
C MET C 1 7.18 4.06 -12.10
N TYR C 2 8.05 3.62 -11.23
CA TYR C 2 7.60 3.22 -9.87
C TYR C 2 8.59 3.74 -8.82
N VAL C 3 8.15 3.94 -7.61
CA VAL C 3 9.09 4.44 -6.56
C VAL C 3 8.91 3.63 -5.26
N LYS C 4 9.98 3.38 -4.56
CA LYS C 4 9.88 2.61 -3.30
C LYS C 4 10.01 3.55 -2.10
N LEU C 5 9.18 3.36 -1.09
CA LEU C 5 9.27 4.26 0.10
C LEU C 5 9.52 3.43 1.36
N ILE C 6 10.60 3.70 2.05
CA ILE C 6 10.89 2.94 3.29
C ILE C 6 10.72 3.87 4.50
N SER C 7 10.20 3.35 5.57
CA SER C 7 10.00 4.22 6.78
C SER C 7 10.62 3.56 8.01
N SER C 8 11.37 4.30 8.77
CA SER C 8 12.00 3.71 10.00
C SER C 8 12.80 2.46 9.65
N ASP C 9 12.95 2.18 8.39
CA ASP C 9 13.72 0.96 7.99
C ASP C 9 13.03 -0.31 8.51
N GLY C 10 11.79 -0.19 8.92
CA GLY C 10 11.07 -1.39 9.43
C GLY C 10 10.32 -2.06 8.28
N HIS C 11 9.97 -1.31 7.28
CA HIS C 11 9.24 -1.91 6.11
C HIS C 11 9.38 -1.01 4.89
N GLU C 12 9.00 -1.50 3.74
CA GLU C 12 9.12 -0.67 2.51
C GLU C 12 7.85 -0.77 1.67
N PHE C 13 7.61 0.21 0.86
CA PHE C 13 6.39 0.20 0.00
C PHE C 13 6.71 0.82 -1.36
N ILE C 14 6.25 0.24 -2.42
CA ILE C 14 6.56 0.81 -3.77
C ILE C 14 5.30 1.43 -4.39
N VAL C 15 5.36 2.68 -4.74
CA VAL C 15 4.17 3.34 -5.36
C VAL C 15 4.57 4.00 -6.68
N LYS C 16 3.62 4.21 -7.56
CA LYS C 16 3.95 4.85 -8.87
C LYS C 16 4.51 6.25 -8.63
N ARG C 17 5.52 6.63 -9.38
CA ARG C 17 6.11 7.99 -9.20
C ARG C 17 5.00 9.01 -9.03
N GLU C 18 3.90 8.84 -9.71
CA GLU C 18 2.77 9.81 -9.58
C GLU C 18 2.14 9.67 -8.21
N HIS C 19 1.82 8.47 -7.81
CA HIS C 19 1.22 8.27 -6.47
C HIS C 19 2.05 9.01 -5.43
N ALA C 20 3.34 8.83 -5.46
CA ALA C 20 4.22 9.53 -4.49
C ALA C 20 4.38 11.00 -4.91
N LEU C 21 4.05 11.32 -6.13
CA LEU C 21 4.17 12.73 -6.58
C LEU C 21 3.13 13.60 -5.87
N THR C 22 2.28 12.99 -5.08
CA THR C 22 1.25 13.77 -4.37
C THR C 22 1.80 14.35 -3.06
N SER C 23 3.05 14.17 -2.82
CA SER C 23 3.65 14.73 -1.56
C SER C 23 4.53 15.93 -1.89
N GLY C 24 5.11 15.95 -3.06
CA GLY C 24 6.00 17.09 -3.43
C GLY C 24 7.44 16.74 -3.05
N THR C 25 7.61 15.98 -1.99
CA THR C 25 8.98 15.60 -1.56
C THR C 25 9.47 14.42 -2.40
N ILE C 26 8.65 13.42 -2.58
CA ILE C 26 9.08 12.25 -3.39
C ILE C 26 9.40 12.72 -4.81
N LYS C 27 8.66 13.66 -5.31
CA LYS C 27 8.92 14.18 -6.68
C LYS C 27 10.33 14.78 -6.74
N ALA C 28 10.69 15.56 -5.77
CA ALA C 28 12.05 16.17 -5.76
C ALA C 28 13.11 15.07 -5.69
N MET C 29 12.89 14.07 -4.87
CA MET C 29 13.89 12.97 -4.76
C MET C 29 14.03 12.26 -6.12
N LEU C 30 12.96 12.17 -6.86
CA LEU C 30 13.04 11.50 -8.19
C LEU C 30 14.04 12.22 -9.10
N SER C 31 14.41 13.41 -8.75
CA SER C 31 15.38 14.17 -9.59
C SER C 31 16.57 14.63 -8.75
N GLY C 32 16.41 14.68 -7.45
CA GLY C 32 17.53 15.12 -6.57
C GLY C 32 18.86 14.57 -7.10
N PRO C 33 19.87 15.39 -7.02
CA PRO C 33 21.21 14.98 -7.50
C PRO C 33 21.84 13.98 -6.51
N GLY C 34 22.17 12.81 -6.99
CA GLY C 34 22.79 11.79 -6.09
C GLY C 34 23.87 11.02 -6.86
N GLN C 35 24.66 10.25 -6.16
CA GLN C 35 25.74 9.48 -6.85
C GLN C 35 25.12 8.40 -7.74
N PHE C 36 25.72 8.16 -8.88
CA PHE C 36 25.16 7.13 -9.80
C PHE C 36 26.00 5.85 -9.74
N ALA C 37 25.38 4.72 -9.56
CA ALA C 37 26.16 3.44 -9.49
C ALA C 37 25.30 2.28 -9.99
N GLU C 38 24.17 2.06 -9.40
CA GLU C 38 23.29 0.92 -9.85
C GLU C 38 21.85 1.16 -9.40
N ASN C 39 21.22 2.20 -9.90
CA ASN C 39 19.81 2.48 -9.51
C ASN C 39 19.05 3.07 -10.70
N GLU C 40 17.91 3.67 -10.43
CA GLU C 40 17.12 4.27 -11.55
C GLU C 40 16.34 5.49 -11.05
N THR C 41 16.96 6.30 -10.23
CA THR C 41 16.26 7.52 -9.70
C THR C 41 14.76 7.24 -9.51
N ASN C 42 14.41 6.63 -8.41
CA ASN C 42 12.96 6.33 -8.16
C ASN C 42 12.80 5.65 -6.81
N GLU C 43 13.36 6.21 -5.77
CA GLU C 43 13.24 5.57 -4.43
C GLU C 43 13.06 6.65 -3.35
N VAL C 44 12.45 6.28 -2.25
CA VAL C 44 12.23 7.26 -1.16
C VAL C 44 12.77 6.68 0.16
N ASN C 45 13.17 7.51 1.08
CA ASN C 45 13.70 6.98 2.37
C ASN C 45 13.17 7.79 3.55
N PHE C 46 12.39 7.15 4.39
CA PHE C 46 11.84 7.85 5.58
C PHE C 46 12.42 7.22 6.86
N ARG C 47 13.27 7.93 7.54
CA ARG C 47 13.89 7.37 8.78
C ARG C 47 13.14 7.88 10.02
N GLU C 48 11.99 8.47 9.83
CA GLU C 48 11.22 8.99 10.99
C GLU C 48 9.73 8.70 10.80
N ILE C 49 9.40 7.61 10.17
CA ILE C 49 7.97 7.28 9.94
C ILE C 49 7.75 5.76 10.01
N PRO C 50 6.78 5.38 10.80
CA PRO C 50 6.45 3.94 10.96
C PRO C 50 5.72 3.41 9.72
N SER C 51 5.68 2.12 9.55
CA SER C 51 4.97 1.56 8.37
C SER C 51 3.50 1.97 8.36
N HIS C 52 2.83 1.84 9.48
CA HIS C 52 1.39 2.25 9.53
C HIS C 52 1.19 3.57 8.79
N VAL C 53 2.10 4.49 8.94
CA VAL C 53 1.97 5.80 8.25
C VAL C 53 2.43 5.66 6.79
N LEU C 54 3.45 4.88 6.55
CA LEU C 54 3.95 4.70 5.16
C LEU C 54 2.77 4.50 4.21
N SER C 55 1.75 3.82 4.64
CA SER C 55 0.57 3.60 3.76
C SER C 55 -0.48 4.67 4.03
N LYS C 56 -0.52 5.15 5.24
CA LYS C 56 -1.51 6.22 5.58
C LYS C 56 -1.41 7.36 4.58
N VAL C 57 -0.32 8.08 4.61
CA VAL C 57 -0.15 9.21 3.64
C VAL C 57 -0.16 8.67 2.22
N CYS C 58 0.38 7.50 2.01
CA CYS C 58 0.41 6.93 0.64
C CYS C 58 -1.03 6.82 0.10
N MET C 59 -1.97 6.55 0.96
CA MET C 59 -3.38 6.46 0.48
C MET C 59 -3.79 7.79 -0.15
N TYR C 60 -3.33 8.88 0.40
CA TYR C 60 -3.68 10.19 -0.20
C TYR C 60 -2.87 10.37 -1.49
N PHE C 61 -1.80 9.64 -1.63
CA PHE C 61 -0.98 9.74 -2.87
C PHE C 61 -1.83 9.24 -4.04
N THR C 62 -2.65 8.25 -3.78
CA THR C 62 -3.53 7.71 -4.86
C THR C 62 -4.87 8.45 -4.83
N TYR C 63 -5.39 8.73 -3.67
CA TYR C 63 -6.68 9.46 -3.59
C TYR C 63 -6.55 10.79 -4.32
N LYS C 64 -5.36 11.33 -4.38
CA LYS C 64 -5.15 12.62 -5.09
C LYS C 64 -5.51 12.46 -6.57
N VAL C 65 -5.16 11.33 -7.15
CA VAL C 65 -5.49 11.11 -8.58
C VAL C 65 -6.99 10.87 -8.75
N ARG C 66 -7.64 10.39 -7.72
CA ARG C 66 -9.11 10.14 -7.81
C ARG C 66 -9.88 11.46 -7.69
N TYR C 67 -9.26 12.47 -7.15
CA TYR C 67 -9.96 13.78 -7.01
C TYR C 67 -10.20 14.41 -8.39
N THR C 68 -9.21 14.37 -9.24
CA THR C 68 -9.39 14.96 -10.60
C THR C 68 -10.71 14.47 -11.20
N ASN C 69 -11.23 13.38 -10.71
CA ASN C 69 -12.51 12.85 -11.25
C ASN C 69 -13.70 13.39 -10.44
N SER C 70 -13.43 13.99 -9.32
CA SER C 70 -14.53 14.54 -8.48
C SER C 70 -15.38 13.39 -7.91
N SER C 71 -15.39 13.24 -6.61
CA SER C 71 -16.20 12.15 -6.00
C SER C 71 -17.27 12.73 -5.07
N THR C 72 -17.99 11.89 -4.39
CA THR C 72 -19.05 12.40 -3.46
C THR C 72 -18.60 12.25 -2.01
N GLU C 73 -17.36 11.90 -1.79
CA GLU C 73 -16.86 11.73 -0.40
C GLU C 73 -15.32 11.72 -0.39
N ILE C 74 -14.71 12.78 -0.84
CA ILE C 74 -13.23 12.83 -0.85
C ILE C 74 -12.68 12.82 0.59
N PRO C 75 -13.13 13.78 1.37
CA PRO C 75 -12.69 13.88 2.78
C PRO C 75 -13.30 12.76 3.61
N GLU C 76 -12.58 11.69 3.83
CA GLU C 76 -13.12 10.57 4.64
C GLU C 76 -11.98 9.79 5.31
N PHE C 77 -10.83 10.40 5.42
CA PHE C 77 -9.67 9.70 6.06
C PHE C 77 -9.91 9.56 7.56
N PRO C 78 -9.69 8.37 8.05
CA PRO C 78 -9.88 8.10 9.50
C PRO C 78 -8.74 8.69 10.33
N ILE C 79 -9.07 9.38 11.39
CA ILE C 79 -8.00 9.98 12.26
C ILE C 79 -8.34 9.73 13.73
N ALA C 80 -7.38 9.35 14.53
CA ALA C 80 -7.68 9.09 15.96
C ALA C 80 -6.40 8.77 16.74
N PRO C 81 -6.57 8.43 17.99
CA PRO C 81 -5.41 8.09 18.85
C PRO C 81 -4.87 6.71 18.46
N GLU C 82 -4.27 6.64 17.30
CA GLU C 82 -3.71 5.34 16.82
C GLU C 82 -3.04 5.61 15.49
N ILE C 83 -3.66 6.46 14.72
CA ILE C 83 -3.08 6.83 13.41
C ILE C 83 -3.35 8.31 13.17
N ALA C 84 -2.38 9.02 12.66
CA ALA C 84 -2.52 10.49 12.38
C ALA C 84 -1.41 11.24 13.12
N LEU C 85 -1.06 10.80 14.29
CA LEU C 85 0.01 11.48 15.07
C LEU C 85 1.33 11.44 14.31
N GLU C 86 1.71 10.28 13.84
CA GLU C 86 2.99 10.17 13.09
C GLU C 86 2.93 11.07 11.85
N LEU C 87 1.79 11.17 11.25
CA LEU C 87 1.66 12.03 10.03
C LEU C 87 2.00 13.48 10.37
N LEU C 88 1.79 13.88 11.60
CA LEU C 88 2.12 15.29 11.97
C LEU C 88 3.49 15.66 11.40
N MET C 89 4.50 14.92 11.76
CA MET C 89 5.86 15.21 11.24
C MET C 89 6.08 14.51 9.89
N ALA C 90 5.33 13.48 9.61
CA ALA C 90 5.50 12.76 8.31
C ALA C 90 4.67 13.44 7.21
N ALA C 91 3.41 13.66 7.45
CA ALA C 91 2.55 14.32 6.43
C ALA C 91 3.13 15.69 6.10
N ASN C 92 3.42 16.48 7.10
CA ASN C 92 3.98 17.84 6.86
C ASN C 92 5.41 17.75 6.30
N PHE C 93 6.15 16.76 6.71
CA PHE C 93 7.55 16.63 6.21
C PHE C 93 7.54 16.48 4.68
N LEU C 94 6.63 15.70 4.16
CA LEU C 94 6.57 15.52 2.69
C LEU C 94 6.58 16.88 1.99
N ASP C 95 5.44 17.46 1.77
CA ASP C 95 5.39 18.79 1.10
C ASP C 95 3.94 19.16 0.76
N CYS C 96 3.71 20.36 0.30
CA CYS C 96 2.32 20.78 -0.05
C CYS C 96 1.60 19.64 -0.78
N VAL A 1 -9.25 16.93 -3.43
CA VAL A 1 -8.61 16.02 -2.43
C VAL A 1 -7.27 16.55 -1.99
N ALA A 2 -7.04 16.37 -0.75
CA ALA A 2 -5.78 16.84 -0.11
C ALA A 2 -4.87 15.66 0.24
N THR A 3 -3.61 15.91 0.41
CA THR A 3 -2.68 14.81 0.78
C THR A 3 -2.82 14.52 2.27
N LEU A 4 -1.77 14.06 2.91
CA LEU A 4 -1.85 13.77 4.36
C LEU A 4 -1.67 15.05 5.17
N GLN A 5 -1.08 16.05 4.59
CA GLN A 5 -0.84 17.33 5.34
C GLN A 5 -2.17 17.95 5.80
N HIS A 6 -3.16 17.99 4.95
CA HIS A 6 -4.46 18.60 5.35
C HIS A 6 -5.26 17.66 6.27
N LEU A 7 -5.34 16.40 5.92
CA LEU A 7 -6.12 15.45 6.78
C LEU A 7 -5.56 15.42 8.21
N CYS A 8 -4.28 15.30 8.35
CA CYS A 8 -3.69 15.26 9.72
C CYS A 8 -4.04 16.53 10.49
N ARG A 9 -4.12 17.64 9.81
CA ARG A 9 -4.45 18.92 10.51
C ARG A 9 -5.88 18.88 11.04
N LYS A 10 -6.73 18.10 10.44
CA LYS A 10 -8.15 18.02 10.91
C LYS A 10 -8.20 17.48 12.34
N THR A 11 -7.44 16.45 12.63
CA THR A 11 -7.46 15.87 14.01
C THR A 11 -6.74 16.79 14.98
N VAL A 12 -5.53 17.18 14.67
CA VAL A 12 -4.78 18.09 15.58
C VAL A 12 -5.58 19.36 15.84
N ASN A 13 -6.23 19.87 14.84
CA ASN A 13 -7.04 21.12 15.02
C ASN A 13 -8.16 20.87 16.03
N GLY A 14 -8.75 19.71 16.00
CA GLY A 14 -9.85 19.41 16.96
C GLY A 14 -9.49 19.96 18.35
N HIS A 15 -8.22 20.03 18.65
CA HIS A 15 -7.81 20.55 19.98
C HIS A 15 -7.59 22.07 19.91
N MET B 1 -13.53 0.80 -15.16
CA MET B 1 -13.22 -0.64 -14.94
C MET B 1 -11.78 -0.80 -14.47
N ASP B 2 -11.48 -0.38 -13.27
CA ASP B 2 -10.09 -0.51 -12.75
C ASP B 2 -10.12 -0.97 -11.29
N VAL B 3 -9.18 -1.79 -10.90
CA VAL B 3 -9.14 -2.28 -9.49
C VAL B 3 -7.78 -2.02 -8.87
N PHE B 4 -7.74 -1.66 -7.61
CA PHE B 4 -6.42 -1.39 -6.95
C PHE B 4 -5.91 -2.66 -6.26
N LEU B 5 -4.80 -3.16 -6.69
CA LEU B 5 -4.26 -4.41 -6.06
C LEU B 5 -2.89 -4.14 -5.42
N MET B 6 -2.60 -4.82 -4.36
CA MET B 6 -1.28 -4.63 -3.68
C MET B 6 -0.60 -5.98 -3.51
N ILE B 7 0.69 -6.05 -3.68
CA ILE B 7 1.38 -7.36 -3.52
C ILE B 7 2.01 -7.41 -2.14
N ARG B 8 1.94 -8.54 -1.48
CA ARG B 8 2.53 -8.60 -0.12
C ARG B 8 3.75 -9.52 -0.07
N ARG B 9 4.76 -9.05 0.58
CA ARG B 9 6.02 -9.82 0.75
C ARG B 9 6.67 -9.33 2.05
N HIS B 10 7.38 -10.15 2.74
CA HIS B 10 7.99 -9.67 4.01
C HIS B 10 8.77 -8.41 3.76
N LYS B 11 8.75 -7.54 4.69
CA LYS B 11 9.49 -6.27 4.53
C LYS B 11 9.29 -5.72 3.12
N THR B 12 8.96 -6.57 2.18
CA THR B 12 8.77 -6.09 0.78
C THR B 12 7.28 -5.91 0.43
N THR B 13 6.88 -4.70 0.15
CA THR B 13 5.45 -4.43 -0.24
C THR B 13 5.43 -3.56 -1.50
N ILE B 14 4.66 -3.93 -2.50
CA ILE B 14 4.62 -3.10 -3.74
C ILE B 14 3.18 -2.74 -4.09
N PHE B 15 2.92 -1.50 -4.39
CA PHE B 15 1.54 -1.11 -4.77
C PHE B 15 1.40 -1.39 -6.26
N THR B 16 0.57 -2.32 -6.62
CA THR B 16 0.41 -2.65 -8.07
C THR B 16 -0.98 -2.26 -8.57
N ASP B 17 -1.08 -1.80 -9.78
CA ASP B 17 -2.42 -1.42 -10.31
C ASP B 17 -2.74 -2.21 -11.58
N ALA B 18 -3.97 -2.59 -11.76
CA ALA B 18 -4.34 -3.37 -12.98
C ALA B 18 -5.85 -3.31 -13.19
N LYS B 19 -6.32 -3.82 -14.30
CA LYS B 19 -7.79 -3.81 -14.55
C LYS B 19 -8.42 -5.09 -14.00
N GLU B 20 -9.67 -5.04 -13.65
CA GLU B 20 -10.33 -6.26 -13.10
C GLU B 20 -9.99 -7.48 -13.95
N SER B 21 -9.72 -7.28 -15.22
CA SER B 21 -9.38 -8.43 -16.10
C SER B 21 -7.87 -8.54 -16.27
N SER B 22 -7.13 -7.69 -15.60
CA SER B 22 -5.64 -7.74 -15.71
C SER B 22 -5.05 -8.08 -14.35
N THR B 23 -5.25 -9.29 -13.89
CA THR B 23 -4.70 -9.69 -12.57
C THR B 23 -3.88 -10.97 -12.70
N VAL B 24 -4.17 -11.97 -11.91
CA VAL B 24 -3.40 -13.26 -11.97
C VAL B 24 -2.39 -13.25 -13.12
N PHE B 25 -2.84 -13.43 -14.33
CA PHE B 25 -1.90 -13.43 -15.49
C PHE B 25 -1.12 -12.12 -15.55
N GLU B 26 -1.81 -11.01 -15.59
CA GLU B 26 -1.12 -9.69 -15.65
C GLU B 26 -0.33 -9.47 -14.34
N LEU B 27 -0.84 -9.94 -13.25
CA LEU B 27 -0.14 -9.77 -11.95
C LEU B 27 1.27 -10.38 -12.03
N LYS B 28 1.41 -11.44 -12.78
CA LYS B 28 2.76 -12.07 -12.89
C LYS B 28 3.79 -11.05 -13.38
N ARG B 29 3.40 -10.18 -14.27
CA ARG B 29 4.36 -9.15 -14.78
C ARG B 29 4.80 -8.25 -13.64
N ILE B 30 3.91 -7.92 -12.73
CA ILE B 30 4.27 -7.05 -11.60
C ILE B 30 5.40 -7.67 -10.78
N VAL B 31 5.30 -8.92 -10.45
CA VAL B 31 6.36 -9.57 -9.65
C VAL B 31 7.62 -9.76 -10.51
N GLU B 32 7.47 -10.28 -11.70
CA GLU B 32 8.65 -10.48 -12.59
C GLU B 32 9.27 -9.13 -12.96
N GLY B 33 8.64 -8.05 -12.56
CA GLY B 33 9.18 -6.71 -12.87
C GLY B 33 9.74 -6.11 -11.59
N ILE B 34 9.09 -6.38 -10.49
CA ILE B 34 9.57 -5.85 -9.18
C ILE B 34 10.51 -6.86 -8.53
N LEU B 35 10.08 -8.09 -8.42
CA LEU B 35 10.94 -9.13 -7.80
C LEU B 35 11.55 -10.00 -8.91
N LYS B 36 11.07 -9.85 -10.11
CA LYS B 36 11.63 -10.65 -11.25
C LYS B 36 11.38 -12.15 -11.02
N ARG B 37 10.20 -12.53 -10.64
CA ARG B 37 9.93 -13.98 -10.42
C ARG B 37 8.90 -14.50 -11.42
N PRO B 38 9.24 -15.59 -12.06
CA PRO B 38 8.33 -16.20 -13.06
C PRO B 38 7.22 -16.97 -12.37
N PRO B 39 6.27 -17.42 -13.15
CA PRO B 39 5.13 -18.19 -12.61
C PRO B 39 5.56 -19.61 -12.22
N ASP B 40 6.79 -19.96 -12.52
CA ASP B 40 7.27 -21.33 -12.17
C ASP B 40 7.65 -21.40 -10.68
N GLU B 41 8.68 -20.70 -10.29
CA GLU B 41 9.10 -20.72 -8.87
C GLU B 41 8.39 -19.61 -8.09
N GLN B 42 7.23 -19.21 -8.52
CA GLN B 42 6.49 -18.14 -7.80
C GLN B 42 5.03 -18.55 -7.58
N ARG B 43 4.37 -17.94 -6.64
CA ARG B 43 2.95 -18.29 -6.36
C ARG B 43 2.19 -17.05 -5.88
N LEU B 44 0.91 -16.98 -6.14
CA LEU B 44 0.13 -15.80 -5.70
C LEU B 44 -0.95 -16.26 -4.72
N TYR B 45 -1.33 -15.42 -3.80
CA TYR B 45 -2.38 -15.82 -2.83
C TYR B 45 -3.49 -14.77 -2.76
N LYS B 46 -4.71 -15.21 -2.82
CA LYS B 46 -5.85 -14.24 -2.76
C LYS B 46 -6.55 -14.34 -1.40
N ASP B 47 -6.43 -13.32 -0.59
CA ASP B 47 -7.10 -13.36 0.75
C ASP B 47 -6.56 -14.53 1.58
N ASP B 48 -5.38 -14.40 2.12
CA ASP B 48 -4.82 -15.50 2.94
C ASP B 48 -5.05 -16.85 2.26
N GLN B 49 -5.14 -16.86 0.96
CA GLN B 49 -5.36 -18.15 0.23
C GLN B 49 -4.60 -18.14 -1.09
N LEU B 50 -4.70 -19.20 -1.85
CA LEU B 50 -3.99 -19.26 -3.16
C LEU B 50 -4.93 -18.85 -4.30
N LEU B 51 -4.49 -18.01 -5.19
CA LEU B 51 -5.38 -17.58 -6.31
C LEU B 51 -5.07 -18.37 -7.58
N ASP B 52 -6.09 -18.70 -8.33
CA ASP B 52 -5.87 -19.48 -9.59
C ASP B 52 -5.57 -18.52 -10.74
N ASP B 53 -4.53 -18.78 -11.49
CA ASP B 53 -4.17 -17.89 -12.63
C ASP B 53 -5.13 -18.10 -13.80
N GLY B 54 -6.17 -18.87 -13.61
CA GLY B 54 -7.14 -19.11 -14.72
C GLY B 54 -8.29 -18.12 -14.62
N LYS B 55 -8.31 -17.30 -13.60
CA LYS B 55 -9.38 -16.31 -13.45
C LYS B 55 -8.77 -15.00 -12.98
N THR B 56 -9.31 -13.93 -13.43
CA THR B 56 -8.82 -12.58 -13.03
C THR B 56 -9.44 -12.18 -11.70
N LEU B 57 -9.01 -11.08 -11.15
CA LEU B 57 -9.58 -10.63 -9.85
C LEU B 57 -11.09 -10.48 -9.97
N GLY B 58 -11.56 -9.85 -11.02
CA GLY B 58 -13.02 -9.67 -11.20
C GLY B 58 -13.68 -11.03 -11.37
N GLU B 59 -13.05 -11.92 -12.09
CA GLU B 59 -13.65 -13.28 -12.29
C GLU B 59 -13.39 -14.14 -11.05
N CYS B 60 -12.80 -13.56 -10.05
CA CYS B 60 -12.52 -14.31 -8.80
C CYS B 60 -13.23 -13.66 -7.62
N GLY B 61 -13.49 -12.38 -7.70
CA GLY B 61 -14.18 -11.69 -6.58
C GLY B 61 -13.43 -10.40 -6.21
N PHE B 62 -12.70 -9.85 -7.14
CA PHE B 62 -11.94 -8.61 -6.84
C PHE B 62 -12.21 -7.55 -7.92
N THR B 63 -13.40 -6.99 -7.91
CA THR B 63 -13.74 -5.96 -8.95
C THR B 63 -13.31 -4.57 -8.46
N SER B 64 -14.25 -3.72 -8.18
CA SER B 64 -13.90 -2.36 -7.69
C SER B 64 -14.44 -2.18 -6.28
N GLN B 65 -14.65 -3.27 -5.59
CA GLN B 65 -15.17 -3.19 -4.20
C GLN B 65 -14.15 -3.83 -3.24
N THR B 66 -13.23 -4.59 -3.78
CA THR B 66 -12.21 -5.23 -2.91
C THR B 66 -10.81 -4.73 -3.28
N ALA B 67 -10.75 -3.59 -3.91
CA ALA B 67 -9.42 -3.02 -4.31
C ALA B 67 -9.60 -1.58 -4.76
N ARG B 68 -9.32 -0.64 -3.89
CA ARG B 68 -9.49 0.80 -4.26
C ARG B 68 -9.30 1.70 -3.03
N PRO B 69 -9.68 2.95 -3.14
CA PRO B 69 -9.54 3.89 -2.01
C PRO B 69 -10.58 3.57 -0.93
N GLN B 70 -10.59 2.36 -0.47
CA GLN B 70 -11.56 1.93 0.56
C GLN B 70 -11.25 0.48 0.94
N ALA B 71 -11.43 -0.41 0.01
CA ALA B 71 -11.10 -1.84 0.26
C ALA B 71 -10.02 -2.26 -0.73
N PRO B 72 -8.81 -2.35 -0.23
CA PRO B 72 -7.67 -2.70 -1.09
C PRO B 72 -7.53 -4.21 -1.26
N ALA B 73 -6.95 -4.64 -2.35
CA ALA B 73 -6.74 -6.10 -2.58
C ALA B 73 -5.26 -6.42 -2.45
N THR B 74 -4.91 -7.39 -1.65
CA THR B 74 -3.48 -7.74 -1.47
C THR B 74 -3.16 -9.10 -2.11
N VAL B 75 -2.04 -9.20 -2.76
CA VAL B 75 -1.65 -10.49 -3.38
C VAL B 75 -0.45 -11.07 -2.61
N GLY B 76 -0.44 -12.37 -2.41
CA GLY B 76 0.68 -13.00 -1.67
C GLY B 76 1.72 -13.48 -2.66
N LEU B 77 2.95 -13.27 -2.34
CA LEU B 77 4.06 -13.72 -3.23
C LEU B 77 4.84 -14.83 -2.55
N ALA B 78 4.87 -15.96 -3.17
CA ALA B 78 5.61 -17.12 -2.60
C ALA B 78 6.46 -17.79 -3.68
N PHE B 79 7.53 -18.44 -3.29
CA PHE B 79 8.39 -19.12 -4.31
C PHE B 79 8.76 -20.53 -3.83
N ARG B 80 9.07 -21.41 -4.73
CA ARG B 80 9.45 -22.79 -4.33
C ARG B 80 10.87 -23.11 -4.78
N ALA B 81 11.67 -23.67 -3.91
CA ALA B 81 13.08 -24.00 -4.29
C ALA B 81 13.33 -25.49 -4.14
N ASP B 82 13.49 -26.19 -5.24
CA ASP B 82 13.74 -27.67 -5.16
C ASP B 82 12.50 -28.39 -4.61
N ASP B 83 12.20 -28.19 -3.36
CA ASP B 83 11.00 -28.86 -2.78
C ASP B 83 10.60 -28.19 -1.46
N THR B 84 10.95 -26.94 -1.29
CA THR B 84 10.60 -26.23 -0.03
C THR B 84 9.59 -25.11 -0.32
N PHE B 85 8.90 -24.65 0.67
CA PHE B 85 7.89 -23.57 0.46
C PHE B 85 8.25 -22.34 1.32
N GLU B 86 8.16 -21.17 0.75
CA GLU B 86 8.50 -19.95 1.54
C GLU B 86 7.71 -18.75 1.01
N ALA B 87 8.00 -17.57 1.48
CA ALA B 87 7.28 -16.37 1.01
C ALA B 87 5.77 -16.65 0.94
N LEU B 88 5.20 -17.13 2.01
CA LEU B 88 3.74 -17.42 2.02
C LEU B 88 3.11 -16.66 3.19
N CYS B 89 3.92 -16.14 4.06
CA CYS B 89 3.41 -15.36 5.19
C CYS B 89 4.01 -13.97 5.07
N ILE B 90 3.22 -13.01 4.74
CA ILE B 90 3.78 -11.65 4.57
C ILE B 90 3.73 -10.91 5.89
N GLU B 91 4.87 -10.70 6.47
CA GLU B 91 4.92 -9.97 7.77
C GLU B 91 4.69 -8.48 7.52
N PRO B 92 3.54 -8.03 7.92
CA PRO B 92 3.17 -6.60 7.72
C PRO B 92 3.98 -5.69 8.64
N PHE B 93 3.51 -4.50 8.87
CA PHE B 93 4.25 -3.56 9.76
C PHE B 93 3.47 -3.35 11.06
N SER B 94 4.04 -2.61 11.98
CA SER B 94 3.34 -2.36 13.27
C SER B 94 1.85 -2.10 13.04
N SER B 95 1.01 -2.61 13.89
CA SER B 95 -0.46 -2.38 13.72
C SER B 95 -1.20 -2.66 15.03
N PRO B 96 -0.71 -2.06 16.08
CA PRO B 96 -1.32 -2.25 17.42
C PRO B 96 -2.67 -1.52 17.54
N PRO B 97 -2.85 -0.43 16.82
CA PRO B 97 -4.14 0.30 16.90
C PRO B 97 -5.25 -0.47 16.17
N GLU B 98 -5.46 -0.17 14.92
CA GLU B 98 -6.52 -0.88 14.16
C GLU B 98 -6.33 -0.69 12.65
N LEU B 99 -5.39 -1.40 12.08
CA LEU B 99 -5.14 -1.25 10.61
C LEU B 99 -4.63 -2.57 10.03
N PRO B 100 -5.32 -3.63 10.37
CA PRO B 100 -4.93 -4.98 9.89
C PRO B 100 -5.28 -5.13 8.41
N ASP B 101 -5.38 -6.34 7.93
CA ASP B 101 -5.72 -6.56 6.50
C ASP B 101 -6.59 -7.81 6.34
N VAL B 102 -5.97 -8.95 6.22
CA VAL B 102 -6.76 -10.21 6.06
C VAL B 102 -7.88 -10.27 7.12
N MET B 103 -8.86 -11.10 6.91
CA MET B 103 -9.97 -11.20 7.89
C MET B 103 -9.48 -11.88 9.18
N LYS B 104 -9.55 -13.18 9.24
CA LYS B 104 -9.10 -13.90 10.47
C LYS B 104 -8.82 -15.37 10.15
N PRO B 105 -7.95 -15.58 9.20
CA PRO B 105 -7.58 -16.96 8.79
C PRO B 105 -6.71 -17.62 9.86
N GLN B 106 -6.19 -16.85 10.77
CA GLN B 106 -5.33 -17.44 11.84
C GLN B 106 -6.06 -18.58 12.53
N ASP B 107 -5.35 -19.61 12.91
CA ASP B 107 -6.01 -20.76 13.60
C ASP B 107 -4.96 -21.78 14.05
N SER B 108 -5.23 -22.51 15.09
CA SER B 108 -4.25 -23.52 15.58
C SER B 108 -3.93 -24.53 14.47
N GLY B 109 -3.02 -25.42 14.71
CA GLY B 109 -2.66 -26.43 13.67
C GLY B 109 -1.17 -26.34 13.34
N SER B 110 -0.49 -25.38 13.92
CA SER B 110 0.97 -25.25 13.63
C SER B 110 1.21 -25.16 12.13
N SER B 111 0.74 -24.11 11.49
CA SER B 111 0.96 -23.98 10.02
C SER B 111 0.44 -25.22 9.30
N ALA B 112 -0.57 -25.85 9.83
CA ALA B 112 -1.12 -27.07 9.17
C ALA B 112 0.01 -28.03 8.81
N ASN B 113 0.27 -29.00 9.64
CA ASN B 113 1.36 -29.98 9.35
C ASN B 113 1.47 -31.00 10.47
N GLU B 114 1.24 -30.59 11.69
CA GLU B 114 1.33 -31.55 12.83
C GLU B 114 -0.05 -32.05 13.21
N GLN B 115 -0.17 -33.31 13.54
CA GLN B 115 -1.50 -33.86 13.92
C GLN B 115 -1.33 -35.27 14.52
N ALA B 116 -0.64 -35.38 15.62
CA ALA B 116 -0.44 -36.72 16.25
C ALA B 116 -0.96 -36.70 17.69
N VAL B 117 -0.87 -35.59 18.35
CA VAL B 117 -1.34 -35.51 19.76
C VAL B 117 -2.24 -34.29 19.95
N GLN B 118 -3.51 -34.49 20.19
CA GLN B 118 -4.43 -33.34 20.39
C GLN B 118 -4.73 -33.14 21.88
N MET C 1 6.33 4.83 -14.28
CA MET C 1 7.44 5.14 -13.34
C MET C 1 7.08 4.68 -11.92
N TYR C 2 7.98 4.01 -11.25
CA TYR C 2 7.67 3.54 -9.87
C TYR C 2 8.70 4.10 -8.88
N VAL C 3 8.30 4.24 -7.63
CA VAL C 3 9.25 4.78 -6.61
C VAL C 3 9.18 3.93 -5.34
N LYS C 4 10.27 3.81 -4.64
CA LYS C 4 10.27 2.99 -3.40
C LYS C 4 10.26 3.88 -2.16
N LEU C 5 9.48 3.53 -1.18
CA LEU C 5 9.41 4.35 0.07
C LEU C 5 9.96 3.54 1.23
N ILE C 6 10.88 4.09 1.98
CA ILE C 6 11.45 3.33 3.13
C ILE C 6 10.97 3.95 4.45
N SER C 7 10.71 3.12 5.41
CA SER C 7 10.25 3.64 6.73
C SER C 7 11.35 3.49 7.78
N SER C 8 11.35 4.32 8.78
CA SER C 8 12.40 4.25 9.84
C SER C 8 12.43 2.84 10.45
N ASP C 9 11.34 2.13 10.41
CA ASP C 9 11.31 0.76 10.99
C ASP C 9 12.20 -0.18 10.17
N GLY C 10 12.21 -0.03 8.87
CA GLY C 10 13.06 -0.92 8.03
C GLY C 10 12.20 -1.57 6.95
N HIS C 11 10.95 -1.22 6.87
CA HIS C 11 10.07 -1.82 5.83
C HIS C 11 10.24 -1.09 4.50
N GLU C 12 9.76 -1.67 3.42
CA GLU C 12 9.91 -1.00 2.10
C GLU C 12 8.58 -1.02 1.34
N PHE C 13 8.29 0.04 0.64
CA PHE C 13 7.01 0.09 -0.13
C PHE C 13 7.26 0.80 -1.47
N ILE C 14 6.87 0.19 -2.56
CA ILE C 14 7.12 0.84 -3.88
C ILE C 14 5.81 1.40 -4.44
N VAL C 15 5.79 2.69 -4.70
CA VAL C 15 4.55 3.31 -5.27
C VAL C 15 4.89 3.98 -6.61
N LYS C 16 3.91 4.16 -7.45
CA LYS C 16 4.18 4.79 -8.78
C LYS C 16 4.60 6.25 -8.59
N ARG C 17 5.44 6.75 -9.46
CA ARG C 17 5.89 8.16 -9.34
C ARG C 17 4.70 9.04 -8.95
N GLU C 18 3.58 8.85 -9.60
CA GLU C 18 2.38 9.66 -9.27
C GLU C 18 1.89 9.28 -7.87
N HIS C 19 1.90 8.00 -7.56
CA HIS C 19 1.47 7.56 -6.21
C HIS C 19 2.26 8.32 -5.15
N ALA C 20 3.52 8.56 -5.40
CA ALA C 20 4.36 9.31 -4.42
C ALA C 20 4.32 10.80 -4.73
N LEU C 21 4.01 11.16 -5.95
CA LEU C 21 3.95 12.60 -6.30
C LEU C 21 2.80 13.26 -5.54
N THR C 22 2.00 12.47 -4.87
CA THR C 22 0.85 13.04 -4.11
C THR C 22 1.33 13.67 -2.81
N SER C 23 2.61 13.67 -2.60
CA SER C 23 3.17 14.28 -1.35
C SER C 23 3.82 15.63 -1.68
N GLY C 24 4.31 15.78 -2.87
CA GLY C 24 4.97 17.06 -3.26
C GLY C 24 6.44 16.98 -2.88
N THR C 25 6.76 16.28 -1.82
CA THR C 25 8.18 16.15 -1.41
C THR C 25 8.86 15.05 -2.22
N ILE C 26 8.21 13.92 -2.35
CA ILE C 26 8.82 12.81 -3.14
C ILE C 26 9.05 13.28 -4.58
N LYS C 27 8.14 14.09 -5.09
CA LYS C 27 8.29 14.59 -6.48
C LYS C 27 9.62 15.35 -6.62
N ALA C 28 9.93 16.19 -5.67
CA ALA C 28 11.21 16.95 -5.75
C ALA C 28 12.40 15.99 -5.72
N MET C 29 12.34 14.99 -4.87
CA MET C 29 13.46 14.02 -4.79
C MET C 29 13.56 13.21 -6.09
N LEU C 30 12.46 12.92 -6.70
CA LEU C 30 12.48 12.15 -7.98
C LEU C 30 13.20 12.96 -9.07
N SER C 31 13.47 14.21 -8.82
CA SER C 31 14.16 15.04 -9.84
C SER C 31 15.25 15.89 -9.18
N GLY C 32 15.76 15.45 -8.06
CA GLY C 32 16.82 16.24 -7.37
C GLY C 32 17.79 16.82 -8.40
N PRO C 33 18.44 17.88 -8.02
CA PRO C 33 19.41 18.56 -8.92
C PRO C 33 20.68 17.71 -9.05
N GLY C 34 21.34 17.44 -7.96
CA GLY C 34 22.59 16.62 -8.02
C GLY C 34 22.51 15.48 -7.01
N GLN C 35 23.04 14.33 -7.36
CA GLN C 35 23.00 13.18 -6.41
C GLN C 35 24.26 12.32 -6.57
N PHE C 36 24.75 11.78 -5.49
CA PHE C 36 25.97 10.94 -5.57
C PHE C 36 25.64 9.49 -5.20
N ALA C 37 26.16 8.54 -5.94
CA ALA C 37 25.87 7.11 -5.62
C ALA C 37 24.39 6.81 -5.80
N GLU C 38 23.98 5.59 -5.62
CA GLU C 38 22.54 5.24 -5.77
C GLU C 38 22.09 5.52 -7.20
N ASN C 39 21.60 4.51 -7.89
CA ASN C 39 21.15 4.72 -9.29
C ASN C 39 19.62 4.87 -9.32
N GLU C 40 18.94 4.37 -8.33
CA GLU C 40 17.44 4.48 -8.32
C GLU C 40 17.03 5.89 -7.88
N THR C 41 17.16 6.85 -8.76
CA THR C 41 16.78 8.25 -8.40
C THR C 41 15.28 8.31 -8.06
N ASN C 42 14.56 7.26 -8.36
CA ASN C 42 13.10 7.27 -8.05
C ASN C 42 12.84 6.54 -6.72
N GLU C 43 13.41 7.02 -5.66
CA GLU C 43 13.20 6.36 -4.33
C GLU C 43 12.85 7.40 -3.27
N VAL C 44 12.23 6.97 -2.20
CA VAL C 44 11.86 7.93 -1.12
C VAL C 44 12.43 7.46 0.22
N ASN C 45 12.65 8.37 1.13
CA ASN C 45 13.20 7.97 2.46
C ASN C 45 12.45 8.71 3.57
N PHE C 46 11.75 7.98 4.39
CA PHE C 46 10.99 8.64 5.51
C PHE C 46 11.86 8.69 6.77
N ARG C 47 12.50 9.79 7.01
CA ARG C 47 13.36 9.90 8.22
C ARG C 47 12.50 10.22 9.45
N GLU C 48 11.33 10.75 9.24
CA GLU C 48 10.44 11.07 10.39
C GLU C 48 9.07 10.43 10.21
N ILE C 49 9.03 9.21 9.73
CA ILE C 49 7.73 8.53 9.53
C ILE C 49 7.93 7.01 9.53
N PRO C 50 7.33 6.37 10.50
CA PRO C 50 7.44 4.89 10.62
C PRO C 50 6.61 4.20 9.53
N SER C 51 6.69 2.90 9.44
CA SER C 51 5.91 2.17 8.40
C SER C 51 4.42 2.44 8.59
N HIS C 52 3.90 2.20 9.74
CA HIS C 52 2.44 2.45 9.96
C HIS C 52 2.05 3.79 9.33
N VAL C 53 2.91 4.77 9.42
CA VAL C 53 2.59 6.09 8.83
C VAL C 53 2.92 6.08 7.33
N LEU C 54 3.97 5.41 6.96
CA LEU C 54 4.35 5.35 5.52
C LEU C 54 3.14 4.88 4.70
N SER C 55 2.35 4.00 5.24
CA SER C 55 1.15 3.51 4.50
C SER C 55 0.00 4.47 4.75
N LYS C 56 -0.03 5.07 5.91
CA LYS C 56 -1.12 6.03 6.21
C LYS C 56 -1.17 7.10 5.12
N VAL C 57 -0.15 7.90 5.03
CA VAL C 57 -0.12 8.95 3.98
C VAL C 57 -0.17 8.31 2.58
N CYS C 58 0.43 7.16 2.44
CA CYS C 58 0.42 6.48 1.11
C CYS C 58 -1.02 6.27 0.64
N MET C 59 -1.91 6.00 1.54
CA MET C 59 -3.33 5.81 1.11
C MET C 59 -3.81 7.08 0.43
N TYR C 60 -3.44 8.22 0.93
CA TYR C 60 -3.87 9.48 0.28
C TYR C 60 -3.06 9.66 -1.01
N PHE C 61 -1.94 8.97 -1.12
CA PHE C 61 -1.13 9.07 -2.36
C PHE C 61 -1.92 8.50 -3.52
N THR C 62 -2.70 7.47 -3.25
CA THR C 62 -3.52 6.87 -4.34
C THR C 62 -4.92 7.48 -4.33
N TYR C 63 -5.47 7.70 -3.17
CA TYR C 63 -6.82 8.32 -3.08
C TYR C 63 -6.77 9.74 -3.67
N LYS C 64 -5.64 10.39 -3.54
CA LYS C 64 -5.53 11.77 -4.10
C LYS C 64 -5.53 11.73 -5.62
N VAL C 65 -4.98 10.70 -6.21
CA VAL C 65 -4.94 10.61 -7.70
C VAL C 65 -6.30 10.19 -8.25
N ARG C 66 -7.09 9.49 -7.46
CA ARG C 66 -8.42 9.04 -7.96
C ARG C 66 -9.51 10.01 -7.52
N TYR C 67 -9.26 10.79 -6.51
CA TYR C 67 -10.29 11.76 -6.05
C TYR C 67 -10.00 13.15 -6.63
N THR C 68 -8.83 13.33 -7.18
CA THR C 68 -8.49 14.66 -7.77
C THR C 68 -9.28 14.85 -9.07
N ASN C 69 -9.63 13.78 -9.73
CA ASN C 69 -10.42 13.90 -10.99
C ASN C 69 -11.89 13.62 -10.72
N SER C 70 -12.33 13.82 -9.52
CA SER C 70 -13.77 13.57 -9.18
C SER C 70 -14.53 14.88 -9.05
N SER C 71 -15.40 14.98 -8.09
CA SER C 71 -16.18 16.24 -7.91
C SER C 71 -15.77 16.94 -6.61
N THR C 72 -16.70 17.51 -5.90
CA THR C 72 -16.37 18.20 -4.62
C THR C 72 -16.51 17.23 -3.44
N GLU C 73 -17.24 16.17 -3.61
CA GLU C 73 -17.41 15.21 -2.50
C GLU C 73 -16.17 14.32 -2.38
N ILE C 74 -15.30 14.60 -1.46
CA ILE C 74 -14.07 13.78 -1.29
C ILE C 74 -13.84 13.44 0.18
N PRO C 75 -14.25 12.26 0.56
CA PRO C 75 -14.08 11.79 1.95
C PRO C 75 -12.62 11.47 2.24
N GLU C 76 -12.36 10.66 3.22
CA GLU C 76 -10.94 10.33 3.54
C GLU C 76 -10.87 9.38 4.75
N PHE C 77 -9.69 8.94 5.10
CA PHE C 77 -9.56 8.01 6.27
C PHE C 77 -9.67 8.81 7.57
N PRO C 78 -10.42 8.27 8.50
CA PRO C 78 -10.61 8.93 9.81
C PRO C 78 -9.34 8.82 10.66
N ILE C 79 -9.04 9.85 11.41
CA ILE C 79 -7.81 9.81 12.27
C ILE C 79 -8.20 9.52 13.73
N ALA C 80 -7.47 8.66 14.38
CA ALA C 80 -7.81 8.33 15.80
C ALA C 80 -6.57 8.46 16.69
N PRO C 81 -6.80 8.36 17.97
CA PRO C 81 -5.69 8.46 18.95
C PRO C 81 -4.84 7.19 18.89
N GLU C 82 -3.97 7.10 17.94
CA GLU C 82 -3.10 5.89 17.80
C GLU C 82 -2.32 6.04 16.50
N ILE C 83 -2.93 6.67 15.54
CA ILE C 83 -2.25 6.92 14.26
C ILE C 83 -2.69 8.28 13.73
N ALA C 84 -1.76 9.02 13.22
CA ALA C 84 -2.05 10.41 12.68
C ALA C 84 -1.10 11.39 13.34
N LEU C 85 -0.72 11.13 14.56
CA LEU C 85 0.22 12.04 15.26
C LEU C 85 1.50 12.20 14.44
N GLU C 86 2.07 11.11 14.00
CA GLU C 86 3.31 11.20 13.19
C GLU C 86 3.00 11.93 11.88
N LEU C 87 1.83 11.70 11.34
CA LEU C 87 1.45 12.39 10.07
C LEU C 87 1.45 13.90 10.28
N LEU C 88 1.30 14.34 11.49
CA LEU C 88 1.30 15.81 11.76
C LEU C 88 2.58 16.44 11.21
N MET C 89 3.70 16.16 11.80
CA MET C 89 4.98 16.73 11.30
C MET C 89 5.41 16.00 10.02
N ALA C 90 4.87 14.84 9.79
CA ALA C 90 5.24 14.08 8.55
C ALA C 90 4.42 14.58 7.36
N ALA C 91 3.17 14.87 7.57
CA ALA C 91 2.32 15.36 6.45
C ALA C 91 2.69 16.81 6.12
N ASN C 92 2.90 17.62 7.13
CA ASN C 92 3.28 19.04 6.88
C ASN C 92 4.68 19.12 6.28
N PHE C 93 5.54 18.21 6.65
CA PHE C 93 6.93 18.23 6.10
C PHE C 93 6.93 17.66 4.67
N LEU C 94 5.96 16.85 4.35
CA LEU C 94 5.91 16.26 2.99
C LEU C 94 5.22 17.23 2.01
N ASP C 95 5.76 18.41 1.84
CA ASP C 95 5.13 19.39 0.92
C ASP C 95 3.69 19.68 1.35
N CYS C 96 3.16 20.81 0.97
CA CYS C 96 1.77 21.14 1.36
C CYS C 96 0.83 20.96 0.15
N VAL A 1 -8.44 15.29 -2.93
CA VAL A 1 -7.28 14.78 -2.14
C VAL A 1 -6.32 15.88 -1.77
N ALA A 2 -5.84 15.77 -0.60
CA ALA A 2 -4.89 16.78 -0.07
C ALA A 2 -3.60 16.11 0.42
N THR A 3 -2.51 16.83 0.40
CA THR A 3 -1.23 16.24 0.89
C THR A 3 -1.41 15.78 2.33
N LEU A 4 -0.76 14.74 2.73
CA LEU A 4 -0.91 14.24 4.13
C LEU A 4 -0.74 15.41 5.11
N GLN A 5 -0.20 16.50 4.66
CA GLN A 5 0.01 17.67 5.58
C GLN A 5 -1.34 18.24 6.03
N HIS A 6 -2.25 18.43 5.12
CA HIS A 6 -3.58 19.00 5.50
C HIS A 6 -4.36 17.99 6.36
N LEU A 7 -4.35 16.75 5.98
CA LEU A 7 -5.09 15.73 6.77
C LEU A 7 -4.49 15.58 8.17
N CYS A 8 -3.20 15.44 8.26
CA CYS A 8 -2.54 15.31 9.59
C CYS A 8 -2.86 16.52 10.46
N ARG A 9 -2.93 17.69 9.87
CA ARG A 9 -3.22 18.90 10.67
C ARG A 9 -4.70 18.93 11.08
N LYS A 10 -5.54 18.30 10.31
CA LYS A 10 -7.00 18.29 10.64
C LYS A 10 -7.21 17.75 12.07
N THR A 11 -6.51 16.71 12.43
CA THR A 11 -6.68 16.14 13.80
C THR A 11 -6.14 17.12 14.85
N VAL A 12 -4.94 17.58 14.68
CA VAL A 12 -4.36 18.54 15.67
C VAL A 12 -5.23 19.79 15.76
N ASN A 13 -5.67 20.31 14.63
CA ASN A 13 -6.52 21.53 14.66
C ASN A 13 -7.88 21.20 15.28
N GLY A 14 -8.41 20.04 15.00
CA GLY A 14 -9.72 19.66 15.58
C GLY A 14 -9.69 19.86 17.11
N HIS A 15 -8.52 19.89 17.69
CA HIS A 15 -8.42 20.08 19.16
C HIS A 15 -9.09 21.39 19.56
N MET B 1 -15.02 -1.08 -15.00
CA MET B 1 -14.85 -0.86 -13.54
C MET B 1 -13.37 -0.96 -13.16
N ASP B 2 -13.00 -0.39 -12.04
CA ASP B 2 -11.57 -0.45 -11.62
C ASP B 2 -11.47 -1.00 -10.19
N VAL B 3 -10.47 -1.81 -9.92
CA VAL B 3 -10.33 -2.38 -8.55
C VAL B 3 -8.91 -2.11 -8.03
N PHE B 4 -8.70 -2.25 -6.75
CA PHE B 4 -7.33 -2.00 -6.19
C PHE B 4 -6.67 -3.31 -5.77
N LEU B 5 -5.41 -3.49 -6.09
CA LEU B 5 -4.71 -4.74 -5.71
C LEU B 5 -3.41 -4.41 -4.95
N MET B 6 -2.93 -5.33 -4.18
CA MET B 6 -1.66 -5.09 -3.43
C MET B 6 -0.86 -6.38 -3.32
N ILE B 7 0.44 -6.29 -3.40
CA ILE B 7 1.26 -7.53 -3.30
C ILE B 7 1.93 -7.56 -1.92
N ARG B 8 2.01 -8.70 -1.31
CA ARG B 8 2.63 -8.74 0.04
C ARG B 8 3.94 -9.52 0.02
N ARG B 9 4.93 -8.97 0.67
CA ARG B 9 6.26 -9.60 0.77
C ARG B 9 6.89 -9.18 2.09
N HIS B 10 7.73 -9.96 2.68
CA HIS B 10 8.31 -9.54 3.97
C HIS B 10 8.94 -8.19 3.80
N LYS B 11 8.86 -7.40 4.81
CA LYS B 11 9.44 -6.03 4.76
C LYS B 11 9.16 -5.40 3.40
N THR B 12 8.91 -6.20 2.40
CA THR B 12 8.65 -5.62 1.03
C THR B 12 7.15 -5.65 0.67
N THR B 13 6.59 -4.50 0.46
CA THR B 13 5.14 -4.41 0.06
C THR B 13 5.01 -3.49 -1.16
N ILE B 14 4.31 -3.92 -2.18
CA ILE B 14 4.18 -3.06 -3.39
C ILE B 14 2.71 -2.74 -3.66
N PHE B 15 2.39 -1.51 -3.93
CA PHE B 15 0.98 -1.17 -4.24
C PHE B 15 0.75 -1.45 -5.72
N THR B 16 -0.06 -2.42 -6.03
CA THR B 16 -0.29 -2.76 -7.46
C THR B 16 -1.70 -2.37 -7.89
N ASP B 17 -1.86 -1.94 -9.11
CA ASP B 17 -3.21 -1.54 -9.59
C ASP B 17 -3.56 -2.35 -10.85
N ALA B 18 -4.81 -2.71 -10.99
CA ALA B 18 -5.22 -3.51 -12.19
C ALA B 18 -6.72 -3.41 -12.41
N LYS B 19 -7.21 -3.93 -13.51
CA LYS B 19 -8.67 -3.86 -13.78
C LYS B 19 -9.35 -5.11 -13.22
N GLU B 20 -10.60 -5.01 -12.85
CA GLU B 20 -11.30 -6.20 -12.29
C GLU B 20 -11.24 -7.35 -13.29
N SER B 21 -11.12 -7.05 -14.55
CA SER B 21 -11.04 -8.14 -15.56
C SER B 21 -9.57 -8.48 -15.84
N SER B 22 -8.69 -7.91 -15.07
CA SER B 22 -7.24 -8.22 -15.25
C SER B 22 -6.73 -8.92 -14.00
N THR B 23 -6.03 -8.22 -13.16
CA THR B 23 -5.53 -8.83 -11.89
C THR B 23 -4.85 -10.18 -12.14
N VAL B 24 -4.05 -10.62 -11.21
CA VAL B 24 -3.34 -11.92 -11.36
C VAL B 24 -2.43 -11.88 -12.59
N PHE B 25 -3.01 -11.82 -13.76
CA PHE B 25 -2.16 -11.77 -14.99
C PHE B 25 -1.42 -10.44 -15.03
N GLU B 26 -2.12 -9.35 -14.95
CA GLU B 26 -1.46 -8.02 -14.97
C GLU B 26 -0.60 -7.86 -13.71
N LEU B 27 -1.05 -8.36 -12.59
CA LEU B 27 -0.25 -8.23 -11.34
C LEU B 27 1.08 -8.96 -11.48
N LYS B 28 1.10 -10.04 -12.22
CA LYS B 28 2.37 -10.79 -12.40
C LYS B 28 3.43 -9.91 -13.07
N ARG B 29 3.03 -9.08 -14.00
CA ARG B 29 4.02 -8.20 -14.69
C ARG B 29 4.69 -7.26 -13.68
N ILE B 30 3.96 -6.77 -12.73
CA ILE B 30 4.56 -5.85 -11.72
C ILE B 30 5.63 -6.58 -10.91
N VAL B 31 5.35 -7.79 -10.52
CA VAL B 31 6.36 -8.55 -9.73
C VAL B 31 7.68 -8.64 -10.52
N GLU B 32 7.61 -8.98 -11.78
CA GLU B 32 8.83 -9.06 -12.61
C GLU B 32 9.47 -7.67 -12.78
N GLY B 33 8.82 -6.66 -12.26
CA GLY B 33 9.38 -5.29 -12.36
C GLY B 33 9.91 -4.88 -10.99
N ILE B 34 9.23 -5.29 -9.96
CA ILE B 34 9.68 -4.95 -8.58
C ILE B 34 10.59 -6.06 -8.07
N LEU B 35 10.11 -7.27 -8.08
CA LEU B 35 10.95 -8.42 -7.61
C LEU B 35 11.57 -9.13 -8.81
N LYS B 36 11.12 -8.79 -10.00
CA LYS B 36 11.69 -9.43 -11.21
C LYS B 36 11.45 -10.94 -11.21
N ARG B 37 10.26 -11.37 -10.91
CA ARG B 37 10.01 -12.84 -10.89
C ARG B 37 9.04 -13.23 -12.02
N PRO B 38 9.44 -14.22 -12.77
CA PRO B 38 8.61 -14.70 -13.90
C PRO B 38 7.50 -15.62 -13.38
N PRO B 39 6.55 -15.87 -14.25
CA PRO B 39 5.41 -16.74 -13.89
C PRO B 39 5.84 -18.21 -13.88
N ASP B 40 6.90 -18.52 -13.19
CA ASP B 40 7.37 -19.94 -13.16
C ASP B 40 7.68 -20.35 -11.71
N GLU B 41 8.84 -20.02 -11.23
CA GLU B 41 9.21 -20.41 -9.83
C GLU B 41 8.63 -19.39 -8.83
N GLN B 42 7.45 -18.89 -9.10
CA GLN B 42 6.83 -17.91 -8.18
C GLN B 42 5.32 -18.16 -8.06
N ARG B 43 4.77 -17.98 -6.90
CA ARG B 43 3.31 -18.21 -6.72
C ARG B 43 2.69 -17.05 -5.94
N LEU B 44 1.44 -16.77 -6.17
CA LEU B 44 0.78 -15.65 -5.44
C LEU B 44 -0.37 -16.18 -4.59
N TYR B 45 -0.69 -15.51 -3.52
CA TYR B 45 -1.81 -15.99 -2.66
C TYR B 45 -2.79 -14.84 -2.39
N LYS B 46 -4.05 -15.10 -2.55
CA LYS B 46 -5.07 -14.03 -2.30
C LYS B 46 -5.90 -14.38 -1.06
N ASP B 47 -5.86 -13.53 -0.06
CA ASP B 47 -6.64 -13.81 1.17
C ASP B 47 -6.40 -15.25 1.65
N ASP B 48 -5.27 -15.49 2.25
CA ASP B 48 -4.97 -16.87 2.73
C ASP B 48 -5.31 -17.90 1.65
N GLN B 49 -5.32 -17.49 0.41
CA GLN B 49 -5.65 -18.45 -0.68
C GLN B 49 -4.60 -18.35 -1.80
N LEU B 50 -4.70 -19.19 -2.80
CA LEU B 50 -3.71 -19.14 -3.91
C LEU B 50 -4.27 -18.32 -5.08
N LEU B 51 -3.48 -17.44 -5.63
CA LEU B 51 -3.97 -16.62 -6.77
C LEU B 51 -3.99 -17.45 -8.05
N ASP B 52 -4.98 -17.25 -8.88
CA ASP B 52 -5.05 -18.02 -10.16
C ASP B 52 -5.15 -17.08 -11.36
N ASP B 53 -4.16 -17.07 -12.20
CA ASP B 53 -4.19 -16.16 -13.39
C ASP B 53 -5.26 -16.64 -14.38
N GLY B 54 -5.65 -17.88 -14.30
CA GLY B 54 -6.69 -18.39 -15.24
C GLY B 54 -7.97 -17.59 -15.06
N LYS B 55 -8.08 -16.83 -14.01
CA LYS B 55 -9.27 -16.01 -13.78
C LYS B 55 -8.84 -14.66 -13.25
N THR B 56 -9.54 -13.66 -13.63
CA THR B 56 -9.22 -12.28 -13.17
C THR B 56 -9.83 -12.04 -11.79
N LEU B 57 -9.56 -10.91 -11.20
CA LEU B 57 -10.12 -10.63 -9.86
C LEU B 57 -11.65 -10.71 -9.89
N GLY B 58 -12.26 -10.12 -10.87
CA GLY B 58 -13.74 -10.17 -10.98
C GLY B 58 -14.17 -11.60 -11.27
N GLU B 59 -13.38 -12.32 -12.02
CA GLU B 59 -13.73 -13.73 -12.33
C GLU B 59 -13.55 -14.59 -11.08
N CYS B 60 -13.06 -13.99 -10.05
CA CYS B 60 -12.85 -14.73 -8.77
C CYS B 60 -13.82 -14.22 -7.71
N GLY B 61 -14.23 -12.99 -7.81
CA GLY B 61 -15.18 -12.43 -6.82
C GLY B 61 -14.39 -11.88 -5.63
N PHE B 62 -13.14 -11.60 -5.82
CA PHE B 62 -12.30 -11.06 -4.72
C PHE B 62 -11.87 -9.63 -5.08
N THR B 63 -12.58 -9.02 -5.99
CA THR B 63 -12.25 -7.63 -6.42
C THR B 63 -13.41 -6.70 -6.12
N SER B 64 -14.58 -7.16 -6.42
CA SER B 64 -15.80 -6.35 -6.18
C SER B 64 -16.15 -6.35 -4.69
N GLN B 65 -15.19 -6.07 -3.86
CA GLN B 65 -15.44 -6.06 -2.39
C GLN B 65 -14.11 -6.08 -1.63
N THR B 66 -13.08 -6.58 -2.26
CA THR B 66 -11.75 -6.64 -1.57
C THR B 66 -10.70 -5.89 -2.38
N ALA B 67 -11.10 -4.86 -3.10
CA ALA B 67 -10.12 -4.09 -3.90
C ALA B 67 -10.70 -2.73 -4.25
N ARG B 68 -10.21 -1.68 -3.66
CA ARG B 68 -10.74 -0.33 -3.96
C ARG B 68 -9.85 0.74 -3.30
N PRO B 69 -10.27 1.97 -3.41
CA PRO B 69 -9.51 3.09 -2.82
C PRO B 69 -9.61 3.03 -1.29
N GLN B 70 -10.62 2.38 -0.78
CA GLN B 70 -10.77 2.25 0.69
C GLN B 70 -10.09 0.97 1.16
N ALA B 71 -10.62 -0.15 0.79
CA ALA B 71 -9.99 -1.45 1.19
C ALA B 71 -9.54 -2.20 -0.07
N PRO B 72 -8.26 -2.18 -0.31
CA PRO B 72 -7.69 -2.85 -1.49
C PRO B 72 -7.53 -4.36 -1.26
N ALA B 73 -7.03 -5.05 -2.24
CA ALA B 73 -6.84 -6.52 -2.08
C ALA B 73 -5.34 -6.83 -1.95
N THR B 74 -4.98 -7.81 -1.18
CA THR B 74 -3.54 -8.13 -1.00
C THR B 74 -3.22 -9.52 -1.56
N VAL B 75 -2.10 -9.63 -2.23
CA VAL B 75 -1.68 -10.95 -2.78
C VAL B 75 -0.29 -11.29 -2.21
N GLY B 76 -0.06 -12.52 -1.87
CA GLY B 76 1.26 -12.89 -1.31
C GLY B 76 2.18 -13.35 -2.42
N LEU B 77 3.44 -13.27 -2.17
CA LEU B 77 4.44 -13.69 -3.18
C LEU B 77 5.20 -14.91 -2.67
N ALA B 78 5.10 -15.99 -3.36
CA ALA B 78 5.80 -17.24 -2.95
C ALA B 78 6.69 -17.75 -4.10
N PHE B 79 7.71 -18.49 -3.79
CA PHE B 79 8.60 -19.01 -4.86
C PHE B 79 9.07 -20.43 -4.51
N ARG B 80 8.86 -21.37 -5.38
CA ARG B 80 9.31 -22.78 -5.10
C ARG B 80 10.20 -23.29 -6.24
N ALA B 81 11.47 -23.41 -6.00
CA ALA B 81 12.38 -23.90 -7.07
C ALA B 81 12.88 -25.32 -6.77
N ASP B 82 12.36 -26.29 -7.46
CA ASP B 82 12.80 -27.70 -7.24
C ASP B 82 13.05 -27.97 -5.74
N ASP B 83 12.09 -28.53 -5.06
CA ASP B 83 12.27 -28.83 -3.61
C ASP B 83 12.79 -27.59 -2.88
N THR B 84 12.18 -26.46 -3.09
CA THR B 84 12.63 -25.23 -2.38
C THR B 84 11.43 -24.42 -1.89
N PHE B 85 11.41 -24.08 -0.63
CA PHE B 85 10.25 -23.30 -0.10
C PHE B 85 10.73 -21.96 0.49
N GLU B 86 10.04 -20.91 0.20
CA GLU B 86 10.44 -19.57 0.73
C GLU B 86 9.24 -18.62 0.75
N ALA B 87 9.43 -17.42 1.23
CA ALA B 87 8.30 -16.45 1.26
C ALA B 87 7.02 -17.15 1.70
N LEU B 88 5.90 -16.73 1.17
CA LEU B 88 4.59 -17.37 1.56
C LEU B 88 4.08 -16.75 2.85
N CYS B 89 4.95 -16.22 3.66
CA CYS B 89 4.51 -15.58 4.91
C CYS B 89 4.97 -14.14 4.87
N ILE B 90 4.08 -13.22 4.72
CA ILE B 90 4.53 -11.81 4.65
C ILE B 90 4.53 -11.20 6.03
N GLU B 91 5.70 -10.96 6.55
CA GLU B 91 5.78 -10.36 7.91
C GLU B 91 5.40 -8.88 7.82
N PRO B 92 4.25 -8.58 8.36
CA PRO B 92 3.72 -7.20 8.32
C PRO B 92 4.50 -6.27 9.26
N PHE B 93 4.49 -5.00 8.99
CA PHE B 93 5.21 -4.02 9.86
C PHE B 93 4.85 -4.26 11.33
N SER B 94 5.37 -3.46 12.21
CA SER B 94 5.07 -3.63 13.66
C SER B 94 4.22 -2.47 14.17
N SER B 95 2.92 -2.62 14.17
CA SER B 95 2.04 -1.52 14.67
C SER B 95 0.69 -2.10 15.14
N PRO B 96 0.78 -3.07 15.99
CA PRO B 96 -0.43 -3.72 16.54
C PRO B 96 -1.19 -2.81 17.53
N PRO B 97 -0.47 -1.94 18.23
CA PRO B 97 -1.14 -1.05 19.21
C PRO B 97 -1.90 0.06 18.47
N GLU B 98 -1.87 0.06 17.17
CA GLU B 98 -2.59 1.12 16.41
C GLU B 98 -3.59 0.47 15.44
N LEU B 99 -3.14 0.06 14.29
CA LEU B 99 -4.06 -0.57 13.30
C LEU B 99 -3.37 -1.74 12.60
N PRO B 100 -3.41 -2.88 13.24
CA PRO B 100 -2.78 -4.10 12.67
C PRO B 100 -3.60 -4.63 11.49
N ASP B 101 -4.90 -4.58 11.59
CA ASP B 101 -5.76 -5.07 10.48
C ASP B 101 -7.22 -4.75 10.74
N VAL B 102 -7.79 -3.86 9.98
CA VAL B 102 -9.22 -3.50 10.19
C VAL B 102 -10.06 -4.75 10.43
N MET B 103 -9.66 -5.86 9.88
CA MET B 103 -10.42 -7.12 10.08
C MET B 103 -10.87 -7.24 11.54
N LYS B 104 -11.93 -7.94 11.80
CA LYS B 104 -12.41 -8.09 13.21
C LYS B 104 -12.31 -9.56 13.65
N PRO B 105 -11.19 -9.88 14.25
CA PRO B 105 -10.96 -11.27 14.72
C PRO B 105 -11.81 -11.56 15.96
N GLN B 106 -11.73 -10.72 16.96
CA GLN B 106 -12.52 -10.95 18.20
C GLN B 106 -13.26 -9.67 18.59
N ASP B 107 -13.73 -9.60 19.81
CA ASP B 107 -14.45 -8.37 20.25
C ASP B 107 -13.53 -7.48 21.09
N SER B 108 -13.60 -6.19 20.89
CA SER B 108 -12.72 -5.27 21.66
C SER B 108 -13.57 -4.24 22.43
N GLY B 109 -14.73 -3.92 21.91
CA GLY B 109 -15.59 -2.92 22.61
C GLY B 109 -15.83 -1.73 21.68
N SER B 110 -17.06 -1.28 21.58
CA SER B 110 -17.36 -0.12 20.71
C SER B 110 -17.19 1.19 21.47
N SER B 111 -16.79 2.24 20.81
CA SER B 111 -16.60 3.54 21.50
C SER B 111 -15.53 3.41 22.58
N ALA B 112 -14.65 4.38 22.66
CA ALA B 112 -13.57 4.31 23.70
C ALA B 112 -12.86 2.96 23.64
N ASN B 113 -11.88 2.83 22.81
CA ASN B 113 -11.15 1.53 22.70
C ASN B 113 -10.14 1.40 23.85
N GLU B 114 -9.62 0.22 24.06
CA GLU B 114 -8.64 0.03 25.16
C GLU B 114 -9.24 0.48 26.49
N GLN B 115 -8.47 0.46 27.55
CA GLN B 115 -9.00 0.90 28.87
C GLN B 115 -10.17 0.00 29.29
N ALA B 116 -9.92 -0.99 30.08
CA ALA B 116 -11.02 -1.90 30.53
C ALA B 116 -11.17 -1.84 32.05
N VAL B 117 -10.16 -1.39 32.74
CA VAL B 117 -10.24 -1.30 34.23
C VAL B 117 -10.84 0.04 34.64
N GLN B 118 -11.89 0.01 35.43
CA GLN B 118 -12.52 1.29 35.88
C GLN B 118 -12.72 1.28 37.39
N MET C 1 7.02 5.13 -14.23
CA MET C 1 8.11 4.78 -13.27
C MET C 1 7.53 4.47 -11.89
N TYR C 2 8.27 3.77 -11.07
CA TYR C 2 7.77 3.43 -9.71
C TYR C 2 8.72 3.99 -8.65
N VAL C 3 8.27 4.14 -7.44
CA VAL C 3 9.16 4.69 -6.37
C VAL C 3 9.02 3.85 -5.09
N LYS C 4 10.10 3.67 -4.37
CA LYS C 4 10.05 2.88 -3.12
C LYS C 4 10.07 3.83 -1.91
N LEU C 5 9.25 3.57 -0.93
CA LEU C 5 9.23 4.46 0.27
C LEU C 5 9.59 3.67 1.52
N ILE C 6 10.61 4.08 2.22
CA ILE C 6 10.99 3.37 3.46
C ILE C 6 10.68 4.24 4.67
N SER C 7 10.16 3.66 5.71
CA SER C 7 9.82 4.48 6.92
C SER C 7 10.54 3.91 8.15
N SER C 8 11.17 4.76 8.92
CA SER C 8 11.88 4.27 10.13
C SER C 8 12.73 3.04 9.81
N ASP C 9 12.93 2.77 8.54
CA ASP C 9 13.74 1.59 8.14
C ASP C 9 13.10 0.32 8.69
N GLY C 10 11.85 0.37 9.05
CA GLY C 10 11.17 -0.84 9.60
C GLY C 10 10.24 -1.43 8.54
N HIS C 11 10.11 -0.80 7.40
CA HIS C 11 9.21 -1.35 6.35
C HIS C 11 9.49 -0.69 4.99
N GLU C 12 9.15 -1.35 3.92
CA GLU C 12 9.40 -0.77 2.57
C GLU C 12 8.12 -0.84 1.73
N PHE C 13 7.84 0.20 0.98
CA PHE C 13 6.62 0.20 0.13
C PHE C 13 6.91 0.91 -1.19
N ILE C 14 6.48 0.35 -2.28
CA ILE C 14 6.75 0.99 -3.60
C ILE C 14 5.45 1.51 -4.22
N VAL C 15 5.38 2.78 -4.52
CA VAL C 15 4.14 3.32 -5.14
C VAL C 15 4.46 3.97 -6.49
N LYS C 16 3.53 3.94 -7.40
CA LYS C 16 3.78 4.53 -8.74
C LYS C 16 4.26 5.98 -8.61
N ARG C 17 5.25 6.35 -9.38
CA ARG C 17 5.76 7.75 -9.30
C ARG C 17 4.60 8.73 -9.19
N GLU C 18 3.53 8.47 -9.89
CA GLU C 18 2.35 9.37 -9.83
C GLU C 18 1.69 9.27 -8.45
N HIS C 19 1.46 8.06 -7.98
CA HIS C 19 0.83 7.90 -6.65
C HIS C 19 1.64 8.69 -5.61
N ALA C 20 2.93 8.54 -5.63
CA ALA C 20 3.77 9.29 -4.65
C ALA C 20 3.96 10.73 -5.13
N LEU C 21 3.68 11.00 -6.38
CA LEU C 21 3.82 12.38 -6.88
C LEU C 21 2.94 13.32 -6.04
N THR C 22 2.05 12.77 -5.27
CA THR C 22 1.16 13.63 -4.43
C THR C 22 1.95 14.21 -3.26
N SER C 23 3.23 13.97 -3.23
CA SER C 23 4.07 14.53 -2.14
C SER C 23 5.28 15.23 -2.74
N GLY C 24 5.36 16.51 -2.60
CA GLY C 24 6.52 17.26 -3.18
C GLY C 24 7.83 16.66 -2.66
N THR C 25 7.77 15.59 -1.91
CA THR C 25 9.03 14.98 -1.40
C THR C 25 9.42 13.78 -2.26
N ILE C 26 8.50 12.90 -2.53
CA ILE C 26 8.84 11.72 -3.38
C ILE C 26 9.24 12.20 -4.77
N LYS C 27 8.48 13.09 -5.35
CA LYS C 27 8.83 13.60 -6.71
C LYS C 27 10.18 14.32 -6.67
N ALA C 28 10.47 14.99 -5.58
CA ALA C 28 11.77 15.71 -5.48
C ALA C 28 12.92 14.69 -5.32
N MET C 29 12.64 13.54 -4.78
CA MET C 29 13.71 12.52 -4.61
C MET C 29 14.03 11.86 -5.95
N LEU C 30 13.10 11.86 -6.87
CA LEU C 30 13.34 11.23 -8.20
C LEU C 30 14.75 11.59 -8.69
N SER C 31 15.25 12.74 -8.33
CA SER C 31 16.60 13.14 -8.79
C SER C 31 16.66 13.18 -10.32
N GLY C 32 15.53 13.15 -10.97
CA GLY C 32 15.51 13.18 -12.46
C GLY C 32 16.61 14.13 -12.97
N PRO C 33 16.52 15.36 -12.53
CA PRO C 33 17.52 16.38 -12.94
C PRO C 33 18.86 16.12 -12.25
N GLY C 34 18.83 15.70 -11.01
CA GLY C 34 20.10 15.44 -10.28
C GLY C 34 20.66 14.08 -10.71
N GLN C 35 21.81 13.71 -10.21
CA GLN C 35 22.41 12.40 -10.59
C GLN C 35 22.10 11.35 -9.50
N PHE C 36 22.30 10.10 -9.81
CA PHE C 36 22.03 9.04 -8.81
C PHE C 36 23.33 8.32 -8.43
N ALA C 37 23.55 8.09 -7.15
CA ALA C 37 24.80 7.39 -6.73
C ALA C 37 24.45 6.19 -5.85
N GLU C 38 23.86 6.42 -4.71
CA GLU C 38 23.51 5.29 -3.81
C GLU C 38 22.76 4.20 -4.59
N ASN C 39 21.61 4.52 -5.13
CA ASN C 39 20.85 3.50 -5.91
C ASN C 39 20.13 4.16 -7.08
N GLU C 40 19.20 3.47 -7.68
CA GLU C 40 18.46 4.06 -8.83
C GLU C 40 17.53 5.18 -8.34
N THR C 41 17.19 6.10 -9.20
CA THR C 41 16.30 7.22 -8.78
C THR C 41 14.91 6.68 -8.41
N ASN C 42 13.95 7.55 -8.23
CA ASN C 42 12.59 7.09 -7.86
C ASN C 42 12.63 6.33 -6.52
N GLU C 43 13.18 6.93 -5.51
CA GLU C 43 13.25 6.24 -4.18
C GLU C 43 13.01 7.25 -3.06
N VAL C 44 12.24 6.87 -2.08
CA VAL C 44 11.96 7.79 -0.93
C VAL C 44 12.55 7.20 0.35
N ASN C 45 12.89 8.05 1.29
CA ASN C 45 13.48 7.55 2.55
C ASN C 45 12.88 8.29 3.75
N PHE C 46 12.16 7.60 4.58
CA PHE C 46 11.56 8.26 5.79
C PHE C 46 12.12 7.61 7.05
N ARG C 47 12.93 8.31 7.78
CA ARG C 47 13.51 7.73 9.03
C ARG C 47 12.78 8.28 10.26
N GLU C 48 11.60 8.80 10.08
CA GLU C 48 10.85 9.35 11.24
C GLU C 48 9.35 9.00 11.10
N ILE C 49 9.05 7.90 10.48
CA ILE C 49 7.62 7.52 10.31
C ILE C 49 7.48 5.98 10.33
N PRO C 50 6.56 5.52 11.12
CA PRO C 50 6.32 4.06 11.25
C PRO C 50 5.65 3.52 9.99
N SER C 51 5.70 2.23 9.78
CA SER C 51 5.06 1.64 8.57
C SER C 51 3.57 1.96 8.56
N HIS C 52 2.87 1.64 9.61
CA HIS C 52 1.41 1.95 9.65
C HIS C 52 1.17 3.37 9.11
N VAL C 53 2.03 4.29 9.46
CA VAL C 53 1.86 5.68 8.97
C VAL C 53 2.32 5.75 7.51
N LEU C 54 3.40 5.09 7.19
CA LEU C 54 3.89 5.10 5.79
C LEU C 54 2.77 4.65 4.85
N SER C 55 1.99 3.69 5.26
CA SER C 55 0.88 3.22 4.40
C SER C 55 -0.27 4.22 4.50
N LYS C 56 -0.30 4.95 5.57
CA LYS C 56 -1.37 5.97 5.75
C LYS C 56 -1.29 6.99 4.62
N VAL C 57 -0.25 7.76 4.60
CA VAL C 57 -0.10 8.77 3.51
C VAL C 57 -0.03 8.08 2.15
N CYS C 58 0.55 6.92 2.09
CA CYS C 58 0.64 6.21 0.78
C CYS C 58 -0.77 6.01 0.23
N MET C 59 -1.72 5.78 1.09
CA MET C 59 -3.12 5.62 0.62
C MET C 59 -3.55 6.92 -0.03
N TYR C 60 -3.09 8.02 0.50
CA TYR C 60 -3.44 9.34 -0.10
C TYR C 60 -2.72 9.49 -1.44
N PHE C 61 -1.60 8.83 -1.60
CA PHE C 61 -0.87 8.93 -2.90
C PHE C 61 -1.74 8.31 -4.00
N THR C 62 -2.46 7.28 -3.67
CA THR C 62 -3.34 6.63 -4.67
C THR C 62 -4.73 7.28 -4.64
N TYR C 63 -5.18 7.67 -3.47
CA TYR C 63 -6.51 8.32 -3.37
C TYR C 63 -6.54 9.57 -4.26
N LYS C 64 -5.42 10.22 -4.40
CA LYS C 64 -5.38 11.44 -5.25
C LYS C 64 -5.68 11.09 -6.71
N VAL C 65 -5.26 9.94 -7.16
CA VAL C 65 -5.53 9.56 -8.58
C VAL C 65 -7.04 9.60 -8.85
N ARG C 66 -7.83 9.37 -7.85
CA ARG C 66 -9.31 9.41 -8.05
C ARG C 66 -9.86 10.78 -7.63
N TYR C 67 -9.10 11.53 -6.89
CA TYR C 67 -9.57 12.87 -6.46
C TYR C 67 -8.97 13.95 -7.37
N THR C 68 -7.96 13.60 -8.11
CA THR C 68 -7.33 14.60 -9.03
C THR C 68 -8.28 14.90 -10.20
N ASN C 69 -9.13 13.96 -10.54
CA ASN C 69 -10.07 14.19 -11.67
C ASN C 69 -11.17 15.18 -11.25
N SER C 70 -11.29 15.42 -9.98
CA SER C 70 -12.33 16.38 -9.50
C SER C 70 -11.68 17.63 -8.91
N SER C 71 -12.42 18.40 -8.16
CA SER C 71 -11.84 19.62 -7.54
C SER C 71 -12.92 20.44 -6.83
N THR C 72 -13.22 20.11 -5.61
CA THR C 72 -14.26 20.86 -4.86
C THR C 72 -14.48 20.23 -3.48
N GLU C 73 -13.61 20.50 -2.55
CA GLU C 73 -13.77 19.92 -1.19
C GLU C 73 -13.90 18.40 -1.27
N ILE C 74 -12.80 17.71 -1.44
CA ILE C 74 -12.84 16.23 -1.54
C ILE C 74 -12.75 15.60 -0.15
N PRO C 75 -13.63 14.68 0.11
CA PRO C 75 -13.65 13.99 1.43
C PRO C 75 -12.49 13.01 1.54
N GLU C 76 -11.30 13.50 1.75
CA GLU C 76 -10.12 12.59 1.86
C GLU C 76 -10.38 11.53 2.94
N PHE C 77 -9.38 10.79 3.32
CA PHE C 77 -9.58 9.74 4.37
C PHE C 77 -9.85 10.40 5.72
N PRO C 78 -10.77 9.82 6.44
CA PRO C 78 -11.15 10.35 7.78
C PRO C 78 -10.04 10.08 8.80
N ILE C 79 -9.84 10.98 9.72
CA ILE C 79 -8.77 10.77 10.75
C ILE C 79 -9.40 10.60 12.13
N ALA C 80 -8.92 9.67 12.90
CA ALA C 80 -9.49 9.45 14.26
C ALA C 80 -8.39 9.48 15.32
N PRO C 81 -8.79 9.45 16.55
CA PRO C 81 -7.83 9.47 17.68
C PRO C 81 -7.15 8.09 17.78
N GLU C 82 -6.20 7.84 16.95
CA GLU C 82 -5.50 6.53 16.96
C GLU C 82 -4.50 6.52 15.82
N ILE C 83 -4.86 7.17 14.75
CA ILE C 83 -3.94 7.28 13.60
C ILE C 83 -4.10 8.66 12.99
N ALA C 84 -2.99 9.26 12.64
CA ALA C 84 -2.98 10.64 12.04
C ALA C 84 -2.02 11.51 12.85
N LEU C 85 -1.95 11.28 14.13
CA LEU C 85 -1.03 12.10 14.97
C LEU C 85 0.40 11.98 14.45
N GLU C 86 0.78 10.81 14.01
CA GLU C 86 2.16 10.63 13.47
C GLU C 86 2.32 11.40 12.16
N LEU C 87 1.35 11.30 11.29
CA LEU C 87 1.44 12.04 9.99
C LEU C 87 1.51 13.54 10.27
N LEU C 88 1.01 13.98 11.40
CA LEU C 88 1.04 15.43 11.72
C LEU C 88 2.36 16.06 11.24
N MET C 89 3.43 15.82 11.93
CA MET C 89 4.74 16.40 11.51
C MET C 89 5.35 15.55 10.38
N ALA C 90 4.91 14.34 10.24
CA ALA C 90 5.46 13.47 9.16
C ALA C 90 4.93 13.93 7.79
N ALA C 91 3.72 14.40 7.74
CA ALA C 91 3.16 14.87 6.43
C ALA C 91 3.77 16.21 6.06
N ASN C 92 3.82 17.13 7.00
CA ASN C 92 4.40 18.47 6.70
C ASN C 92 5.84 18.31 6.21
N PHE C 93 6.54 17.33 6.69
CA PHE C 93 7.94 17.13 6.25
C PHE C 93 7.98 16.77 4.75
N LEU C 94 6.97 16.09 4.28
CA LEU C 94 6.93 15.70 2.84
C LEU C 94 6.52 16.89 1.97
N ASP C 95 7.18 18.01 2.15
CA ASP C 95 6.81 19.22 1.34
C ASP C 95 5.40 19.70 1.70
N CYS C 96 5.00 20.82 1.17
CA CYS C 96 3.64 21.35 1.49
C CYS C 96 2.56 20.36 1.01
N VAL A 1 -7.87 16.89 -4.62
CA VAL A 1 -7.44 15.99 -3.51
C VAL A 1 -6.09 16.39 -2.95
N ALA A 2 -6.00 16.30 -1.69
CA ALA A 2 -4.76 16.68 -0.96
C ALA A 2 -4.09 15.43 -0.37
N THR A 3 -2.83 15.53 -0.08
CA THR A 3 -2.12 14.37 0.54
C THR A 3 -2.51 14.27 2.02
N LEU A 4 -1.73 13.59 2.81
CA LEU A 4 -2.07 13.48 4.26
C LEU A 4 -1.61 14.72 5.01
N GLN A 5 -0.79 15.54 4.39
CA GLN A 5 -0.30 16.78 5.07
C GLN A 5 -1.48 17.67 5.47
N HIS A 6 -2.41 17.88 4.58
CA HIS A 6 -3.58 18.75 4.90
C HIS A 6 -4.47 18.07 5.93
N LEU A 7 -4.70 16.80 5.79
CA LEU A 7 -5.59 16.09 6.78
C LEU A 7 -5.02 16.22 8.19
N CYS A 8 -3.75 15.96 8.36
CA CYS A 8 -3.14 16.06 9.71
C CYS A 8 -3.09 17.53 10.16
N ARG A 9 -2.88 18.43 9.24
CA ARG A 9 -2.82 19.87 9.61
C ARG A 9 -4.11 20.31 10.30
N LYS A 10 -5.23 19.83 9.82
CA LYS A 10 -6.53 20.22 10.44
C LYS A 10 -6.51 19.90 11.94
N THR A 11 -6.01 18.76 12.31
CA THR A 11 -5.96 18.40 13.77
C THR A 11 -4.88 19.22 14.48
N VAL A 12 -3.69 19.22 13.97
CA VAL A 12 -2.59 20.01 14.62
C VAL A 12 -3.00 21.48 14.75
N ASN A 13 -3.64 22.00 13.74
CA ASN A 13 -4.06 23.44 13.80
C ASN A 13 -5.17 23.62 14.83
N GLY A 14 -6.18 22.79 14.79
CA GLY A 14 -7.29 22.92 15.77
C GLY A 14 -7.51 21.58 16.49
N HIS A 15 -6.51 21.09 17.17
CA HIS A 15 -6.66 19.80 17.88
C HIS A 15 -7.79 19.88 18.92
N MET B 1 -15.67 -0.38 -14.91
CA MET B 1 -15.44 -1.02 -13.60
C MET B 1 -13.94 -1.00 -13.25
N ASP B 2 -13.61 -0.72 -12.02
CA ASP B 2 -12.17 -0.69 -11.63
C ASP B 2 -11.98 -1.35 -10.27
N VAL B 3 -10.93 -2.12 -10.11
CA VAL B 3 -10.69 -2.80 -8.80
C VAL B 3 -9.26 -2.54 -8.34
N PHE B 4 -9.04 -2.40 -7.05
CA PHE B 4 -7.66 -2.15 -6.55
C PHE B 4 -7.01 -3.47 -6.14
N LEU B 5 -5.71 -3.52 -6.12
CA LEU B 5 -5.02 -4.78 -5.72
C LEU B 5 -3.74 -4.46 -4.94
N MET B 6 -3.28 -5.39 -4.15
CA MET B 6 -2.04 -5.15 -3.36
C MET B 6 -1.23 -6.44 -3.30
N ILE B 7 0.07 -6.34 -3.41
CA ILE B 7 0.90 -7.57 -3.35
C ILE B 7 1.52 -7.67 -1.95
N ARG B 8 1.59 -8.86 -1.41
CA ARG B 8 2.16 -8.96 -0.05
C ARG B 8 3.49 -9.73 -0.07
N ARG B 9 4.44 -9.19 0.64
CA ARG B 9 5.79 -9.80 0.74
C ARG B 9 6.38 -9.39 2.09
N HIS B 10 7.22 -10.19 2.68
CA HIS B 10 7.77 -9.77 3.99
C HIS B 10 8.38 -8.41 3.87
N LYS B 11 8.27 -7.65 4.88
CA LYS B 11 8.84 -6.28 4.88
C LYS B 11 8.57 -5.62 3.52
N THR B 12 8.33 -6.41 2.51
CA THR B 12 8.07 -5.81 1.16
C THR B 12 6.57 -5.80 0.80
N THR B 13 6.01 -4.64 0.65
CA THR B 13 4.56 -4.51 0.28
C THR B 13 4.42 -3.52 -0.89
N ILE B 14 3.71 -3.88 -1.93
CA ILE B 14 3.57 -2.93 -3.08
C ILE B 14 2.12 -2.48 -3.28
N PHE B 15 1.90 -1.21 -3.44
CA PHE B 15 0.52 -0.76 -3.72
C PHE B 15 0.32 -0.88 -5.23
N THR B 16 -0.52 -1.78 -5.65
CA THR B 16 -0.70 -1.97 -7.12
C THR B 16 -2.16 -1.74 -7.54
N ASP B 17 -2.36 -1.18 -8.69
CA ASP B 17 -3.77 -0.94 -9.16
C ASP B 17 -3.98 -1.62 -10.51
N ALA B 18 -5.15 -2.14 -10.74
CA ALA B 18 -5.43 -2.83 -12.05
C ALA B 18 -6.93 -2.91 -12.30
N LYS B 19 -7.31 -3.35 -13.47
CA LYS B 19 -8.76 -3.45 -13.78
C LYS B 19 -9.28 -4.84 -13.41
N GLU B 20 -10.56 -4.98 -13.23
CA GLU B 20 -11.13 -6.32 -12.87
C GLU B 20 -10.99 -7.27 -14.06
N SER B 21 -10.82 -6.73 -15.23
CA SER B 21 -10.67 -7.59 -16.43
C SER B 21 -9.23 -7.59 -16.90
N SER B 22 -8.33 -7.06 -16.12
CA SER B 22 -6.89 -7.05 -16.53
C SER B 22 -6.44 -8.47 -16.82
N THR B 23 -5.81 -9.10 -15.87
CA THR B 23 -5.34 -10.50 -16.05
C THR B 23 -4.35 -10.87 -14.94
N VAL B 24 -4.65 -11.87 -14.16
CA VAL B 24 -3.72 -12.27 -13.08
C VAL B 24 -2.28 -12.23 -13.60
N PHE B 25 -2.10 -12.50 -14.86
CA PHE B 25 -0.73 -12.47 -15.44
C PHE B 25 -0.23 -11.02 -15.48
N GLU B 26 -1.08 -10.10 -15.83
CA GLU B 26 -0.66 -8.67 -15.86
C GLU B 26 -0.12 -8.27 -14.50
N LEU B 27 -0.81 -8.63 -13.45
CA LEU B 27 -0.33 -8.28 -12.08
C LEU B 27 1.07 -8.87 -11.86
N LYS B 28 1.33 -10.01 -12.45
CA LYS B 28 2.68 -10.63 -12.30
C LYS B 28 3.77 -9.66 -12.76
N ARG B 29 3.48 -8.89 -13.77
CA ARG B 29 4.50 -7.93 -14.29
C ARG B 29 4.89 -6.94 -13.19
N ILE B 30 3.96 -6.54 -12.37
CA ILE B 30 4.30 -5.58 -11.29
C ILE B 30 5.41 -6.16 -10.40
N VAL B 31 5.38 -7.45 -10.19
CA VAL B 31 6.44 -8.07 -9.35
C VAL B 31 7.78 -8.01 -10.08
N GLU B 32 7.79 -8.31 -11.35
CA GLU B 32 9.06 -8.25 -12.14
C GLU B 32 9.68 -6.85 -12.02
N GLY B 33 8.95 -5.92 -11.48
CA GLY B 33 9.51 -4.54 -11.33
C GLY B 33 9.97 -4.35 -9.88
N ILE B 34 9.10 -4.56 -8.93
CA ILE B 34 9.49 -4.39 -7.51
C ILE B 34 10.28 -5.61 -7.03
N LEU B 35 9.83 -6.78 -7.36
CA LEU B 35 10.57 -8.01 -6.92
C LEU B 35 11.40 -8.57 -8.07
N LYS B 36 11.19 -8.08 -9.25
CA LYS B 36 11.99 -8.58 -10.42
C LYS B 36 11.82 -10.10 -10.58
N ARG B 37 10.62 -10.60 -10.51
CA ARG B 37 10.43 -12.07 -10.67
C ARG B 37 9.66 -12.36 -11.96
N PRO B 38 10.20 -13.26 -12.74
CA PRO B 38 9.56 -13.65 -14.02
C PRO B 38 8.32 -14.50 -13.77
N PRO B 39 7.47 -14.56 -14.76
CA PRO B 39 6.23 -15.36 -14.65
C PRO B 39 6.52 -16.85 -14.76
N ASP B 40 7.45 -17.34 -13.96
CA ASP B 40 7.79 -18.79 -14.02
C ASP B 40 8.00 -19.34 -12.61
N GLU B 41 8.96 -18.82 -11.89
CA GLU B 41 9.20 -19.31 -10.51
C GLU B 41 8.54 -18.38 -9.50
N GLN B 42 7.32 -17.99 -9.76
CA GLN B 42 6.59 -17.09 -8.82
C GLN B 42 5.19 -17.62 -8.55
N ARG B 43 4.67 -17.35 -7.39
CA ARG B 43 3.29 -17.84 -7.05
C ARG B 43 2.49 -16.72 -6.38
N LEU B 44 1.20 -16.72 -6.52
CA LEU B 44 0.38 -15.65 -5.88
C LEU B 44 -0.60 -16.27 -4.88
N TYR B 45 -0.90 -15.55 -3.83
CA TYR B 45 -1.85 -16.10 -2.82
C TYR B 45 -2.84 -15.02 -2.37
N LYS B 46 -4.10 -15.34 -2.33
CA LYS B 46 -5.11 -14.34 -1.90
C LYS B 46 -5.81 -14.80 -0.63
N ASP B 47 -5.76 -14.00 0.41
CA ASP B 47 -6.43 -14.40 1.68
C ASP B 47 -5.93 -15.78 2.14
N ASP B 48 -4.74 -15.85 2.68
CA ASP B 48 -4.21 -17.17 3.13
C ASP B 48 -4.54 -18.26 2.11
N GLN B 49 -4.61 -17.91 0.86
CA GLN B 49 -4.93 -18.93 -0.18
C GLN B 49 -4.03 -18.73 -1.41
N LEU B 50 -4.22 -19.52 -2.43
CA LEU B 50 -3.39 -19.37 -3.66
C LEU B 50 -4.20 -18.70 -4.77
N LEU B 51 -3.67 -17.66 -5.36
CA LEU B 51 -4.41 -16.96 -6.45
C LEU B 51 -4.33 -17.78 -7.74
N ASP B 52 -5.43 -17.99 -8.40
CA ASP B 52 -5.43 -18.78 -9.66
C ASP B 52 -5.33 -17.83 -10.87
N ASP B 53 -4.25 -17.91 -11.61
CA ASP B 53 -4.10 -17.03 -12.79
C ASP B 53 -5.02 -17.50 -13.93
N GLY B 54 -5.73 -18.57 -13.72
CA GLY B 54 -6.65 -19.07 -14.78
C GLY B 54 -7.98 -18.33 -14.69
N LYS B 55 -8.07 -17.36 -13.82
CA LYS B 55 -9.31 -16.59 -13.69
C LYS B 55 -8.95 -15.12 -13.53
N THR B 56 -9.75 -14.28 -14.05
CA THR B 56 -9.50 -12.82 -13.95
C THR B 56 -9.90 -12.31 -12.57
N LEU B 57 -9.62 -11.07 -12.29
CA LEU B 57 -9.98 -10.51 -10.96
C LEU B 57 -11.47 -10.74 -10.67
N GLY B 58 -12.32 -10.49 -11.63
CA GLY B 58 -13.78 -10.70 -11.41
C GLY B 58 -14.05 -12.20 -11.29
N GLU B 59 -13.41 -12.99 -12.10
CA GLU B 59 -13.62 -14.47 -12.03
C GLU B 59 -12.77 -15.06 -10.92
N CYS B 60 -12.11 -14.22 -10.17
CA CYS B 60 -11.25 -14.72 -9.06
C CYS B 60 -11.78 -14.18 -7.72
N GLY B 61 -12.35 -13.01 -7.73
CA GLY B 61 -12.88 -12.44 -6.46
C GLY B 61 -12.34 -11.02 -6.26
N PHE B 62 -11.85 -10.41 -7.30
CA PHE B 62 -11.31 -9.03 -7.16
C PHE B 62 -12.22 -8.04 -7.90
N THR B 63 -13.43 -7.87 -7.45
CA THR B 63 -14.37 -6.93 -8.13
C THR B 63 -14.27 -5.54 -7.49
N SER B 64 -15.34 -5.04 -6.95
CA SER B 64 -15.31 -3.70 -6.31
C SER B 64 -15.77 -3.81 -4.86
N GLN B 65 -15.64 -4.98 -4.30
CA GLN B 65 -16.05 -5.17 -2.88
C GLN B 65 -14.85 -5.58 -2.04
N THR B 66 -13.81 -6.05 -2.67
CA THR B 66 -12.58 -6.45 -1.91
C THR B 66 -11.34 -5.80 -2.53
N ALA B 67 -11.52 -4.67 -3.16
CA ALA B 67 -10.36 -3.99 -3.79
C ALA B 67 -10.75 -2.57 -4.19
N ARG B 68 -10.23 -1.58 -3.50
CA ARG B 68 -10.60 -0.18 -3.82
C ARG B 68 -9.96 0.77 -2.80
N PRO B 69 -10.34 2.03 -2.85
CA PRO B 69 -9.78 3.02 -1.90
C PRO B 69 -10.30 2.74 -0.49
N GLN B 70 -11.41 2.04 -0.39
CA GLN B 70 -11.95 1.72 0.96
C GLN B 70 -11.33 0.41 1.45
N ALA B 71 -11.46 -0.64 0.69
CA ALA B 71 -10.87 -1.95 1.09
C ALA B 71 -10.12 -2.56 -0.10
N PRO B 72 -8.82 -2.48 -0.03
CA PRO B 72 -7.98 -3.02 -1.13
C PRO B 72 -7.82 -4.53 -1.00
N ALA B 73 -7.32 -5.15 -2.03
CA ALA B 73 -7.11 -6.63 -1.98
C ALA B 73 -5.62 -6.94 -1.90
N THR B 74 -5.24 -7.95 -1.18
CA THR B 74 -3.78 -8.28 -1.06
C THR B 74 -3.47 -9.65 -1.66
N VAL B 75 -2.38 -9.75 -2.36
CA VAL B 75 -1.98 -11.05 -2.94
C VAL B 75 -0.58 -11.40 -2.43
N GLY B 76 -0.34 -12.65 -2.14
CA GLY B 76 0.99 -13.04 -1.61
C GLY B 76 1.86 -13.48 -2.78
N LEU B 77 3.13 -13.40 -2.60
CA LEU B 77 4.06 -13.81 -3.68
C LEU B 77 5.04 -14.87 -3.19
N ALA B 78 5.02 -16.00 -3.80
CA ALA B 78 5.94 -17.10 -3.40
C ALA B 78 6.74 -17.59 -4.61
N PHE B 79 8.03 -17.64 -4.51
CA PHE B 79 8.86 -18.10 -5.66
C PHE B 79 9.45 -19.49 -5.37
N ARG B 80 9.25 -20.43 -6.24
CA ARG B 80 9.80 -21.80 -6.02
C ARG B 80 10.84 -22.14 -7.09
N ALA B 81 12.07 -22.33 -6.69
CA ALA B 81 13.13 -22.66 -7.69
C ALA B 81 13.87 -23.92 -7.26
N ASP B 82 13.64 -25.02 -7.94
CA ASP B 82 14.34 -26.29 -7.58
C ASP B 82 14.34 -26.48 -6.06
N ASP B 83 13.19 -26.64 -5.47
CA ASP B 83 13.14 -26.83 -3.99
C ASP B 83 13.69 -25.59 -3.27
N THR B 84 13.12 -24.43 -3.54
CA THR B 84 13.62 -23.20 -2.87
C THR B 84 12.43 -22.30 -2.48
N PHE B 85 12.44 -21.77 -1.29
CA PHE B 85 11.32 -20.90 -0.86
C PHE B 85 11.85 -19.60 -0.26
N GLU B 86 11.02 -18.61 -0.08
CA GLU B 86 11.49 -17.32 0.50
C GLU B 86 10.29 -16.48 0.95
N ALA B 87 9.21 -16.54 0.22
CA ALA B 87 8.00 -15.74 0.61
C ALA B 87 6.87 -16.68 1.04
N LEU B 88 5.64 -16.34 0.72
CA LEU B 88 4.48 -17.19 1.12
C LEU B 88 4.07 -16.84 2.54
N CYS B 89 4.90 -16.13 3.24
CA CYS B 89 4.56 -15.71 4.62
C CYS B 89 4.57 -14.20 4.63
N ILE B 90 3.44 -13.60 4.74
CA ILE B 90 3.40 -12.13 4.72
C ILE B 90 3.55 -11.57 6.12
N GLU B 91 4.67 -10.99 6.40
CA GLU B 91 4.91 -10.42 7.75
C GLU B 91 4.15 -9.09 7.89
N PRO B 92 3.20 -9.09 8.79
CA PRO B 92 2.38 -7.88 9.03
C PRO B 92 3.20 -6.78 9.70
N PHE B 93 2.75 -5.56 9.65
CA PHE B 93 3.49 -4.45 10.29
C PHE B 93 2.74 -3.93 11.51
N SER B 94 2.69 -2.64 11.70
CA SER B 94 1.97 -2.08 12.88
C SER B 94 0.55 -2.64 12.95
N SER B 95 -0.44 -1.86 12.60
CA SER B 95 -1.84 -2.35 12.65
C SER B 95 -2.26 -2.92 11.29
N PRO B 96 -3.48 -3.38 11.23
CA PRO B 96 -4.01 -3.96 9.97
C PRO B 96 -4.26 -2.85 8.93
N PRO B 97 -4.64 -3.26 7.77
CA PRO B 97 -4.92 -2.30 6.67
C PRO B 97 -6.19 -1.50 6.97
N GLU B 98 -6.87 -1.84 8.03
CA GLU B 98 -8.12 -1.10 8.36
C GLU B 98 -7.81 0.09 9.28
N LEU B 99 -6.54 0.30 9.56
CA LEU B 99 -6.17 1.44 10.46
C LEU B 99 -6.77 1.24 11.85
N PRO B 100 -5.95 1.43 12.84
CA PRO B 100 -6.39 1.27 14.24
C PRO B 100 -7.29 2.45 14.65
N ASP B 101 -6.80 3.65 14.56
CA ASP B 101 -7.62 4.83 14.94
C ASP B 101 -8.42 4.54 16.22
N VAL B 102 -9.40 5.35 16.50
CA VAL B 102 -10.21 5.12 17.74
C VAL B 102 -11.64 4.72 17.36
N MET B 103 -11.97 3.46 17.45
CA MET B 103 -13.34 3.02 17.09
C MET B 103 -13.96 2.24 18.25
N LYS B 104 -13.16 1.53 18.99
CA LYS B 104 -13.71 0.74 20.14
C LYS B 104 -14.61 -0.38 19.62
N PRO B 105 -14.10 -1.58 19.66
CA PRO B 105 -14.87 -2.75 19.19
C PRO B 105 -15.96 -3.10 20.20
N GLN B 106 -17.14 -2.56 20.03
CA GLN B 106 -18.25 -2.87 20.98
C GLN B 106 -18.84 -4.25 20.69
N ASP B 107 -19.49 -4.84 21.64
CA ASP B 107 -20.08 -6.19 21.41
C ASP B 107 -20.77 -6.70 22.69
N SER B 108 -21.59 -5.88 23.29
CA SER B 108 -22.29 -6.32 24.54
C SER B 108 -23.74 -5.84 24.52
N GLY B 109 -24.39 -5.89 25.66
CA GLY B 109 -25.82 -5.43 25.71
C GLY B 109 -26.02 -4.52 26.92
N SER B 110 -27.14 -3.86 27.00
CA SER B 110 -27.39 -2.96 28.17
C SER B 110 -27.34 -3.75 29.47
N SER B 111 -27.65 -5.02 29.42
CA SER B 111 -27.62 -5.85 30.65
C SER B 111 -26.70 -7.06 30.45
N ALA B 112 -26.53 -7.85 31.48
CA ALA B 112 -25.65 -9.05 31.34
C ALA B 112 -25.83 -9.99 32.54
N ASN B 113 -25.64 -9.48 33.73
CA ASN B 113 -25.80 -10.33 34.94
C ASN B 113 -26.88 -9.75 35.86
N GLU B 114 -27.82 -9.03 35.30
CA GLU B 114 -28.90 -8.44 36.14
C GLU B 114 -30.25 -9.05 35.77
N GLN B 115 -31.19 -9.05 36.69
CA GLN B 115 -32.52 -9.63 36.38
C GLN B 115 -33.45 -8.55 35.83
N ALA B 116 -32.95 -7.68 35.00
CA ALA B 116 -33.81 -6.60 34.44
C ALA B 116 -34.53 -5.85 35.57
N VAL B 117 -33.79 -5.19 36.42
CA VAL B 117 -34.44 -4.45 37.54
C VAL B 117 -33.96 -3.00 37.55
N GLN B 118 -34.87 -2.07 37.66
CA GLN B 118 -34.47 -0.63 37.67
C GLN B 118 -33.53 -0.33 36.50
N MET C 1 7.77 3.61 -14.22
CA MET C 1 8.59 4.19 -13.12
C MET C 1 7.96 3.87 -11.76
N TYR C 2 8.76 3.44 -10.82
CA TYR C 2 8.20 3.09 -9.48
C TYR C 2 9.12 3.62 -8.38
N VAL C 3 8.62 3.81 -7.19
CA VAL C 3 9.48 4.31 -6.08
C VAL C 3 9.25 3.48 -4.81
N LYS C 4 10.30 3.20 -4.08
CA LYS C 4 10.16 2.41 -2.84
C LYS C 4 10.25 3.32 -1.62
N LEU C 5 9.41 3.10 -0.63
CA LEU C 5 9.44 3.95 0.59
C LEU C 5 9.78 3.11 1.81
N ILE C 6 10.73 3.55 2.60
CA ILE C 6 11.10 2.76 3.81
C ILE C 6 10.65 3.49 5.07
N SER C 7 10.20 2.77 6.05
CA SER C 7 9.75 3.40 7.31
C SER C 7 10.65 2.99 8.47
N SER C 8 10.75 3.82 9.49
CA SER C 8 11.62 3.46 10.65
C SER C 8 11.25 2.07 11.19
N ASP C 9 10.08 1.60 10.87
CA ASP C 9 9.66 0.26 11.37
C ASP C 9 10.51 -0.84 10.73
N GLY C 10 11.12 -0.55 9.60
CA GLY C 10 11.97 -1.58 8.94
C GLY C 10 11.23 -2.12 7.71
N HIS C 11 9.95 -1.88 7.62
CA HIS C 11 9.18 -2.38 6.45
C HIS C 11 9.43 -1.51 5.23
N GLU C 12 8.94 -1.90 4.08
CA GLU C 12 9.15 -1.08 2.85
C GLU C 12 7.88 -1.05 2.02
N PHE C 13 7.75 -0.07 1.20
CA PHE C 13 6.54 0.05 0.32
C PHE C 13 6.94 0.61 -1.03
N ILE C 14 6.41 0.07 -2.10
CA ILE C 14 6.79 0.58 -3.44
C ILE C 14 5.58 1.15 -4.16
N VAL C 15 5.62 2.41 -4.53
CA VAL C 15 4.47 3.01 -5.25
C VAL C 15 4.94 3.54 -6.61
N LYS C 16 4.07 3.52 -7.59
CA LYS C 16 4.47 3.99 -8.95
C LYS C 16 4.63 5.51 -8.96
N ARG C 17 5.57 6.01 -9.74
CA ARG C 17 5.78 7.48 -9.81
C ARG C 17 4.46 8.22 -9.58
N GLU C 18 3.49 8.01 -10.43
CA GLU C 18 2.18 8.69 -10.24
C GLU C 18 1.73 8.53 -8.79
N HIS C 19 1.64 7.32 -8.32
CA HIS C 19 1.23 7.10 -6.90
C HIS C 19 2.14 7.90 -5.97
N ALA C 20 3.36 8.10 -6.38
CA ALA C 20 4.32 8.87 -5.54
C ALA C 20 4.22 10.36 -5.87
N LEU C 21 3.82 10.70 -7.06
CA LEU C 21 3.70 12.14 -7.40
C LEU C 21 2.73 12.82 -6.43
N THR C 22 2.02 12.04 -5.66
CA THR C 22 1.06 12.62 -4.68
C THR C 22 1.82 13.33 -3.56
N SER C 23 3.12 13.32 -3.64
CA SER C 23 3.94 14.00 -2.61
C SER C 23 4.96 14.90 -3.30
N GLY C 24 4.80 16.19 -3.19
CA GLY C 24 5.75 17.13 -3.85
C GLY C 24 7.18 16.85 -3.38
N THR C 25 7.39 15.78 -2.64
CA THR C 25 8.77 15.47 -2.16
C THR C 25 9.23 14.13 -2.73
N ILE C 26 8.35 13.17 -2.81
CA ILE C 26 8.75 11.85 -3.37
C ILE C 26 9.06 12.00 -4.86
N LYS C 27 8.21 12.66 -5.59
CA LYS C 27 8.47 12.86 -7.04
C LYS C 27 9.81 13.57 -7.24
N ALA C 28 10.16 14.46 -6.37
CA ALA C 28 11.46 15.19 -6.51
C ALA C 28 12.62 14.24 -6.19
N MET C 29 12.37 13.17 -5.50
CA MET C 29 13.46 12.22 -5.17
C MET C 29 13.75 11.31 -6.36
N LEU C 30 12.74 10.95 -7.10
CA LEU C 30 12.96 10.06 -8.29
C LEU C 30 14.10 10.61 -9.15
N SER C 31 14.39 11.88 -9.03
CA SER C 31 15.50 12.48 -9.84
C SER C 31 15.51 13.99 -9.66
N GLY C 32 14.39 14.58 -9.37
CA GLY C 32 14.35 16.06 -9.19
C GLY C 32 14.87 16.74 -10.46
N PRO C 33 16.04 17.31 -10.35
CA PRO C 33 16.66 18.01 -11.50
C PRO C 33 17.15 16.99 -12.54
N GLY C 34 17.46 17.44 -13.73
CA GLY C 34 17.94 16.50 -14.78
C GLY C 34 19.46 16.62 -14.91
N GLN C 35 20.13 15.52 -15.18
CA GLN C 35 21.61 15.56 -15.32
C GLN C 35 22.06 14.71 -16.50
N PHE C 36 23.32 14.73 -16.82
CA PHE C 36 23.82 13.91 -17.96
C PHE C 36 24.58 12.69 -17.45
N ALA C 37 24.33 11.54 -18.02
CA ALA C 37 25.04 10.31 -17.56
C ALA C 37 24.98 10.20 -16.03
N GLU C 38 23.83 9.94 -15.49
CA GLU C 38 23.71 9.82 -14.01
C GLU C 38 23.04 8.50 -13.62
N ASN C 39 22.52 8.41 -12.43
CA ASN C 39 21.86 7.14 -12.01
C ASN C 39 20.39 7.39 -11.67
N GLU C 40 19.54 7.38 -12.66
CA GLU C 40 18.09 7.62 -12.40
C GLU C 40 17.64 6.84 -11.17
N THR C 41 17.63 7.46 -10.03
CA THR C 41 17.19 6.75 -8.79
C THR C 41 15.67 6.79 -8.65
N ASN C 42 15.15 6.26 -7.58
CA ASN C 42 13.67 6.27 -7.39
C ASN C 42 13.31 5.60 -6.06
N GLU C 43 13.87 6.06 -4.99
CA GLU C 43 13.55 5.44 -3.67
C GLU C 43 13.27 6.52 -2.62
N VAL C 44 12.41 6.23 -1.68
CA VAL C 44 12.09 7.24 -0.62
C VAL C 44 12.59 6.74 0.73
N ASN C 45 12.86 7.63 1.64
CA ASN C 45 13.35 7.22 2.98
C ASN C 45 12.66 8.04 4.07
N PHE C 46 11.88 7.40 4.88
CA PHE C 46 11.17 8.13 5.97
C PHE C 46 11.74 7.73 7.33
N ARG C 47 12.65 8.51 7.86
CA ARG C 47 13.25 8.17 9.18
C ARG C 47 12.40 8.77 10.32
N GLU C 48 11.27 9.35 9.98
CA GLU C 48 10.41 9.94 11.04
C GLU C 48 8.95 9.51 10.84
N ILE C 49 8.75 8.32 10.35
CA ILE C 49 7.35 7.84 10.13
C ILE C 49 7.25 6.34 10.44
N PRO C 50 6.39 6.03 11.37
CA PRO C 50 6.20 4.61 11.77
C PRO C 50 5.42 3.85 10.69
N SER C 51 5.33 2.55 10.80
CA SER C 51 4.60 1.77 9.78
C SER C 51 3.14 2.25 9.68
N HIS C 52 2.48 2.39 10.80
CA HIS C 52 1.07 2.86 10.77
C HIS C 52 0.94 4.06 9.83
N VAL C 53 1.88 4.95 9.85
CA VAL C 53 1.82 6.14 8.96
C VAL C 53 2.37 5.77 7.58
N LEU C 54 3.39 4.96 7.54
CA LEU C 54 3.98 4.54 6.24
C LEU C 54 2.86 4.30 5.22
N SER C 55 1.78 3.71 5.65
CA SER C 55 0.65 3.44 4.71
C SER C 55 -0.41 4.52 4.87
N LYS C 56 -0.50 5.09 6.04
CA LYS C 56 -1.52 6.15 6.28
C LYS C 56 -1.44 7.20 5.17
N VAL C 57 -0.39 7.98 5.14
CA VAL C 57 -0.24 9.01 4.08
C VAL C 57 -0.19 8.34 2.71
N CYS C 58 0.41 7.19 2.62
CA CYS C 58 0.50 6.50 1.32
C CYS C 58 -0.89 6.28 0.75
N MET C 59 -1.86 6.03 1.59
CA MET C 59 -3.25 5.82 1.08
C MET C 59 -3.69 7.07 0.33
N TYR C 60 -3.32 8.23 0.80
CA TYR C 60 -3.71 9.47 0.08
C TYR C 60 -2.89 9.57 -1.21
N PHE C 61 -1.76 8.91 -1.25
CA PHE C 61 -0.93 8.95 -2.50
C PHE C 61 -1.69 8.26 -3.62
N THR C 62 -2.43 7.24 -3.30
CA THR C 62 -3.21 6.52 -4.35
C THR C 62 -4.62 7.12 -4.42
N TYR C 63 -5.19 7.41 -3.29
CA TYR C 63 -6.56 8.01 -3.28
C TYR C 63 -6.54 9.34 -4.03
N LYS C 64 -5.46 10.07 -3.93
CA LYS C 64 -5.37 11.38 -4.63
C LYS C 64 -5.30 11.17 -6.14
N VAL C 65 -4.67 10.11 -6.58
CA VAL C 65 -4.54 9.86 -8.04
C VAL C 65 -5.93 9.80 -8.70
N ARG C 66 -6.83 9.05 -8.14
CA ARG C 66 -8.19 8.96 -8.74
C ARG C 66 -9.05 10.16 -8.31
N TYR C 67 -8.67 10.82 -7.25
CA TYR C 67 -9.47 11.99 -6.79
C TYR C 67 -8.87 13.28 -7.33
N THR C 68 -7.71 13.21 -7.93
CA THR C 68 -7.09 14.44 -8.50
C THR C 68 -7.81 14.83 -9.79
N ASN C 69 -8.40 13.89 -10.47
CA ASN C 69 -9.12 14.21 -11.73
C ASN C 69 -10.44 14.92 -11.42
N SER C 70 -10.74 15.13 -10.17
CA SER C 70 -12.01 15.82 -9.81
C SER C 70 -13.19 15.14 -10.51
N SER C 71 -13.93 14.33 -9.78
CA SER C 71 -15.10 13.64 -10.41
C SER C 71 -16.33 13.76 -9.50
N THR C 72 -16.15 13.60 -8.22
CA THR C 72 -17.30 13.70 -7.28
C THR C 72 -16.92 14.52 -6.05
N GLU C 73 -16.40 13.88 -5.04
CA GLU C 73 -16.00 14.63 -3.81
C GLU C 73 -14.90 13.88 -3.06
N ILE C 74 -13.91 14.57 -2.57
CA ILE C 74 -12.81 13.90 -1.83
C ILE C 74 -13.05 13.97 -0.32
N PRO C 75 -13.40 12.85 0.25
CA PRO C 75 -13.66 12.78 1.70
C PRO C 75 -12.35 12.87 2.49
N GLU C 76 -12.37 12.53 3.75
CA GLU C 76 -11.13 12.61 4.56
C GLU C 76 -11.31 11.84 5.88
N PHE C 77 -10.34 11.05 6.26
CA PHE C 77 -10.45 10.28 7.52
C PHE C 77 -10.23 11.21 8.73
N PRO C 78 -10.90 10.91 9.80
CA PRO C 78 -10.78 11.72 11.04
C PRO C 78 -9.44 11.44 11.73
N ILE C 79 -8.91 12.40 12.42
CA ILE C 79 -7.62 12.20 13.13
C ILE C 79 -7.86 12.06 14.63
N ALA C 80 -7.20 11.14 15.27
CA ALA C 80 -7.39 10.94 16.73
C ALA C 80 -6.05 10.87 17.46
N PRO C 81 -6.12 10.78 18.76
CA PRO C 81 -4.90 10.69 19.59
C PRO C 81 -4.27 9.30 19.44
N GLU C 82 -3.68 9.03 18.31
CA GLU C 82 -3.06 7.70 18.07
C GLU C 82 -2.48 7.72 16.67
N ILE C 83 -3.17 8.36 15.78
CA ILE C 83 -2.68 8.49 14.39
C ILE C 83 -2.94 9.91 13.91
N ALA C 84 -2.00 10.48 13.23
CA ALA C 84 -2.11 11.88 12.71
C ALA C 84 -0.96 12.72 13.25
N LEU C 85 -0.54 12.44 14.46
CA LEU C 85 0.58 13.22 15.05
C LEU C 85 1.84 13.06 14.19
N GLU C 86 2.17 11.86 13.81
CA GLU C 86 3.37 11.65 12.96
C GLU C 86 3.18 12.31 11.59
N LEU C 87 1.98 12.31 11.08
CA LEU C 87 1.71 12.93 9.76
C LEU C 87 2.04 14.42 9.81
N LEU C 88 1.94 15.02 10.97
CA LEU C 88 2.24 16.48 11.08
C LEU C 88 3.52 16.80 10.29
N MET C 89 4.64 16.31 10.73
CA MET C 89 5.92 16.59 10.00
C MET C 89 6.12 15.58 8.86
N ALA C 90 5.55 14.42 8.96
CA ALA C 90 5.72 13.40 7.88
C ALA C 90 4.78 13.70 6.71
N ALA C 91 3.52 13.91 7.00
CA ALA C 91 2.56 14.20 5.89
C ALA C 91 3.03 15.41 5.09
N ASN C 92 3.36 16.48 5.76
CA ASN C 92 3.83 17.70 5.05
C ASN C 92 5.21 17.45 4.44
N PHE C 93 6.02 16.64 5.08
CA PHE C 93 7.38 16.36 4.55
C PHE C 93 7.28 15.71 3.16
N LEU C 94 6.30 14.88 2.95
CA LEU C 94 6.14 14.21 1.63
C LEU C 94 5.69 15.23 0.58
N ASP C 95 5.44 16.45 0.97
CA ASP C 95 5.00 17.49 0.00
C ASP C 95 5.04 18.88 0.64
N CYS C 96 6.16 19.54 0.58
CA CYS C 96 6.26 20.89 1.19
C CYS C 96 6.30 21.96 0.09
N VAL A 1 -8.37 17.57 -3.20
CA VAL A 1 -7.60 16.67 -2.30
C VAL A 1 -6.29 17.27 -1.88
N ALA A 2 -5.99 17.05 -0.66
CA ALA A 2 -4.75 17.59 -0.06
C ALA A 2 -3.87 16.44 0.48
N THR A 3 -2.61 16.69 0.65
CA THR A 3 -1.73 15.62 1.20
C THR A 3 -2.01 15.45 2.70
N LEU A 4 -1.46 14.44 3.31
CA LEU A 4 -1.71 14.24 4.76
C LEU A 4 -1.16 15.43 5.55
N GLN A 5 -0.40 16.26 4.92
CA GLN A 5 0.19 17.44 5.63
C GLN A 5 -0.93 18.32 6.20
N HIS A 6 -2.02 18.44 5.50
CA HIS A 6 -3.14 19.30 6.01
C HIS A 6 -3.90 18.58 7.12
N LEU A 7 -4.23 17.34 6.93
CA LEU A 7 -4.99 16.59 7.98
C LEU A 7 -4.13 16.43 9.23
N CYS A 8 -2.84 16.31 9.07
CA CYS A 8 -1.95 16.14 10.26
C CYS A 8 -1.97 17.41 11.12
N ARG A 9 -2.06 18.56 10.51
CA ARG A 9 -2.09 19.83 11.30
C ARG A 9 -3.41 19.94 12.07
N LYS A 10 -4.47 19.41 11.55
CA LYS A 10 -5.78 19.49 12.26
C LYS A 10 -5.68 18.81 13.63
N THR A 11 -4.95 17.73 13.72
CA THR A 11 -4.83 17.03 15.03
C THR A 11 -3.92 17.82 15.97
N VAL A 12 -2.75 18.19 15.53
CA VAL A 12 -1.83 18.96 16.40
C VAL A 12 -2.50 20.26 16.87
N ASN A 13 -3.26 20.89 16.00
CA ASN A 13 -3.95 22.15 16.40
C ASN A 13 -5.12 21.84 17.34
N GLY A 14 -5.82 20.76 17.09
CA GLY A 14 -6.97 20.41 17.97
C GLY A 14 -6.55 20.49 19.43
N HIS A 15 -5.41 19.92 19.76
CA HIS A 15 -4.95 19.97 21.18
C HIS A 15 -4.73 21.42 21.62
N MET B 1 -13.85 -0.55 -16.51
CA MET B 1 -13.76 -0.99 -15.08
C MET B 1 -12.30 -1.06 -14.64
N ASP B 2 -12.04 -0.79 -13.39
CA ASP B 2 -10.63 -0.83 -12.89
C ASP B 2 -10.58 -1.46 -11.50
N VAL B 3 -9.56 -2.23 -11.22
CA VAL B 3 -9.45 -2.88 -9.88
C VAL B 3 -8.07 -2.63 -9.29
N PHE B 4 -7.99 -2.35 -8.02
CA PHE B 4 -6.66 -2.08 -7.39
C PHE B 4 -6.14 -3.35 -6.70
N LEU B 5 -4.96 -3.78 -7.05
CA LEU B 5 -4.39 -5.01 -6.42
C LEU B 5 -3.10 -4.66 -5.67
N MET B 6 -2.72 -5.48 -4.74
CA MET B 6 -1.47 -5.19 -3.96
C MET B 6 -0.73 -6.50 -3.69
N ILE B 7 0.58 -6.49 -3.73
CA ILE B 7 1.33 -7.74 -3.45
C ILE B 7 1.84 -7.70 -2.02
N ARG B 8 1.81 -8.79 -1.33
CA ARG B 8 2.29 -8.76 0.08
C ARG B 8 3.56 -9.58 0.25
N ARG B 9 4.48 -9.01 0.97
CA ARG B 9 5.78 -9.67 1.26
C ARG B 9 6.27 -9.13 2.59
N HIS B 10 7.01 -9.87 3.35
CA HIS B 10 7.47 -9.32 4.66
C HIS B 10 8.15 -8.01 4.45
N LYS B 11 7.98 -7.14 5.37
CA LYS B 11 8.61 -5.81 5.28
C LYS B 11 8.47 -5.27 3.86
N THR B 12 8.29 -6.15 2.90
CA THR B 12 8.16 -5.66 1.48
C THR B 12 6.70 -5.67 1.00
N THR B 13 6.19 -4.52 0.67
CA THR B 13 4.78 -4.42 0.15
C THR B 13 4.77 -3.55 -1.11
N ILE B 14 4.25 -4.05 -2.21
CA ILE B 14 4.24 -3.23 -3.44
C ILE B 14 2.80 -2.91 -3.87
N PHE B 15 2.53 -1.69 -4.19
CA PHE B 15 1.15 -1.36 -4.64
C PHE B 15 1.09 -1.64 -6.15
N THR B 16 0.31 -2.60 -6.54
CA THR B 16 0.23 -2.95 -7.99
C THR B 16 -1.13 -2.54 -8.56
N ASP B 17 -1.16 -2.10 -9.78
CA ASP B 17 -2.46 -1.70 -10.40
C ASP B 17 -2.69 -2.49 -11.69
N ALA B 18 -3.91 -2.86 -11.96
CA ALA B 18 -4.20 -3.64 -13.19
C ALA B 18 -5.68 -3.55 -13.54
N LYS B 19 -6.07 -4.04 -14.68
CA LYS B 19 -7.51 -3.99 -15.06
C LYS B 19 -8.21 -5.29 -14.63
N GLU B 20 -9.45 -5.20 -14.24
CA GLU B 20 -10.18 -6.42 -13.81
C GLU B 20 -10.13 -7.48 -14.92
N SER B 21 -10.09 -7.05 -16.15
CA SER B 21 -10.03 -8.01 -17.28
C SER B 21 -8.60 -8.11 -17.81
N SER B 22 -7.65 -7.60 -17.07
CA SER B 22 -6.24 -7.69 -17.53
C SER B 22 -5.79 -9.14 -17.57
N THR B 23 -5.10 -9.59 -16.57
CA THR B 23 -4.65 -11.01 -16.54
C THR B 23 -3.59 -11.20 -15.44
N VAL B 24 -3.78 -12.18 -14.60
CA VAL B 24 -2.78 -12.42 -13.51
C VAL B 24 -1.37 -12.29 -14.08
N PHE B 25 -1.21 -12.46 -15.36
CA PHE B 25 0.14 -12.34 -15.97
C PHE B 25 0.62 -10.88 -15.91
N GLU B 26 -0.27 -9.94 -16.14
CA GLU B 26 0.15 -8.51 -16.10
C GLU B 26 0.59 -8.13 -14.67
N LEU B 27 -0.20 -8.46 -13.69
CA LEU B 27 0.21 -8.13 -12.29
C LEU B 27 1.50 -8.88 -11.96
N LYS B 28 1.67 -10.04 -12.52
CA LYS B 28 2.92 -10.84 -12.27
C LYS B 28 4.15 -10.00 -12.66
N ARG B 29 4.03 -9.20 -13.68
CA ARG B 29 5.19 -8.37 -14.12
C ARG B 29 5.64 -7.45 -12.98
N ILE B 30 4.72 -6.95 -12.21
CA ILE B 30 5.09 -6.05 -11.08
C ILE B 30 6.06 -6.78 -10.15
N VAL B 31 5.88 -8.06 -9.98
CA VAL B 31 6.81 -8.82 -9.10
C VAL B 31 8.17 -8.94 -9.79
N GLU B 32 8.17 -9.32 -11.05
CA GLU B 32 9.46 -9.45 -11.80
C GLU B 32 10.10 -8.08 -12.01
N GLY B 33 9.41 -7.03 -11.64
CA GLY B 33 9.97 -5.67 -11.80
C GLY B 33 10.34 -5.12 -10.42
N ILE B 34 9.69 -5.61 -9.41
CA ILE B 34 9.98 -5.15 -8.03
C ILE B 34 10.79 -6.22 -7.31
N LEU B 35 10.29 -7.42 -7.26
CA LEU B 35 11.02 -8.53 -6.59
C LEU B 35 11.80 -9.33 -7.63
N LYS B 36 11.55 -9.06 -8.89
CA LYS B 36 12.28 -9.79 -9.97
C LYS B 36 11.95 -11.29 -9.92
N ARG B 37 10.70 -11.64 -9.79
CA ARG B 37 10.36 -13.09 -9.73
C ARG B 37 9.52 -13.48 -10.95
N PRO B 38 9.95 -14.52 -11.61
CA PRO B 38 9.24 -15.02 -12.81
C PRO B 38 8.07 -15.92 -12.40
N PRO B 39 7.11 -16.05 -13.28
CA PRO B 39 5.94 -16.90 -13.02
C PRO B 39 6.31 -18.38 -13.13
N ASP B 40 7.05 -18.89 -12.19
CA ASP B 40 7.45 -20.33 -12.25
C ASP B 40 7.64 -20.90 -10.84
N GLU B 41 8.75 -20.61 -10.21
CA GLU B 41 8.99 -21.13 -8.84
C GLU B 41 8.38 -20.18 -7.79
N GLN B 42 7.24 -19.63 -8.06
CA GLN B 42 6.60 -18.71 -7.09
C GLN B 42 5.07 -18.78 -7.19
N ARG B 43 4.40 -18.69 -6.09
CA ARG B 43 2.91 -18.74 -6.09
C ARG B 43 2.34 -17.53 -5.36
N LEU B 44 1.17 -17.09 -5.72
CA LEU B 44 0.58 -15.91 -5.04
C LEU B 44 -0.72 -16.31 -4.33
N TYR B 45 -1.08 -15.61 -3.30
CA TYR B 45 -2.34 -15.96 -2.57
C TYR B 45 -3.23 -14.73 -2.46
N LYS B 46 -4.48 -14.88 -2.77
CA LYS B 46 -5.43 -13.72 -2.69
C LYS B 46 -6.49 -13.99 -1.61
N ASP B 47 -6.63 -13.09 -0.68
CA ASP B 47 -7.65 -13.29 0.40
C ASP B 47 -7.49 -14.67 1.02
N ASP B 48 -6.47 -14.87 1.81
CA ASP B 48 -6.26 -16.19 2.46
C ASP B 48 -6.52 -17.32 1.45
N GLN B 49 -6.13 -17.13 0.22
CA GLN B 49 -6.35 -18.19 -0.81
C GLN B 49 -5.17 -18.25 -1.77
N LEU B 50 -5.27 -19.04 -2.81
CA LEU B 50 -4.16 -19.14 -3.79
C LEU B 50 -4.52 -18.39 -5.08
N LEU B 51 -3.68 -17.47 -5.50
CA LEU B 51 -3.98 -16.72 -6.75
C LEU B 51 -3.61 -17.56 -7.97
N ASP B 52 -4.58 -17.92 -8.76
CA ASP B 52 -4.28 -18.75 -9.97
C ASP B 52 -4.18 -17.85 -11.22
N ASP B 53 -3.10 -17.94 -11.94
CA ASP B 53 -2.94 -17.08 -13.15
C ASP B 53 -3.84 -17.60 -14.28
N GLY B 54 -4.60 -18.62 -14.03
CA GLY B 54 -5.50 -19.16 -15.09
C GLY B 54 -6.85 -18.46 -15.02
N LYS B 55 -6.99 -17.47 -14.17
CA LYS B 55 -8.24 -16.74 -14.06
C LYS B 55 -7.93 -15.25 -13.91
N THR B 56 -8.77 -14.46 -14.46
CA THR B 56 -8.58 -12.98 -14.39
C THR B 56 -9.07 -12.46 -13.04
N LEU B 57 -8.86 -11.21 -12.77
CA LEU B 57 -9.31 -10.63 -11.48
C LEU B 57 -10.79 -10.90 -11.27
N GLY B 58 -11.59 -10.75 -12.29
CA GLY B 58 -13.05 -11.01 -12.14
C GLY B 58 -13.29 -12.52 -12.03
N GLU B 59 -12.58 -13.31 -12.78
CA GLU B 59 -12.76 -14.77 -12.71
C GLU B 59 -11.87 -15.37 -11.62
N CYS B 60 -11.21 -14.52 -10.89
CA CYS B 60 -10.31 -15.01 -9.81
C CYS B 60 -10.83 -14.52 -8.45
N GLY B 61 -11.35 -13.33 -8.39
CA GLY B 61 -11.88 -12.80 -7.10
C GLY B 61 -11.25 -11.44 -6.81
N PHE B 62 -11.79 -10.41 -7.42
CA PHE B 62 -11.24 -9.04 -7.19
C PHE B 62 -12.28 -8.00 -7.61
N THR B 63 -12.72 -8.06 -8.84
CA THR B 63 -13.74 -7.09 -9.31
C THR B 63 -13.43 -5.68 -8.77
N SER B 64 -14.38 -5.05 -8.13
CA SER B 64 -14.13 -3.69 -7.59
C SER B 64 -14.69 -3.59 -6.18
N GLN B 65 -14.80 -4.70 -5.51
CA GLN B 65 -15.33 -4.70 -4.11
C GLN B 65 -14.19 -4.94 -3.13
N THR B 66 -13.09 -5.46 -3.61
CA THR B 66 -11.94 -5.72 -2.71
C THR B 66 -10.65 -5.17 -3.34
N ALA B 67 -10.77 -4.15 -4.14
CA ALA B 67 -9.57 -3.56 -4.78
C ALA B 67 -9.88 -2.13 -5.25
N ARG B 68 -9.37 -1.16 -4.56
CA ARG B 68 -9.64 0.26 -4.94
C ARG B 68 -8.98 1.21 -3.94
N PRO B 69 -9.28 2.48 -4.05
CA PRO B 69 -8.69 3.48 -3.13
C PRO B 69 -9.28 3.30 -1.72
N GLN B 70 -10.42 2.68 -1.63
CA GLN B 70 -11.04 2.46 -0.29
C GLN B 70 -10.55 1.12 0.27
N ALA B 71 -10.79 0.05 -0.45
CA ALA B 71 -10.33 -1.28 0.02
C ALA B 71 -9.59 -2.00 -1.12
N PRO B 72 -8.29 -2.03 -1.00
CA PRO B 72 -7.44 -2.66 -2.03
C PRO B 72 -7.38 -4.18 -1.83
N ALA B 73 -6.85 -4.88 -2.79
CA ALA B 73 -6.74 -6.36 -2.67
C ALA B 73 -5.27 -6.74 -2.46
N THR B 74 -4.99 -7.68 -1.60
CA THR B 74 -3.58 -8.05 -1.35
C THR B 74 -3.28 -9.47 -1.84
N VAL B 75 -2.15 -9.65 -2.45
CA VAL B 75 -1.74 -10.99 -2.93
C VAL B 75 -0.43 -11.37 -2.22
N GLY B 76 -0.27 -12.60 -1.84
CA GLY B 76 0.95 -13.00 -1.13
C GLY B 76 1.99 -13.49 -2.11
N LEU B 77 3.22 -13.41 -1.72
CA LEU B 77 4.33 -13.88 -2.58
C LEU B 77 4.97 -15.10 -1.94
N ALA B 78 4.95 -16.19 -2.63
CA ALA B 78 5.52 -17.44 -2.06
C ALA B 78 6.19 -18.29 -3.14
N PHE B 79 7.13 -19.10 -2.75
CA PHE B 79 7.84 -19.98 -3.72
C PHE B 79 7.36 -21.42 -3.54
N ARG B 80 7.52 -22.25 -4.54
CA ARG B 80 7.05 -23.65 -4.43
C ARG B 80 8.02 -24.47 -3.58
N ALA B 81 7.50 -25.28 -2.68
CA ALA B 81 8.38 -26.09 -1.80
C ALA B 81 8.78 -27.37 -2.50
N ASP B 82 10.05 -27.48 -2.83
CA ASP B 82 10.55 -28.69 -3.54
C ASP B 82 11.93 -28.37 -4.11
N ASP B 83 12.17 -27.11 -4.38
CA ASP B 83 13.48 -26.68 -4.94
C ASP B 83 13.85 -25.31 -4.37
N THR B 84 12.88 -24.45 -4.19
CA THR B 84 13.17 -23.10 -3.63
C THR B 84 12.07 -22.68 -2.65
N PHE B 85 12.40 -21.86 -1.68
CA PHE B 85 11.38 -21.42 -0.69
C PHE B 85 11.32 -19.89 -0.65
N GLU B 86 10.31 -19.31 -0.05
CA GLU B 86 10.23 -17.83 0.01
C GLU B 86 9.58 -17.36 1.31
N ALA B 87 8.29 -17.12 1.29
CA ALA B 87 7.63 -16.63 2.54
C ALA B 87 6.30 -17.35 2.79
N LEU B 88 5.23 -16.88 2.19
CA LEU B 88 3.89 -17.48 2.41
C LEU B 88 3.28 -16.88 3.67
N CYS B 89 4.06 -16.16 4.42
CA CYS B 89 3.54 -15.50 5.63
C CYS B 89 3.75 -14.01 5.46
N ILE B 90 2.71 -13.27 5.29
CA ILE B 90 2.90 -11.82 5.08
C ILE B 90 2.87 -11.11 6.42
N GLU B 91 4.03 -10.65 6.84
CA GLU B 91 4.11 -9.95 8.16
C GLU B 91 3.55 -8.53 8.02
N PRO B 92 2.41 -8.32 8.63
CA PRO B 92 1.75 -6.99 8.58
C PRO B 92 2.46 -6.00 9.51
N PHE B 93 2.08 -4.75 9.45
CA PHE B 93 2.72 -3.75 10.34
C PHE B 93 1.72 -3.25 11.39
N SER B 94 2.01 -2.16 12.05
CA SER B 94 1.08 -1.63 13.07
C SER B 94 -0.36 -1.64 12.53
N SER B 95 -1.10 -2.68 12.77
CA SER B 95 -2.50 -2.74 12.27
C SER B 95 -3.48 -2.66 13.44
N PRO B 96 -3.95 -1.46 13.69
CA PRO B 96 -4.92 -1.24 14.80
C PRO B 96 -6.29 -1.82 14.42
N PRO B 97 -7.21 -1.73 15.35
CA PRO B 97 -8.57 -2.26 15.12
C PRO B 97 -9.34 -1.35 14.14
N GLU B 98 -9.04 -1.45 12.88
CA GLU B 98 -9.76 -0.59 11.89
C GLU B 98 -9.10 -0.70 10.51
N LEU B 99 -7.80 -0.67 10.44
CA LEU B 99 -7.11 -0.78 9.13
C LEU B 99 -7.21 -2.21 8.60
N PRO B 100 -6.79 -3.14 9.41
CA PRO B 100 -6.83 -4.57 9.02
C PRO B 100 -8.28 -5.09 9.00
N ASP B 101 -9.06 -4.64 8.05
CA ASP B 101 -10.48 -5.11 7.98
C ASP B 101 -11.18 -4.46 6.78
N VAL B 102 -12.25 -5.06 6.32
CA VAL B 102 -12.98 -4.48 5.15
C VAL B 102 -14.36 -3.99 5.58
N MET B 103 -14.86 -2.98 4.93
CA MET B 103 -16.21 -2.45 5.30
C MET B 103 -17.18 -2.61 4.13
N LYS B 104 -18.46 -2.46 4.37
CA LYS B 104 -19.46 -2.61 3.27
C LYS B 104 -18.96 -1.86 2.02
N PRO B 105 -18.84 -2.59 0.94
CA PRO B 105 -18.38 -2.01 -0.34
C PRO B 105 -19.48 -1.13 -0.95
N GLN B 106 -19.16 -0.42 -2.00
CA GLN B 106 -20.19 0.44 -2.65
C GLN B 106 -20.93 -0.33 -3.73
N ASP B 107 -20.87 -1.63 -3.70
CA ASP B 107 -21.57 -2.44 -4.74
C ASP B 107 -22.79 -3.15 -4.13
N SER B 108 -23.96 -2.77 -4.54
CA SER B 108 -25.20 -3.42 -3.98
C SER B 108 -25.79 -4.39 -5.01
N GLY B 109 -25.92 -5.63 -4.64
CA GLY B 109 -26.48 -6.63 -5.59
C GLY B 109 -25.68 -6.63 -6.88
N SER B 110 -26.06 -7.43 -7.84
CA SER B 110 -25.31 -7.47 -9.13
C SER B 110 -26.29 -7.54 -10.31
N SER B 111 -26.57 -8.73 -10.79
CA SER B 111 -27.51 -8.85 -11.94
C SER B 111 -27.23 -7.77 -12.98
N ALA B 112 -28.18 -7.50 -13.84
CA ALA B 112 -27.98 -6.46 -14.88
C ALA B 112 -29.17 -6.41 -15.84
N ASN B 113 -29.11 -7.16 -16.90
CA ASN B 113 -30.25 -7.16 -17.87
C ASN B 113 -31.07 -8.44 -17.72
N GLU B 114 -30.47 -9.58 -17.99
CA GLU B 114 -31.22 -10.86 -17.86
C GLU B 114 -30.53 -11.77 -16.83
N GLN B 115 -30.71 -13.06 -16.96
CA GLN B 115 -30.06 -14.00 -16.00
C GLN B 115 -30.24 -15.44 -16.48
N ALA B 116 -29.16 -16.16 -16.64
CA ALA B 116 -29.26 -17.58 -17.11
C ALA B 116 -30.31 -18.33 -16.27
N VAL B 117 -30.84 -19.40 -16.78
CA VAL B 117 -31.85 -20.17 -16.02
C VAL B 117 -31.33 -21.58 -15.70
N GLN B 118 -31.46 -22.02 -14.48
CA GLN B 118 -30.97 -23.38 -14.12
C GLN B 118 -31.61 -24.43 -15.03
N MET C 1 4.73 4.51 -14.13
CA MET C 1 5.90 4.74 -13.25
C MET C 1 5.54 4.46 -11.80
N TYR C 2 6.48 4.01 -11.01
CA TYR C 2 6.19 3.71 -9.58
C TYR C 2 7.39 4.03 -8.69
N VAL C 3 7.18 4.20 -7.42
CA VAL C 3 8.31 4.51 -6.50
C VAL C 3 8.23 3.69 -5.21
N LYS C 4 9.34 3.47 -4.56
CA LYS C 4 9.34 2.67 -3.30
C LYS C 4 9.48 3.61 -2.09
N LEU C 5 8.73 3.36 -1.06
CA LEU C 5 8.84 4.25 0.14
C LEU C 5 9.42 3.45 1.32
N ILE C 6 10.41 3.97 1.97
CA ILE C 6 11.03 3.25 3.10
C ILE C 6 10.69 3.94 4.43
N SER C 7 10.46 3.18 5.45
CA SER C 7 10.13 3.77 6.78
C SER C 7 11.16 3.34 7.83
N SER C 8 11.53 4.22 8.71
CA SER C 8 12.54 3.85 9.76
C SER C 8 12.17 2.50 10.39
N ASP C 9 10.92 2.11 10.31
CA ASP C 9 10.51 0.81 10.91
C ASP C 9 11.31 -0.33 10.27
N GLY C 10 11.84 -0.12 9.09
CA GLY C 10 12.62 -1.20 8.43
C GLY C 10 11.79 -1.81 7.31
N HIS C 11 10.56 -1.40 7.17
CA HIS C 11 9.70 -1.96 6.09
C HIS C 11 9.72 -1.04 4.87
N GLU C 12 9.07 -1.43 3.81
CA GLU C 12 9.05 -0.58 2.58
C GLU C 12 7.72 -0.71 1.86
N PHE C 13 7.39 0.28 1.07
CA PHE C 13 6.11 0.23 0.31
C PHE C 13 6.33 0.86 -1.06
N ILE C 14 5.84 0.25 -2.10
CA ILE C 14 6.05 0.83 -3.45
C ILE C 14 4.74 1.38 -4.00
N VAL C 15 4.73 2.65 -4.36
CA VAL C 15 3.49 3.25 -4.91
C VAL C 15 3.76 3.81 -6.31
N LYS C 16 2.76 3.88 -7.14
CA LYS C 16 2.96 4.41 -8.52
C LYS C 16 3.44 5.86 -8.46
N ARG C 17 4.22 6.28 -9.42
CA ARG C 17 4.73 7.67 -9.41
C ARG C 17 3.59 8.64 -9.05
N GLU C 18 2.41 8.38 -9.52
CA GLU C 18 1.27 9.28 -9.20
C GLU C 18 0.98 9.22 -7.70
N HIS C 19 0.70 8.06 -7.18
CA HIS C 19 0.43 7.94 -5.72
C HIS C 19 1.47 8.76 -4.95
N ALA C 20 2.73 8.57 -5.26
CA ALA C 20 3.78 9.35 -4.55
C ALA C 20 3.82 10.78 -5.08
N LEU C 21 3.27 11.03 -6.23
CA LEU C 21 3.27 12.41 -6.79
C LEU C 21 2.35 13.31 -5.95
N THR C 22 1.59 12.74 -5.06
CA THR C 22 0.67 13.56 -4.23
C THR C 22 1.42 14.11 -3.02
N SER C 23 2.71 13.95 -2.98
CA SER C 23 3.50 14.48 -1.82
C SER C 23 4.14 15.82 -2.18
N GLY C 24 4.53 15.98 -3.42
CA GLY C 24 5.17 17.26 -3.83
C GLY C 24 6.68 17.17 -3.61
N THR C 25 7.11 16.31 -2.73
CA THR C 25 8.57 16.16 -2.48
C THR C 25 9.07 14.82 -3.00
N ILE C 26 8.22 13.82 -3.01
CA ILE C 26 8.65 12.49 -3.52
C ILE C 26 8.95 12.57 -5.02
N LYS C 27 8.08 13.16 -5.78
CA LYS C 27 8.31 13.27 -7.24
C LYS C 27 9.61 14.04 -7.51
N ALA C 28 9.92 15.01 -6.69
CA ALA C 28 11.17 15.79 -6.90
C ALA C 28 12.39 14.92 -6.59
N MET C 29 12.24 13.93 -5.76
CA MET C 29 13.39 13.05 -5.42
C MET C 29 13.27 11.70 -6.14
N LEU C 30 12.22 11.53 -6.90
CA LEU C 30 12.04 10.23 -7.63
C LEU C 30 13.24 9.97 -8.54
N SER C 31 13.88 11.01 -9.01
CA SER C 31 15.06 10.82 -9.90
C SER C 31 16.36 10.99 -9.10
N GLY C 32 16.62 12.18 -8.64
CA GLY C 32 17.88 12.40 -7.86
C GLY C 32 19.06 12.54 -8.82
N PRO C 33 20.24 12.50 -8.26
CA PRO C 33 21.48 12.62 -9.06
C PRO C 33 21.72 11.33 -9.86
N GLY C 34 20.80 10.96 -10.70
CA GLY C 34 20.99 9.71 -11.50
C GLY C 34 20.86 10.03 -12.98
N GLN C 35 21.15 9.09 -13.83
CA GLN C 35 21.07 9.34 -15.30
C GLN C 35 19.64 9.09 -15.79
N PHE C 36 19.26 9.70 -16.89
CA PHE C 36 17.88 9.50 -17.41
C PHE C 36 17.93 8.81 -18.77
N ALA C 37 17.39 7.63 -18.86
CA ALA C 37 17.41 6.90 -20.16
C ALA C 37 16.82 5.50 -20.00
N GLU C 38 17.36 4.71 -19.10
CA GLU C 38 16.84 3.34 -18.89
C GLU C 38 16.73 3.04 -17.39
N ASN C 39 17.81 3.20 -16.66
CA ASN C 39 17.76 2.92 -15.20
C ASN C 39 17.02 4.04 -14.47
N GLU C 40 17.41 5.27 -14.68
CA GLU C 40 16.73 6.40 -13.99
C GLU C 40 16.57 6.09 -12.50
N THR C 41 15.67 6.77 -11.83
CA THR C 41 15.48 6.52 -10.37
C THR C 41 13.99 6.60 -10.02
N ASN C 42 13.64 6.23 -8.82
CA ASN C 42 12.20 6.28 -8.41
C ASN C 42 12.02 5.63 -7.04
N GLU C 43 12.65 6.17 -6.03
CA GLU C 43 12.51 5.57 -4.68
C GLU C 43 12.39 6.67 -3.61
N VAL C 44 11.80 6.34 -2.49
CA VAL C 44 11.65 7.35 -1.41
C VAL C 44 12.26 6.81 -0.12
N ASN C 45 12.69 7.67 0.76
CA ASN C 45 13.31 7.19 2.03
C ASN C 45 12.79 8.02 3.21
N PHE C 46 12.06 7.41 4.10
CA PHE C 46 11.53 8.15 5.27
C PHE C 46 12.08 7.54 6.57
N ARG C 47 13.12 8.13 7.11
CA ARG C 47 13.70 7.59 8.38
C ARG C 47 12.92 8.12 9.58
N GLU C 48 11.85 8.82 9.35
CA GLU C 48 11.05 9.37 10.48
C GLU C 48 9.58 9.00 10.31
N ILE C 49 9.30 7.90 9.65
CA ILE C 49 7.89 7.49 9.44
C ILE C 49 7.77 5.97 9.59
N PRO C 50 7.06 5.57 10.62
CA PRO C 50 6.87 4.12 10.89
C PRO C 50 5.93 3.49 9.84
N SER C 51 5.69 2.21 9.96
CA SER C 51 4.78 1.54 8.97
C SER C 51 3.39 2.17 8.97
N HIS C 52 2.77 2.26 10.11
CA HIS C 52 1.41 2.86 10.16
C HIS C 52 1.42 4.28 9.60
N VAL C 53 2.55 4.94 9.66
CA VAL C 53 2.63 6.34 9.16
C VAL C 53 2.86 6.36 7.64
N LEU C 54 3.74 5.54 7.14
CA LEU C 54 4.00 5.55 5.67
C LEU C 54 2.74 5.12 4.91
N SER C 55 1.83 4.48 5.57
CA SER C 55 0.59 4.03 4.89
C SER C 55 -0.49 5.10 5.09
N LYS C 56 -0.45 5.76 6.21
CA LYS C 56 -1.46 6.82 6.47
C LYS C 56 -1.39 7.88 5.37
N VAL C 57 -0.28 8.54 5.26
CA VAL C 57 -0.13 9.58 4.21
C VAL C 57 -0.26 8.93 2.82
N CYS C 58 0.20 7.73 2.68
CA CYS C 58 0.10 7.04 1.36
C CYS C 58 -1.36 6.98 0.92
N MET C 59 -2.27 6.82 1.84
CA MET C 59 -3.70 6.76 1.46
C MET C 59 -4.09 8.06 0.75
N TYR C 60 -3.56 9.17 1.20
CA TYR C 60 -3.87 10.45 0.54
C TYR C 60 -3.16 10.50 -0.81
N PHE C 61 -2.11 9.72 -0.96
CA PHE C 61 -1.37 9.71 -2.26
C PHE C 61 -2.28 9.13 -3.34
N THR C 62 -3.10 8.18 -2.98
CA THR C 62 -4.02 7.57 -3.98
C THR C 62 -5.35 8.30 -3.94
N TYR C 63 -5.82 8.63 -2.77
CA TYR C 63 -7.12 9.36 -2.67
C TYR C 63 -7.03 10.65 -3.47
N LYS C 64 -5.84 11.16 -3.65
CA LYS C 64 -5.68 12.42 -4.44
C LYS C 64 -6.09 12.17 -5.90
N VAL C 65 -5.78 11.03 -6.44
CA VAL C 65 -6.15 10.74 -7.85
C VAL C 65 -7.67 10.58 -7.96
N ARG C 66 -8.31 10.21 -6.89
CA ARG C 66 -9.79 10.03 -6.94
C ARG C 66 -10.50 11.37 -6.76
N TYR C 67 -9.82 12.36 -6.24
CA TYR C 67 -10.46 13.69 -6.04
C TYR C 67 -10.49 14.46 -7.36
N THR C 68 -9.43 14.41 -8.13
CA THR C 68 -9.42 15.14 -9.42
C THR C 68 -10.76 14.95 -10.14
N ASN C 69 -11.45 13.88 -9.84
CA ASN C 69 -12.76 13.64 -10.50
C ASN C 69 -13.91 14.03 -9.54
N SER C 70 -13.65 13.98 -8.27
CA SER C 70 -14.73 14.34 -7.28
C SER C 70 -16.03 13.63 -7.63
N SER C 71 -16.31 12.54 -6.97
CA SER C 71 -17.57 11.80 -7.26
C SER C 71 -18.72 12.36 -6.43
N THR C 72 -18.45 12.80 -5.23
CA THR C 72 -19.53 13.36 -4.38
C THR C 72 -18.96 13.82 -3.04
N GLU C 73 -18.21 14.90 -3.03
CA GLU C 73 -17.63 15.40 -1.75
C GLU C 73 -16.61 14.39 -1.21
N ILE C 74 -15.55 14.88 -0.60
CA ILE C 74 -14.52 13.96 -0.06
C ILE C 74 -14.59 13.93 1.47
N PRO C 75 -14.51 12.75 2.01
CA PRO C 75 -14.56 12.58 3.48
C PRO C 75 -13.23 13.01 4.11
N GLU C 76 -12.96 12.55 5.31
CA GLU C 76 -11.67 12.93 5.98
C GLU C 76 -11.41 12.01 7.18
N PHE C 77 -10.43 11.16 7.08
CA PHE C 77 -10.12 10.24 8.20
C PHE C 77 -9.76 11.03 9.47
N PRO C 78 -10.36 10.65 10.56
CA PRO C 78 -10.11 11.33 11.85
C PRO C 78 -8.77 10.88 12.44
N ILE C 79 -8.13 11.74 13.19
CA ILE C 79 -6.82 11.37 13.79
C ILE C 79 -6.99 11.09 15.29
N ALA C 80 -6.37 10.04 15.78
CA ALA C 80 -6.51 9.72 17.23
C ALA C 80 -5.14 9.73 17.92
N PRO C 81 -5.18 9.66 19.22
CA PRO C 81 -3.93 9.64 20.03
C PRO C 81 -3.25 8.28 19.89
N GLU C 82 -2.53 8.09 18.83
CA GLU C 82 -1.83 6.78 18.62
C GLU C 82 -1.22 6.81 17.22
N ILE C 83 -1.87 7.50 16.33
CA ILE C 83 -1.36 7.63 14.96
C ILE C 83 -1.66 9.05 14.48
N ALA C 84 -0.71 9.66 13.82
CA ALA C 84 -0.85 11.06 13.31
C ALA C 84 0.32 11.89 13.80
N LEU C 85 0.78 11.61 15.00
CA LEU C 85 1.95 12.37 15.54
C LEU C 85 3.13 12.23 14.59
N GLU C 86 3.39 11.03 14.13
CA GLU C 86 4.53 10.82 13.18
C GLU C 86 4.25 11.57 11.87
N LEU C 87 3.01 11.63 11.47
CA LEU C 87 2.65 12.33 10.22
C LEU C 87 3.05 13.80 10.31
N LEU C 88 3.15 14.33 11.50
CA LEU C 88 3.56 15.76 11.65
C LEU C 88 4.84 16.01 10.86
N MET C 89 5.81 15.15 11.00
CA MET C 89 7.09 15.31 10.27
C MET C 89 6.98 14.68 8.87
N ALA C 90 6.10 13.74 8.71
CA ALA C 90 5.95 13.08 7.38
C ALA C 90 4.98 13.88 6.52
N ALA C 91 3.80 14.18 7.02
CA ALA C 91 2.84 14.96 6.22
C ALA C 91 3.43 16.34 5.90
N ASN C 92 4.04 16.96 6.88
CA ASN C 92 4.66 18.29 6.64
C ASN C 92 5.87 18.17 5.73
N PHE C 93 6.59 17.08 5.83
CA PHE C 93 7.80 16.90 4.96
C PHE C 93 7.37 16.67 3.51
N LEU C 94 6.31 15.92 3.30
CA LEU C 94 5.85 15.66 1.92
C LEU C 94 5.29 16.93 1.29
N ASP C 95 6.08 17.96 1.23
CA ASP C 95 5.59 19.25 0.62
C ASP C 95 4.21 19.60 1.18
N CYS C 96 3.60 20.63 0.66
CA CYS C 96 2.25 21.02 1.15
C CYS C 96 1.27 21.11 -0.02
N VAL A 1 -8.55 16.49 -2.54
CA VAL A 1 -7.55 15.83 -1.64
C VAL A 1 -6.48 16.80 -1.20
N ALA A 2 -6.14 16.66 0.02
CA ALA A 2 -5.11 17.54 0.63
C ALA A 2 -3.85 16.74 0.99
N THR A 3 -2.71 17.35 0.93
CA THR A 3 -1.47 16.62 1.30
C THR A 3 -1.61 16.09 2.73
N LEU A 4 -0.88 15.07 3.09
CA LEU A 4 -1.01 14.53 4.47
C LEU A 4 -0.79 15.65 5.49
N GLN A 5 -0.27 16.77 5.06
CA GLN A 5 -0.02 17.90 6.01
C GLN A 5 -1.34 18.43 6.56
N HIS A 6 -2.33 18.57 5.72
CA HIS A 6 -3.64 19.10 6.21
C HIS A 6 -4.41 18.02 6.98
N LEU A 7 -4.38 16.80 6.51
CA LEU A 7 -5.12 15.71 7.22
C LEU A 7 -4.53 15.50 8.61
N CYS A 8 -3.23 15.37 8.71
CA CYS A 8 -2.59 15.16 10.03
C CYS A 8 -2.88 16.34 10.95
N ARG A 9 -2.93 17.53 10.41
CA ARG A 9 -3.20 18.73 11.26
C ARG A 9 -4.57 18.61 11.92
N LYS A 10 -5.48 17.89 11.31
CA LYS A 10 -6.84 17.74 11.91
C LYS A 10 -6.76 17.00 13.26
N THR A 11 -5.89 16.02 13.36
CA THR A 11 -5.77 15.26 14.63
C THR A 11 -5.40 16.21 15.78
N VAL A 12 -4.37 16.99 15.60
CA VAL A 12 -3.95 17.93 16.69
C VAL A 12 -5.03 19.00 16.90
N ASN A 13 -5.61 19.48 15.83
CA ASN A 13 -6.67 20.52 15.96
C ASN A 13 -7.84 19.98 16.78
N GLY A 14 -8.18 18.73 16.60
CA GLY A 14 -9.31 18.14 17.36
C GLY A 14 -8.99 18.17 18.86
N HIS A 15 -7.76 18.43 19.21
CA HIS A 15 -7.38 18.47 20.64
C HIS A 15 -7.51 19.90 21.20
N MET B 1 -15.39 -1.91 -14.48
CA MET B 1 -15.03 -1.16 -13.25
C MET B 1 -13.54 -1.31 -12.94
N ASP B 2 -13.08 -0.75 -11.86
CA ASP B 2 -11.64 -0.87 -11.52
C ASP B 2 -11.46 -1.56 -10.17
N VAL B 3 -10.42 -2.35 -10.01
CA VAL B 3 -10.20 -3.06 -8.73
C VAL B 3 -8.78 -2.77 -8.20
N PHE B 4 -8.65 -2.55 -6.92
CA PHE B 4 -7.30 -2.26 -6.36
C PHE B 4 -6.66 -3.54 -5.82
N LEU B 5 -5.49 -3.87 -6.29
CA LEU B 5 -4.81 -5.11 -5.81
C LEU B 5 -3.50 -4.77 -5.11
N MET B 6 -3.01 -5.64 -4.28
CA MET B 6 -1.74 -5.38 -3.56
C MET B 6 -0.94 -6.67 -3.44
N ILE B 7 0.36 -6.61 -3.52
CA ILE B 7 1.17 -7.84 -3.40
C ILE B 7 1.90 -7.82 -2.05
N ARG B 8 1.88 -8.90 -1.32
CA ARG B 8 2.56 -8.86 -0.01
C ARG B 8 3.79 -9.78 0.02
N ARG B 9 4.83 -9.25 0.58
CA ARG B 9 6.11 -9.99 0.71
C ARG B 9 6.82 -9.45 1.95
N HIS B 10 7.62 -10.23 2.61
CA HIS B 10 8.28 -9.69 3.83
C HIS B 10 9.00 -8.41 3.49
N LYS B 11 9.01 -7.53 4.41
CA LYS B 11 9.70 -6.23 4.19
C LYS B 11 9.37 -5.71 2.80
N THR B 12 9.02 -6.58 1.88
CA THR B 12 8.71 -6.11 0.49
C THR B 12 7.20 -6.00 0.25
N THR B 13 6.71 -4.81 0.00
CA THR B 13 5.26 -4.61 -0.28
C THR B 13 5.11 -3.73 -1.53
N ILE B 14 4.30 -4.13 -2.47
CA ILE B 14 4.14 -3.29 -3.69
C ILE B 14 2.67 -2.95 -3.92
N PHE B 15 2.36 -1.72 -4.18
CA PHE B 15 0.94 -1.36 -4.44
C PHE B 15 0.68 -1.61 -5.92
N THR B 16 -0.15 -2.57 -6.24
CA THR B 16 -0.40 -2.87 -7.67
C THR B 16 -1.82 -2.49 -8.07
N ASP B 17 -2.00 -2.00 -9.27
CA ASP B 17 -3.36 -1.63 -9.71
C ASP B 17 -3.70 -2.35 -11.02
N ALA B 18 -4.93 -2.77 -11.18
CA ALA B 18 -5.32 -3.48 -12.43
C ALA B 18 -6.84 -3.44 -12.62
N LYS B 19 -7.31 -3.89 -13.73
CA LYS B 19 -8.79 -3.88 -13.98
C LYS B 19 -9.39 -5.23 -13.54
N GLU B 20 -10.59 -5.22 -13.03
CA GLU B 20 -11.22 -6.50 -12.60
C GLU B 20 -11.18 -7.50 -13.75
N SER B 21 -11.26 -7.03 -14.96
CA SER B 21 -11.22 -7.94 -16.12
C SER B 21 -9.81 -7.97 -16.72
N SER B 22 -8.84 -7.48 -16.00
CA SER B 22 -7.45 -7.48 -16.53
C SER B 22 -7.00 -8.92 -16.77
N THR B 23 -6.25 -9.47 -15.85
CA THR B 23 -5.78 -10.87 -16.01
C THR B 23 -4.69 -11.19 -14.99
N VAL B 24 -4.91 -12.16 -14.15
CA VAL B 24 -3.87 -12.52 -13.14
C VAL B 24 -2.48 -12.45 -13.78
N PHE B 25 -2.42 -12.71 -15.07
CA PHE B 25 -1.09 -12.65 -15.75
C PHE B 25 -0.57 -11.23 -15.75
N GLU B 26 -1.42 -10.27 -16.04
CA GLU B 26 -0.97 -8.85 -16.03
C GLU B 26 -0.39 -8.51 -14.66
N LEU B 27 -1.07 -8.87 -13.61
CA LEU B 27 -0.54 -8.58 -12.25
C LEU B 27 0.83 -9.23 -12.08
N LYS B 28 1.03 -10.35 -12.72
CA LYS B 28 2.35 -11.05 -12.62
C LYS B 28 3.48 -10.13 -13.07
N ARG B 29 3.23 -9.31 -14.05
CA ARG B 29 4.29 -8.38 -14.54
C ARG B 29 4.78 -7.46 -13.40
N ILE B 30 3.88 -7.05 -12.54
CA ILE B 30 4.29 -6.17 -11.42
C ILE B 30 5.37 -6.85 -10.58
N VAL B 31 5.20 -8.10 -10.27
CA VAL B 31 6.22 -8.81 -9.46
C VAL B 31 7.53 -8.93 -10.26
N GLU B 32 7.44 -9.33 -11.49
CA GLU B 32 8.68 -9.47 -12.32
C GLU B 32 9.29 -8.09 -12.58
N GLY B 33 8.59 -7.04 -12.23
CA GLY B 33 9.13 -5.68 -12.45
C GLY B 33 9.50 -5.08 -11.09
N ILE B 34 9.00 -5.66 -10.04
CA ILE B 34 9.31 -5.14 -8.68
C ILE B 34 10.15 -6.17 -7.93
N LEU B 35 9.62 -7.34 -7.71
CA LEU B 35 10.37 -8.40 -6.99
C LEU B 35 11.16 -9.25 -7.99
N LYS B 36 10.99 -9.00 -9.26
CA LYS B 36 11.74 -9.81 -10.28
C LYS B 36 11.31 -11.28 -10.21
N ARG B 37 10.03 -11.54 -10.18
CA ARG B 37 9.57 -12.95 -10.11
C ARG B 37 9.29 -13.48 -11.51
N PRO B 38 9.85 -14.63 -11.80
CA PRO B 38 9.67 -15.28 -13.11
C PRO B 38 8.42 -16.17 -13.11
N PRO B 39 7.96 -16.48 -14.28
CA PRO B 39 6.75 -17.34 -14.42
C PRO B 39 7.12 -18.82 -14.18
N ASP B 40 7.78 -19.10 -13.08
CA ASP B 40 8.15 -20.51 -12.80
C ASP B 40 8.33 -20.72 -11.29
N GLU B 41 9.39 -20.20 -10.73
CA GLU B 41 9.62 -20.37 -9.26
C GLU B 41 8.87 -19.28 -8.50
N GLN B 42 7.68 -18.95 -8.92
CA GLN B 42 6.90 -17.89 -8.22
C GLN B 42 5.49 -18.41 -7.91
N ARG B 43 4.87 -17.86 -6.89
CA ARG B 43 3.50 -18.31 -6.52
C ARG B 43 2.73 -17.15 -5.88
N LEU B 44 1.45 -17.08 -6.09
CA LEU B 44 0.65 -15.97 -5.49
C LEU B 44 -0.40 -16.53 -4.52
N TYR B 45 -0.80 -15.76 -3.54
CA TYR B 45 -1.82 -16.24 -2.59
C TYR B 45 -2.97 -15.25 -2.50
N LYS B 46 -4.17 -15.71 -2.57
CA LYS B 46 -5.34 -14.78 -2.49
C LYS B 46 -5.93 -14.78 -1.08
N ASP B 47 -5.78 -13.71 -0.37
CA ASP B 47 -6.34 -13.63 1.01
C ASP B 47 -5.72 -14.72 1.90
N ASP B 48 -6.13 -15.94 1.71
CA ASP B 48 -5.56 -17.05 2.55
C ASP B 48 -5.39 -18.30 1.69
N GLN B 49 -5.36 -18.16 0.40
CA GLN B 49 -5.19 -19.34 -0.49
C GLN B 49 -4.16 -19.04 -1.59
N LEU B 50 -4.08 -19.88 -2.57
CA LEU B 50 -3.09 -19.66 -3.67
C LEU B 50 -3.78 -19.00 -4.86
N LEU B 51 -3.22 -17.93 -5.37
CA LEU B 51 -3.84 -17.24 -6.53
C LEU B 51 -3.57 -18.02 -7.82
N ASP B 52 -4.59 -18.27 -8.60
CA ASP B 52 -4.38 -19.02 -9.87
C ASP B 52 -4.63 -18.11 -11.08
N ASP B 53 -3.76 -18.14 -12.05
CA ASP B 53 -3.95 -17.27 -13.24
C ASP B 53 -5.11 -17.79 -14.10
N GLY B 54 -5.70 -18.89 -13.70
CA GLY B 54 -6.84 -19.44 -14.49
C GLY B 54 -8.13 -18.72 -14.11
N LYS B 55 -8.03 -17.71 -13.29
CA LYS B 55 -9.22 -16.95 -12.88
C LYS B 55 -8.88 -15.48 -12.87
N THR B 56 -9.82 -14.68 -13.21
CA THR B 56 -9.60 -13.21 -13.24
C THR B 56 -10.05 -12.59 -11.91
N LEU B 57 -9.80 -11.33 -11.73
CA LEU B 57 -10.21 -10.67 -10.45
C LEU B 57 -11.69 -10.93 -10.17
N GLY B 58 -12.52 -10.84 -11.19
CA GLY B 58 -13.97 -11.10 -10.99
C GLY B 58 -14.20 -12.59 -10.78
N GLU B 59 -13.50 -13.41 -11.52
CA GLU B 59 -13.67 -14.88 -11.37
C GLU B 59 -12.74 -15.40 -10.26
N CYS B 60 -12.08 -14.50 -9.59
CA CYS B 60 -11.17 -14.91 -8.50
C CYS B 60 -11.69 -14.38 -7.16
N GLY B 61 -12.29 -13.22 -7.17
CA GLY B 61 -12.83 -12.66 -5.90
C GLY B 61 -12.32 -11.22 -5.71
N PHE B 62 -11.84 -10.61 -6.75
CA PHE B 62 -11.33 -9.22 -6.62
C PHE B 62 -12.31 -8.25 -7.29
N THR B 63 -13.44 -8.01 -6.66
CA THR B 63 -14.44 -7.08 -7.25
C THR B 63 -14.23 -5.66 -6.70
N SER B 64 -15.22 -5.12 -6.04
CA SER B 64 -15.07 -3.75 -5.48
C SER B 64 -15.34 -3.79 -3.97
N GLN B 65 -15.15 -4.92 -3.38
CA GLN B 65 -15.36 -5.06 -1.91
C GLN B 65 -14.05 -5.40 -1.23
N THR B 66 -13.09 -5.88 -1.98
CA THR B 66 -11.77 -6.23 -1.39
C THR B 66 -10.65 -5.61 -2.22
N ALA B 67 -10.92 -4.54 -2.89
CA ALA B 67 -9.88 -3.88 -3.72
C ALA B 67 -10.34 -2.47 -4.12
N ARG B 68 -9.74 -1.46 -3.55
CA ARG B 68 -10.16 -0.07 -3.88
C ARG B 68 -9.35 0.93 -3.05
N PRO B 69 -9.70 2.19 -3.15
CA PRO B 69 -8.99 3.23 -2.37
C PRO B 69 -9.31 3.08 -0.88
N GLN B 70 -10.39 2.42 -0.57
CA GLN B 70 -10.76 2.22 0.86
C GLN B 70 -10.18 0.89 1.35
N ALA B 71 -10.58 -0.19 0.73
CA ALA B 71 -10.05 -1.52 1.13
C ALA B 71 -9.47 -2.23 -0.09
N PRO B 72 -8.16 -2.25 -0.14
CA PRO B 72 -7.45 -2.90 -1.28
C PRO B 72 -7.39 -4.41 -1.10
N ALA B 73 -6.93 -5.11 -2.10
CA ALA B 73 -6.82 -6.59 -1.99
C ALA B 73 -5.34 -6.98 -1.88
N THR B 74 -5.02 -7.89 -1.00
CA THR B 74 -3.59 -8.29 -0.84
C THR B 74 -3.36 -9.70 -1.36
N VAL B 75 -2.26 -9.90 -2.03
CA VAL B 75 -1.94 -11.26 -2.56
C VAL B 75 -0.56 -11.67 -2.02
N GLY B 76 -0.39 -12.91 -1.67
CA GLY B 76 0.90 -13.36 -1.13
C GLY B 76 1.74 -13.91 -2.27
N LEU B 77 3.01 -13.69 -2.20
CA LEU B 77 3.91 -14.15 -3.28
C LEU B 77 4.90 -15.17 -2.73
N ALA B 78 4.87 -16.35 -3.25
CA ALA B 78 5.80 -17.42 -2.81
C ALA B 78 6.75 -17.82 -3.94
N PHE B 79 7.90 -18.32 -3.62
CA PHE B 79 8.86 -18.73 -4.69
C PHE B 79 9.38 -20.14 -4.42
N ARG B 80 9.26 -21.03 -5.37
CA ARG B 80 9.74 -22.42 -5.16
C ARG B 80 11.01 -22.66 -5.98
N ALA B 81 12.14 -22.75 -5.33
CA ALA B 81 13.41 -22.99 -6.07
C ALA B 81 14.16 -24.18 -5.46
N ASP B 82 14.44 -25.18 -6.25
CA ASP B 82 15.16 -26.38 -5.72
C ASP B 82 14.39 -26.97 -4.53
N ASP B 83 13.09 -26.98 -4.61
CA ASP B 83 12.28 -27.55 -3.49
C ASP B 83 12.42 -26.68 -2.24
N THR B 84 12.49 -25.39 -2.41
CA THR B 84 12.63 -24.48 -1.23
C THR B 84 11.74 -23.25 -1.40
N PHE B 85 11.32 -22.65 -0.31
CA PHE B 85 10.45 -21.45 -0.42
C PHE B 85 11.06 -20.29 0.37
N GLU B 86 10.84 -19.07 -0.06
CA GLU B 86 11.40 -17.91 0.66
C GLU B 86 10.28 -16.99 1.15
N ALA B 87 9.18 -16.96 0.46
CA ALA B 87 8.05 -16.08 0.90
C ALA B 87 6.85 -16.94 1.34
N LEU B 88 5.65 -16.49 1.05
CA LEU B 88 4.44 -17.25 1.48
C LEU B 88 4.09 -16.85 2.91
N CYS B 89 4.96 -16.12 3.54
CA CYS B 89 4.71 -15.64 4.92
C CYS B 89 4.73 -14.13 4.86
N ILE B 90 3.62 -13.50 5.01
CA ILE B 90 3.61 -12.02 4.92
C ILE B 90 3.84 -11.41 6.29
N GLU B 91 5.00 -10.84 6.48
CA GLU B 91 5.33 -10.20 7.78
C GLU B 91 4.60 -8.86 7.89
N PRO B 92 3.64 -8.81 8.76
CA PRO B 92 2.84 -7.57 8.96
C PRO B 92 3.69 -6.49 9.65
N PHE B 93 3.27 -5.26 9.54
CA PHE B 93 4.05 -4.16 10.19
C PHE B 93 4.16 -4.41 11.70
N SER B 94 3.71 -3.47 12.50
CA SER B 94 3.80 -3.65 13.97
C SER B 94 3.01 -4.89 14.41
N SER B 95 2.44 -4.87 15.59
CA SER B 95 1.66 -6.04 16.06
C SER B 95 0.23 -5.99 15.50
N PRO B 96 -0.49 -4.96 15.88
CA PRO B 96 -1.88 -4.81 15.41
C PRO B 96 -1.91 -4.41 13.93
N PRO B 97 -3.10 -4.33 13.39
CA PRO B 97 -3.27 -3.96 11.97
C PRO B 97 -2.98 -2.47 11.77
N GLU B 98 -2.76 -1.76 12.84
CA GLU B 98 -2.48 -0.30 12.73
C GLU B 98 -1.26 0.06 13.59
N LEU B 99 -0.92 1.31 13.66
CA LEU B 99 0.26 1.73 14.47
C LEU B 99 0.27 0.97 15.80
N PRO B 100 1.45 0.78 16.34
CA PRO B 100 1.61 0.07 17.62
C PRO B 100 1.13 0.94 18.78
N ASP B 101 0.08 0.53 19.46
CA ASP B 101 -0.44 1.34 20.60
C ASP B 101 -0.22 0.59 21.91
N VAL B 102 -0.80 1.07 22.98
CA VAL B 102 -0.63 0.39 24.30
C VAL B 102 -1.99 0.23 24.98
N MET B 103 -2.16 -0.84 25.72
CA MET B 103 -3.46 -1.06 26.41
C MET B 103 -3.24 -1.87 27.70
N LYS B 104 -2.36 -2.82 27.66
CA LYS B 104 -2.10 -3.65 28.88
C LYS B 104 -0.69 -4.24 28.82
N PRO B 105 0.12 -3.86 29.78
CA PRO B 105 1.51 -4.35 29.84
C PRO B 105 1.53 -5.82 30.29
N GLN B 106 1.78 -6.73 29.39
CA GLN B 106 1.82 -8.17 29.77
C GLN B 106 2.94 -8.42 30.79
N ASP B 107 3.56 -9.57 30.72
CA ASP B 107 4.66 -9.87 31.69
C ASP B 107 5.83 -10.55 30.96
N SER B 108 6.20 -10.03 29.82
CA SER B 108 7.33 -10.65 29.06
C SER B 108 7.61 -9.84 27.79
N GLY B 109 8.84 -9.47 27.58
CA GLY B 109 9.17 -8.69 26.35
C GLY B 109 10.68 -8.41 26.31
N SER B 110 11.28 -8.17 27.45
CA SER B 110 12.74 -7.90 27.47
C SER B 110 13.09 -6.76 26.52
N SER B 111 12.73 -5.55 26.86
CA SER B 111 13.04 -4.40 25.96
C SER B 111 13.16 -3.11 26.79
N ALA B 112 12.07 -2.43 27.00
CA ALA B 112 12.14 -1.16 27.80
C ALA B 112 10.90 -1.05 28.69
N ASN B 113 10.32 -2.15 29.08
CA ASN B 113 9.12 -2.10 29.95
C ASN B 113 9.35 -1.13 31.12
N GLU B 114 8.57 -0.08 31.18
CA GLU B 114 8.75 0.91 32.29
C GLU B 114 7.45 1.66 32.55
N GLN B 115 6.61 1.16 33.42
CA GLN B 115 5.32 1.84 33.71
C GLN B 115 4.67 1.23 34.95
N ALA B 116 5.46 0.70 35.85
CA ALA B 116 4.87 0.08 37.08
C ALA B 116 4.88 1.09 38.23
N VAL B 117 3.77 1.71 38.50
CA VAL B 117 3.71 2.70 39.61
C VAL B 117 2.53 2.40 40.54
N GLN B 118 2.77 2.35 41.81
CA GLN B 118 1.66 2.05 42.76
C GLN B 118 1.59 3.12 43.86
N MET C 1 5.57 4.76 -14.32
CA MET C 1 6.82 4.73 -13.52
C MET C 1 6.52 4.24 -12.10
N TYR C 2 7.51 3.78 -11.39
CA TYR C 2 7.27 3.28 -10.01
C TYR C 2 8.36 3.78 -9.06
N VAL C 3 8.02 3.96 -7.80
CA VAL C 3 9.04 4.44 -6.83
C VAL C 3 8.96 3.60 -5.54
N LYS C 4 10.08 3.39 -4.89
CA LYS C 4 10.08 2.58 -3.65
C LYS C 4 10.19 3.48 -2.43
N LEU C 5 9.43 3.20 -1.39
CA LEU C 5 9.50 4.04 -0.16
C LEU C 5 9.99 3.18 1.01
N ILE C 6 10.97 3.64 1.73
CA ILE C 6 11.50 2.85 2.88
C ILE C 6 11.12 3.53 4.19
N SER C 7 10.79 2.76 5.19
CA SER C 7 10.42 3.35 6.50
C SER C 7 11.44 2.94 7.57
N SER C 8 11.61 3.73 8.59
CA SER C 8 12.59 3.39 9.66
C SER C 8 12.29 2.01 10.24
N ASP C 9 11.12 1.48 9.99
CA ASP C 9 10.77 0.14 10.51
C ASP C 9 11.64 -0.93 9.86
N GLY C 10 12.10 -0.68 8.65
CA GLY C 10 12.95 -1.68 7.95
C GLY C 10 12.19 -2.26 6.76
N HIS C 11 10.91 -1.99 6.67
CA HIS C 11 10.12 -2.52 5.52
C HIS C 11 10.19 -1.55 4.34
N GLU C 12 9.57 -1.89 3.24
CA GLU C 12 9.61 -0.98 2.06
C GLU C 12 8.31 -1.08 1.27
N PHE C 13 8.01 -0.07 0.51
CA PHE C 13 6.75 -0.08 -0.31
C PHE C 13 7.02 0.59 -1.65
N ILE C 14 6.53 0.02 -2.71
CA ILE C 14 6.76 0.65 -4.05
C ILE C 14 5.48 1.26 -4.58
N VAL C 15 5.50 2.54 -4.87
CA VAL C 15 4.27 3.20 -5.40
C VAL C 15 4.57 3.82 -6.76
N LYS C 16 3.56 4.02 -7.58
CA LYS C 16 3.79 4.60 -8.93
C LYS C 16 4.24 6.06 -8.81
N ARG C 17 5.08 6.49 -9.73
CA ARG C 17 5.56 7.91 -9.68
C ARG C 17 4.41 8.84 -9.29
N GLU C 18 3.29 8.72 -9.94
CA GLU C 18 2.12 9.58 -9.60
C GLU C 18 1.72 9.34 -8.15
N HIS C 19 1.67 8.10 -7.75
CA HIS C 19 1.30 7.79 -6.34
C HIS C 19 2.23 8.54 -5.40
N ALA C 20 3.49 8.57 -5.72
CA ALA C 20 4.48 9.30 -4.85
C ALA C 20 4.50 10.78 -5.23
N LEU C 21 4.08 11.11 -6.41
CA LEU C 21 4.07 12.53 -6.83
C LEU C 21 3.10 13.33 -5.95
N THR C 22 2.33 12.65 -5.14
CA THR C 22 1.37 13.38 -4.25
C THR C 22 2.10 13.95 -3.05
N SER C 23 3.40 13.82 -3.01
CA SER C 23 4.18 14.37 -1.88
C SER C 23 5.24 15.31 -2.44
N GLY C 24 5.10 16.58 -2.20
CA GLY C 24 6.11 17.55 -2.71
C GLY C 24 7.52 17.13 -2.26
N THR C 25 7.63 16.01 -1.58
CA THR C 25 8.98 15.57 -1.12
C THR C 25 9.49 14.42 -2.00
N ILE C 26 8.68 13.44 -2.25
CA ILE C 26 9.15 12.31 -3.11
C ILE C 26 9.48 12.83 -4.50
N LYS C 27 8.59 13.60 -5.09
CA LYS C 27 8.86 14.14 -6.45
C LYS C 27 10.02 15.14 -6.38
N ALA C 28 10.14 15.87 -5.30
CA ALA C 28 11.25 16.86 -5.18
C ALA C 28 12.52 16.15 -4.71
N MET C 29 12.39 15.01 -4.11
CA MET C 29 13.60 14.27 -3.63
C MET C 29 13.94 13.12 -4.59
N LEU C 30 13.00 12.73 -5.41
CA LEU C 30 13.27 11.62 -6.37
C LEU C 30 14.67 11.77 -6.97
N SER C 31 15.15 12.98 -7.08
CA SER C 31 16.51 13.17 -7.65
C SER C 31 17.08 14.52 -7.19
N GLY C 32 16.60 15.03 -6.09
CA GLY C 32 17.12 16.34 -5.59
C GLY C 32 17.22 17.33 -6.75
N PRO C 33 18.32 18.03 -6.79
CA PRO C 33 18.54 19.03 -7.87
C PRO C 33 18.84 18.32 -9.20
N GLY C 34 18.73 19.03 -10.28
CA GLY C 34 19.00 18.39 -11.61
C GLY C 34 20.50 18.33 -11.85
N GLN C 35 20.95 17.37 -12.61
CA GLN C 35 22.41 17.25 -12.88
C GLN C 35 22.65 16.72 -14.30
N PHE C 36 23.88 16.62 -14.71
CA PHE C 36 24.17 16.12 -16.08
C PHE C 36 24.43 14.61 -16.05
N ALA C 37 23.64 13.84 -16.76
CA ALA C 37 23.85 12.37 -16.77
C ALA C 37 22.79 11.69 -17.64
N GLU C 38 21.62 12.27 -17.73
CA GLU C 38 20.56 11.66 -18.56
C GLU C 38 20.07 10.35 -17.93
N ASN C 39 19.54 10.43 -16.74
CA ASN C 39 19.04 9.19 -16.07
C ASN C 39 17.72 9.48 -15.34
N GLU C 40 17.03 8.46 -14.92
CA GLU C 40 15.74 8.67 -14.20
C GLU C 40 15.78 8.00 -12.83
N THR C 41 15.39 8.71 -11.80
CA THR C 41 15.40 8.11 -10.44
C THR C 41 13.96 7.89 -9.95
N ASN C 42 13.79 7.09 -8.93
CA ASN C 42 12.41 6.84 -8.41
C ASN C 42 12.47 6.06 -7.09
N GLU C 43 13.01 6.67 -6.06
CA GLU C 43 13.10 5.97 -4.75
C GLU C 43 12.82 6.95 -3.61
N VAL C 44 12.31 6.46 -2.51
CA VAL C 44 12.02 7.36 -1.36
C VAL C 44 12.53 6.75 -0.06
N ASN C 45 12.82 7.57 0.91
CA ASN C 45 13.33 7.04 2.21
C ASN C 45 12.65 7.77 3.38
N PHE C 46 11.88 7.06 4.14
CA PHE C 46 11.19 7.71 5.29
C PHE C 46 11.93 7.39 6.60
N ARG C 47 12.76 8.28 7.04
CA ARG C 47 13.51 8.04 8.31
C ARG C 47 12.82 8.73 9.48
N GLU C 48 11.64 9.26 9.27
CA GLU C 48 10.92 9.95 10.38
C GLU C 48 9.45 9.52 10.40
N ILE C 49 9.17 8.29 10.06
CA ILE C 49 7.76 7.81 10.06
C ILE C 49 7.72 6.29 10.22
N PRO C 50 6.79 5.84 11.02
CA PRO C 50 6.64 4.39 11.26
C PRO C 50 6.02 3.70 10.04
N SER C 51 6.14 2.41 9.95
CA SER C 51 5.56 1.69 8.77
C SER C 51 4.05 1.94 8.68
N HIS C 52 3.37 1.84 9.78
CA HIS C 52 1.89 2.08 9.74
C HIS C 52 1.60 3.48 9.18
N VAL C 53 2.42 4.45 9.51
CA VAL C 53 2.19 5.81 8.98
C VAL C 53 2.60 5.87 7.51
N LEU C 54 3.55 5.06 7.12
CA LEU C 54 3.99 5.04 5.71
C LEU C 54 2.81 4.69 4.81
N SER C 55 1.96 3.79 5.25
CA SER C 55 0.79 3.42 4.43
C SER C 55 -0.29 4.48 4.60
N LYS C 56 -0.24 5.15 5.71
CA LYS C 56 -1.25 6.23 5.97
C LYS C 56 -1.21 7.25 4.83
N VAL C 57 -0.17 8.02 4.77
CA VAL C 57 -0.06 9.02 3.66
C VAL C 57 -0.05 8.31 2.31
N CYS C 58 0.53 7.14 2.25
CA CYS C 58 0.56 6.42 0.95
C CYS C 58 -0.87 6.25 0.44
N MET C 59 -1.79 6.02 1.33
CA MET C 59 -3.21 5.88 0.89
C MET C 59 -3.63 7.22 0.29
N TYR C 60 -3.12 8.30 0.81
CA TYR C 60 -3.46 9.64 0.27
C TYR C 60 -2.74 9.80 -1.08
N PHE C 61 -1.65 9.09 -1.27
CA PHE C 61 -0.91 9.20 -2.57
C PHE C 61 -1.80 8.67 -3.68
N THR C 62 -2.59 7.67 -3.39
CA THR C 62 -3.50 7.11 -4.42
C THR C 62 -4.86 7.82 -4.34
N TYR C 63 -5.25 8.22 -3.17
CA TYR C 63 -6.56 8.91 -3.02
C TYR C 63 -6.51 10.24 -3.77
N LYS C 64 -5.39 10.93 -3.71
CA LYS C 64 -5.28 12.23 -4.43
C LYS C 64 -5.38 12.01 -5.93
N VAL C 65 -4.86 10.91 -6.42
CA VAL C 65 -4.92 10.65 -7.88
C VAL C 65 -6.37 10.67 -8.35
N ARG C 66 -7.28 10.27 -7.51
CA ARG C 66 -8.72 10.28 -7.90
C ARG C 66 -9.39 11.56 -7.41
N TYR C 67 -8.69 12.34 -6.63
CA TYR C 67 -9.28 13.61 -6.12
C TYR C 67 -8.70 14.79 -6.90
N THR C 68 -7.55 14.62 -7.50
CA THR C 68 -6.94 15.74 -8.28
C THR C 68 -7.77 16.02 -9.53
N ASN C 69 -8.48 15.04 -10.02
CA ASN C 69 -9.30 15.25 -11.24
C ASN C 69 -10.63 15.93 -10.88
N SER C 70 -10.90 16.06 -9.61
CA SER C 70 -12.18 16.71 -9.19
C SER C 70 -11.96 18.20 -8.94
N SER C 71 -12.54 19.04 -9.75
CA SER C 71 -12.36 20.51 -9.57
C SER C 71 -13.19 21.00 -8.37
N THR C 72 -14.42 20.55 -8.27
CA THR C 72 -15.27 20.99 -7.13
C THR C 72 -16.03 19.79 -6.55
N GLU C 73 -15.35 18.94 -5.83
CA GLU C 73 -16.04 17.75 -5.25
C GLU C 73 -15.05 16.94 -4.42
N ILE C 74 -14.98 17.18 -3.13
CA ILE C 74 -14.04 16.42 -2.26
C ILE C 74 -14.57 16.34 -0.83
N PRO C 75 -14.64 15.14 -0.33
CA PRO C 75 -15.14 14.92 1.05
C PRO C 75 -14.10 15.40 2.07
N GLU C 76 -13.27 14.51 2.53
CA GLU C 76 -12.23 14.91 3.53
C GLU C 76 -11.57 13.68 4.16
N PHE C 77 -10.27 13.61 4.13
CA PHE C 77 -9.57 12.43 4.72
C PHE C 77 -10.03 12.22 6.16
N PRO C 78 -10.33 10.98 6.47
CA PRO C 78 -10.79 10.62 7.83
C PRO C 78 -9.62 10.64 8.82
N ILE C 79 -9.81 11.28 9.96
CA ILE C 79 -8.72 11.32 10.97
C ILE C 79 -9.32 11.10 12.36
N ALA C 80 -8.67 10.30 13.17
CA ALA C 80 -9.21 10.04 14.54
C ALA C 80 -8.07 9.85 15.55
N PRO C 81 -8.46 9.75 16.80
CA PRO C 81 -7.47 9.54 17.88
C PRO C 81 -6.92 8.11 17.83
N GLU C 82 -6.07 7.84 16.89
CA GLU C 82 -5.50 6.46 16.76
C GLU C 82 -4.51 6.48 15.62
N ILE C 83 -4.85 7.21 14.59
CA ILE C 83 -3.94 7.34 13.43
C ILE C 83 -4.08 8.75 12.86
N ALA C 84 -2.98 9.34 12.52
CA ALA C 84 -2.96 10.74 11.95
C ALA C 84 -2.00 11.59 12.78
N LEU C 85 -1.93 11.33 14.06
CA LEU C 85 -1.01 12.12 14.94
C LEU C 85 0.42 12.01 14.40
N GLU C 86 0.87 10.82 14.10
CA GLU C 86 2.25 10.66 13.58
C GLU C 86 2.41 11.44 12.27
N LEU C 87 1.42 11.38 11.42
CA LEU C 87 1.49 12.12 10.14
C LEU C 87 1.61 13.62 10.42
N LEU C 88 1.16 14.06 11.57
CA LEU C 88 1.23 15.51 11.90
C LEU C 88 2.55 16.10 11.39
N MET C 89 3.61 15.91 12.13
CA MET C 89 4.93 16.45 11.69
C MET C 89 5.48 15.63 10.52
N ALA C 90 5.05 14.40 10.38
CA ALA C 90 5.54 13.56 9.27
C ALA C 90 4.99 14.09 7.93
N ALA C 91 3.78 14.56 7.93
CA ALA C 91 3.19 15.11 6.67
C ALA C 91 3.80 16.47 6.36
N ASN C 92 3.86 17.33 7.34
CA ASN C 92 4.44 18.68 7.12
C ASN C 92 5.85 18.55 6.56
N PHE C 93 6.58 17.55 6.97
CA PHE C 93 7.97 17.37 6.45
C PHE C 93 7.94 16.99 4.98
N LEU C 94 6.88 16.37 4.53
CA LEU C 94 6.79 15.97 3.10
C LEU C 94 6.23 17.13 2.27
N ASP C 95 6.57 18.34 2.62
CA ASP C 95 6.04 19.50 1.85
C ASP C 95 4.51 19.56 1.93
N CYS C 96 3.94 20.69 1.65
CA CYS C 96 2.45 20.81 1.72
C CYS C 96 1.84 20.59 0.33
N VAL A 1 -8.53 16.84 -2.92
CA VAL A 1 -7.70 15.96 -2.05
C VAL A 1 -6.48 16.68 -1.56
N ALA A 2 -6.17 16.42 -0.35
CA ALA A 2 -5.00 17.05 0.32
C ALA A 2 -4.07 15.98 0.88
N THR A 3 -2.83 16.33 1.11
CA THR A 3 -1.88 15.35 1.69
C THR A 3 -2.23 15.13 3.16
N LEU A 4 -1.79 14.05 3.74
CA LEU A 4 -2.09 13.80 5.17
C LEU A 4 -1.63 14.97 6.04
N GLN A 5 -0.84 15.85 5.49
CA GLN A 5 -0.33 17.01 6.29
C GLN A 5 -1.51 17.88 6.78
N HIS A 6 -2.43 18.18 5.92
CA HIS A 6 -3.58 19.04 6.33
C HIS A 6 -4.52 18.29 7.29
N LEU A 7 -4.88 17.07 6.97
CA LEU A 7 -5.79 16.31 7.86
C LEU A 7 -5.08 15.96 9.18
N CYS A 8 -3.79 15.80 9.14
CA CYS A 8 -3.04 15.45 10.38
C CYS A 8 -3.06 16.62 11.38
N ARG A 9 -2.82 17.81 10.90
CA ARG A 9 -2.82 19.00 11.81
C ARG A 9 -4.18 19.15 12.49
N LYS A 10 -5.23 18.68 11.88
CA LYS A 10 -6.57 18.79 12.50
C LYS A 10 -6.57 18.19 13.90
N THR A 11 -5.87 17.10 14.08
CA THR A 11 -5.83 16.46 15.43
C THR A 11 -5.11 17.38 16.43
N VAL A 12 -3.93 17.84 16.09
CA VAL A 12 -3.19 18.73 17.02
C VAL A 12 -3.98 20.01 17.28
N ASN A 13 -4.59 20.55 16.26
CA ASN A 13 -5.39 21.81 16.45
C ASN A 13 -6.62 21.52 17.32
N GLY A 14 -7.38 20.52 16.97
CA GLY A 14 -8.59 20.20 17.78
C GLY A 14 -8.27 19.05 18.74
N HIS A 15 -7.06 19.00 19.24
CA HIS A 15 -6.69 17.90 20.17
C HIS A 15 -7.60 17.92 21.41
N MET B 1 -14.76 -2.21 -14.26
CA MET B 1 -13.99 -1.11 -14.93
C MET B 1 -12.55 -1.10 -14.45
N ASP B 2 -12.31 -0.63 -13.26
CA ASP B 2 -10.91 -0.59 -12.73
C ASP B 2 -10.87 -1.14 -11.31
N VAL B 3 -9.91 -1.98 -11.02
CA VAL B 3 -9.81 -2.56 -9.64
C VAL B 3 -8.41 -2.34 -9.09
N PHE B 4 -8.27 -2.31 -7.79
CA PHE B 4 -6.92 -2.10 -7.19
C PHE B 4 -6.39 -3.41 -6.57
N LEU B 5 -5.11 -3.64 -6.67
CA LEU B 5 -4.56 -4.89 -6.09
C LEU B 5 -3.27 -4.59 -5.30
N MET B 6 -2.89 -5.45 -4.41
CA MET B 6 -1.66 -5.22 -3.60
C MET B 6 -0.89 -6.52 -3.47
N ILE B 7 0.41 -6.45 -3.45
CA ILE B 7 1.21 -7.69 -3.32
C ILE B 7 1.81 -7.73 -1.91
N ARG B 8 1.81 -8.87 -1.27
CA ARG B 8 2.35 -8.91 0.11
C ARG B 8 3.63 -9.73 0.19
N ARG B 9 4.58 -9.19 0.91
CA ARG B 9 5.89 -9.85 1.10
C ARG B 9 6.45 -9.41 2.44
N HIS B 10 7.24 -10.22 3.09
CA HIS B 10 7.75 -9.79 4.42
C HIS B 10 8.41 -8.44 4.31
N LYS B 11 8.27 -7.68 5.33
CA LYS B 11 8.88 -6.32 5.34
C LYS B 11 8.71 -5.67 3.97
N THR B 12 8.49 -6.45 2.95
CA THR B 12 8.33 -5.86 1.58
C THR B 12 6.88 -5.90 1.09
N THR B 13 6.33 -4.75 0.80
CA THR B 13 4.92 -4.66 0.29
C THR B 13 4.90 -3.77 -0.96
N ILE B 14 4.37 -4.25 -2.05
CA ILE B 14 4.33 -3.43 -3.28
C ILE B 14 2.90 -3.07 -3.65
N PHE B 15 2.64 -1.83 -3.97
CA PHE B 15 1.26 -1.45 -4.37
C PHE B 15 1.11 -1.76 -5.86
N THR B 16 0.27 -2.71 -6.20
CA THR B 16 0.12 -3.09 -7.62
C THR B 16 -1.23 -2.65 -8.18
N ASP B 17 -1.27 -2.26 -9.42
CA ASP B 17 -2.55 -1.81 -10.03
C ASP B 17 -2.86 -2.67 -11.27
N ALA B 18 -4.10 -2.98 -11.51
CA ALA B 18 -4.43 -3.81 -12.70
C ALA B 18 -5.90 -3.64 -13.07
N LYS B 19 -6.31 -4.19 -14.18
CA LYS B 19 -7.74 -4.06 -14.61
C LYS B 19 -8.52 -5.31 -14.19
N GLU B 20 -9.80 -5.19 -13.99
CA GLU B 20 -10.61 -6.36 -13.59
C GLU B 20 -10.32 -7.53 -14.53
N SER B 21 -9.96 -7.23 -15.75
CA SER B 21 -9.66 -8.33 -16.71
C SER B 21 -8.28 -8.90 -16.41
N SER B 22 -7.62 -8.38 -15.42
CA SER B 22 -6.27 -8.89 -15.07
C SER B 22 -6.33 -9.65 -13.74
N THR B 23 -5.75 -9.08 -12.70
CA THR B 23 -5.75 -9.72 -11.35
C THR B 23 -4.57 -10.68 -11.20
N VAL B 24 -4.09 -11.23 -12.29
CA VAL B 24 -2.94 -12.17 -12.19
C VAL B 24 -1.97 -11.96 -13.36
N PHE B 25 -2.47 -11.90 -14.57
CA PHE B 25 -1.57 -11.70 -15.74
C PHE B 25 -0.75 -10.43 -15.54
N GLU B 26 -1.40 -9.31 -15.32
CA GLU B 26 -0.64 -8.04 -15.13
C GLU B 26 0.20 -8.11 -13.85
N LEU B 27 -0.30 -8.77 -12.84
CA LEU B 27 0.46 -8.89 -11.57
C LEU B 27 1.82 -9.54 -11.82
N LYS B 28 1.89 -10.45 -12.76
CA LYS B 28 3.18 -11.13 -13.06
C LYS B 28 4.25 -10.10 -13.42
N ARG B 29 3.87 -9.07 -14.13
CA ARG B 29 4.86 -8.03 -14.51
C ARG B 29 5.35 -7.27 -13.27
N ILE B 30 4.47 -6.96 -12.36
CA ILE B 30 4.89 -6.23 -11.14
C ILE B 30 5.93 -7.04 -10.37
N VAL B 31 5.70 -8.31 -10.16
CA VAL B 31 6.68 -9.13 -9.42
C VAL B 31 7.99 -9.22 -10.21
N GLU B 32 7.91 -9.52 -11.48
CA GLU B 32 9.13 -9.60 -12.32
C GLU B 32 9.89 -8.29 -12.26
N GLY B 33 9.27 -7.24 -11.79
CA GLY B 33 9.96 -5.93 -11.71
C GLY B 33 10.41 -5.68 -10.27
N ILE B 34 9.51 -5.78 -9.33
CA ILE B 34 9.88 -5.53 -7.91
C ILE B 34 10.60 -6.75 -7.33
N LEU B 35 10.09 -7.93 -7.56
CA LEU B 35 10.74 -9.15 -7.02
C LEU B 35 11.54 -9.86 -8.13
N LYS B 36 11.36 -9.45 -9.35
CA LYS B 36 12.10 -10.09 -10.47
C LYS B 36 11.75 -11.58 -10.56
N ARG B 37 10.49 -11.92 -10.50
CA ARG B 37 10.11 -13.37 -10.59
C ARG B 37 9.12 -13.58 -11.73
N PRO B 38 9.44 -14.55 -12.56
CA PRO B 38 8.57 -14.89 -13.70
C PRO B 38 7.35 -15.68 -13.25
N PRO B 39 6.37 -15.76 -14.11
CA PRO B 39 5.13 -16.51 -13.78
C PRO B 39 5.38 -18.02 -13.81
N ASP B 40 6.36 -18.48 -13.08
CA ASP B 40 6.66 -19.94 -13.07
C ASP B 40 7.16 -20.37 -11.69
N GLU B 41 8.30 -19.88 -11.28
CA GLU B 41 8.83 -20.25 -9.94
C GLU B 41 8.28 -19.31 -8.87
N GLN B 42 7.03 -18.95 -8.97
CA GLN B 42 6.42 -18.03 -7.97
C GLN B 42 4.96 -18.39 -7.74
N ARG B 43 4.44 -18.11 -6.57
CA ARG B 43 3.02 -18.42 -6.29
C ARG B 43 2.34 -17.20 -5.66
N LEU B 44 1.06 -17.03 -5.90
CA LEU B 44 0.35 -15.86 -5.32
C LEU B 44 -0.77 -16.33 -4.39
N TYR B 45 -1.13 -15.54 -3.41
CA TYR B 45 -2.21 -15.96 -2.49
C TYR B 45 -3.34 -14.93 -2.52
N LYS B 46 -4.55 -15.40 -2.64
CA LYS B 46 -5.71 -14.47 -2.67
C LYS B 46 -6.43 -14.46 -1.32
N ASP B 47 -6.34 -13.37 -0.60
CA ASP B 47 -7.01 -13.30 0.73
C ASP B 47 -6.89 -14.64 1.46
N ASP B 48 -5.73 -14.91 2.02
CA ASP B 48 -5.55 -16.20 2.75
C ASP B 48 -5.81 -17.39 1.82
N GLN B 49 -5.84 -17.15 0.54
CA GLN B 49 -6.09 -18.28 -0.41
C GLN B 49 -5.00 -18.32 -1.48
N LEU B 50 -5.18 -19.11 -2.50
CA LEU B 50 -4.15 -19.20 -3.57
C LEU B 50 -4.61 -18.43 -4.82
N LEU B 51 -3.75 -17.63 -5.39
CA LEU B 51 -4.14 -16.84 -6.59
C LEU B 51 -4.12 -17.74 -7.84
N ASP B 52 -5.04 -17.56 -8.73
CA ASP B 52 -5.07 -18.39 -9.97
C ASP B 52 -4.88 -17.51 -11.21
N ASP B 53 -3.77 -17.65 -11.88
CA ASP B 53 -3.53 -16.81 -13.10
C ASP B 53 -4.37 -17.32 -14.27
N GLY B 54 -5.10 -18.39 -14.06
CA GLY B 54 -5.94 -18.93 -15.17
C GLY B 54 -7.29 -18.22 -15.18
N LYS B 55 -7.47 -17.27 -14.30
CA LYS B 55 -8.74 -16.53 -14.26
C LYS B 55 -8.43 -15.05 -14.04
N THR B 56 -9.21 -14.22 -14.62
CA THR B 56 -9.01 -12.76 -14.47
C THR B 56 -9.65 -12.28 -13.18
N LEU B 57 -9.47 -11.04 -12.84
CA LEU B 57 -10.06 -10.50 -11.58
C LEU B 57 -11.56 -10.83 -11.53
N GLY B 58 -12.26 -10.63 -12.60
CA GLY B 58 -13.71 -10.93 -12.61
C GLY B 58 -13.92 -12.44 -12.62
N GLU B 59 -13.12 -13.15 -13.38
CA GLU B 59 -13.28 -14.64 -13.42
C GLU B 59 -12.55 -15.27 -12.23
N CYS B 60 -11.99 -14.45 -11.39
CA CYS B 60 -11.27 -14.98 -10.20
C CYS B 60 -12.02 -14.59 -8.93
N GLY B 61 -12.71 -13.47 -8.95
CA GLY B 61 -13.46 -13.03 -7.75
C GLY B 61 -12.57 -12.19 -6.86
N PHE B 62 -11.80 -11.33 -7.45
CA PHE B 62 -10.88 -10.46 -6.65
C PHE B 62 -11.58 -9.14 -6.30
N THR B 63 -12.43 -8.66 -7.17
CA THR B 63 -13.14 -7.37 -6.89
C THR B 63 -13.93 -7.48 -5.59
N SER B 64 -15.21 -7.30 -5.66
CA SER B 64 -16.05 -7.37 -4.43
C SER B 64 -15.72 -6.22 -3.49
N GLN B 65 -15.32 -5.10 -4.05
CA GLN B 65 -14.98 -3.92 -3.19
C GLN B 65 -13.65 -4.16 -2.48
N THR B 66 -13.02 -5.28 -2.71
CA THR B 66 -11.72 -5.56 -2.04
C THR B 66 -10.57 -5.07 -2.91
N ALA B 67 -10.84 -4.15 -3.79
CA ALA B 67 -9.77 -3.60 -4.67
C ALA B 67 -10.18 -2.23 -5.18
N ARG B 68 -9.58 -1.19 -4.66
CA ARG B 68 -9.95 0.19 -5.10
C ARG B 68 -9.28 1.22 -4.18
N PRO B 69 -9.62 2.46 -4.37
CA PRO B 69 -9.04 3.55 -3.53
C PRO B 69 -9.57 3.45 -2.11
N GLN B 70 -10.66 2.75 -1.92
CA GLN B 70 -11.22 2.60 -0.54
C GLN B 70 -10.64 1.34 0.10
N ALA B 71 -10.93 0.20 -0.46
CA ALA B 71 -10.38 -1.07 0.10
C ALA B 71 -9.71 -1.88 -1.00
N PRO B 72 -8.40 -1.87 -0.99
CA PRO B 72 -7.61 -2.60 -2.00
C PRO B 72 -7.51 -4.09 -1.65
N ALA B 73 -7.04 -4.87 -2.58
CA ALA B 73 -6.89 -6.33 -2.33
C ALA B 73 -5.41 -6.70 -2.19
N THR B 74 -5.09 -7.64 -1.35
CA THR B 74 -3.66 -8.01 -1.16
C THR B 74 -3.40 -9.44 -1.65
N VAL B 75 -2.29 -9.64 -2.30
CA VAL B 75 -1.95 -11.01 -2.79
C VAL B 75 -0.58 -11.38 -2.22
N GLY B 76 -0.38 -12.61 -1.84
CA GLY B 76 0.91 -13.02 -1.28
C GLY B 76 1.79 -13.52 -2.41
N LEU B 77 3.07 -13.44 -2.22
CA LEU B 77 4.02 -13.88 -3.28
C LEU B 77 5.01 -14.88 -2.71
N ALA B 78 5.03 -16.05 -3.25
CA ALA B 78 5.98 -17.09 -2.78
C ALA B 78 6.73 -17.70 -3.97
N PHE B 79 7.90 -18.21 -3.75
CA PHE B 79 8.67 -18.82 -4.89
C PHE B 79 9.19 -20.21 -4.50
N ARG B 80 9.42 -21.06 -5.46
CA ARG B 80 9.92 -22.42 -5.15
C ARG B 80 11.31 -22.63 -5.76
N ALA B 81 12.31 -22.83 -4.94
CA ALA B 81 13.69 -23.03 -5.47
C ALA B 81 14.10 -24.50 -5.33
N ASP B 82 14.14 -25.23 -6.40
CA ASP B 82 14.53 -26.66 -6.32
C ASP B 82 13.66 -27.39 -5.30
N ASP B 83 14.07 -27.41 -4.05
CA ASP B 83 13.26 -28.10 -3.01
C ASP B 83 13.08 -27.20 -1.79
N THR B 84 12.84 -25.93 -2.01
CA THR B 84 12.66 -24.99 -0.87
C THR B 84 11.50 -24.04 -1.14
N PHE B 85 10.96 -23.43 -0.12
CA PHE B 85 9.82 -22.49 -0.33
C PHE B 85 10.19 -21.09 0.18
N GLU B 86 9.76 -20.07 -0.52
CA GLU B 86 10.09 -18.69 -0.08
C GLU B 86 8.81 -17.88 0.12
N ALA B 87 8.83 -16.90 0.97
CA ALA B 87 7.61 -16.08 1.21
C ALA B 87 6.47 -16.97 1.72
N LEU B 88 5.25 -16.61 1.42
CA LEU B 88 4.07 -17.40 1.89
C LEU B 88 3.73 -16.98 3.31
N CYS B 89 4.59 -16.23 3.92
CA CYS B 89 4.32 -15.73 5.29
C CYS B 89 4.35 -14.22 5.22
N ILE B 90 3.23 -13.59 5.36
CA ILE B 90 3.22 -12.12 5.26
C ILE B 90 3.45 -11.49 6.62
N GLU B 91 4.60 -10.93 6.81
CA GLU B 91 4.92 -10.29 8.12
C GLU B 91 4.19 -8.95 8.22
N PRO B 92 3.24 -8.90 9.11
CA PRO B 92 2.44 -7.66 9.31
C PRO B 92 3.28 -6.59 10.01
N PHE B 93 3.02 -5.35 9.71
CA PHE B 93 3.80 -4.25 10.36
C PHE B 93 3.01 -3.68 11.54
N SER B 94 2.96 -2.37 11.66
CA SER B 94 2.20 -1.76 12.79
C SER B 94 0.70 -1.91 12.55
N SER B 95 -0.07 -1.99 13.60
CA SER B 95 -1.55 -2.14 13.44
C SER B 95 -2.25 -0.84 13.83
N PRO B 96 -2.30 0.07 12.90
CA PRO B 96 -2.96 1.38 13.14
C PRO B 96 -4.49 1.21 13.18
N PRO B 97 -5.15 2.25 13.59
CA PRO B 97 -6.63 2.23 13.68
C PRO B 97 -7.25 2.30 12.27
N GLU B 98 -6.50 2.72 11.30
CA GLU B 98 -7.04 2.82 9.92
C GLU B 98 -6.94 1.45 9.23
N LEU B 99 -6.12 0.57 9.73
CA LEU B 99 -5.99 -0.77 9.10
C LEU B 99 -6.11 -1.87 10.16
N PRO B 100 -7.21 -1.85 10.85
CA PRO B 100 -7.46 -2.86 11.91
C PRO B 100 -7.78 -4.22 11.28
N ASP B 101 -8.40 -5.10 12.03
CA ASP B 101 -8.74 -6.44 11.48
C ASP B 101 -10.26 -6.58 11.34
N VAL B 102 -10.91 -7.05 12.37
CA VAL B 102 -12.39 -7.21 12.29
C VAL B 102 -13.08 -6.21 13.22
N MET B 103 -14.39 -6.10 13.12
CA MET B 103 -15.12 -5.13 13.99
C MET B 103 -15.96 -5.89 15.02
N LYS B 104 -15.56 -5.88 16.26
CA LYS B 104 -16.36 -6.60 17.31
C LYS B 104 -15.67 -6.45 18.68
N PRO B 105 -14.46 -6.91 18.74
CA PRO B 105 -13.68 -6.83 20.00
C PRO B 105 -13.26 -5.39 20.29
N GLN B 106 -13.23 -5.00 21.53
CA GLN B 106 -12.83 -3.60 21.87
C GLN B 106 -11.55 -3.61 22.71
N ASP B 107 -10.65 -4.52 22.43
CA ASP B 107 -9.38 -4.59 23.21
C ASP B 107 -8.21 -4.90 22.28
N SER B 108 -7.13 -4.17 22.42
CA SER B 108 -5.95 -4.41 21.54
C SER B 108 -5.21 -5.67 22.00
N GLY B 109 -5.71 -6.82 21.66
CA GLY B 109 -5.03 -8.09 22.08
C GLY B 109 -4.22 -8.65 20.91
N SER B 110 -4.50 -8.20 19.72
CA SER B 110 -3.75 -8.71 18.53
C SER B 110 -2.25 -8.72 18.83
N SER B 111 -1.75 -7.70 19.48
CA SER B 111 -0.30 -7.65 19.80
C SER B 111 -0.02 -8.34 21.13
N ALA B 112 -0.58 -9.50 21.33
CA ALA B 112 -0.34 -10.24 22.61
C ALA B 112 0.91 -11.12 22.50
N ASN B 113 2.01 -10.55 22.07
CA ASN B 113 3.26 -11.33 21.94
C ASN B 113 3.04 -12.53 21.00
N GLU B 114 4.06 -13.32 20.78
CA GLU B 114 3.90 -14.49 19.87
C GLU B 114 5.26 -15.20 19.68
N GLN B 115 6.30 -14.44 19.51
CA GLN B 115 7.64 -15.06 19.32
C GLN B 115 8.74 -14.13 19.84
N ALA B 116 9.97 -14.53 19.73
CA ALA B 116 11.09 -13.67 20.22
C ALA B 116 12.43 -14.19 19.70
N VAL B 117 12.69 -14.02 18.44
CA VAL B 117 13.99 -14.50 17.87
C VAL B 117 14.93 -13.33 17.62
N GLN B 118 16.04 -13.28 18.32
CA GLN B 118 16.99 -12.15 18.11
C GLN B 118 17.54 -12.18 16.69
N MET C 1 5.52 4.35 -14.12
CA MET C 1 6.55 4.77 -13.13
C MET C 1 6.20 4.23 -11.74
N TYR C 2 7.17 3.68 -11.06
CA TYR C 2 6.90 3.15 -9.69
C TYR C 2 7.98 3.63 -8.72
N VAL C 3 7.65 3.83 -7.47
CA VAL C 3 8.68 4.30 -6.50
C VAL C 3 8.61 3.49 -5.20
N LYS C 4 9.73 3.26 -4.58
CA LYS C 4 9.74 2.48 -3.32
C LYS C 4 9.90 3.40 -2.11
N LEU C 5 9.18 3.16 -1.06
CA LEU C 5 9.30 4.01 0.15
C LEU C 5 9.89 3.21 1.30
N ILE C 6 10.94 3.68 1.90
CA ILE C 6 11.57 2.93 3.02
C ILE C 6 11.33 3.66 4.35
N SER C 7 11.10 2.93 5.40
CA SER C 7 10.87 3.57 6.72
C SER C 7 12.05 3.30 7.66
N SER C 8 12.29 4.18 8.59
CA SER C 8 13.42 3.96 9.54
C SER C 8 13.29 2.61 10.25
N ASP C 9 12.13 2.01 10.19
CA ASP C 9 11.94 0.70 10.86
C ASP C 9 12.70 -0.40 10.09
N GLY C 10 12.76 -0.30 8.80
CA GLY C 10 13.48 -1.33 8.00
C GLY C 10 12.53 -1.91 6.95
N HIS C 11 11.27 -1.62 7.06
CA HIS C 11 10.29 -2.15 6.06
C HIS C 11 10.30 -1.27 4.81
N GLU C 12 9.57 -1.66 3.79
CA GLU C 12 9.53 -0.82 2.56
C GLU C 12 8.17 -0.94 1.86
N PHE C 13 7.85 0.02 1.06
CA PHE C 13 6.55 0.00 0.32
C PHE C 13 6.75 0.60 -1.06
N ILE C 14 6.19 -0.01 -2.06
CA ILE C 14 6.37 0.53 -3.44
C ILE C 14 5.08 1.16 -3.94
N VAL C 15 5.13 2.41 -4.28
CA VAL C 15 3.92 3.11 -4.79
C VAL C 15 4.18 3.66 -6.20
N LYS C 16 3.15 3.86 -6.97
CA LYS C 16 3.35 4.37 -8.36
C LYS C 16 3.77 5.85 -8.34
N ARG C 17 4.50 6.27 -9.33
CA ARG C 17 4.94 7.70 -9.38
C ARG C 17 3.80 8.60 -8.90
N GLU C 18 2.65 8.47 -9.49
CA GLU C 18 1.49 9.31 -9.06
C GLU C 18 1.25 9.11 -7.56
N HIS C 19 1.32 7.89 -7.10
CA HIS C 19 1.12 7.63 -5.65
C HIS C 19 2.14 8.44 -4.84
N ALA C 20 3.35 8.50 -5.33
CA ALA C 20 4.40 9.27 -4.60
C ALA C 20 4.38 10.73 -5.06
N LEU C 21 3.83 11.00 -6.20
CA LEU C 21 3.79 12.41 -6.69
C LEU C 21 2.83 13.21 -5.81
N THR C 22 2.14 12.55 -4.91
CA THR C 22 1.19 13.28 -4.02
C THR C 22 1.96 13.99 -2.90
N SER C 23 3.25 13.89 -2.94
CA SER C 23 4.08 14.57 -1.90
C SER C 23 5.16 15.39 -2.59
N GLY C 24 5.07 16.69 -2.51
CA GLY C 24 6.09 17.55 -3.16
C GLY C 24 7.49 17.14 -2.72
N THR C 25 7.60 16.12 -1.90
CA THR C 25 8.95 15.69 -1.44
C THR C 25 9.36 14.40 -2.15
N ILE C 26 8.49 13.42 -2.20
CA ILE C 26 8.84 12.16 -2.89
C ILE C 26 9.18 12.42 -4.35
N LYS C 27 8.35 13.16 -5.04
CA LYS C 27 8.64 13.46 -6.47
C LYS C 27 9.97 14.20 -6.59
N ALA C 28 10.28 15.04 -5.64
CA ALA C 28 11.56 15.80 -5.69
C ALA C 28 12.74 14.84 -5.50
N MET C 29 12.55 13.78 -4.76
CA MET C 29 13.67 12.81 -4.55
C MET C 29 13.97 12.06 -5.85
N LEU C 30 13.01 11.95 -6.72
CA LEU C 30 13.24 11.23 -8.00
C LEU C 30 13.91 12.15 -9.03
N SER C 31 13.30 13.25 -9.33
CA SER C 31 13.91 14.20 -10.32
C SER C 31 15.15 14.88 -9.71
N GLY C 32 15.02 15.42 -8.53
CA GLY C 32 16.18 16.10 -7.89
C GLY C 32 16.88 16.99 -8.93
N PRO C 33 18.07 17.41 -8.58
CA PRO C 33 18.85 18.29 -9.49
C PRO C 33 19.38 17.48 -10.68
N GLY C 34 18.52 16.82 -11.39
CA GLY C 34 18.96 16.02 -12.57
C GLY C 34 18.29 16.54 -13.83
N GLN C 35 18.68 16.04 -14.97
CA GLN C 35 18.06 16.52 -16.25
C GLN C 35 16.71 15.82 -16.47
N PHE C 36 15.88 16.39 -17.30
CA PHE C 36 14.55 15.77 -17.57
C PHE C 36 14.61 14.90 -18.83
N ALA C 37 14.24 13.66 -18.74
CA ALA C 37 14.27 12.78 -19.93
C ALA C 37 13.24 11.65 -19.79
N GLU C 38 12.06 11.97 -19.34
CA GLU C 38 11.01 10.93 -19.17
C GLU C 38 11.43 9.92 -18.09
N ASN C 39 12.33 10.30 -17.23
CA ASN C 39 12.77 9.37 -16.16
C ASN C 39 13.75 10.07 -15.22
N GLU C 40 13.84 9.63 -13.99
CA GLU C 40 14.78 10.28 -13.03
C GLU C 40 14.67 9.62 -11.65
N THR C 41 15.35 8.53 -11.45
CA THR C 41 15.28 7.84 -10.12
C THR C 41 13.83 7.52 -9.78
N ASN C 42 13.61 6.73 -8.75
CA ASN C 42 12.22 6.38 -8.36
C ASN C 42 12.22 5.69 -6.99
N GLU C 43 12.79 6.31 -6.00
CA GLU C 43 12.82 5.70 -4.65
C GLU C 43 12.63 6.75 -3.57
N VAL C 44 12.03 6.39 -2.47
CA VAL C 44 11.81 7.37 -1.37
C VAL C 44 12.46 6.88 -0.08
N ASN C 45 12.82 7.78 0.80
CA ASN C 45 13.46 7.36 2.08
C ASN C 45 12.86 8.14 3.24
N PHE C 46 12.18 7.48 4.13
CA PHE C 46 11.57 8.18 5.28
C PHE C 46 12.36 7.88 6.56
N ARG C 47 13.21 8.79 6.97
CA ARG C 47 14.01 8.55 8.21
C ARG C 47 13.28 9.12 9.42
N GLU C 48 12.07 9.56 9.24
CA GLU C 48 11.29 10.12 10.39
C GLU C 48 9.82 9.72 10.28
N ILE C 49 9.55 8.53 9.83
CA ILE C 49 8.14 8.07 9.69
C ILE C 49 8.03 6.58 10.01
N PRO C 50 7.22 6.27 10.98
CA PRO C 50 7.02 4.86 11.40
C PRO C 50 6.20 4.10 10.36
N SER C 51 6.11 2.81 10.50
CA SER C 51 5.35 1.99 9.51
C SER C 51 3.89 2.44 9.44
N HIS C 52 3.22 2.55 10.55
CA HIS C 52 1.79 2.96 10.53
C HIS C 52 1.65 4.38 9.96
N VAL C 53 2.66 5.20 10.04
CA VAL C 53 2.55 6.57 9.51
C VAL C 53 2.84 6.59 8.00
N LEU C 54 3.86 5.91 7.56
CA LEU C 54 4.17 5.90 6.10
C LEU C 54 3.01 5.30 5.31
N SER C 55 2.20 4.49 5.93
CA SER C 55 1.05 3.86 5.22
C SER C 55 -0.16 4.77 5.35
N LYS C 56 -0.24 5.48 6.45
CA LYS C 56 -1.38 6.41 6.65
C LYS C 56 -1.37 7.49 5.57
N VAL C 57 -0.32 8.25 5.52
CA VAL C 57 -0.22 9.32 4.48
C VAL C 57 -0.24 8.69 3.09
N CYS C 58 0.34 7.54 2.95
CA CYS C 58 0.36 6.89 1.61
C CYS C 58 -1.07 6.70 1.10
N MET C 59 -2.00 6.45 1.97
CA MET C 59 -3.40 6.30 1.52
C MET C 59 -3.84 7.58 0.83
N TYR C 60 -3.36 8.71 1.30
CA TYR C 60 -3.72 10.00 0.64
C TYR C 60 -2.96 10.10 -0.67
N PHE C 61 -1.87 9.39 -0.79
CA PHE C 61 -1.10 9.43 -2.07
C PHE C 61 -1.96 8.85 -3.18
N THR C 62 -2.76 7.86 -2.85
CA THR C 62 -3.65 7.24 -3.87
C THR C 62 -4.99 7.95 -3.85
N TYR C 63 -5.48 8.28 -2.70
CA TYR C 63 -6.79 8.99 -2.62
C TYR C 63 -6.72 10.28 -3.45
N LYS C 64 -5.54 10.81 -3.60
CA LYS C 64 -5.38 12.05 -4.40
C LYS C 64 -5.78 11.81 -5.86
N VAL C 65 -5.43 10.66 -6.39
CA VAL C 65 -5.78 10.36 -7.79
C VAL C 65 -7.29 10.45 -8.00
N ARG C 66 -8.05 10.26 -6.95
CA ARG C 66 -9.53 10.33 -7.07
C ARG C 66 -10.00 11.78 -7.10
N TYR C 67 -9.16 12.69 -6.68
CA TYR C 67 -9.56 14.13 -6.68
C TYR C 67 -9.61 14.65 -8.11
N THR C 68 -8.69 14.24 -8.94
CA THR C 68 -8.69 14.72 -10.35
C THR C 68 -10.12 14.69 -10.90
N ASN C 69 -10.98 13.93 -10.29
CA ASN C 69 -12.38 13.85 -10.77
C ASN C 69 -13.10 15.18 -10.53
N SER C 70 -12.83 15.82 -9.42
CA SER C 70 -13.50 17.13 -9.13
C SER C 70 -15.01 16.93 -8.98
N SER C 71 -15.48 16.78 -7.78
CA SER C 71 -16.95 16.58 -7.56
C SER C 71 -17.50 17.67 -6.64
N THR C 72 -18.76 17.62 -6.33
CA THR C 72 -19.36 18.65 -5.44
C THR C 72 -18.93 18.41 -3.99
N GLU C 73 -18.26 17.32 -3.73
CA GLU C 73 -17.82 17.03 -2.35
C GLU C 73 -16.55 16.16 -2.37
N ILE C 74 -15.49 16.63 -1.76
CA ILE C 74 -14.23 15.83 -1.75
C ILE C 74 -14.13 15.01 -0.46
N PRO C 75 -13.41 13.93 -0.55
CA PRO C 75 -13.23 13.03 0.62
C PRO C 75 -12.32 13.69 1.67
N GLU C 76 -12.07 13.00 2.74
CA GLU C 76 -11.19 13.59 3.81
C GLU C 76 -10.48 12.47 4.58
N PHE C 77 -9.24 12.68 4.96
CA PHE C 77 -8.50 11.64 5.72
C PHE C 77 -9.01 11.56 7.16
N PRO C 78 -9.26 10.35 7.60
CA PRO C 78 -9.76 10.13 8.98
C PRO C 78 -8.63 10.32 9.99
N ILE C 79 -8.92 10.89 11.13
CA ILE C 79 -7.87 11.09 12.16
C ILE C 79 -8.40 10.73 13.55
N ALA C 80 -7.63 10.04 14.34
CA ALA C 80 -8.10 9.66 15.71
C ALA C 80 -6.93 9.61 16.69
N PRO C 81 -7.26 9.48 17.94
CA PRO C 81 -6.22 9.42 19.00
C PRO C 81 -5.52 8.07 18.95
N GLU C 82 -4.60 7.90 18.04
CA GLU C 82 -3.86 6.61 17.93
C GLU C 82 -2.98 6.69 16.69
N ILE C 83 -3.42 7.42 15.71
CA ILE C 83 -2.63 7.60 14.49
C ILE C 83 -2.91 9.00 13.95
N ALA C 84 -1.88 9.67 13.51
CA ALA C 84 -2.00 11.06 12.98
C ALA C 84 -0.98 11.95 13.69
N LEU C 85 -0.71 11.66 14.93
CA LEU C 85 0.28 12.47 15.69
C LEU C 85 1.66 12.39 15.02
N GLU C 86 2.07 11.20 14.66
CA GLU C 86 3.39 11.05 14.00
C GLU C 86 3.36 11.68 12.60
N LEU C 87 2.25 11.59 11.91
CA LEU C 87 2.16 12.19 10.55
C LEU C 87 2.40 13.69 10.65
N LEU C 88 2.16 14.28 11.78
CA LEU C 88 2.38 15.75 11.91
C LEU C 88 3.70 16.14 11.25
N MET C 89 4.75 15.41 11.55
CA MET C 89 6.07 15.72 10.94
C MET C 89 6.21 15.02 9.60
N ALA C 90 5.63 13.85 9.46
CA ALA C 90 5.74 13.11 8.17
C ALA C 90 4.74 13.67 7.16
N ALA C 91 3.52 13.88 7.57
CA ALA C 91 2.50 14.43 6.63
C ALA C 91 3.00 15.75 6.04
N ASN C 92 3.40 16.66 6.89
CA ASN C 92 3.90 17.97 6.39
C ASN C 92 5.15 17.75 5.53
N PHE C 93 6.00 16.85 5.93
CA PHE C 93 7.23 16.58 5.14
C PHE C 93 6.85 16.10 3.74
N LEU C 94 5.62 15.66 3.58
CA LEU C 94 5.16 15.18 2.25
C LEU C 94 4.13 16.16 1.69
N ASP C 95 4.56 17.30 1.24
CA ASP C 95 3.61 18.31 0.68
C ASP C 95 2.76 17.70 -0.44
N CYS C 96 2.53 18.43 -1.49
CA CYS C 96 1.72 17.90 -2.62
C CYS C 96 2.33 18.30 -3.96
N VAL A 1 -9.06 16.01 -2.59
CA VAL A 1 -7.99 15.28 -1.85
C VAL A 1 -6.91 16.22 -1.38
N ALA A 2 -6.48 15.95 -0.22
CA ALA A 2 -5.42 16.78 0.43
C ALA A 2 -4.18 15.95 0.72
N THR A 3 -3.07 16.59 0.89
CA THR A 3 -1.83 15.83 1.22
C THR A 3 -1.85 15.48 2.70
N LEU A 4 -1.28 14.39 3.08
CA LEU A 4 -1.28 14.00 4.53
C LEU A 4 -0.95 15.23 5.40
N GLN A 5 -0.37 16.24 4.81
CA GLN A 5 0.00 17.45 5.62
C GLN A 5 -1.24 18.18 6.14
N HIS A 6 -2.31 18.18 5.39
CA HIS A 6 -3.53 18.90 5.86
C HIS A 6 -4.25 18.11 6.95
N LEU A 7 -4.47 16.83 6.75
CA LEU A 7 -5.18 16.03 7.79
C LEU A 7 -4.31 15.86 9.05
N CYS A 8 -3.02 15.70 8.88
CA CYS A 8 -2.14 15.52 10.06
C CYS A 8 -2.25 16.72 11.00
N ARG A 9 -2.46 17.89 10.47
CA ARG A 9 -2.59 19.10 11.34
C ARG A 9 -3.92 19.07 12.09
N LYS A 10 -4.91 18.42 11.55
CA LYS A 10 -6.23 18.36 12.23
C LYS A 10 -6.13 17.51 13.50
N THR A 11 -5.39 16.46 13.45
CA THR A 11 -5.25 15.58 14.66
C THR A 11 -4.70 16.40 15.84
N VAL A 12 -3.61 17.07 15.64
CA VAL A 12 -3.03 17.88 16.75
C VAL A 12 -4.02 18.95 17.21
N ASN A 13 -4.72 19.55 16.30
CA ASN A 13 -5.70 20.60 16.69
C ASN A 13 -6.86 19.98 17.48
N GLY A 14 -7.28 18.80 17.10
CA GLY A 14 -8.41 18.14 17.84
C GLY A 14 -7.97 17.84 19.28
N HIS A 15 -6.75 17.42 19.47
CA HIS A 15 -6.27 17.11 20.84
C HIS A 15 -5.38 18.24 21.36
N MET B 1 -15.22 -0.65 -13.01
CA MET B 1 -14.35 -0.58 -14.22
C MET B 1 -12.87 -0.55 -13.81
N ASP B 2 -12.59 -0.23 -12.59
CA ASP B 2 -11.17 -0.19 -12.14
C ASP B 2 -11.03 -0.87 -10.77
N VAL B 3 -10.03 -1.70 -10.61
CA VAL B 3 -9.85 -2.40 -9.30
C VAL B 3 -8.42 -2.17 -8.79
N PHE B 4 -8.26 -2.11 -7.49
CA PHE B 4 -6.89 -1.89 -6.93
C PHE B 4 -6.39 -3.18 -6.26
N LEU B 5 -5.16 -3.54 -6.52
CA LEU B 5 -4.61 -4.79 -5.91
C LEU B 5 -3.36 -4.48 -5.09
N MET B 6 -3.09 -5.27 -4.09
CA MET B 6 -1.88 -5.03 -3.26
C MET B 6 -1.04 -6.31 -3.22
N ILE B 7 0.26 -6.20 -3.18
CA ILE B 7 1.09 -7.42 -3.14
C ILE B 7 1.85 -7.45 -1.83
N ARG B 8 1.92 -8.59 -1.19
CA ARG B 8 2.62 -8.65 0.11
C ARG B 8 3.89 -9.49 0.03
N ARG B 9 4.93 -8.99 0.62
CA ARG B 9 6.23 -9.70 0.65
C ARG B 9 6.96 -9.29 1.94
N HIS B 10 7.77 -10.13 2.49
CA HIS B 10 8.45 -9.73 3.75
C HIS B 10 9.13 -8.41 3.55
N LYS B 11 9.13 -7.63 4.57
CA LYS B 11 9.79 -6.30 4.51
C LYS B 11 9.50 -5.65 3.15
N THR B 12 9.14 -6.44 2.17
CA THR B 12 8.85 -5.84 0.82
C THR B 12 7.36 -5.86 0.48
N THR B 13 6.81 -4.71 0.22
CA THR B 13 5.36 -4.59 -0.17
C THR B 13 5.25 -3.71 -1.41
N ILE B 14 4.53 -4.16 -2.41
CA ILE B 14 4.40 -3.33 -3.64
C ILE B 14 2.94 -2.98 -3.91
N PHE B 15 2.67 -1.73 -4.18
CA PHE B 15 1.27 -1.35 -4.49
C PHE B 15 1.02 -1.63 -5.97
N THR B 16 0.17 -2.57 -6.26
CA THR B 16 -0.09 -2.91 -7.68
C THR B 16 -1.49 -2.45 -8.11
N ASP B 17 -1.64 -2.01 -9.32
CA ASP B 17 -2.99 -1.56 -9.79
C ASP B 17 -3.36 -2.31 -11.07
N ALA B 18 -4.62 -2.64 -11.22
CA ALA B 18 -5.05 -3.36 -12.44
C ALA B 18 -6.56 -3.22 -12.64
N LYS B 19 -7.06 -3.67 -13.75
CA LYS B 19 -8.53 -3.56 -13.99
C LYS B 19 -9.23 -4.83 -13.49
N GLU B 20 -10.43 -4.70 -12.99
CA GLU B 20 -11.16 -5.89 -12.49
C GLU B 20 -11.24 -6.95 -13.60
N SER B 21 -11.30 -6.51 -14.83
CA SER B 21 -11.37 -7.47 -15.96
C SER B 21 -9.99 -7.63 -16.61
N SER B 22 -8.96 -7.18 -15.95
CA SER B 22 -7.60 -7.31 -16.54
C SER B 22 -7.23 -8.79 -16.61
N THR B 23 -6.44 -9.25 -15.68
CA THR B 23 -6.04 -10.70 -15.70
C THR B 23 -4.86 -10.92 -14.74
N VAL B 24 -4.98 -11.87 -13.85
CA VAL B 24 -3.85 -12.13 -12.91
C VAL B 24 -2.53 -12.06 -13.67
N PHE B 25 -2.55 -12.36 -14.94
CA PHE B 25 -1.30 -12.29 -15.74
C PHE B 25 -0.76 -10.86 -15.74
N GLU B 26 -1.61 -9.89 -15.90
CA GLU B 26 -1.16 -8.49 -15.89
C GLU B 26 -0.53 -8.16 -14.53
N LEU B 27 -1.19 -8.52 -13.47
CA LEU B 27 -0.62 -8.26 -12.12
C LEU B 27 0.74 -8.95 -11.99
N LYS B 28 0.90 -10.08 -12.64
CA LYS B 28 2.19 -10.81 -12.58
C LYS B 28 3.34 -9.90 -13.07
N ARG B 29 3.06 -9.06 -14.01
CA ARG B 29 4.12 -8.15 -14.54
C ARG B 29 4.68 -7.27 -13.42
N ILE B 30 3.84 -6.84 -12.52
CA ILE B 30 4.31 -5.99 -11.40
C ILE B 30 5.41 -6.72 -10.62
N VAL B 31 5.20 -7.97 -10.29
CA VAL B 31 6.25 -8.71 -9.54
C VAL B 31 7.57 -8.68 -10.32
N GLU B 32 7.50 -8.93 -11.61
CA GLU B 32 8.75 -8.90 -12.44
C GLU B 32 9.02 -7.48 -12.91
N GLY B 33 8.13 -6.57 -12.64
CA GLY B 33 8.34 -5.16 -13.08
C GLY B 33 9.07 -4.39 -11.98
N ILE B 34 8.73 -4.65 -10.75
CA ILE B 34 9.41 -3.95 -9.62
C ILE B 34 10.18 -4.95 -8.77
N LEU B 35 9.55 -6.04 -8.44
CA LEU B 35 10.23 -7.08 -7.62
C LEU B 35 11.08 -7.98 -8.52
N LYS B 36 10.91 -7.87 -9.80
CA LYS B 36 11.72 -8.70 -10.73
C LYS B 36 11.56 -10.19 -10.42
N ARG B 37 10.34 -10.65 -10.23
CA ARG B 37 10.16 -12.11 -9.92
C ARG B 37 9.89 -12.89 -11.21
N PRO B 38 10.64 -13.95 -11.38
CA PRO B 38 10.48 -14.80 -12.57
C PRO B 38 9.25 -15.71 -12.45
N PRO B 39 8.62 -15.94 -13.57
CA PRO B 39 7.42 -16.80 -13.59
C PRO B 39 7.82 -18.28 -13.49
N ASP B 40 6.85 -19.16 -13.31
CA ASP B 40 7.18 -20.60 -13.20
C ASP B 40 7.89 -20.89 -11.87
N GLU B 41 8.05 -19.89 -11.05
CA GLU B 41 8.73 -20.10 -9.73
C GLU B 41 8.15 -19.14 -8.69
N GLN B 42 6.91 -18.77 -8.84
CA GLN B 42 6.30 -17.82 -7.87
C GLN B 42 4.84 -18.24 -7.59
N ARG B 43 4.30 -17.80 -6.49
CA ARG B 43 2.89 -18.15 -6.16
C ARG B 43 2.20 -16.97 -5.50
N LEU B 44 0.91 -16.85 -5.66
CA LEU B 44 0.18 -15.71 -5.04
C LEU B 44 -0.84 -16.22 -4.03
N TYR B 45 -1.16 -15.43 -3.03
CA TYR B 45 -2.15 -15.88 -2.02
C TYR B 45 -3.28 -14.86 -1.92
N LYS B 46 -4.49 -15.31 -1.94
CA LYS B 46 -5.65 -14.38 -1.85
C LYS B 46 -6.20 -14.34 -0.42
N ASP B 47 -6.02 -13.24 0.26
CA ASP B 47 -6.52 -13.14 1.66
C ASP B 47 -5.88 -14.20 2.55
N ASP B 48 -6.30 -15.42 2.41
CA ASP B 48 -5.71 -16.51 3.24
C ASP B 48 -5.58 -17.80 2.42
N GLN B 49 -5.61 -17.67 1.12
CA GLN B 49 -5.49 -18.88 0.25
C GLN B 49 -4.54 -18.60 -0.92
N LEU B 50 -4.50 -19.47 -1.88
CA LEU B 50 -3.60 -19.25 -3.05
C LEU B 50 -4.38 -18.59 -4.19
N LEU B 51 -3.82 -17.56 -4.79
CA LEU B 51 -4.53 -16.88 -5.91
C LEU B 51 -4.41 -17.71 -7.19
N ASP B 52 -5.45 -17.76 -7.98
CA ASP B 52 -5.38 -18.55 -9.25
C ASP B 52 -5.23 -17.61 -10.45
N ASP B 53 -4.14 -17.74 -11.17
CA ASP B 53 -3.93 -16.85 -12.36
C ASP B 53 -4.83 -17.29 -13.51
N GLY B 54 -5.62 -18.31 -13.31
CA GLY B 54 -6.53 -18.78 -14.39
C GLY B 54 -7.88 -18.07 -14.27
N LYS B 55 -7.98 -17.13 -13.38
CA LYS B 55 -9.24 -16.40 -13.20
C LYS B 55 -8.93 -14.93 -13.02
N THR B 56 -9.77 -14.11 -13.51
CA THR B 56 -9.57 -12.64 -13.39
C THR B 56 -10.08 -12.16 -12.03
N LEU B 57 -9.87 -10.92 -11.71
CA LEU B 57 -10.34 -10.40 -10.39
C LEU B 57 -11.83 -10.71 -10.21
N GLY B 58 -12.60 -10.56 -11.24
CA GLY B 58 -14.06 -10.85 -11.13
C GLY B 58 -14.26 -12.38 -11.05
N GLU B 59 -13.51 -13.11 -11.83
CA GLU B 59 -13.63 -14.60 -11.81
C GLU B 59 -12.75 -15.17 -10.70
N CYS B 60 -12.16 -14.32 -9.93
CA CYS B 60 -11.28 -14.80 -8.82
C CYS B 60 -11.89 -14.39 -7.48
N GLY B 61 -12.52 -13.26 -7.41
CA GLY B 61 -13.14 -12.82 -6.13
C GLY B 61 -12.70 -11.40 -5.78
N PHE B 62 -12.23 -10.66 -6.74
CA PHE B 62 -11.78 -9.26 -6.45
C PHE B 62 -12.78 -8.27 -7.04
N THR B 63 -13.22 -8.50 -8.25
CA THR B 63 -14.20 -7.57 -8.88
C THR B 63 -13.81 -6.12 -8.60
N SER B 64 -14.75 -5.30 -8.21
CA SER B 64 -14.44 -3.88 -7.91
C SER B 64 -14.97 -3.50 -6.54
N GLN B 65 -15.08 -4.46 -5.67
CA GLN B 65 -15.59 -4.19 -4.30
C GLN B 65 -14.54 -4.60 -3.27
N THR B 66 -13.70 -5.54 -3.62
CA THR B 66 -12.64 -5.99 -2.66
C THR B 66 -11.27 -5.51 -3.14
N ALA B 67 -11.25 -4.46 -3.91
CA ALA B 67 -9.96 -3.93 -4.43
C ALA B 67 -10.18 -2.52 -4.99
N ARG B 68 -9.90 -1.52 -4.22
CA ARG B 68 -10.10 -0.12 -4.71
C ARG B 68 -9.25 0.86 -3.89
N PRO B 69 -9.52 2.14 -4.06
CA PRO B 69 -8.76 3.16 -3.30
C PRO B 69 -9.18 3.14 -1.83
N GLN B 70 -10.39 2.72 -1.56
CA GLN B 70 -10.85 2.65 -0.14
C GLN B 70 -10.36 1.33 0.47
N ALA B 71 -10.91 0.23 0.05
CA ALA B 71 -10.46 -1.08 0.59
C ALA B 71 -9.87 -1.90 -0.57
N PRO B 72 -8.58 -1.97 -0.59
CA PRO B 72 -7.87 -2.72 -1.65
C PRO B 72 -7.72 -4.20 -1.29
N ALA B 73 -7.27 -4.98 -2.22
CA ALA B 73 -7.08 -6.44 -1.96
C ALA B 73 -5.59 -6.76 -1.87
N THR B 74 -5.20 -7.60 -0.97
CA THR B 74 -3.76 -7.93 -0.82
C THR B 74 -3.46 -9.35 -1.31
N VAL B 75 -2.38 -9.53 -2.00
CA VAL B 75 -2.00 -10.88 -2.48
C VAL B 75 -0.63 -11.24 -1.92
N GLY B 76 -0.43 -12.47 -1.55
CA GLY B 76 0.88 -12.87 -0.98
C GLY B 76 1.76 -13.36 -2.11
N LEU B 77 3.03 -13.30 -1.90
CA LEU B 77 3.99 -13.74 -2.94
C LEU B 77 4.80 -14.94 -2.44
N ALA B 78 4.68 -16.03 -3.11
CA ALA B 78 5.43 -17.25 -2.71
C ALA B 78 6.36 -17.68 -3.86
N PHE B 79 7.42 -18.37 -3.56
CA PHE B 79 8.36 -18.80 -4.64
C PHE B 79 8.92 -20.19 -4.33
N ARG B 80 9.32 -20.92 -5.33
CA ARG B 80 9.87 -22.28 -5.10
C ARG B 80 11.35 -22.32 -5.50
N ALA B 81 12.21 -22.78 -4.63
CA ALA B 81 13.66 -22.83 -4.96
C ALA B 81 14.15 -24.28 -4.96
N ASP B 82 14.41 -24.82 -6.13
CA ASP B 82 14.89 -26.24 -6.20
C ASP B 82 14.08 -27.13 -5.25
N ASP B 83 12.78 -27.17 -5.43
CA ASP B 83 11.93 -28.02 -4.55
C ASP B 83 11.89 -27.45 -3.13
N THR B 84 12.16 -26.17 -2.98
CA THR B 84 12.14 -25.56 -1.62
C THR B 84 10.97 -24.58 -1.51
N PHE B 85 10.58 -24.25 -0.30
CA PHE B 85 9.43 -23.31 -0.12
C PHE B 85 9.88 -22.08 0.67
N GLU B 86 9.48 -20.92 0.26
CA GLU B 86 9.88 -19.68 0.98
C GLU B 86 8.72 -18.68 1.00
N ALA B 87 8.98 -17.47 1.43
CA ALA B 87 7.88 -16.46 1.47
C ALA B 87 6.60 -17.09 2.01
N LEU B 88 5.47 -16.68 1.50
CA LEU B 88 4.16 -17.24 1.98
C LEU B 88 3.73 -16.51 3.25
N CYS B 89 4.66 -16.00 4.00
CA CYS B 89 4.31 -15.24 5.22
C CYS B 89 4.87 -13.85 5.06
N ILE B 90 4.04 -12.88 4.87
CA ILE B 90 4.58 -11.52 4.67
C ILE B 90 4.69 -10.79 6.00
N GLU B 91 5.89 -10.60 6.44
CA GLU B 91 6.09 -9.87 7.73
C GLU B 91 5.86 -8.38 7.49
N PRO B 92 4.73 -7.92 7.93
CA PRO B 92 4.34 -6.51 7.73
C PRO B 92 4.80 -5.62 8.89
N PHE B 93 4.34 -4.41 8.91
CA PHE B 93 4.73 -3.46 10.00
C PHE B 93 4.39 -4.07 11.36
N SER B 94 4.26 -3.24 12.38
CA SER B 94 3.93 -3.77 13.73
C SER B 94 2.44 -3.63 14.01
N SER B 95 1.61 -4.24 13.22
CA SER B 95 0.14 -4.14 13.43
C SER B 95 -0.60 -5.17 12.56
N PRO B 96 -1.90 -5.14 12.64
CA PRO B 96 -2.73 -6.08 11.85
C PRO B 96 -2.70 -5.70 10.37
N PRO B 97 -3.31 -6.53 9.57
CA PRO B 97 -3.36 -6.29 8.10
C PRO B 97 -4.30 -5.13 7.79
N GLU B 98 -4.94 -4.58 8.78
CA GLU B 98 -5.86 -3.44 8.53
C GLU B 98 -5.51 -2.26 9.44
N LEU B 99 -5.97 -1.08 9.12
CA LEU B 99 -5.65 0.11 9.96
C LEU B 99 -5.76 -0.26 11.44
N PRO B 100 -4.95 0.38 12.24
CA PRO B 100 -4.95 0.13 13.70
C PRO B 100 -6.21 0.72 14.35
N ASP B 101 -7.25 -0.05 14.47
CA ASP B 101 -8.50 0.48 15.09
C ASP B 101 -8.85 -0.31 16.36
N VAL B 102 -7.85 -0.71 17.11
CA VAL B 102 -8.13 -1.49 18.35
C VAL B 102 -8.89 -2.77 18.02
N MET B 103 -9.09 -3.62 18.99
CA MET B 103 -9.83 -4.89 18.72
C MET B 103 -11.27 -4.58 18.32
N LYS B 104 -12.00 -5.58 17.88
CA LYS B 104 -13.42 -5.35 17.48
C LYS B 104 -14.30 -5.19 18.72
N PRO B 105 -14.30 -6.20 19.55
CA PRO B 105 -15.11 -6.18 20.79
C PRO B 105 -14.49 -5.23 21.82
N GLN B 106 -14.95 -5.29 23.03
CA GLN B 106 -14.38 -4.39 24.09
C GLN B 106 -13.67 -5.21 25.17
N ASP B 107 -13.79 -6.52 25.10
CA ASP B 107 -13.12 -7.37 26.13
C ASP B 107 -12.21 -8.39 25.45
N SER B 108 -11.85 -9.44 26.16
CA SER B 108 -10.96 -10.47 25.55
C SER B 108 -11.08 -11.78 26.31
N GLY B 109 -10.94 -11.74 27.61
CA GLY B 109 -11.05 -13.00 28.41
C GLY B 109 -9.93 -13.95 28.02
N SER B 110 -10.04 -15.20 28.40
CA SER B 110 -8.97 -16.18 28.05
C SER B 110 -7.59 -15.62 28.41
N SER B 111 -6.55 -16.31 28.06
CA SER B 111 -5.19 -15.81 28.39
C SER B 111 -4.23 -16.02 27.20
N ALA B 112 -4.37 -17.13 26.51
CA ALA B 112 -3.48 -17.40 25.35
C ALA B 112 -3.72 -16.35 24.26
N ASN B 113 -3.16 -16.55 23.09
CA ASN B 113 -3.36 -15.57 21.98
C ASN B 113 -3.71 -16.30 20.69
N GLU B 114 -4.62 -15.77 19.92
CA GLU B 114 -5.00 -16.44 18.64
C GLU B 114 -4.32 -15.75 17.46
N GLN B 115 -3.91 -16.51 16.47
CA GLN B 115 -3.24 -15.89 15.30
C GLN B 115 -2.98 -16.96 14.23
N ALA B 116 -3.88 -17.89 14.08
CA ALA B 116 -3.69 -18.95 13.05
C ALA B 116 -4.88 -18.98 12.08
N VAL B 117 -6.05 -18.67 12.57
CA VAL B 117 -7.24 -18.68 11.68
C VAL B 117 -7.99 -17.34 11.78
N GLN B 118 -8.15 -16.66 10.68
CA GLN B 118 -8.86 -15.35 10.70
C GLN B 118 -10.36 -15.57 10.96
N MET C 1 6.57 4.75 -14.19
CA MET C 1 7.74 4.79 -13.25
C MET C 1 7.33 4.23 -11.89
N TYR C 2 8.27 3.77 -11.11
CA TYR C 2 7.93 3.22 -9.78
C TYR C 2 8.88 3.76 -8.71
N VAL C 3 8.40 3.93 -7.50
CA VAL C 3 9.29 4.46 -6.43
C VAL C 3 9.12 3.60 -5.16
N LYS C 4 10.20 3.32 -4.47
CA LYS C 4 10.09 2.48 -3.24
C LYS C 4 10.23 3.35 -1.99
N LEU C 5 9.39 3.11 -1.02
CA LEU C 5 9.48 3.90 0.25
C LEU C 5 9.89 2.98 1.40
N ILE C 6 10.89 3.36 2.15
CA ILE C 6 11.34 2.50 3.28
C ILE C 6 11.06 3.18 4.62
N SER C 7 10.67 2.43 5.60
CA SER C 7 10.39 3.03 6.94
C SER C 7 11.50 2.66 7.92
N SER C 8 11.80 3.53 8.84
CA SER C 8 12.88 3.21 9.82
C SER C 8 12.33 2.37 10.97
N ASP C 9 11.17 1.81 10.79
CA ASP C 9 10.58 0.98 11.88
C ASP C 9 9.46 0.09 11.33
N GLY C 10 9.45 -0.14 10.05
CA GLY C 10 8.37 -0.99 9.46
C GLY C 10 8.96 -1.88 8.36
N HIS C 11 9.23 -1.33 7.22
CA HIS C 11 9.80 -2.14 6.10
C HIS C 11 9.91 -1.28 4.84
N GLU C 12 9.35 -1.72 3.74
CA GLU C 12 9.42 -0.91 2.50
C GLU C 12 8.14 -1.04 1.68
N PHE C 13 7.87 -0.05 0.88
CA PHE C 13 6.64 -0.08 0.03
C PHE C 13 6.96 0.58 -1.32
N ILE C 14 6.51 0.02 -2.39
CA ILE C 14 6.80 0.64 -3.72
C ILE C 14 5.54 1.26 -4.31
N VAL C 15 5.60 2.52 -4.60
CA VAL C 15 4.41 3.21 -5.19
C VAL C 15 4.78 3.83 -6.54
N LYS C 16 3.82 4.03 -7.39
CA LYS C 16 4.13 4.63 -8.73
C LYS C 16 4.47 6.11 -8.58
N ARG C 17 5.35 6.61 -9.42
CA ARG C 17 5.72 8.06 -9.35
C ARG C 17 4.50 8.89 -8.95
N GLU C 18 3.45 8.83 -9.72
CA GLU C 18 2.24 9.61 -9.37
C GLU C 18 1.84 9.33 -7.92
N HIS C 19 1.77 8.08 -7.57
CA HIS C 19 1.41 7.73 -6.16
C HIS C 19 2.32 8.49 -5.21
N ALA C 20 3.57 8.59 -5.53
CA ALA C 20 4.52 9.33 -4.65
C ALA C 20 4.51 10.82 -5.00
N LEU C 21 4.01 11.16 -6.15
CA LEU C 21 3.96 12.60 -6.53
C LEU C 21 3.03 13.35 -5.57
N THR C 22 2.30 12.63 -4.76
CA THR C 22 1.38 13.29 -3.79
C THR C 22 2.17 13.84 -2.60
N SER C 23 3.46 13.77 -2.67
CA SER C 23 4.30 14.30 -1.56
C SER C 23 5.28 15.33 -2.13
N GLY C 24 5.08 16.57 -1.82
CA GLY C 24 5.99 17.63 -2.35
C GLY C 24 7.44 17.30 -2.01
N THR C 25 7.70 16.15 -1.44
CA THR C 25 9.10 15.79 -1.09
C THR C 25 9.58 14.65 -1.98
N ILE C 26 8.75 13.65 -2.18
CA ILE C 26 9.17 12.51 -3.04
C ILE C 26 9.39 13.00 -4.47
N LYS C 27 8.46 13.75 -5.00
CA LYS C 27 8.64 14.28 -6.39
C LYS C 27 9.86 15.19 -6.46
N ALA C 28 10.14 15.92 -5.41
CA ALA C 28 11.32 16.84 -5.43
C ALA C 28 12.60 16.02 -5.28
N MET C 29 12.56 14.92 -4.58
CA MET C 29 13.78 14.10 -4.40
C MET C 29 13.92 13.09 -5.55
N LEU C 30 12.81 12.66 -6.11
CA LEU C 30 12.88 11.69 -7.23
C LEU C 30 12.59 12.39 -8.56
N SER C 31 13.25 13.49 -8.82
CA SER C 31 13.01 14.20 -10.10
C SER C 31 13.42 13.32 -11.29
N GLY C 32 14.62 12.80 -11.26
CA GLY C 32 15.09 11.94 -12.38
C GLY C 32 14.75 12.60 -13.71
N PRO C 33 15.60 13.50 -14.11
CA PRO C 33 15.39 14.22 -15.40
C PRO C 33 15.71 13.30 -16.58
N GLY C 34 16.92 12.81 -16.64
CA GLY C 34 17.30 11.91 -17.78
C GLY C 34 18.26 10.84 -17.27
N GLN C 35 18.08 9.62 -17.69
CA GLN C 35 18.99 8.52 -17.23
C GLN C 35 19.18 7.49 -18.35
N PHE C 36 20.03 6.52 -18.13
CA PHE C 36 20.26 5.49 -19.18
C PHE C 36 19.62 4.16 -18.75
N ALA C 37 18.95 3.50 -19.65
CA ALA C 37 18.29 2.20 -19.31
C ALA C 37 19.25 1.36 -18.45
N GLU C 38 19.00 1.29 -17.17
CA GLU C 38 19.90 0.47 -16.29
C GLU C 38 19.35 0.45 -14.86
N ASN C 39 19.63 1.46 -14.09
CA ASN C 39 19.12 1.50 -12.68
C ASN C 39 18.14 2.65 -12.51
N GLU C 40 16.88 2.35 -12.34
CA GLU C 40 15.87 3.44 -12.16
C GLU C 40 16.10 4.16 -10.83
N THR C 41 16.58 5.37 -10.88
CA THR C 41 16.83 6.13 -9.62
C THR C 41 15.51 6.69 -9.07
N ASN C 42 14.73 5.86 -8.43
CA ASN C 42 13.43 6.35 -7.88
C ASN C 42 13.12 5.64 -6.56
N GLU C 43 13.69 6.08 -5.48
CA GLU C 43 13.43 5.43 -4.17
C GLU C 43 13.24 6.47 -3.08
N VAL C 44 12.47 6.14 -2.07
CA VAL C 44 12.23 7.11 -0.95
C VAL C 44 12.77 6.52 0.36
N ASN C 45 13.11 7.36 1.29
CA ASN C 45 13.64 6.85 2.59
C ASN C 45 13.02 7.63 3.75
N PHE C 46 12.25 6.96 4.55
CA PHE C 46 11.60 7.64 5.71
C PHE C 46 12.44 7.43 6.99
N ARG C 47 13.25 8.39 7.33
CA ARG C 47 14.09 8.25 8.56
C ARG C 47 13.31 8.71 9.79
N GLU C 48 12.29 9.49 9.60
CA GLU C 48 11.48 9.98 10.75
C GLU C 48 10.01 9.63 10.56
N ILE C 49 9.71 8.40 10.24
CA ILE C 49 8.29 8.01 10.03
C ILE C 49 8.11 6.50 10.30
N PRO C 50 7.30 6.20 11.27
CA PRO C 50 7.03 4.79 11.64
C PRO C 50 6.19 4.10 10.56
N SER C 51 5.87 2.85 10.76
CA SER C 51 5.06 2.11 9.74
C SER C 51 3.67 2.73 9.62
N HIS C 52 2.96 2.86 10.70
CA HIS C 52 1.59 3.45 10.63
C HIS C 52 1.56 4.60 9.61
N VAL C 53 2.66 5.27 9.42
CA VAL C 53 2.68 6.41 8.45
C VAL C 53 2.91 5.92 7.01
N LEU C 54 3.85 5.03 6.80
CA LEU C 54 4.09 4.56 5.40
C LEU C 54 2.80 4.00 4.80
N SER C 55 1.83 3.72 5.62
CA SER C 55 0.54 3.18 5.10
C SER C 55 -0.52 4.28 5.14
N LYS C 56 -0.37 5.22 6.03
CA LYS C 56 -1.36 6.32 6.13
C LYS C 56 -1.21 7.29 4.95
N VAL C 57 -0.12 8.00 4.89
CA VAL C 57 0.09 8.95 3.76
C VAL C 57 0.10 8.20 2.43
N CYS C 58 0.63 7.00 2.41
CA CYS C 58 0.67 6.23 1.14
C CYS C 58 -0.75 6.09 0.60
N MET C 59 -1.70 5.79 1.47
CA MET C 59 -3.10 5.66 0.99
C MET C 59 -3.55 7.01 0.43
N TYR C 60 -3.12 8.09 1.03
CA TYR C 60 -3.51 9.42 0.51
C TYR C 60 -2.74 9.70 -0.78
N PHE C 61 -1.62 9.04 -0.95
CA PHE C 61 -0.83 9.24 -2.20
C PHE C 61 -1.64 8.72 -3.38
N THR C 62 -2.40 7.68 -3.16
CA THR C 62 -3.24 7.13 -4.25
C THR C 62 -4.62 7.79 -4.21
N TYR C 63 -5.13 8.05 -3.03
CA TYR C 63 -6.46 8.71 -2.92
C TYR C 63 -6.42 10.04 -3.68
N LYS C 64 -5.24 10.58 -3.86
CA LYS C 64 -5.13 11.88 -4.58
C LYS C 64 -5.50 11.69 -6.05
N VAL C 65 -5.17 10.57 -6.63
CA VAL C 65 -5.52 10.33 -8.06
C VAL C 65 -7.03 10.49 -8.25
N ARG C 66 -7.80 10.10 -7.27
CA ARG C 66 -9.27 10.26 -7.40
C ARG C 66 -9.63 11.73 -7.55
N TYR C 67 -8.71 12.61 -7.20
CA TYR C 67 -8.98 14.07 -7.33
C TYR C 67 -9.39 14.40 -8.76
N THR C 68 -8.65 13.91 -9.72
CA THR C 68 -9.00 14.19 -11.15
C THR C 68 -10.40 13.64 -11.45
N ASN C 69 -10.97 12.92 -10.53
CA ASN C 69 -12.33 12.35 -10.77
C ASN C 69 -13.36 13.01 -9.85
N SER C 70 -12.95 13.48 -8.70
CA SER C 70 -13.90 14.13 -7.77
C SER C 70 -14.89 13.09 -7.23
N SER C 71 -15.61 12.43 -8.11
CA SER C 71 -16.59 11.41 -7.66
C SER C 71 -17.66 12.05 -6.76
N THR C 72 -17.48 12.00 -5.46
CA THR C 72 -18.49 12.60 -4.55
C THR C 72 -17.83 13.62 -3.62
N GLU C 73 -17.91 14.88 -3.95
CA GLU C 73 -17.28 15.92 -3.08
C GLU C 73 -15.90 15.45 -2.61
N ILE C 74 -15.23 14.66 -3.40
CA ILE C 74 -13.88 14.16 -3.01
C ILE C 74 -14.00 13.22 -1.80
N PRO C 75 -13.03 12.36 -1.68
CA PRO C 75 -13.02 11.38 -0.56
C PRO C 75 -12.63 12.07 0.75
N GLU C 76 -12.65 11.34 1.84
CA GLU C 76 -12.28 11.96 3.15
C GLU C 76 -11.44 10.97 3.98
N PHE C 77 -10.22 11.32 4.27
CA PHE C 77 -9.36 10.41 5.08
C PHE C 77 -9.76 10.44 6.56
N PRO C 78 -9.89 9.28 7.13
CA PRO C 78 -10.28 9.18 8.56
C PRO C 78 -9.08 9.48 9.47
N ILE C 79 -9.31 10.19 10.54
CA ILE C 79 -8.19 10.52 11.48
C ILE C 79 -8.65 10.32 12.92
N ALA C 80 -7.84 9.71 13.74
CA ALA C 80 -8.24 9.49 15.16
C ALA C 80 -7.01 9.41 16.06
N PRO C 81 -7.27 9.26 17.34
CA PRO C 81 -6.18 9.17 18.33
C PRO C 81 -5.50 7.80 18.22
N GLU C 82 -4.70 7.61 17.20
CA GLU C 82 -4.00 6.31 17.01
C GLU C 82 -3.18 6.43 15.75
N ILE C 83 -3.73 7.09 14.77
CA ILE C 83 -2.99 7.30 13.51
C ILE C 83 -3.18 8.77 13.08
N ALA C 84 -2.13 9.37 12.62
CA ALA C 84 -2.16 10.81 12.17
C ALA C 84 -1.21 11.63 13.04
N LEU C 85 -1.02 11.22 14.28
CA LEU C 85 -0.09 11.98 15.18
C LEU C 85 1.30 12.08 14.55
N GLU C 86 1.83 10.98 14.09
CA GLU C 86 3.18 11.01 13.45
C GLU C 86 3.10 11.72 12.10
N LEU C 87 2.00 11.55 11.41
CA LEU C 87 1.85 12.21 10.09
C LEU C 87 1.92 13.74 10.24
N LEU C 88 1.62 14.23 11.41
CA LEU C 88 1.67 15.71 11.63
C LEU C 88 2.98 16.27 11.10
N MET C 89 4.08 15.96 11.72
CA MET C 89 5.39 16.48 11.25
C MET C 89 5.88 15.68 10.04
N ALA C 90 5.43 14.45 9.91
CA ALA C 90 5.87 13.62 8.76
C ALA C 90 5.16 14.07 7.48
N ALA C 91 3.90 14.41 7.56
CA ALA C 91 3.17 14.85 6.35
C ALA C 91 3.71 16.20 5.88
N ASN C 92 3.87 17.13 6.76
CA ASN C 92 4.40 18.46 6.36
C ASN C 92 5.78 18.31 5.74
N PHE C 93 6.56 17.38 6.22
CA PHE C 93 7.92 17.18 5.67
C PHE C 93 7.84 16.39 4.35
N LEU C 94 6.81 15.60 4.18
CA LEU C 94 6.68 14.81 2.93
C LEU C 94 6.11 15.68 1.81
N ASP C 95 5.93 16.96 2.06
CA ASP C 95 5.38 17.85 1.01
C ASP C 95 5.66 19.31 1.36
N CYS C 96 5.72 20.17 0.37
CA CYS C 96 6.00 21.61 0.65
C CYS C 96 4.71 22.43 0.52
N VAL A 1 -8.51 17.63 -3.66
CA VAL A 1 -7.91 16.66 -2.69
C VAL A 1 -6.57 17.14 -2.19
N ALA A 2 -6.38 16.91 -0.95
CA ALA A 2 -5.13 17.32 -0.27
C ALA A 2 -4.34 16.10 0.23
N THR A 3 -3.07 16.27 0.47
CA THR A 3 -2.28 15.12 1.00
C THR A 3 -2.64 14.89 2.47
N LEU A 4 -1.84 14.17 3.19
CA LEU A 4 -2.15 13.92 4.62
C LEU A 4 -1.70 15.11 5.48
N GLN A 5 -0.92 15.99 4.92
CA GLN A 5 -0.43 17.16 5.70
C GLN A 5 -1.61 18.00 6.22
N HIS A 6 -2.64 18.14 5.44
CA HIS A 6 -3.80 18.95 5.88
C HIS A 6 -4.65 18.18 6.89
N LEU A 7 -4.94 16.93 6.63
CA LEU A 7 -5.77 16.13 7.58
C LEU A 7 -5.01 15.89 8.89
N CYS A 8 -3.71 15.73 8.82
CA CYS A 8 -2.93 15.48 10.06
C CYS A 8 -3.12 16.63 11.06
N ARG A 9 -3.23 17.83 10.56
CA ARG A 9 -3.42 19.00 11.48
C ARG A 9 -4.85 19.01 12.03
N LYS A 10 -5.82 18.76 11.21
CA LYS A 10 -7.24 18.77 11.68
C LYS A 10 -7.41 17.77 12.84
N THR A 11 -6.79 16.62 12.75
CA THR A 11 -6.93 15.62 13.84
C THR A 11 -6.17 16.09 15.09
N VAL A 12 -4.93 16.44 14.95
CA VAL A 12 -4.15 16.90 16.13
C VAL A 12 -4.70 18.25 16.63
N ASN A 13 -4.96 19.16 15.74
CA ASN A 13 -5.49 20.48 16.17
C ASN A 13 -6.96 20.36 16.58
N GLY A 14 -7.73 19.62 15.83
CA GLY A 14 -9.17 19.47 16.19
C GLY A 14 -9.29 18.83 17.57
N HIS A 15 -8.76 17.64 17.73
CA HIS A 15 -8.85 16.95 19.06
C HIS A 15 -7.45 16.76 19.65
N MET B 1 -15.36 0.14 -14.84
CA MET B 1 -15.11 -0.56 -13.55
C MET B 1 -13.62 -0.79 -13.34
N ASP B 2 -13.10 -0.43 -12.19
CA ASP B 2 -11.65 -0.62 -11.93
C ASP B 2 -11.43 -1.12 -10.50
N VAL B 3 -10.45 -1.95 -10.29
CA VAL B 3 -10.19 -2.46 -8.91
C VAL B 3 -8.71 -2.25 -8.54
N PHE B 4 -8.40 -2.29 -7.27
CA PHE B 4 -6.99 -2.10 -6.85
C PHE B 4 -6.42 -3.39 -6.26
N LEU B 5 -5.13 -3.56 -6.32
CA LEU B 5 -4.53 -4.81 -5.75
C LEU B 5 -3.17 -4.51 -5.12
N MET B 6 -2.71 -5.36 -4.24
CA MET B 6 -1.40 -5.12 -3.59
C MET B 6 -0.70 -6.46 -3.34
N ILE B 7 0.60 -6.51 -3.46
CA ILE B 7 1.31 -7.78 -3.22
C ILE B 7 1.95 -7.72 -1.83
N ARG B 8 2.00 -8.81 -1.12
CA ARG B 8 2.60 -8.76 0.22
C ARG B 8 3.89 -9.58 0.30
N ARG B 9 4.87 -9.00 0.92
CA ARG B 9 6.19 -9.66 1.09
C ARG B 9 6.82 -9.13 2.37
N HIS B 10 7.62 -9.89 3.05
CA HIS B 10 8.21 -9.37 4.31
C HIS B 10 8.89 -8.06 4.04
N LYS B 11 8.82 -7.19 4.97
CA LYS B 11 9.46 -5.86 4.81
C LYS B 11 9.23 -5.35 3.38
N THR B 12 8.94 -6.22 2.46
CA THR B 12 8.73 -5.76 1.05
C THR B 12 7.24 -5.80 0.65
N THR B 13 6.69 -4.68 0.31
CA THR B 13 5.26 -4.59 -0.13
C THR B 13 5.18 -3.80 -1.43
N ILE B 14 4.51 -4.30 -2.43
CA ILE B 14 4.43 -3.54 -3.72
C ILE B 14 3.01 -3.01 -3.96
N PHE B 15 2.90 -1.77 -4.32
CA PHE B 15 1.55 -1.23 -4.62
C PHE B 15 1.24 -1.57 -6.08
N THR B 16 0.28 -2.41 -6.31
CA THR B 16 -0.02 -2.81 -7.72
C THR B 16 -1.42 -2.34 -8.13
N ASP B 17 -1.59 -1.95 -9.35
CA ASP B 17 -2.94 -1.50 -9.81
C ASP B 17 -3.38 -2.34 -11.00
N ALA B 18 -4.65 -2.65 -11.09
CA ALA B 18 -5.14 -3.47 -12.23
C ALA B 18 -6.65 -3.32 -12.38
N LYS B 19 -7.21 -3.85 -13.43
CA LYS B 19 -8.69 -3.75 -13.62
C LYS B 19 -9.35 -5.08 -13.23
N GLU B 20 -10.53 -5.03 -12.69
CA GLU B 20 -11.23 -6.28 -12.30
C GLU B 20 -11.31 -7.23 -13.50
N SER B 21 -11.38 -6.68 -14.68
CA SER B 21 -11.47 -7.54 -15.90
C SER B 21 -10.11 -7.57 -16.60
N SER B 22 -9.07 -7.13 -15.95
CA SER B 22 -7.73 -7.14 -16.59
C SER B 22 -7.30 -8.59 -16.85
N THR B 23 -6.50 -9.14 -15.99
CA THR B 23 -6.05 -10.55 -16.17
C THR B 23 -4.91 -10.87 -15.21
N VAL B 24 -5.06 -11.88 -14.40
CA VAL B 24 -3.97 -12.24 -13.46
C VAL B 24 -2.62 -12.13 -14.17
N PHE B 25 -2.61 -12.31 -15.46
CA PHE B 25 -1.33 -12.20 -16.21
C PHE B 25 -0.79 -10.78 -16.11
N GLU B 26 -1.63 -9.80 -16.32
CA GLU B 26 -1.15 -8.38 -16.22
C GLU B 26 -0.55 -8.16 -14.84
N LEU B 27 -1.23 -8.59 -13.81
CA LEU B 27 -0.68 -8.41 -12.44
C LEU B 27 0.68 -9.11 -12.35
N LYS B 28 0.83 -10.19 -13.07
CA LYS B 28 2.12 -10.94 -13.05
C LYS B 28 3.28 -10.02 -13.44
N ARG B 29 3.05 -9.10 -14.35
CA ARG B 29 4.14 -8.18 -14.79
C ARG B 29 4.67 -7.38 -13.59
N ILE B 30 3.82 -6.98 -12.69
CA ILE B 30 4.30 -6.20 -11.52
C ILE B 30 5.33 -7.00 -10.73
N VAL B 31 5.06 -8.24 -10.46
CA VAL B 31 6.04 -9.07 -9.71
C VAL B 31 7.38 -9.07 -10.45
N GLU B 32 7.37 -9.29 -11.73
CA GLU B 32 8.63 -9.30 -12.52
C GLU B 32 9.01 -7.87 -12.91
N GLY B 33 8.14 -6.92 -12.65
CA GLY B 33 8.43 -5.51 -13.01
C GLY B 33 9.20 -4.86 -11.86
N ILE B 34 8.84 -5.17 -10.65
CA ILE B 34 9.55 -4.58 -9.47
C ILE B 34 10.26 -5.68 -8.69
N LEU B 35 9.56 -6.73 -8.40
CA LEU B 35 10.17 -7.87 -7.65
C LEU B 35 10.92 -8.78 -8.63
N LYS B 36 10.79 -8.53 -9.90
CA LYS B 36 11.49 -9.37 -10.91
C LYS B 36 11.24 -10.86 -10.64
N ARG B 37 10.01 -11.25 -10.39
CA ARG B 37 9.74 -12.68 -10.12
C ARG B 37 8.88 -13.28 -11.25
N PRO B 38 9.33 -14.38 -11.76
CA PRO B 38 8.60 -15.08 -12.86
C PRO B 38 7.46 -15.92 -12.28
N PRO B 39 6.43 -16.05 -13.07
CA PRO B 39 5.24 -16.84 -12.66
C PRO B 39 5.55 -18.34 -12.75
N ASP B 40 6.73 -18.70 -13.17
CA ASP B 40 7.08 -20.14 -13.29
C ASP B 40 7.24 -20.77 -11.90
N GLU B 41 8.38 -20.61 -11.30
CA GLU B 41 8.60 -21.19 -9.94
C GLU B 41 8.11 -20.20 -8.87
N GLN B 42 7.13 -19.42 -9.18
CA GLN B 42 6.59 -18.44 -8.18
C GLN B 42 5.09 -18.62 -8.01
N ARG B 43 4.55 -18.16 -6.92
CA ARG B 43 3.09 -18.30 -6.68
C ARG B 43 2.56 -17.14 -5.86
N LEU B 44 1.31 -16.78 -6.03
CA LEU B 44 0.73 -15.65 -5.25
C LEU B 44 -0.41 -16.16 -4.36
N TYR B 45 -0.68 -15.51 -3.27
CA TYR B 45 -1.78 -15.97 -2.38
C TYR B 45 -2.80 -14.85 -2.20
N LYS B 46 -4.05 -15.17 -2.36
CA LYS B 46 -5.11 -14.12 -2.19
C LYS B 46 -5.91 -14.38 -0.91
N ASP B 47 -6.06 -13.38 -0.09
CA ASP B 47 -6.83 -13.56 1.18
C ASP B 47 -6.46 -14.89 1.83
N ASP B 48 -5.31 -14.97 2.43
CA ASP B 48 -4.90 -16.25 3.09
C ASP B 48 -5.26 -17.44 2.20
N GLN B 49 -4.88 -17.40 0.96
CA GLN B 49 -5.21 -18.54 0.04
C GLN B 49 -4.25 -18.54 -1.15
N LEU B 50 -4.53 -19.36 -2.14
CA LEU B 50 -3.64 -19.41 -3.33
C LEU B 50 -4.30 -18.71 -4.52
N LEU B 51 -3.60 -17.82 -5.17
CA LEU B 51 -4.20 -17.10 -6.33
C LEU B 51 -4.04 -17.95 -7.60
N ASP B 52 -5.04 -17.95 -8.45
CA ASP B 52 -4.95 -18.75 -9.71
C ASP B 52 -5.08 -17.82 -10.93
N ASP B 53 -4.10 -17.84 -11.80
CA ASP B 53 -4.17 -16.97 -13.00
C ASP B 53 -5.21 -17.50 -13.99
N GLY B 54 -5.83 -18.60 -13.68
CA GLY B 54 -6.85 -19.17 -14.61
C GLY B 54 -8.18 -18.43 -14.43
N LYS B 55 -8.22 -17.47 -13.54
CA LYS B 55 -9.45 -16.70 -13.32
C LYS B 55 -9.07 -15.24 -13.16
N THR B 56 -9.92 -14.39 -13.63
CA THR B 56 -9.67 -12.93 -13.52
C THR B 56 -10.04 -12.43 -12.13
N LEU B 57 -9.76 -11.20 -11.84
CA LEU B 57 -10.10 -10.67 -10.49
C LEU B 57 -11.58 -10.90 -10.19
N GLY B 58 -12.44 -10.63 -11.12
CA GLY B 58 -13.90 -10.85 -10.89
C GLY B 58 -14.19 -12.34 -10.91
N GLU B 59 -13.58 -13.06 -11.80
CA GLU B 59 -13.82 -14.53 -11.86
C GLU B 59 -12.98 -15.25 -10.82
N CYS B 60 -12.27 -14.50 -10.03
CA CYS B 60 -11.42 -15.13 -8.98
C CYS B 60 -11.89 -14.69 -7.59
N GLY B 61 -12.40 -13.50 -7.48
CA GLY B 61 -12.89 -13.00 -6.16
C GLY B 61 -11.89 -11.98 -5.60
N PHE B 62 -11.11 -11.39 -6.44
CA PHE B 62 -10.12 -10.39 -5.96
C PHE B 62 -10.80 -9.01 -5.79
N THR B 63 -12.05 -8.93 -6.10
CA THR B 63 -12.77 -7.63 -5.97
C THR B 63 -13.67 -7.65 -4.75
N SER B 64 -14.95 -7.46 -4.95
CA SER B 64 -15.90 -7.46 -3.80
C SER B 64 -15.63 -6.25 -2.91
N GLN B 65 -15.21 -5.16 -3.49
CA GLN B 65 -14.94 -3.92 -2.69
C GLN B 65 -13.64 -4.11 -1.90
N THR B 66 -12.99 -5.23 -2.04
CA THR B 66 -11.72 -5.46 -1.28
C THR B 66 -10.54 -5.00 -2.14
N ALA B 67 -10.77 -4.11 -3.06
CA ALA B 67 -9.67 -3.61 -3.92
C ALA B 67 -10.05 -2.25 -4.51
N ARG B 68 -9.47 -1.19 -4.01
CA ARG B 68 -9.79 0.16 -4.52
C ARG B 68 -9.16 1.23 -3.61
N PRO B 69 -9.52 2.46 -3.83
CA PRO B 69 -8.97 3.57 -3.00
C PRO B 69 -9.52 3.47 -1.57
N GLN B 70 -10.63 2.79 -1.40
CA GLN B 70 -11.21 2.63 -0.04
C GLN B 70 -10.66 1.36 0.60
N ALA B 71 -10.81 0.25 -0.06
CA ALA B 71 -10.29 -1.04 0.50
C ALA B 71 -9.53 -1.81 -0.59
N PRO B 72 -8.24 -1.79 -0.48
CA PRO B 72 -7.38 -2.49 -1.46
C PRO B 72 -7.30 -3.99 -1.16
N ALA B 73 -6.81 -4.74 -2.10
CA ALA B 73 -6.69 -6.22 -1.89
C ALA B 73 -5.22 -6.60 -1.72
N THR B 74 -4.93 -7.57 -0.90
CA THR B 74 -3.52 -7.97 -0.69
C THR B 74 -3.26 -9.39 -1.20
N VAL B 75 -2.14 -9.59 -1.83
CA VAL B 75 -1.80 -10.94 -2.35
C VAL B 75 -0.37 -11.28 -1.89
N GLY B 76 -0.13 -12.49 -1.50
CA GLY B 76 1.23 -12.85 -1.03
C GLY B 76 2.03 -13.38 -2.20
N LEU B 77 3.32 -13.28 -2.08
CA LEU B 77 4.22 -13.77 -3.16
C LEU B 77 5.11 -14.88 -2.61
N ALA B 78 5.01 -16.03 -3.18
CA ALA B 78 5.85 -17.18 -2.73
C ALA B 78 6.33 -17.99 -3.94
N PHE B 79 7.60 -18.23 -4.05
CA PHE B 79 8.13 -19.00 -5.21
C PHE B 79 8.99 -20.17 -4.72
N ARG B 80 8.88 -21.30 -5.35
CA ARG B 80 9.69 -22.48 -4.92
C ARG B 80 11.07 -22.45 -5.59
N ALA B 81 12.11 -22.59 -4.83
CA ALA B 81 13.48 -22.57 -5.43
C ALA B 81 14.24 -23.84 -5.04
N ASP B 82 14.39 -24.76 -5.97
CA ASP B 82 15.13 -26.01 -5.65
C ASP B 82 14.45 -26.73 -4.49
N ASP B 83 13.21 -27.09 -4.63
CA ASP B 83 12.49 -27.79 -3.53
C ASP B 83 12.53 -26.95 -2.25
N THR B 84 12.17 -25.70 -2.34
CA THR B 84 12.18 -24.83 -1.14
C THR B 84 10.96 -23.90 -1.12
N PHE B 85 10.61 -23.37 0.01
CA PHE B 85 9.43 -22.46 0.09
C PHE B 85 9.80 -21.17 0.82
N GLU B 86 9.29 -20.06 0.38
CA GLU B 86 9.62 -18.77 1.06
C GLU B 86 8.55 -17.72 0.75
N ALA B 87 8.71 -16.53 1.27
CA ALA B 87 7.69 -15.47 1.01
C ALA B 87 6.28 -16.03 1.11
N LEU B 88 5.95 -16.63 2.22
CA LEU B 88 4.58 -17.19 2.41
C LEU B 88 3.93 -16.50 3.59
N CYS B 89 4.73 -15.91 4.43
CA CYS B 89 4.18 -15.18 5.59
C CYS B 89 4.65 -13.75 5.45
N ILE B 90 3.78 -12.86 5.15
CA ILE B 90 4.21 -11.46 4.97
C ILE B 90 4.13 -10.71 6.28
N GLU B 91 5.26 -10.40 6.83
CA GLU B 91 5.29 -9.65 8.12
C GLU B 91 4.93 -8.18 7.88
N PRO B 92 3.84 -7.77 8.45
CA PRO B 92 3.37 -6.37 8.28
C PRO B 92 4.30 -5.39 9.01
N PHE B 93 5.19 -4.77 8.29
CA PHE B 93 6.12 -3.79 8.93
C PHE B 93 6.55 -4.30 10.32
N SER B 94 6.59 -3.43 11.29
CA SER B 94 7.00 -3.87 12.65
C SER B 94 5.93 -3.48 13.68
N SER B 95 6.34 -3.13 14.87
CA SER B 95 5.35 -2.73 15.92
C SER B 95 6.02 -1.85 16.97
N PRO B 96 6.30 -0.63 16.58
CA PRO B 96 6.94 0.33 17.50
C PRO B 96 5.95 0.80 18.57
N PRO B 97 6.48 1.43 19.58
CA PRO B 97 5.63 1.95 20.69
C PRO B 97 4.83 3.18 20.23
N GLU B 98 5.18 3.73 19.09
CA GLU B 98 4.44 4.93 18.60
C GLU B 98 3.19 4.49 17.81
N LEU B 99 3.38 3.72 16.78
CA LEU B 99 2.20 3.26 15.97
C LEU B 99 2.20 1.74 15.85
N PRO B 100 2.07 1.09 16.96
CA PRO B 100 2.05 -0.40 16.98
C PRO B 100 0.74 -0.92 16.41
N ASP B 101 0.40 -2.15 16.71
CA ASP B 101 -0.88 -2.72 16.17
C ASP B 101 -2.03 -2.41 17.12
N VAL B 102 -3.16 -3.04 16.93
CA VAL B 102 -4.32 -2.77 17.82
C VAL B 102 -5.31 -3.94 17.77
N MET B 103 -5.63 -4.52 18.90
CA MET B 103 -6.59 -5.65 18.90
C MET B 103 -7.77 -5.35 19.83
N LYS B 104 -8.60 -4.42 19.45
CA LYS B 104 -9.77 -4.07 20.30
C LYS B 104 -9.30 -3.70 21.71
N PRO B 105 -9.20 -2.42 21.95
CA PRO B 105 -8.75 -1.93 23.27
C PRO B 105 -9.86 -2.12 24.32
N GLN B 106 -9.48 -2.36 25.55
CA GLN B 106 -10.51 -2.57 26.61
C GLN B 106 -9.87 -2.41 27.99
N ASP B 107 -8.78 -3.07 28.23
CA ASP B 107 -8.11 -2.95 29.56
C ASP B 107 -9.07 -3.39 30.68
N SER B 108 -9.05 -4.64 31.03
CA SER B 108 -9.95 -5.14 32.11
C SER B 108 -9.63 -4.43 33.43
N GLY B 109 -8.49 -4.71 33.99
CA GLY B 109 -8.12 -4.06 35.28
C GLY B 109 -8.66 -4.88 36.45
N SER B 110 -8.23 -4.59 37.65
CA SER B 110 -8.73 -5.35 38.83
C SER B 110 -8.75 -6.86 38.52
N SER B 111 -9.72 -7.56 39.02
CA SER B 111 -9.79 -9.03 38.76
C SER B 111 -8.47 -9.70 39.16
N ALA B 112 -8.25 -10.90 38.71
CA ALA B 112 -6.99 -11.61 39.06
C ALA B 112 -5.79 -10.69 38.84
N ASN B 113 -5.35 -10.02 39.88
CA ASN B 113 -4.19 -9.10 39.74
C ASN B 113 -2.96 -9.68 40.46
N GLU B 114 -1.89 -8.94 40.52
CA GLU B 114 -0.66 -9.44 41.21
C GLU B 114 -0.49 -8.74 42.55
N GLN B 115 -1.56 -8.51 43.26
CA GLN B 115 -1.44 -7.84 44.59
C GLN B 115 -0.98 -8.83 45.65
N ALA B 116 0.17 -9.42 45.48
CA ALA B 116 0.67 -10.40 46.49
C ALA B 116 2.09 -10.02 46.93
N VAL B 117 2.98 -9.84 46.00
CA VAL B 117 4.38 -9.48 46.37
C VAL B 117 4.93 -8.43 45.38
N GLN B 118 5.22 -7.26 45.86
CA GLN B 118 5.76 -6.20 44.95
C GLN B 118 6.71 -5.28 45.72
N MET C 1 6.91 4.82 -14.28
CA MET C 1 7.88 5.18 -13.20
C MET C 1 7.41 4.63 -11.86
N TYR C 2 8.30 4.01 -11.12
CA TYR C 2 7.91 3.45 -9.79
C TYR C 2 8.83 3.99 -8.70
N VAL C 3 8.32 4.12 -7.49
CA VAL C 3 9.17 4.65 -6.38
C VAL C 3 9.01 3.79 -5.13
N LYS C 4 10.07 3.58 -4.40
CA LYS C 4 9.99 2.75 -3.16
C LYS C 4 10.00 3.65 -1.92
N LEU C 5 9.18 3.35 -0.95
CA LEU C 5 9.15 4.18 0.28
C LEU C 5 9.70 3.37 1.46
N ILE C 6 10.63 3.91 2.18
CA ILE C 6 11.21 3.16 3.33
C ILE C 6 10.76 3.79 4.66
N SER C 7 10.49 2.97 5.63
CA SER C 7 10.06 3.50 6.95
C SER C 7 11.09 3.16 8.02
N SER C 8 11.18 3.96 9.05
CA SER C 8 12.18 3.69 10.13
C SER C 8 11.96 2.29 10.72
N ASP C 9 10.85 1.67 10.43
CA ASP C 9 10.59 0.31 10.97
C ASP C 9 11.49 -0.71 10.28
N GLY C 10 11.83 -0.48 9.04
CA GLY C 10 12.71 -1.44 8.31
C GLY C 10 11.95 -2.00 7.10
N HIS C 11 10.66 -1.80 7.06
CA HIS C 11 9.86 -2.32 5.90
C HIS C 11 9.86 -1.29 4.77
N GLU C 12 9.57 -1.71 3.56
CA GLU C 12 9.55 -0.76 2.43
C GLU C 12 8.29 -0.96 1.58
N PHE C 13 7.90 0.07 0.89
CA PHE C 13 6.69 -0.02 0.01
C PHE C 13 6.92 0.82 -1.22
N ILE C 14 6.65 0.30 -2.39
CA ILE C 14 6.89 1.12 -3.61
C ILE C 14 5.57 1.63 -4.17
N VAL C 15 5.52 2.90 -4.50
CA VAL C 15 4.26 3.46 -5.06
C VAL C 15 4.53 4.06 -6.44
N LYS C 16 3.52 4.16 -7.26
CA LYS C 16 3.72 4.72 -8.63
C LYS C 16 4.17 6.18 -8.56
N ARG C 17 5.03 6.59 -9.45
CA ARG C 17 5.50 8.01 -9.44
C ARG C 17 4.36 8.93 -9.02
N GLU C 18 3.20 8.73 -9.57
CA GLU C 18 2.03 9.59 -9.19
C GLU C 18 1.75 9.40 -7.70
N HIS C 19 1.61 8.18 -7.26
CA HIS C 19 1.34 7.93 -5.82
C HIS C 19 2.42 8.62 -4.98
N ALA C 20 3.62 8.67 -5.49
CA ALA C 20 4.71 9.34 -4.72
C ALA C 20 4.72 10.84 -5.04
N LEU C 21 4.30 11.21 -6.20
CA LEU C 21 4.27 12.66 -6.55
C LEU C 21 3.27 13.40 -5.65
N THR C 22 2.47 12.67 -4.91
CA THR C 22 1.49 13.33 -4.02
C THR C 22 2.15 13.77 -2.73
N SER C 23 3.44 13.65 -2.66
CA SER C 23 4.17 14.08 -1.42
C SER C 23 4.69 15.50 -1.57
N GLY C 24 5.13 15.85 -2.76
CA GLY C 24 5.67 17.22 -2.98
C GLY C 24 7.17 17.20 -2.71
N THR C 25 7.63 16.26 -1.92
CA THR C 25 9.09 16.16 -1.64
C THR C 25 9.65 14.87 -2.23
N ILE C 26 8.86 13.83 -2.24
CA ILE C 26 9.34 12.54 -2.82
C ILE C 26 9.65 12.72 -4.30
N LYS C 27 8.84 13.47 -5.00
CA LYS C 27 9.08 13.70 -6.44
C LYS C 27 10.46 14.32 -6.66
N ALA C 28 10.85 15.22 -5.80
CA ALA C 28 12.19 15.87 -5.96
C ALA C 28 13.30 14.89 -5.57
N MET C 29 12.94 13.78 -4.99
CA MET C 29 13.96 12.78 -4.59
C MET C 29 14.19 11.77 -5.73
N LEU C 30 13.23 11.62 -6.59
CA LEU C 30 13.40 10.66 -7.72
C LEU C 30 14.06 11.36 -8.91
N SER C 31 14.15 12.65 -8.89
CA SER C 31 14.79 13.39 -10.01
C SER C 31 16.31 13.41 -9.83
N GLY C 32 16.79 12.91 -8.73
CA GLY C 32 18.26 12.90 -8.48
C GLY C 32 19.00 12.60 -9.78
N PRO C 33 20.24 12.99 -9.82
CA PRO C 33 21.09 12.77 -11.02
C PRO C 33 21.47 11.29 -11.13
N GLY C 34 21.03 10.63 -12.18
CA GLY C 34 21.37 9.19 -12.35
C GLY C 34 21.92 8.95 -13.76
N GLN C 35 22.32 7.74 -14.05
CA GLN C 35 22.87 7.45 -15.40
C GLN C 35 21.74 7.40 -16.44
N PHE C 36 22.05 7.62 -17.68
CA PHE C 36 20.99 7.59 -18.74
C PHE C 36 21.06 6.27 -19.51
N ALA C 37 20.02 5.47 -19.44
CA ALA C 37 20.03 4.18 -20.18
C ALA C 37 18.68 3.46 -20.00
N GLU C 38 18.38 3.06 -18.79
CA GLU C 38 17.08 2.35 -18.56
C GLU C 38 16.58 2.65 -17.14
N ASN C 39 16.98 3.75 -16.57
CA ASN C 39 16.52 4.11 -15.20
C ASN C 39 16.96 5.53 -14.84
N GLU C 40 16.50 6.03 -13.73
CA GLU C 40 16.88 7.42 -13.33
C GLU C 40 16.56 7.65 -11.85
N THR C 41 16.87 6.71 -11.01
CA THR C 41 16.58 6.87 -9.55
C THR C 41 15.07 6.92 -9.32
N ASN C 42 14.63 6.48 -8.17
CA ASN C 42 13.17 6.50 -7.88
C ASN C 42 12.90 5.80 -6.53
N GLU C 43 13.35 6.38 -5.45
CA GLU C 43 13.11 5.74 -4.13
C GLU C 43 12.92 6.80 -3.04
N VAL C 44 12.34 6.42 -1.94
CA VAL C 44 12.12 7.39 -0.82
C VAL C 44 12.66 6.82 0.48
N ASN C 45 13.02 7.66 1.41
CA ASN C 45 13.54 7.16 2.71
C ASN C 45 12.94 7.96 3.87
N PHE C 46 12.17 7.31 4.69
CA PHE C 46 11.55 8.03 5.85
C PHE C 46 12.26 7.63 7.15
N ARG C 47 13.18 8.45 7.60
CA ARG C 47 13.91 8.11 8.87
C ARG C 47 13.19 8.71 10.07
N GLU C 48 12.11 9.43 9.85
CA GLU C 48 11.36 10.04 10.98
C GLU C 48 9.88 9.69 10.86
N ILE C 49 9.57 8.48 10.47
CA ILE C 49 8.14 8.09 10.34
C ILE C 49 7.99 6.56 10.49
N PRO C 50 7.01 6.17 11.24
CA PRO C 50 6.76 4.72 11.46
C PRO C 50 6.13 4.09 10.22
N SER C 51 6.19 2.80 10.10
CA SER C 51 5.61 2.13 8.90
C SER C 51 4.11 2.42 8.82
N HIS C 52 3.37 2.15 9.86
CA HIS C 52 1.91 2.41 9.84
C HIS C 52 1.65 3.79 9.25
N VAL C 53 2.52 4.73 9.50
CA VAL C 53 2.32 6.10 8.93
C VAL C 53 2.76 6.11 7.46
N LEU C 54 3.72 5.30 7.13
CA LEU C 54 4.21 5.24 5.72
C LEU C 54 3.03 4.94 4.78
N SER C 55 2.07 4.18 5.24
CA SER C 55 0.91 3.85 4.37
C SER C 55 -0.23 4.84 4.63
N LYS C 56 -0.25 5.42 5.80
CA LYS C 56 -1.32 6.41 6.12
C LYS C 56 -1.29 7.54 5.10
N VAL C 57 -0.26 8.34 5.12
CA VAL C 57 -0.17 9.47 4.13
C VAL C 57 -0.13 8.89 2.72
N CYS C 58 0.49 7.75 2.54
CA CYS C 58 0.56 7.14 1.20
C CYS C 58 -0.86 6.90 0.68
N MET C 59 -1.77 6.58 1.56
CA MET C 59 -3.17 6.35 1.12
C MET C 59 -3.70 7.63 0.47
N TYR C 60 -3.30 8.77 0.98
CA TYR C 60 -3.76 10.04 0.36
C TYR C 60 -3.00 10.25 -0.95
N PHE C 61 -1.87 9.59 -1.10
CA PHE C 61 -1.09 9.72 -2.36
C PHE C 61 -1.92 9.14 -3.50
N THR C 62 -2.66 8.10 -3.22
CA THR C 62 -3.50 7.48 -4.27
C THR C 62 -4.85 8.19 -4.35
N TYR C 63 -5.42 8.52 -3.22
CA TYR C 63 -6.73 9.23 -3.23
C TYR C 63 -6.61 10.52 -4.03
N LYS C 64 -5.44 11.11 -4.05
CA LYS C 64 -5.25 12.37 -4.82
C LYS C 64 -5.35 12.10 -6.32
N VAL C 65 -4.76 11.04 -6.79
CA VAL C 65 -4.81 10.72 -8.24
C VAL C 65 -6.24 10.33 -8.65
N ARG C 66 -7.02 9.84 -7.73
CA ARG C 66 -8.42 9.45 -8.07
C ARG C 66 -9.37 10.61 -7.78
N TYR C 67 -8.94 11.59 -7.04
CA TYR C 67 -9.82 12.74 -6.73
C TYR C 67 -9.59 13.87 -7.74
N THR C 68 -8.50 13.82 -8.46
CA THR C 68 -8.23 14.88 -9.47
C THR C 68 -9.23 14.80 -10.62
N ASN C 69 -9.77 13.64 -10.86
CA ASN C 69 -10.75 13.48 -11.97
C ASN C 69 -12.14 13.93 -11.50
N SER C 70 -12.34 14.02 -10.21
CA SER C 70 -13.68 14.45 -9.70
C SER C 70 -13.52 15.65 -8.77
N SER C 71 -13.52 16.84 -9.32
CA SER C 71 -13.37 18.05 -8.46
C SER C 71 -14.73 18.53 -7.99
N THR C 72 -15.79 17.99 -8.52
CA THR C 72 -17.15 18.42 -8.10
C THR C 72 -17.38 18.09 -6.62
N GLU C 73 -16.50 17.31 -6.04
CA GLU C 73 -16.67 16.95 -4.60
C GLU C 73 -15.44 16.19 -4.10
N ILE C 74 -14.92 16.56 -2.97
CA ILE C 74 -13.72 15.86 -2.44
C ILE C 74 -13.67 15.97 -0.91
N PRO C 75 -14.03 14.90 -0.26
CA PRO C 75 -14.03 14.87 1.22
C PRO C 75 -12.59 14.80 1.75
N GLU C 76 -12.43 14.80 3.04
CA GLU C 76 -11.05 14.73 3.62
C GLU C 76 -10.57 13.27 3.67
N PHE C 77 -9.32 13.07 4.00
CA PHE C 77 -8.80 11.68 4.08
C PHE C 77 -9.26 11.05 5.41
N PRO C 78 -9.40 9.75 5.40
CA PRO C 78 -9.89 9.02 6.61
C PRO C 78 -8.89 9.12 7.77
N ILE C 79 -9.38 9.45 8.94
CA ILE C 79 -8.50 9.55 10.14
C ILE C 79 -9.21 8.93 11.35
N ALA C 80 -8.51 8.17 12.14
CA ALA C 80 -9.16 7.54 13.33
C ALA C 80 -8.23 7.61 14.55
N PRO C 81 -8.80 7.34 15.70
CA PRO C 81 -8.02 7.35 16.95
C PRO C 81 -7.08 6.15 17.00
N GLU C 82 -5.93 6.28 16.40
CA GLU C 82 -4.95 5.15 16.38
C GLU C 82 -3.90 5.48 15.33
N ILE C 83 -4.30 6.23 14.35
CA ILE C 83 -3.37 6.64 13.28
C ILE C 83 -3.84 7.97 12.73
N ALA C 84 -2.94 8.87 12.50
CA ALA C 84 -3.27 10.24 11.97
C ALA C 84 -2.51 11.27 12.79
N LEU C 85 -2.37 11.01 14.07
CA LEU C 85 -1.63 11.97 14.95
C LEU C 85 -0.15 12.00 14.57
N GLU C 86 0.44 10.85 14.36
CA GLU C 86 1.88 10.80 13.99
C GLU C 86 2.11 11.57 12.69
N LEU C 87 1.17 11.53 11.79
CA LEU C 87 1.33 12.26 10.50
C LEU C 87 1.49 13.75 10.75
N LEU C 88 1.00 14.23 11.86
CA LEU C 88 1.13 15.68 12.16
C LEU C 88 2.55 16.14 11.79
N MET C 89 3.53 15.40 12.19
CA MET C 89 4.95 15.77 11.86
C MET C 89 5.33 15.18 10.49
N ALA C 90 4.87 13.99 10.19
CA ALA C 90 5.23 13.37 8.88
C ALA C 90 4.42 14.03 7.75
N ALA C 91 3.13 14.19 7.92
CA ALA C 91 2.33 14.83 6.85
C ALA C 91 2.90 16.22 6.54
N ASN C 92 3.12 17.00 7.56
CA ASN C 92 3.69 18.36 7.34
C ASN C 92 5.16 18.24 6.89
N PHE C 93 5.85 17.26 7.39
CA PHE C 93 7.28 17.08 6.99
C PHE C 93 7.38 16.86 5.48
N LEU C 94 6.54 16.02 4.94
CA LEU C 94 6.59 15.76 3.48
C LEU C 94 6.41 17.07 2.70
N ASP C 95 5.20 17.39 2.34
CA ASP C 95 4.97 18.65 1.57
C ASP C 95 3.48 18.85 1.32
N CYS C 96 3.08 20.04 0.93
CA CYS C 96 1.64 20.30 0.65
C CYS C 96 1.47 21.03 -0.69
N VAL A 1 -9.57 15.94 -2.77
CA VAL A 1 -8.70 15.25 -1.78
C VAL A 1 -7.41 16.00 -1.56
N ALA A 2 -7.03 16.01 -0.35
CA ALA A 2 -5.78 16.72 0.07
C ALA A 2 -4.81 15.75 0.72
N THR A 3 -3.55 16.10 0.77
CA THR A 3 -2.57 15.18 1.43
C THR A 3 -2.92 15.07 2.91
N LEU A 4 -2.07 14.47 3.69
CA LEU A 4 -2.35 14.32 5.14
C LEU A 4 -1.97 15.60 5.88
N GLN A 5 -1.27 16.48 5.23
CA GLN A 5 -0.84 17.75 5.90
C GLN A 5 -2.06 18.52 6.40
N HIS A 6 -3.13 18.54 5.63
CA HIS A 6 -4.35 19.28 6.07
C HIS A 6 -5.09 18.48 7.13
N LEU A 7 -5.29 17.21 6.91
CA LEU A 7 -6.02 16.38 7.92
C LEU A 7 -5.17 16.20 9.19
N CYS A 8 -3.90 15.94 9.03
CA CYS A 8 -3.03 15.75 10.22
C CYS A 8 -3.05 16.99 11.10
N ARG A 9 -3.16 18.16 10.50
CA ARG A 9 -3.18 19.41 11.30
C ARG A 9 -4.44 19.47 12.18
N LYS A 10 -5.58 19.15 11.61
CA LYS A 10 -6.84 19.20 12.41
C LYS A 10 -6.71 18.32 13.66
N THR A 11 -6.13 17.15 13.52
CA THR A 11 -5.97 16.25 14.69
C THR A 11 -5.06 16.90 15.73
N VAL A 12 -3.90 17.33 15.32
CA VAL A 12 -2.96 17.96 16.30
C VAL A 12 -3.62 19.16 16.97
N ASN A 13 -4.40 19.92 16.24
CA ASN A 13 -5.07 21.10 16.84
C ASN A 13 -6.12 20.64 17.86
N GLY A 14 -6.82 19.58 17.56
CA GLY A 14 -7.85 19.09 18.51
C GLY A 14 -7.43 17.72 19.07
N HIS A 15 -6.24 17.64 19.60
CA HIS A 15 -5.77 16.34 20.17
C HIS A 15 -6.66 15.92 21.33
N MET B 1 -14.16 2.33 -14.32
CA MET B 1 -13.91 0.88 -14.55
C MET B 1 -12.43 0.55 -14.32
N ASP B 2 -11.91 0.87 -13.18
CA ASP B 2 -10.48 0.58 -12.90
C ASP B 2 -10.32 0.01 -11.48
N VAL B 3 -9.46 -0.96 -11.31
CA VAL B 3 -9.26 -1.55 -9.97
C VAL B 3 -7.77 -1.55 -9.60
N PHE B 4 -7.46 -1.76 -8.35
CA PHE B 4 -6.02 -1.77 -7.95
C PHE B 4 -5.71 -3.05 -7.15
N LEU B 5 -4.48 -3.49 -7.19
CA LEU B 5 -4.11 -4.72 -6.43
C LEU B 5 -2.84 -4.48 -5.61
N MET B 6 -2.75 -5.08 -4.45
CA MET B 6 -1.53 -4.87 -3.61
C MET B 6 -0.83 -6.21 -3.41
N ILE B 7 0.46 -6.25 -3.57
CA ILE B 7 1.20 -7.52 -3.37
C ILE B 7 1.82 -7.54 -1.98
N ARG B 8 1.83 -8.66 -1.34
CA ARG B 8 2.40 -8.68 0.03
C ARG B 8 3.67 -9.54 0.07
N ARG B 9 4.67 -9.01 0.73
CA ARG B 9 5.96 -9.71 0.89
C ARG B 9 6.57 -9.22 2.20
N HIS B 10 7.35 -10.02 2.88
CA HIS B 10 7.90 -9.52 4.16
C HIS B 10 8.61 -8.22 3.95
N LYS B 11 8.53 -7.37 4.90
CA LYS B 11 9.19 -6.05 4.78
C LYS B 11 8.96 -5.48 3.38
N THR B 12 8.68 -6.34 2.43
CA THR B 12 8.46 -5.84 1.03
C THR B 12 6.97 -5.76 0.67
N THR B 13 6.49 -4.58 0.41
CA THR B 13 5.05 -4.38 0.02
C THR B 13 4.98 -3.49 -1.23
N ILE B 14 4.26 -3.89 -2.24
CA ILE B 14 4.20 -3.02 -3.46
C ILE B 14 2.78 -2.54 -3.72
N PHE B 15 2.61 -1.27 -3.96
CA PHE B 15 1.25 -0.79 -4.31
C PHE B 15 1.09 -1.01 -5.81
N THR B 16 0.22 -1.89 -6.20
CA THR B 16 0.09 -2.19 -7.64
C THR B 16 -1.34 -1.93 -8.14
N ASP B 17 -1.46 -1.46 -9.36
CA ASP B 17 -2.82 -1.20 -9.91
C ASP B 17 -3.03 -2.02 -11.18
N ALA B 18 -4.22 -2.50 -11.41
CA ALA B 18 -4.49 -3.33 -12.62
C ALA B 18 -5.93 -3.14 -13.09
N LYS B 19 -6.27 -3.68 -14.22
CA LYS B 19 -7.66 -3.53 -14.73
C LYS B 19 -8.55 -4.67 -14.20
N GLU B 20 -9.81 -4.41 -14.07
CA GLU B 20 -10.74 -5.47 -13.55
C GLU B 20 -10.50 -6.78 -14.29
N SER B 21 -10.05 -6.72 -15.51
CA SER B 21 -9.78 -7.96 -16.28
C SER B 21 -8.33 -8.39 -16.08
N SER B 22 -7.61 -7.72 -15.23
CA SER B 22 -6.20 -8.10 -14.98
C SER B 22 -6.11 -8.80 -13.63
N THR B 23 -5.52 -8.17 -12.65
CA THR B 23 -5.43 -8.80 -11.30
C THR B 23 -4.76 -10.18 -11.36
N VAL B 24 -4.13 -10.49 -12.46
CA VAL B 24 -3.46 -11.83 -12.56
C VAL B 24 -2.34 -11.76 -13.61
N PHE B 25 -2.69 -11.74 -14.87
CA PHE B 25 -1.63 -11.67 -15.92
C PHE B 25 -0.71 -10.48 -15.65
N GLU B 26 -1.27 -9.31 -15.55
CA GLU B 26 -0.43 -8.10 -15.29
C GLU B 26 0.24 -8.21 -13.91
N LEU B 27 -0.45 -8.80 -12.97
CA LEU B 27 0.14 -8.93 -11.60
C LEU B 27 1.46 -9.72 -11.66
N LYS B 28 1.49 -10.80 -12.39
CA LYS B 28 2.74 -11.60 -12.49
C LYS B 28 3.87 -10.71 -13.02
N ARG B 29 3.57 -9.83 -13.92
CA ARG B 29 4.62 -8.93 -14.48
C ARG B 29 5.12 -7.98 -13.40
N ILE B 30 4.24 -7.51 -12.55
CA ILE B 30 4.66 -6.58 -11.47
C ILE B 30 5.72 -7.23 -10.58
N VAL B 31 5.48 -8.44 -10.15
CA VAL B 31 6.49 -9.11 -9.29
C VAL B 31 7.82 -9.23 -10.03
N GLU B 32 7.78 -9.69 -11.26
CA GLU B 32 9.04 -9.82 -12.05
C GLU B 32 9.64 -8.44 -12.29
N GLY B 33 8.92 -7.41 -11.96
CA GLY B 33 9.45 -6.03 -12.16
C GLY B 33 9.99 -5.51 -10.83
N ILE B 34 9.21 -5.58 -9.80
CA ILE B 34 9.68 -5.08 -8.47
C ILE B 34 10.55 -6.14 -7.78
N LEU B 35 10.10 -7.37 -7.76
CA LEU B 35 10.91 -8.44 -7.11
C LEU B 35 11.62 -9.29 -8.17
N LYS B 36 11.25 -9.13 -9.42
CA LYS B 36 11.90 -9.93 -10.49
C LYS B 36 11.68 -11.43 -10.26
N ARG B 37 10.46 -11.83 -9.97
CA ARG B 37 10.21 -13.27 -9.73
C ARG B 37 9.74 -13.95 -11.02
N PRO B 38 10.37 -15.04 -11.35
CA PRO B 38 10.02 -15.79 -12.57
C PRO B 38 8.73 -16.61 -12.36
N PRO B 39 8.02 -16.83 -13.43
CA PRO B 39 6.75 -17.59 -13.37
C PRO B 39 7.05 -19.09 -13.17
N ASP B 40 8.30 -19.45 -13.10
CA ASP B 40 8.65 -20.88 -12.92
C ASP B 40 9.04 -21.15 -11.46
N GLU B 41 9.30 -20.12 -10.71
CA GLU B 41 9.69 -20.32 -9.28
C GLU B 41 8.96 -19.30 -8.40
N GLN B 42 7.88 -18.75 -8.87
CA GLN B 42 7.13 -17.76 -8.05
C GLN B 42 5.65 -18.16 -7.95
N ARG B 43 4.98 -17.71 -6.92
CA ARG B 43 3.54 -18.07 -6.74
C ARG B 43 2.83 -16.95 -5.99
N LEU B 44 1.56 -16.77 -6.24
CA LEU B 44 0.81 -15.68 -5.53
C LEU B 44 -0.31 -16.29 -4.67
N TYR B 45 -0.70 -15.61 -3.62
CA TYR B 45 -1.79 -16.15 -2.76
C TYR B 45 -2.82 -15.06 -2.50
N LYS B 46 -4.08 -15.40 -2.65
CA LYS B 46 -5.15 -14.39 -2.42
C LYS B 46 -6.06 -14.84 -1.28
N ASP B 47 -6.36 -13.96 -0.36
CA ASP B 47 -7.24 -14.33 0.79
C ASP B 47 -6.83 -15.70 1.34
N ASP B 48 -5.67 -15.80 1.93
CA ASP B 48 -5.23 -17.11 2.49
C ASP B 48 -5.39 -18.21 1.44
N GLN B 49 -5.35 -17.85 0.18
CA GLN B 49 -5.51 -18.89 -0.88
C GLN B 49 -4.50 -18.64 -2.00
N LEU B 50 -4.51 -19.47 -3.01
CA LEU B 50 -3.55 -19.27 -4.15
C LEU B 50 -4.18 -18.40 -5.23
N LEU B 51 -3.47 -17.42 -5.72
CA LEU B 51 -4.04 -16.54 -6.78
C LEU B 51 -3.86 -17.18 -8.15
N ASP B 52 -4.92 -17.69 -8.73
CA ASP B 52 -4.80 -18.33 -10.07
C ASP B 52 -4.79 -17.26 -11.17
N ASP B 53 -3.84 -17.32 -12.06
CA ASP B 53 -3.78 -16.30 -13.15
C ASP B 53 -4.88 -16.56 -14.18
N GLY B 54 -5.70 -17.53 -13.95
CA GLY B 54 -6.80 -17.83 -14.93
C GLY B 54 -8.07 -17.08 -14.53
N LYS B 55 -7.99 -16.26 -13.52
CA LYS B 55 -9.18 -15.49 -13.10
C LYS B 55 -8.75 -14.07 -12.79
N THR B 56 -9.59 -13.15 -13.07
CA THR B 56 -9.30 -11.72 -12.81
C THR B 56 -10.13 -11.23 -11.63
N LEU B 57 -9.92 -10.02 -11.19
CA LEU B 57 -10.71 -9.51 -10.02
C LEU B 57 -12.20 -9.72 -10.28
N GLY B 58 -12.63 -9.48 -11.49
CA GLY B 58 -14.08 -9.67 -11.81
C GLY B 58 -14.41 -11.16 -11.84
N GLU B 59 -13.54 -11.95 -12.39
CA GLU B 59 -13.80 -13.42 -12.45
C GLU B 59 -13.27 -14.10 -11.19
N CYS B 60 -12.75 -13.32 -10.29
CA CYS B 60 -12.20 -13.89 -9.02
C CYS B 60 -13.04 -13.41 -7.84
N GLY B 61 -13.52 -12.20 -7.89
CA GLY B 61 -14.34 -11.68 -6.76
C GLY B 61 -13.46 -10.85 -5.84
N PHE B 62 -12.89 -9.79 -6.35
CA PHE B 62 -12.01 -8.94 -5.50
C PHE B 62 -12.30 -7.45 -5.77
N THR B 63 -12.56 -7.11 -7.00
CA THR B 63 -12.84 -5.68 -7.32
C THR B 63 -14.04 -5.17 -6.53
N SER B 64 -15.05 -4.73 -7.20
CA SER B 64 -16.26 -4.21 -6.48
C SER B 64 -15.84 -3.18 -5.44
N GLN B 65 -14.73 -2.54 -5.66
CA GLN B 65 -14.24 -1.51 -4.70
C GLN B 65 -12.85 -1.02 -5.10
N THR B 66 -12.54 -1.04 -6.37
CA THR B 66 -11.21 -0.56 -6.83
C THR B 66 -10.10 -1.23 -6.01
N ALA B 67 -10.40 -2.35 -5.42
CA ALA B 67 -9.38 -3.08 -4.60
C ALA B 67 -8.25 -2.16 -4.17
N ARG B 68 -8.43 -1.43 -3.09
CA ARG B 68 -7.36 -0.52 -2.61
C ARG B 68 -7.93 0.48 -1.59
N PRO B 69 -8.86 1.28 -2.06
CA PRO B 69 -9.49 2.29 -1.18
C PRO B 69 -10.43 1.60 -0.17
N GLN B 70 -11.68 1.46 -0.52
CA GLN B 70 -12.62 0.79 0.43
C GLN B 70 -12.07 -0.59 0.82
N ALA B 71 -12.20 -1.56 -0.05
CA ALA B 71 -11.67 -2.91 0.27
C ALA B 71 -10.47 -3.21 -0.62
N PRO B 72 -9.31 -3.15 -0.02
CA PRO B 72 -8.05 -3.40 -0.77
C PRO B 72 -7.82 -4.90 -0.98
N ALA B 73 -7.25 -5.26 -2.08
CA ALA B 73 -6.98 -6.70 -2.35
C ALA B 73 -5.47 -6.95 -2.25
N THR B 74 -5.05 -7.85 -1.39
CA THR B 74 -3.60 -8.11 -1.25
C THR B 74 -3.21 -9.46 -1.85
N VAL B 75 -2.11 -9.49 -2.53
CA VAL B 75 -1.63 -10.76 -3.13
C VAL B 75 -0.37 -11.20 -2.38
N GLY B 76 -0.21 -12.47 -2.14
CA GLY B 76 0.98 -12.94 -1.40
C GLY B 76 2.07 -13.30 -2.38
N LEU B 77 3.28 -13.26 -1.94
CA LEU B 77 4.43 -13.59 -2.80
C LEU B 77 5.15 -14.82 -2.28
N ALA B 78 5.19 -15.84 -3.09
CA ALA B 78 5.89 -17.10 -2.70
C ALA B 78 6.73 -17.60 -3.87
N PHE B 79 7.99 -17.87 -3.66
CA PHE B 79 8.85 -18.35 -4.77
C PHE B 79 9.89 -19.35 -4.26
N ARG B 80 10.38 -20.21 -5.12
CA ARG B 80 11.40 -21.21 -4.68
C ARG B 80 12.78 -20.81 -5.21
N ALA B 81 13.77 -20.80 -4.35
CA ALA B 81 15.15 -20.43 -4.80
C ALA B 81 16.15 -21.51 -4.38
N ASP B 82 17.04 -21.88 -5.26
CA ASP B 82 18.04 -22.93 -4.91
C ASP B 82 17.34 -24.26 -4.66
N ASP B 83 16.73 -24.43 -3.53
CA ASP B 83 16.03 -25.71 -3.23
C ASP B 83 14.51 -25.47 -3.15
N THR B 84 14.03 -25.11 -2.00
CA THR B 84 12.56 -24.86 -1.85
C THR B 84 12.32 -23.65 -0.95
N PHE B 85 11.63 -22.65 -1.45
CA PHE B 85 11.35 -21.45 -0.62
C PHE B 85 9.93 -20.94 -0.89
N GLU B 86 9.34 -20.26 0.04
CA GLU B 86 7.96 -19.75 -0.17
C GLU B 86 7.48 -18.95 1.05
N ALA B 87 7.64 -17.65 1.03
CA ALA B 87 7.20 -16.84 2.18
C ALA B 87 5.82 -17.33 2.66
N LEU B 88 4.78 -16.89 2.01
CA LEU B 88 3.40 -17.31 2.40
C LEU B 88 2.93 -16.50 3.60
N CYS B 89 3.83 -15.98 4.38
CA CYS B 89 3.42 -15.14 5.52
C CYS B 89 4.05 -13.79 5.32
N ILE B 90 3.28 -12.80 4.99
CA ILE B 90 3.87 -11.48 4.75
C ILE B 90 3.88 -10.65 6.02
N GLU B 91 5.03 -10.48 6.59
CA GLU B 91 5.14 -9.67 7.83
C GLU B 91 5.06 -8.18 7.48
N PRO B 92 3.92 -7.60 7.78
CA PRO B 92 3.70 -6.17 7.47
C PRO B 92 4.17 -5.29 8.62
N PHE B 93 3.27 -4.86 9.46
CA PHE B 93 3.67 -3.98 10.60
C PHE B 93 2.65 -4.10 11.73
N SER B 94 2.58 -3.12 12.59
CA SER B 94 1.61 -3.18 13.72
C SER B 94 0.29 -2.49 13.33
N SER B 95 -0.70 -3.26 12.94
CA SER B 95 -1.99 -2.65 12.54
C SER B 95 -2.52 -1.74 13.66
N PRO B 96 -2.47 -0.46 13.41
CA PRO B 96 -2.94 0.54 14.39
C PRO B 96 -4.46 0.50 14.49
N PRO B 97 -4.99 1.32 15.37
CA PRO B 97 -6.47 1.39 15.54
C PRO B 97 -7.12 2.03 14.32
N GLU B 98 -6.91 1.45 13.16
CA GLU B 98 -7.51 2.01 11.92
C GLU B 98 -7.24 1.06 10.75
N LEU B 99 -6.11 0.42 10.74
CA LEU B 99 -5.78 -0.52 9.64
C LEU B 99 -6.21 -1.94 10.02
N PRO B 100 -5.89 -2.88 9.15
CA PRO B 100 -6.25 -4.29 9.40
C PRO B 100 -5.35 -4.90 10.48
N ASP B 101 -5.92 -5.30 11.59
CA ASP B 101 -5.11 -5.90 12.68
C ASP B 101 -5.57 -7.34 12.95
N VAL B 102 -5.51 -8.19 11.96
CA VAL B 102 -5.95 -9.60 12.16
C VAL B 102 -7.43 -9.64 12.54
N MET B 103 -8.11 -10.69 12.15
CA MET B 103 -9.57 -10.79 12.48
C MET B 103 -9.75 -11.41 13.87
N LYS B 104 -8.69 -11.54 14.62
CA LYS B 104 -8.81 -12.14 15.98
C LYS B 104 -9.62 -11.22 16.89
N PRO B 105 -9.20 -10.00 16.99
CA PRO B 105 -9.89 -9.01 17.85
C PRO B 105 -11.23 -8.61 17.21
N GLN B 106 -12.31 -8.88 17.87
CA GLN B 106 -13.65 -8.52 17.32
C GLN B 106 -13.71 -8.89 15.83
N ASP B 107 -14.68 -8.37 15.13
CA ASP B 107 -14.80 -8.68 13.67
C ASP B 107 -15.89 -7.83 13.03
N SER B 108 -15.72 -6.54 13.01
CA SER B 108 -16.75 -5.65 12.39
C SER B 108 -18.08 -5.83 13.11
N GLY B 109 -18.39 -4.96 14.03
CA GLY B 109 -19.69 -5.08 14.77
C GLY B 109 -20.85 -5.06 13.77
N SER B 110 -21.86 -5.85 14.00
CA SER B 110 -23.02 -5.88 13.07
C SER B 110 -24.28 -5.34 13.76
N SER B 111 -24.66 -5.93 14.86
CA SER B 111 -25.87 -5.44 15.58
C SER B 111 -27.12 -5.63 14.71
N ALA B 112 -27.56 -6.85 14.54
CA ALA B 112 -28.76 -7.10 13.70
C ALA B 112 -29.81 -7.87 14.50
N ASN B 113 -31.06 -7.51 14.37
CA ASN B 113 -32.13 -8.23 15.12
C ASN B 113 -32.77 -9.31 14.24
N GLU B 114 -32.00 -10.29 13.84
CA GLU B 114 -32.56 -11.37 12.98
C GLU B 114 -33.22 -10.77 11.74
N GLN B 115 -33.59 -11.59 10.79
CA GLN B 115 -34.24 -11.06 9.56
C GLN B 115 -35.57 -10.40 9.91
N ALA B 116 -35.59 -9.09 9.98
CA ALA B 116 -36.86 -8.39 10.32
C ALA B 116 -36.96 -7.07 9.54
N VAL B 117 -37.05 -7.16 8.24
CA VAL B 117 -37.15 -5.92 7.42
C VAL B 117 -38.62 -5.66 7.02
N GLN B 118 -39.07 -4.45 7.19
CA GLN B 118 -40.49 -4.13 6.84
C GLN B 118 -40.63 -4.00 5.31
N MET C 1 6.40 4.03 -14.06
CA MET C 1 7.58 3.82 -13.17
C MET C 1 7.12 3.46 -11.75
N TYR C 2 7.98 2.87 -10.97
CA TYR C 2 7.60 2.50 -9.58
C TYR C 2 8.56 3.14 -8.57
N VAL C 3 8.09 3.40 -7.38
CA VAL C 3 8.99 4.02 -6.36
C VAL C 3 8.84 3.29 -5.02
N LYS C 4 9.92 3.06 -4.34
CA LYS C 4 9.85 2.34 -3.04
C LYS C 4 10.00 3.33 -1.87
N LEU C 5 9.21 3.17 -0.84
CA LEU C 5 9.32 4.09 0.32
C LEU C 5 9.76 3.29 1.55
N ILE C 6 10.72 3.79 2.30
CA ILE C 6 11.17 3.05 3.50
C ILE C 6 10.74 3.77 4.77
N SER C 7 10.36 3.03 5.77
CA SER C 7 9.93 3.66 7.05
C SER C 7 10.95 3.40 8.15
N SER C 8 11.03 4.26 9.13
CA SER C 8 12.01 4.06 10.23
C SER C 8 11.77 2.71 10.92
N ASP C 9 10.65 2.08 10.65
CA ASP C 9 10.36 0.77 11.29
C ASP C 9 11.29 -0.31 10.71
N GLY C 10 11.52 -0.29 9.43
CA GLY C 10 12.41 -1.31 8.82
C GLY C 10 11.69 -1.98 7.64
N HIS C 11 10.44 -1.63 7.43
CA HIS C 11 9.69 -2.25 6.30
C HIS C 11 9.76 -1.35 5.06
N GLU C 12 9.27 -1.81 3.95
CA GLU C 12 9.30 -0.97 2.72
C GLU C 12 7.99 -1.05 1.96
N PHE C 13 7.71 -0.04 1.20
CA PHE C 13 6.45 -0.02 0.40
C PHE C 13 6.73 0.63 -0.94
N ILE C 14 6.20 0.09 -2.00
CA ILE C 14 6.47 0.68 -3.34
C ILE C 14 5.19 1.25 -3.97
N VAL C 15 5.23 2.48 -4.40
CA VAL C 15 4.03 3.08 -5.03
C VAL C 15 4.38 3.55 -6.45
N LYS C 16 3.51 3.33 -7.38
CA LYS C 16 3.79 3.74 -8.80
C LYS C 16 4.13 5.23 -8.86
N ARG C 17 5.00 5.61 -9.75
CA ARG C 17 5.38 7.04 -9.88
C ARG C 17 4.16 7.92 -9.60
N GLU C 18 3.04 7.59 -10.20
CA GLU C 18 1.82 8.40 -9.95
C GLU C 18 1.39 8.24 -8.50
N HIS C 19 1.40 7.03 -7.99
CA HIS C 19 1.02 6.82 -6.57
C HIS C 19 1.96 7.63 -5.66
N ALA C 20 3.19 7.79 -6.07
CA ALA C 20 4.15 8.58 -5.26
C ALA C 20 4.06 10.05 -5.63
N LEU C 21 3.67 10.33 -6.84
CA LEU C 21 3.56 11.76 -7.26
C LEU C 21 2.50 12.46 -6.43
N THR C 22 1.73 11.71 -5.68
CA THR C 22 0.68 12.33 -4.82
C THR C 22 1.32 13.00 -3.61
N SER C 23 2.62 12.98 -3.55
CA SER C 23 3.32 13.61 -2.40
C SER C 23 3.81 15.00 -2.79
N GLY C 24 4.25 15.16 -4.00
CA GLY C 24 4.76 16.49 -4.44
C GLY C 24 6.22 16.63 -4.03
N THR C 25 6.67 15.78 -3.15
CA THR C 25 8.09 15.84 -2.69
C THR C 25 8.81 14.56 -3.09
N ILE C 26 8.11 13.46 -3.14
CA ILE C 26 8.77 12.18 -3.54
C ILE C 26 9.34 12.32 -4.95
N LYS C 27 8.54 12.79 -5.87
CA LYS C 27 9.06 12.96 -7.27
C LYS C 27 10.26 13.89 -7.27
N ALA C 28 10.17 14.99 -6.57
CA ALA C 28 11.31 15.95 -6.52
C ALA C 28 12.54 15.26 -5.91
N MET C 29 12.31 14.32 -5.03
CA MET C 29 13.46 13.61 -4.38
C MET C 29 14.25 12.84 -5.44
N LEU C 30 13.57 12.27 -6.41
CA LEU C 30 14.29 11.50 -7.46
C LEU C 30 15.18 10.43 -6.82
N SER C 31 14.75 9.85 -5.74
CA SER C 31 15.57 8.81 -5.06
C SER C 31 16.78 9.44 -4.37
N GLY C 32 16.92 10.73 -4.46
CA GLY C 32 18.07 11.41 -3.79
C GLY C 32 19.33 10.58 -4.00
N PRO C 33 19.84 10.04 -2.92
CA PRO C 33 21.07 9.22 -2.98
C PRO C 33 20.76 7.85 -3.61
N GLY C 34 20.95 7.72 -4.89
CA GLY C 34 20.67 6.42 -5.56
C GLY C 34 21.66 6.20 -6.70
N GLN C 35 21.59 5.08 -7.35
CA GLN C 35 22.53 4.81 -8.48
C GLN C 35 22.27 5.78 -9.63
N PHE C 36 23.07 5.72 -10.67
CA PHE C 36 22.85 6.63 -11.82
C PHE C 36 22.12 5.90 -12.94
N ALA C 37 21.00 6.43 -13.37
CA ALA C 37 20.23 5.76 -14.47
C ALA C 37 19.10 6.66 -14.95
N GLU C 38 18.02 6.72 -14.20
CA GLU C 38 16.88 7.58 -14.62
C GLU C 38 16.50 8.55 -13.48
N ASN C 39 16.45 9.81 -13.76
CA ASN C 39 16.09 10.80 -12.70
C ASN C 39 14.57 10.89 -12.56
N GLU C 40 13.86 9.99 -13.17
CA GLU C 40 12.36 10.02 -13.07
C GLU C 40 11.88 9.01 -12.04
N THR C 41 11.54 9.46 -10.86
CA THR C 41 11.06 8.51 -9.81
C THR C 41 12.11 7.44 -9.54
N ASN C 42 11.97 6.70 -8.47
CA ASN C 42 12.97 5.64 -8.16
C ASN C 42 12.71 5.07 -6.76
N GLU C 43 13.17 5.74 -5.74
CA GLU C 43 12.96 5.23 -4.36
C GLU C 43 12.76 6.40 -3.39
N VAL C 44 12.19 6.14 -2.24
CA VAL C 44 11.98 7.22 -1.25
C VAL C 44 12.51 6.79 0.12
N ASN C 45 12.88 7.73 0.94
CA ASN C 45 13.42 7.38 2.28
C ASN C 45 12.82 8.30 3.35
N PHE C 46 12.04 7.75 4.24
CA PHE C 46 11.43 8.59 5.31
C PHE C 46 12.02 8.22 6.67
N ARG C 47 13.00 8.95 7.13
CA ARG C 47 13.61 8.64 8.45
C ARG C 47 12.75 9.19 9.59
N GLU C 48 11.92 10.16 9.30
CA GLU C 48 11.06 10.74 10.37
C GLU C 48 9.61 10.28 10.19
N ILE C 49 9.41 9.02 9.87
CA ILE C 49 8.02 8.51 9.68
C ILE C 49 7.98 7.00 9.94
N PRO C 50 7.15 6.62 10.88
CA PRO C 50 7.00 5.19 11.23
C PRO C 50 6.23 4.45 10.14
N SER C 51 6.20 3.15 10.21
CA SER C 51 5.47 2.36 9.17
C SER C 51 4.00 2.77 9.15
N HIS C 52 3.33 2.72 10.28
CA HIS C 52 1.90 3.12 10.32
C HIS C 52 1.67 4.37 9.47
N VAL C 53 2.59 5.30 9.50
CA VAL C 53 2.44 6.54 8.70
C VAL C 53 2.89 6.29 7.26
N LEU C 54 3.93 5.53 7.10
CA LEU C 54 4.45 5.24 5.73
C LEU C 54 3.31 4.82 4.80
N SER C 55 2.39 4.02 5.29
CA SER C 55 1.26 3.57 4.43
C SER C 55 0.06 4.47 4.64
N LYS C 56 -0.04 5.05 5.81
CA LYS C 56 -1.19 5.96 6.09
C LYS C 56 -1.33 6.98 4.97
N VAL C 57 -0.41 7.89 4.87
CA VAL C 57 -0.49 8.92 3.79
C VAL C 57 -0.44 8.24 2.42
N CYS C 58 0.32 7.19 2.29
CA CYS C 58 0.40 6.52 0.96
C CYS C 58 -1.00 6.10 0.51
N MET C 59 -1.84 5.71 1.42
CA MET C 59 -3.22 5.32 1.02
C MET C 59 -3.89 6.52 0.34
N TYR C 60 -3.59 7.72 0.79
CA TYR C 60 -4.19 8.90 0.13
C TYR C 60 -3.46 9.16 -1.18
N PHE C 61 -2.28 8.60 -1.33
CA PHE C 61 -1.57 8.80 -2.63
C PHE C 61 -2.39 8.12 -3.71
N THR C 62 -3.02 7.03 -3.37
CA THR C 62 -3.87 6.31 -4.35
C THR C 62 -5.30 6.84 -4.26
N TYR C 63 -5.77 7.06 -3.05
CA TYR C 63 -7.15 7.60 -2.88
C TYR C 63 -7.25 8.95 -3.59
N LYS C 64 -6.27 9.80 -3.40
CA LYS C 64 -6.30 11.13 -4.06
C LYS C 64 -6.33 10.96 -5.59
N VAL C 65 -5.68 9.94 -6.10
CA VAL C 65 -5.68 9.72 -7.57
C VAL C 65 -7.11 9.51 -8.08
N ARG C 66 -7.91 8.80 -7.33
CA ARG C 66 -9.32 8.56 -7.78
C ARG C 66 -10.23 9.69 -7.29
N TYR C 67 -9.79 10.42 -6.31
CA TYR C 67 -10.64 11.54 -5.79
C TYR C 67 -10.21 12.86 -6.45
N THR C 68 -9.12 12.85 -7.16
CA THR C 68 -8.67 14.10 -7.83
C THR C 68 -9.53 14.38 -9.06
N ASN C 69 -10.14 13.36 -9.60
CA ASN C 69 -11.00 13.58 -10.81
C ASN C 69 -12.42 13.95 -10.38
N SER C 70 -12.64 14.11 -9.10
CA SER C 70 -14.01 14.47 -8.62
C SER C 70 -13.90 15.45 -7.44
N SER C 71 -14.97 16.13 -7.13
CA SER C 71 -14.94 17.09 -5.99
C SER C 71 -16.35 17.36 -5.47
N THR C 72 -17.22 16.39 -5.56
CA THR C 72 -18.62 16.58 -5.07
C THR C 72 -18.73 16.14 -3.61
N GLU C 73 -17.61 15.91 -2.96
CA GLU C 73 -17.66 15.49 -1.54
C GLU C 73 -16.26 15.52 -0.93
N ILE C 74 -15.38 14.66 -1.40
CA ILE C 74 -13.99 14.64 -0.85
C ILE C 74 -14.04 14.66 0.68
N PRO C 75 -14.08 13.48 1.25
CA PRO C 75 -14.12 13.35 2.72
C PRO C 75 -12.75 13.66 3.32
N GLU C 76 -12.49 13.21 4.53
CA GLU C 76 -11.17 13.47 5.17
C GLU C 76 -10.58 12.18 5.74
N PHE C 77 -9.30 12.00 5.61
CA PHE C 77 -8.67 10.76 6.14
C PHE C 77 -8.96 10.62 7.64
N PRO C 78 -9.24 9.40 8.04
CA PRO C 78 -9.54 9.12 9.47
C PRO C 78 -8.26 9.17 10.31
N ILE C 79 -8.32 9.83 11.43
CA ILE C 79 -7.12 9.91 12.32
C ILE C 79 -7.52 9.68 13.78
N ALA C 80 -6.76 8.91 14.50
CA ALA C 80 -7.11 8.63 15.92
C ALA C 80 -5.87 8.70 16.81
N PRO C 81 -6.08 8.48 18.08
CA PRO C 81 -4.96 8.50 19.06
C PRO C 81 -4.10 7.25 18.90
N GLU C 82 -3.28 7.23 17.88
CA GLU C 82 -2.40 6.05 17.65
C GLU C 82 -1.73 6.25 16.30
N ILE C 83 -2.43 6.90 15.41
CA ILE C 83 -1.87 7.20 14.09
C ILE C 83 -2.39 8.57 13.66
N ALA C 84 -1.53 9.36 13.07
CA ALA C 84 -1.90 10.74 12.61
C ALA C 84 -0.92 11.74 13.22
N LEU C 85 -0.51 11.51 14.44
CA LEU C 85 0.45 12.45 15.08
C LEU C 85 1.72 12.55 14.23
N GLU C 86 2.19 11.45 13.72
CA GLU C 86 3.41 11.49 12.87
C GLU C 86 3.11 12.17 11.54
N LEU C 87 1.93 11.99 11.02
CA LEU C 87 1.58 12.62 9.72
C LEU C 87 1.65 14.15 9.85
N LEU C 88 1.51 14.67 11.05
CA LEU C 88 1.58 16.14 11.23
C LEU C 88 2.76 16.71 10.44
N MET C 89 3.96 16.34 10.82
CA MET C 89 5.15 16.86 10.08
C MET C 89 5.45 15.97 8.88
N ALA C 90 5.00 14.74 8.91
CA ALA C 90 5.25 13.82 7.77
C ALA C 90 4.34 14.16 6.60
N ALA C 91 3.09 14.43 6.87
CA ALA C 91 2.16 14.79 5.77
C ALA C 91 2.58 16.11 5.13
N ASN C 92 2.82 17.11 5.95
CA ASN C 92 3.25 18.42 5.40
C ASN C 92 4.64 18.30 4.76
N PHE C 93 5.51 17.51 5.33
CA PHE C 93 6.86 17.36 4.75
C PHE C 93 6.75 16.80 3.33
N LEU C 94 5.72 16.06 3.06
CA LEU C 94 5.54 15.48 1.69
C LEU C 94 4.78 16.46 0.81
N ASP C 95 5.30 17.64 0.61
CA ASP C 95 4.61 18.65 -0.24
C ASP C 95 3.10 18.62 0.02
N CYS C 96 2.32 19.17 -0.86
CA CYS C 96 0.84 19.17 -0.65
C CYS C 96 0.12 18.94 -1.98
N VAL A 1 -8.24 17.10 -4.53
CA VAL A 1 -7.70 16.21 -3.47
C VAL A 1 -6.33 16.64 -3.04
N ALA A 2 -6.13 16.52 -1.78
CA ALA A 2 -4.85 16.94 -1.15
C ALA A 2 -4.15 15.74 -0.50
N THR A 3 -2.87 15.85 -0.28
CA THR A 3 -2.13 14.73 0.38
C THR A 3 -2.56 14.63 1.85
N LEU A 4 -1.78 13.98 2.67
CA LEU A 4 -2.16 13.84 4.11
C LEU A 4 -1.76 15.11 4.88
N GLN A 5 -0.96 15.95 4.29
CA GLN A 5 -0.53 17.19 5.00
C GLN A 5 -1.75 18.03 5.37
N HIS A 6 -2.76 18.02 4.56
CA HIS A 6 -3.98 18.82 4.87
C HIS A 6 -4.78 18.17 5.99
N LEU A 7 -4.91 16.86 5.96
CA LEU A 7 -5.68 16.17 7.02
C LEU A 7 -4.93 16.23 8.36
N CYS A 8 -3.64 15.99 8.33
CA CYS A 8 -2.85 16.03 9.58
C CYS A 8 -2.97 17.41 10.24
N ARG A 9 -3.07 18.45 9.45
CA ARG A 9 -3.19 19.82 10.04
C ARG A 9 -4.59 20.02 10.63
N LYS A 10 -5.58 19.42 10.03
CA LYS A 10 -6.97 19.58 10.57
C LYS A 10 -7.10 18.88 11.92
N THR A 11 -6.58 17.69 12.05
CA THR A 11 -6.68 16.96 13.33
C THR A 11 -5.94 17.73 14.44
N VAL A 12 -4.71 18.09 14.20
CA VAL A 12 -3.94 18.84 15.24
C VAL A 12 -4.63 20.18 15.53
N ASN A 13 -5.03 20.89 14.53
CA ASN A 13 -5.70 22.20 14.75
C ASN A 13 -7.12 21.99 15.27
N GLY A 14 -7.81 21.01 14.74
CA GLY A 14 -9.20 20.75 15.21
C GLY A 14 -9.17 19.88 16.47
N HIS A 15 -8.64 18.69 16.37
CA HIS A 15 -8.57 17.80 17.56
C HIS A 15 -7.36 18.15 18.42
N MET B 1 -14.39 -0.47 -13.16
CA MET B 1 -13.43 -0.42 -14.31
C MET B 1 -11.99 -0.41 -13.80
N ASP B 2 -11.78 0.04 -12.58
CA ASP B 2 -10.40 0.06 -12.02
C ASP B 2 -10.37 -0.63 -10.66
N VAL B 3 -9.40 -1.47 -10.43
CA VAL B 3 -9.32 -2.17 -9.12
C VAL B 3 -7.93 -1.97 -8.50
N PHE B 4 -7.87 -1.75 -7.21
CA PHE B 4 -6.55 -1.56 -6.55
C PHE B 4 -6.03 -2.88 -5.99
N LEU B 5 -4.86 -3.29 -6.39
CA LEU B 5 -4.31 -4.58 -5.88
C LEU B 5 -3.00 -4.34 -5.12
N MET B 6 -2.72 -5.15 -4.14
CA MET B 6 -1.47 -4.97 -3.36
C MET B 6 -0.74 -6.30 -3.24
N ILE B 7 0.57 -6.30 -3.24
CA ILE B 7 1.30 -7.58 -3.13
C ILE B 7 1.94 -7.64 -1.75
N ARG B 8 1.93 -8.78 -1.12
CA ARG B 8 2.52 -8.85 0.24
C ARG B 8 3.77 -9.72 0.25
N ARG B 9 4.78 -9.25 0.93
CA ARG B 9 6.07 -9.97 1.05
C ARG B 9 6.70 -9.57 2.38
N HIS B 10 7.46 -10.42 3.00
CA HIS B 10 8.05 -10.02 4.30
C HIS B 10 8.78 -8.73 4.14
N LYS B 11 8.73 -7.93 5.14
CA LYS B 11 9.43 -6.62 5.11
C LYS B 11 9.23 -5.97 3.74
N THR B 12 8.92 -6.75 2.73
CA THR B 12 8.74 -6.17 1.37
C THR B 12 7.26 -6.13 0.95
N THR B 13 6.76 -4.94 0.69
CA THR B 13 5.34 -4.78 0.24
C THR B 13 5.31 -3.87 -0.99
N ILE B 14 4.64 -4.28 -2.04
CA ILE B 14 4.60 -3.42 -3.26
C ILE B 14 3.18 -3.00 -3.60
N PHE B 15 2.97 -1.75 -3.89
CA PHE B 15 1.60 -1.31 -4.26
C PHE B 15 1.41 -1.59 -5.75
N THR B 16 0.55 -2.51 -6.09
CA THR B 16 0.36 -2.85 -7.52
C THR B 16 -0.99 -2.34 -8.04
N ASP B 17 -1.03 -1.91 -9.26
CA ASP B 17 -2.32 -1.40 -9.83
C ASP B 17 -2.64 -2.16 -11.11
N ALA B 18 -3.90 -2.44 -11.35
CA ALA B 18 -4.28 -3.18 -12.58
C ALA B 18 -5.77 -2.97 -12.88
N LYS B 19 -6.23 -3.42 -14.01
CA LYS B 19 -7.67 -3.26 -14.33
C LYS B 19 -8.44 -4.49 -13.86
N GLU B 20 -9.66 -4.31 -13.42
CA GLU B 20 -10.45 -5.48 -12.95
C GLU B 20 -10.65 -6.44 -14.12
N SER B 21 -10.47 -5.95 -15.31
CA SER B 21 -10.63 -6.82 -16.51
C SER B 21 -9.27 -7.14 -17.11
N SER B 22 -8.21 -6.83 -16.41
CA SER B 22 -6.85 -7.14 -16.94
C SER B 22 -6.77 -8.62 -17.27
N THR B 23 -6.20 -9.40 -16.39
CA THR B 23 -6.11 -10.86 -16.64
C THR B 23 -5.09 -11.52 -15.70
N VAL B 24 -4.90 -10.97 -14.53
CA VAL B 24 -3.92 -11.58 -13.59
C VAL B 24 -2.51 -11.45 -14.15
N PHE B 25 -2.30 -11.84 -15.38
CA PHE B 25 -0.95 -11.71 -15.99
C PHE B 25 -0.46 -10.28 -15.83
N GLU B 26 -1.34 -9.32 -16.02
CA GLU B 26 -0.92 -7.90 -15.86
C GLU B 26 -0.39 -7.71 -14.44
N LEU B 27 -1.11 -8.19 -13.47
CA LEU B 27 -0.62 -8.05 -12.06
C LEU B 27 0.66 -8.87 -11.88
N LYS B 28 0.76 -9.97 -12.58
CA LYS B 28 1.98 -10.83 -12.49
C LYS B 28 3.21 -10.03 -12.93
N ARG B 29 3.05 -9.16 -13.88
CA ARG B 29 4.22 -8.36 -14.39
C ARG B 29 4.85 -7.55 -13.24
N ILE B 30 4.06 -7.05 -12.34
CA ILE B 30 4.63 -6.26 -11.22
C ILE B 30 5.66 -7.09 -10.46
N VAL B 31 5.36 -8.33 -10.16
CA VAL B 31 6.34 -9.17 -9.44
C VAL B 31 7.61 -9.30 -10.28
N GLU B 32 7.47 -9.60 -11.54
CA GLU B 32 8.65 -9.72 -12.43
C GLU B 32 9.29 -8.34 -12.63
N GLY B 33 8.65 -7.31 -12.13
CA GLY B 33 9.21 -5.95 -12.28
C GLY B 33 9.97 -5.58 -11.00
N ILE B 34 9.33 -5.70 -9.87
CA ILE B 34 10.00 -5.37 -8.59
C ILE B 34 10.84 -6.56 -8.11
N LEU B 35 10.30 -7.73 -8.14
CA LEU B 35 11.06 -8.93 -7.70
C LEU B 35 11.57 -9.73 -8.90
N LYS B 36 11.09 -9.40 -10.08
CA LYS B 36 11.55 -10.14 -11.29
C LYS B 36 11.27 -11.63 -11.14
N ARG B 37 10.09 -12.00 -10.71
CA ARG B 37 9.78 -13.46 -10.54
C ARG B 37 8.98 -13.97 -11.73
N PRO B 38 9.45 -15.05 -12.29
CA PRO B 38 8.75 -15.68 -13.44
C PRO B 38 7.60 -16.55 -12.96
N PRO B 39 6.64 -16.74 -13.84
CA PRO B 39 5.47 -17.57 -13.50
C PRO B 39 5.85 -19.06 -13.49
N ASP B 40 6.72 -19.44 -12.60
CA ASP B 40 7.14 -20.88 -12.55
C ASP B 40 7.57 -21.25 -11.12
N GLU B 41 8.68 -20.74 -10.68
CA GLU B 41 9.15 -21.07 -9.30
C GLU B 41 8.54 -20.08 -8.30
N GLN B 42 7.48 -19.43 -8.66
CA GLN B 42 6.84 -18.45 -7.73
C GLN B 42 5.33 -18.69 -7.67
N ARG B 43 4.70 -18.22 -6.64
CA ARG B 43 3.23 -18.41 -6.51
C ARG B 43 2.60 -17.19 -5.82
N LEU B 44 1.36 -16.89 -6.12
CA LEU B 44 0.72 -15.71 -5.47
C LEU B 44 -0.48 -16.17 -4.64
N TYR B 45 -0.84 -15.43 -3.63
CA TYR B 45 -2.00 -15.84 -2.80
C TYR B 45 -3.06 -14.74 -2.81
N LYS B 46 -4.28 -15.12 -3.03
CA LYS B 46 -5.38 -14.11 -3.06
C LYS B 46 -6.34 -14.33 -1.89
N ASP B 47 -6.42 -13.38 -0.99
CA ASP B 47 -7.34 -13.53 0.18
C ASP B 47 -7.25 -14.96 0.73
N ASP B 48 -6.29 -15.22 1.58
CA ASP B 48 -6.17 -16.59 2.17
C ASP B 48 -6.42 -17.64 1.09
N GLN B 49 -5.79 -17.52 -0.04
CA GLN B 49 -5.99 -18.53 -1.13
C GLN B 49 -4.89 -18.40 -2.19
N LEU B 50 -4.92 -19.23 -3.19
CA LEU B 50 -3.88 -19.16 -4.25
C LEU B 50 -4.37 -18.32 -5.44
N LEU B 51 -3.56 -17.43 -5.92
CA LEU B 51 -3.99 -16.57 -7.07
C LEU B 51 -3.96 -17.39 -8.37
N ASP B 52 -5.02 -17.37 -9.12
CA ASP B 52 -5.06 -18.15 -10.39
C ASP B 52 -5.29 -17.20 -11.57
N ASP B 53 -4.40 -17.20 -12.53
CA ASP B 53 -4.57 -16.31 -13.71
C ASP B 53 -5.70 -16.82 -14.60
N GLY B 54 -6.30 -17.92 -14.25
CA GLY B 54 -7.40 -18.47 -15.09
C GLY B 54 -8.66 -17.63 -14.87
N LYS B 55 -8.60 -16.68 -13.98
CA LYS B 55 -9.76 -15.82 -13.72
C LYS B 55 -9.26 -14.39 -13.55
N THR B 56 -10.04 -13.47 -14.00
CA THR B 56 -9.67 -12.03 -13.89
C THR B 56 -10.02 -11.50 -12.51
N LEU B 57 -9.63 -10.30 -12.21
CA LEU B 57 -9.94 -9.71 -10.88
C LEU B 57 -11.44 -9.81 -10.60
N GLY B 58 -12.25 -9.52 -11.58
CA GLY B 58 -13.73 -9.61 -11.38
C GLY B 58 -14.12 -11.08 -11.19
N GLU B 59 -13.49 -11.95 -11.94
CA GLU B 59 -13.81 -13.40 -11.82
C GLU B 59 -12.91 -14.04 -10.76
N CYS B 60 -12.14 -13.24 -10.10
CA CYS B 60 -11.23 -13.77 -9.05
C CYS B 60 -11.64 -13.22 -7.68
N GLY B 61 -12.15 -12.01 -7.65
CA GLY B 61 -12.57 -11.42 -6.34
C GLY B 61 -11.97 -10.02 -6.19
N PHE B 62 -11.46 -9.45 -7.24
CA PHE B 62 -10.87 -8.09 -7.15
C PHE B 62 -11.65 -7.11 -8.03
N THR B 63 -12.93 -6.99 -7.80
CA THR B 63 -13.76 -6.06 -8.62
C THR B 63 -13.51 -4.62 -8.19
N SER B 64 -14.55 -3.88 -7.93
CA SER B 64 -14.38 -2.46 -7.48
C SER B 64 -14.80 -2.33 -6.03
N GLN B 65 -14.75 -3.41 -5.31
CA GLN B 65 -15.15 -3.38 -3.88
C GLN B 65 -14.08 -4.07 -3.03
N THR B 66 -13.35 -4.99 -3.61
CA THR B 66 -12.30 -5.70 -2.83
C THR B 66 -10.91 -5.16 -3.22
N ALA B 67 -10.86 -3.94 -3.66
CA ALA B 67 -9.54 -3.35 -4.05
C ALA B 67 -9.73 -1.86 -4.36
N ARG B 68 -9.45 -1.01 -3.41
CA ARG B 68 -9.61 0.46 -3.64
C ARG B 68 -8.75 1.24 -2.65
N PRO B 69 -8.98 2.53 -2.57
CA PRO B 69 -8.20 3.38 -1.64
C PRO B 69 -8.64 3.09 -0.20
N GLN B 70 -9.86 2.67 -0.01
CA GLN B 70 -10.32 2.35 1.36
C GLN B 70 -9.83 0.95 1.74
N ALA B 71 -10.47 -0.07 1.22
CA ALA B 71 -10.02 -1.46 1.52
C ALA B 71 -9.48 -2.08 0.23
N PRO B 72 -8.18 -2.16 0.15
CA PRO B 72 -7.52 -2.72 -1.04
C PRO B 72 -7.37 -4.24 -0.93
N ALA B 73 -6.93 -4.86 -1.98
CA ALA B 73 -6.74 -6.33 -1.96
C ALA B 73 -5.25 -6.66 -1.94
N THR B 74 -4.84 -7.62 -1.16
CA THR B 74 -3.39 -7.95 -1.09
C THR B 74 -3.11 -9.35 -1.62
N VAL B 75 -2.05 -9.49 -2.36
CA VAL B 75 -1.68 -10.84 -2.88
C VAL B 75 -0.32 -11.23 -2.30
N GLY B 76 -0.14 -12.47 -1.95
CA GLY B 76 1.15 -12.91 -1.38
C GLY B 76 2.05 -13.43 -2.48
N LEU B 77 3.32 -13.41 -2.25
CA LEU B 77 4.28 -13.89 -3.27
C LEU B 77 5.20 -14.93 -2.66
N ALA B 78 5.18 -16.12 -3.19
CA ALA B 78 6.07 -17.20 -2.67
C ALA B 78 6.77 -17.90 -3.83
N PHE B 79 8.08 -18.01 -3.78
CA PHE B 79 8.83 -18.68 -4.88
C PHE B 79 10.03 -19.42 -4.31
N ARG B 80 10.51 -20.43 -4.98
CA ARG B 80 11.70 -21.18 -4.47
C ARG B 80 12.96 -20.71 -5.19
N ALA B 81 14.00 -20.38 -4.45
CA ALA B 81 15.26 -19.91 -5.09
C ALA B 81 16.45 -20.72 -4.58
N ASP B 82 17.33 -21.12 -5.46
CA ASP B 82 18.53 -21.90 -5.03
C ASP B 82 18.09 -23.26 -4.47
N ASP B 83 17.80 -23.33 -3.21
CA ASP B 83 17.37 -24.63 -2.62
C ASP B 83 15.85 -24.66 -2.50
N THR B 84 15.32 -24.13 -1.45
CA THR B 84 13.83 -24.12 -1.28
C THR B 84 13.37 -22.78 -0.69
N PHE B 85 12.52 -22.08 -1.39
CA PHE B 85 12.01 -20.79 -0.87
C PHE B 85 10.53 -20.63 -1.22
N GLU B 86 9.81 -19.82 -0.49
CA GLU B 86 8.36 -19.64 -0.80
C GLU B 86 7.71 -18.70 0.21
N ALA B 87 7.79 -17.41 -0.02
CA ALA B 87 7.16 -16.45 0.94
C ALA B 87 5.67 -16.80 1.09
N LEU B 88 5.27 -17.20 2.26
CA LEU B 88 3.83 -17.56 2.48
C LEU B 88 3.30 -16.78 3.68
N CYS B 89 4.18 -16.24 4.47
CA CYS B 89 3.74 -15.44 5.64
C CYS B 89 4.31 -14.05 5.45
N ILE B 90 3.48 -13.11 5.16
CA ILE B 90 4.01 -11.75 4.94
C ILE B 90 4.03 -10.98 6.24
N GLU B 91 5.19 -10.74 6.75
CA GLU B 91 5.30 -9.97 8.02
C GLU B 91 5.04 -8.49 7.75
N PRO B 92 3.90 -8.04 8.22
CA PRO B 92 3.51 -6.63 8.00
C PRO B 92 4.36 -5.68 8.84
N PHE B 93 3.88 -4.48 9.04
CA PHE B 93 4.66 -3.51 9.86
C PHE B 93 4.33 -3.67 11.35
N SER B 94 4.59 -2.67 12.14
CA SER B 94 4.30 -2.78 13.59
C SER B 94 2.95 -3.46 13.81
N SER B 95 1.89 -2.70 13.93
CA SER B 95 0.55 -3.32 14.15
C SER B 95 0.27 -4.37 13.07
N PRO B 96 0.31 -5.61 13.49
CA PRO B 96 0.05 -6.72 12.55
C PRO B 96 -1.44 -6.84 12.16
N PRO B 97 -2.32 -6.43 13.05
CA PRO B 97 -3.77 -6.51 12.73
C PRO B 97 -4.17 -5.43 11.73
N GLU B 98 -3.50 -5.36 10.62
CA GLU B 98 -3.83 -4.33 9.60
C GLU B 98 -3.98 -2.95 10.27
N LEU B 99 -2.89 -2.33 10.60
CA LEU B 99 -2.97 -0.98 11.25
C LEU B 99 -3.73 -1.08 12.58
N PRO B 100 -3.25 -0.36 13.55
CA PRO B 100 -3.89 -0.36 14.90
C PRO B 100 -5.20 0.42 14.86
N ASP B 101 -6.10 0.12 15.75
CA ASP B 101 -7.41 0.85 15.77
C ASP B 101 -8.15 0.64 14.45
N VAL B 102 -9.38 0.20 14.52
CA VAL B 102 -10.16 -0.03 13.27
C VAL B 102 -11.54 0.61 13.38
N MET B 103 -11.83 1.23 14.49
CA MET B 103 -13.16 1.88 14.67
C MET B 103 -14.26 0.81 14.63
N LYS B 104 -15.36 1.08 15.28
CA LYS B 104 -16.48 0.09 15.29
C LYS B 104 -17.81 0.79 15.02
N PRO B 105 -18.01 1.16 13.78
CA PRO B 105 -19.24 1.86 13.38
C PRO B 105 -20.42 0.87 13.34
N GLN B 106 -20.15 -0.38 13.09
CA GLN B 106 -21.25 -1.39 13.04
C GLN B 106 -20.85 -2.64 13.83
N ASP B 107 -21.34 -2.76 15.04
CA ASP B 107 -21.00 -3.96 15.86
C ASP B 107 -21.87 -5.16 15.45
N SER B 108 -23.15 -4.95 15.36
CA SER B 108 -24.06 -6.07 14.97
C SER B 108 -23.76 -6.52 13.53
N GLY B 109 -24.36 -7.59 13.09
CA GLY B 109 -24.11 -8.08 11.72
C GLY B 109 -23.55 -9.49 11.77
N SER B 110 -23.41 -10.14 10.64
CA SER B 110 -22.87 -11.53 10.63
C SER B 110 -21.35 -11.50 10.75
N SER B 111 -20.84 -11.03 11.86
CA SER B 111 -19.36 -10.99 12.04
C SER B 111 -18.76 -12.38 11.86
N ALA B 112 -17.49 -12.46 11.60
CA ALA B 112 -16.85 -13.80 11.41
C ALA B 112 -15.53 -13.87 12.20
N ASN B 113 -14.45 -13.44 11.61
CA ASN B 113 -13.15 -13.48 12.33
C ASN B 113 -13.16 -12.51 13.52
N GLU B 114 -12.29 -12.71 14.47
CA GLU B 114 -12.26 -11.80 15.65
C GLU B 114 -10.95 -11.98 16.43
N GLN B 115 -10.27 -10.91 16.72
CA GLN B 115 -8.99 -11.02 17.46
C GLN B 115 -8.04 -11.99 16.75
N ALA B 116 -8.17 -12.11 15.46
CA ALA B 116 -7.28 -13.05 14.70
C ALA B 116 -6.40 -12.27 13.72
N VAL B 117 -5.27 -12.81 13.35
CA VAL B 117 -4.38 -12.09 12.40
C VAL B 117 -3.90 -13.05 11.30
N GLN B 118 -4.02 -12.64 10.07
CA GLN B 118 -3.59 -13.53 8.96
C GLN B 118 -3.04 -12.69 7.80
N MET C 1 7.55 3.18 -14.03
CA MET C 1 8.16 3.97 -12.92
C MET C 1 7.57 3.55 -11.57
N TYR C 2 8.40 3.34 -10.60
CA TYR C 2 7.88 2.93 -9.25
C TYR C 2 8.75 3.54 -8.16
N VAL C 3 8.22 3.72 -6.98
CA VAL C 3 9.02 4.32 -5.87
C VAL C 3 8.84 3.52 -4.59
N LYS C 4 9.89 3.30 -3.85
CA LYS C 4 9.79 2.53 -2.59
C LYS C 4 9.83 3.46 -1.38
N LEU C 5 8.98 3.25 -0.42
CA LEU C 5 8.98 4.11 0.79
C LEU C 5 9.53 3.32 1.98
N ILE C 6 10.50 3.86 2.68
CA ILE C 6 11.07 3.12 3.83
C ILE C 6 10.67 3.80 5.15
N SER C 7 10.39 3.01 6.15
CA SER C 7 10.00 3.58 7.47
C SER C 7 11.08 3.28 8.51
N SER C 8 11.18 4.11 9.52
CA SER C 8 12.21 3.87 10.58
C SER C 8 12.04 2.49 11.20
N ASP C 9 10.93 1.84 10.94
CA ASP C 9 10.71 0.49 11.53
C ASP C 9 11.68 -0.53 10.91
N GLY C 10 11.89 -0.45 9.63
CA GLY C 10 12.83 -1.41 8.96
C GLY C 10 12.13 -2.06 7.77
N HIS C 11 10.89 -1.73 7.54
CA HIS C 11 10.16 -2.32 6.38
C HIS C 11 10.04 -1.29 5.25
N GLU C 12 9.68 -1.72 4.07
CA GLU C 12 9.55 -0.75 2.95
C GLU C 12 8.30 -1.06 2.12
N PHE C 13 7.77 -0.05 1.50
CA PHE C 13 6.56 -0.22 0.64
C PHE C 13 6.68 0.72 -0.56
N ILE C 14 6.59 0.20 -1.75
CA ILE C 14 6.74 1.12 -2.93
C ILE C 14 5.38 1.41 -3.57
N VAL C 15 5.17 2.63 -3.98
CA VAL C 15 3.87 3.00 -4.62
C VAL C 15 4.11 3.53 -6.04
N LYS C 16 3.13 3.46 -6.89
CA LYS C 16 3.31 3.96 -8.28
C LYS C 16 3.83 5.40 -8.26
N ARG C 17 4.82 5.68 -9.08
CA ARG C 17 5.36 7.07 -9.10
C ARG C 17 4.23 8.08 -9.05
N GLU C 18 3.12 7.77 -9.66
CA GLU C 18 1.96 8.71 -9.64
C GLU C 18 1.33 8.73 -8.25
N HIS C 19 1.13 7.58 -7.67
CA HIS C 19 0.54 7.53 -6.30
C HIS C 19 1.39 8.39 -5.37
N ALA C 20 2.68 8.22 -5.40
CA ALA C 20 3.56 9.04 -4.53
C ALA C 20 3.77 10.42 -5.15
N LEU C 21 3.42 10.59 -6.39
CA LEU C 21 3.58 11.91 -7.03
C LEU C 21 2.73 12.94 -6.29
N THR C 22 1.85 12.49 -5.43
CA THR C 22 0.99 13.46 -4.67
C THR C 22 1.82 14.17 -3.61
N SER C 23 3.10 13.91 -3.57
CA SER C 23 3.97 14.57 -2.59
C SER C 23 5.17 15.18 -3.32
N GLY C 24 5.24 16.47 -3.37
CA GLY C 24 6.39 17.12 -4.07
C GLY C 24 7.71 16.56 -3.55
N THR C 25 7.66 15.65 -2.60
CA THR C 25 8.93 15.08 -2.06
C THR C 25 9.28 13.79 -2.81
N ILE C 26 8.36 12.88 -2.91
CA ILE C 26 8.66 11.61 -3.64
C ILE C 26 8.99 11.92 -5.10
N LYS C 27 8.23 12.78 -5.72
CA LYS C 27 8.52 13.13 -7.14
C LYS C 27 9.88 13.81 -7.24
N ALA C 28 10.25 14.57 -6.25
CA ALA C 28 11.57 15.26 -6.29
C ALA C 28 12.70 14.22 -6.18
N MET C 29 12.42 13.09 -5.58
CA MET C 29 13.47 12.04 -5.44
C MET C 29 13.64 11.30 -6.76
N LEU C 30 12.57 10.88 -7.37
CA LEU C 30 12.68 10.14 -8.66
C LEU C 30 12.98 11.12 -9.80
N SER C 31 12.88 12.40 -9.54
CA SER C 31 13.16 13.40 -10.60
C SER C 31 14.62 13.88 -10.49
N GLY C 32 14.91 14.67 -9.50
CA GLY C 32 16.30 15.18 -9.34
C GLY C 32 17.30 14.02 -9.47
N PRO C 33 18.55 14.36 -9.38
CA PRO C 33 19.62 13.33 -9.49
C PRO C 33 19.65 12.45 -8.23
N GLY C 34 19.47 11.17 -8.39
CA GLY C 34 19.49 10.26 -7.21
C GLY C 34 20.94 9.89 -6.88
N GLN C 35 21.14 9.14 -5.83
CA GLN C 35 22.53 8.74 -5.45
C GLN C 35 23.09 7.74 -6.46
N PHE C 36 24.32 7.35 -6.30
CA PHE C 36 24.92 6.37 -7.25
C PHE C 36 25.21 5.05 -6.53
N ALA C 37 24.55 3.99 -6.94
CA ALA C 37 24.77 2.67 -6.28
C ALA C 37 23.78 1.64 -6.83
N GLU C 38 23.46 1.72 -8.07
CA GLU C 38 22.49 0.74 -8.67
C GLU C 38 22.13 1.14 -10.09
N ASN C 39 21.01 0.69 -10.58
CA ASN C 39 20.60 1.05 -11.97
C ASN C 39 19.57 2.18 -11.95
N GLU C 40 18.64 2.12 -11.03
CA GLU C 40 17.60 3.19 -10.95
C GLU C 40 17.45 3.67 -9.51
N THR C 41 16.71 4.73 -9.29
CA THR C 41 16.52 5.25 -7.91
C THR C 41 15.05 5.23 -7.53
N ASN C 42 14.36 6.33 -7.71
CA ASN C 42 12.91 6.36 -7.35
C ASN C 42 12.68 5.70 -6.00
N GLU C 43 13.15 6.31 -4.93
CA GLU C 43 12.96 5.71 -3.59
C GLU C 43 12.68 6.80 -2.56
N VAL C 44 12.11 6.43 -1.44
CA VAL C 44 11.82 7.45 -0.39
C VAL C 44 12.37 6.97 0.96
N ASN C 45 12.66 7.90 1.85
CA ASN C 45 13.20 7.49 3.18
C ASN C 45 12.52 8.30 4.28
N PHE C 46 11.77 7.64 5.12
CA PHE C 46 11.09 8.36 6.23
C PHE C 46 11.90 8.22 7.53
N ARG C 47 12.67 9.22 7.86
CA ARG C 47 13.49 9.14 9.11
C ARG C 47 12.65 9.54 10.32
N GLU C 48 11.63 10.31 10.12
CA GLU C 48 10.77 10.74 11.27
C GLU C 48 9.32 10.31 11.04
N ILE C 49 9.11 9.06 10.72
CA ILE C 49 7.72 8.58 10.48
C ILE C 49 7.66 7.05 10.62
N PRO C 50 6.83 6.60 11.52
CA PRO C 50 6.67 5.15 11.75
C PRO C 50 5.91 4.50 10.59
N SER C 51 5.78 3.20 10.61
CA SER C 51 5.05 2.51 9.50
C SER C 51 3.60 3.00 9.45
N HIS C 52 2.91 2.98 10.57
CA HIS C 52 1.49 3.44 10.59
C HIS C 52 1.32 4.68 9.70
N VAL C 53 2.30 5.54 9.68
CA VAL C 53 2.20 6.77 8.85
C VAL C 53 2.61 6.45 7.41
N LEU C 54 3.45 5.47 7.24
CA LEU C 54 3.90 5.09 5.85
C LEU C 54 2.69 4.72 5.00
N SER C 55 1.66 4.17 5.59
CA SER C 55 0.46 3.79 4.81
C SER C 55 -0.61 4.88 4.92
N LYS C 56 -0.61 5.58 6.02
CA LYS C 56 -1.63 6.66 6.20
C LYS C 56 -1.53 7.66 5.05
N VAL C 57 -0.44 8.39 4.99
CA VAL C 57 -0.27 9.38 3.89
C VAL C 57 -0.27 8.66 2.54
N CYS C 58 0.27 7.48 2.49
CA CYS C 58 0.30 6.73 1.21
C CYS C 58 -1.11 6.57 0.67
N MET C 59 -2.07 6.41 1.53
CA MET C 59 -3.47 6.25 1.06
C MET C 59 -3.87 7.47 0.25
N TYR C 60 -3.47 8.65 0.68
CA TYR C 60 -3.82 9.87 -0.10
C TYR C 60 -3.01 9.87 -1.40
N PHE C 61 -1.90 9.17 -1.43
CA PHE C 61 -1.09 9.13 -2.68
C PHE C 61 -1.91 8.42 -3.76
N THR C 62 -2.69 7.45 -3.37
CA THR C 62 -3.53 6.73 -4.36
C THR C 62 -4.92 7.36 -4.37
N TYR C 63 -5.38 7.83 -3.24
CA TYR C 63 -6.72 8.48 -3.20
C TYR C 63 -6.75 9.64 -4.18
N LYS C 64 -5.61 10.25 -4.43
CA LYS C 64 -5.59 11.39 -5.39
C LYS C 64 -6.04 10.91 -6.77
N VAL C 65 -5.56 9.77 -7.19
CA VAL C 65 -5.97 9.25 -8.53
C VAL C 65 -7.49 9.03 -8.56
N ARG C 66 -8.08 8.81 -7.41
CA ARG C 66 -9.55 8.59 -7.36
C ARG C 66 -10.28 9.95 -7.30
N TYR C 67 -9.57 11.00 -6.96
CA TYR C 67 -10.21 12.34 -6.89
C TYR C 67 -10.44 12.89 -8.30
N THR C 68 -9.54 12.63 -9.20
CA THR C 68 -9.71 13.13 -10.60
C THR C 68 -11.01 12.58 -11.17
N ASN C 69 -11.61 11.62 -10.51
CA ASN C 69 -12.88 11.04 -11.01
C ASN C 69 -14.08 11.61 -10.24
N SER C 70 -13.83 12.20 -9.10
CA SER C 70 -14.93 12.78 -8.29
C SER C 70 -15.83 11.66 -7.75
N SER C 71 -16.07 11.66 -6.46
CA SER C 71 -16.93 10.60 -5.87
C SER C 71 -17.66 11.15 -4.64
N THR C 72 -17.71 12.45 -4.49
CA THR C 72 -18.42 13.03 -3.31
C THR C 72 -18.07 12.25 -2.04
N GLU C 73 -16.83 12.29 -1.63
CA GLU C 73 -16.43 11.55 -0.39
C GLU C 73 -14.91 11.54 -0.26
N ILE C 74 -14.26 12.61 -0.66
CA ILE C 74 -12.77 12.67 -0.55
C ILE C 74 -12.35 13.00 0.89
N PRO C 75 -12.83 14.11 1.38
CA PRO C 75 -12.49 14.55 2.76
C PRO C 75 -13.19 13.67 3.79
N GLU C 76 -12.55 12.60 4.21
CA GLU C 76 -13.19 11.70 5.22
C GLU C 76 -12.13 10.81 5.87
N PHE C 77 -10.89 11.21 5.83
CA PHE C 77 -9.81 10.38 6.44
C PHE C 77 -10.03 10.27 7.95
N PRO C 78 -9.95 9.06 8.44
CA PRO C 78 -10.14 8.81 9.89
C PRO C 78 -8.86 9.19 10.66
N ILE C 79 -8.99 9.93 11.72
CA ILE C 79 -7.80 10.30 12.52
C ILE C 79 -8.12 10.20 14.01
N ALA C 80 -7.23 9.65 14.79
CA ALA C 80 -7.51 9.51 16.25
C ALA C 80 -6.20 9.60 17.06
N PRO C 81 -6.34 9.45 18.35
CA PRO C 81 -5.16 9.49 19.25
C PRO C 81 -4.35 8.20 19.10
N GLU C 82 -3.67 8.05 17.99
CA GLU C 82 -2.87 6.83 17.77
C GLU C 82 -2.22 6.96 16.40
N ILE C 83 -2.94 7.56 15.49
CA ILE C 83 -2.38 7.79 14.13
C ILE C 83 -2.92 9.12 13.62
N ALA C 84 -2.06 9.89 13.00
CA ALA C 84 -2.44 11.23 12.46
C ALA C 84 -1.48 12.28 13.01
N LEU C 85 -1.05 12.11 14.23
CA LEU C 85 -0.11 13.09 14.83
C LEU C 85 1.21 13.11 14.06
N GLU C 86 1.75 11.95 13.77
CA GLU C 86 3.04 11.91 13.01
C GLU C 86 2.86 12.58 11.64
N LEU C 87 1.71 12.43 11.04
CA LEU C 87 1.48 13.05 9.71
C LEU C 87 1.60 14.58 9.83
N LEU C 88 1.38 15.12 10.99
CA LEU C 88 1.50 16.60 11.15
C LEU C 88 2.76 17.10 10.45
N MET C 89 3.92 16.76 10.96
CA MET C 89 5.18 17.22 10.32
C MET C 89 5.58 16.26 9.20
N ALA C 90 5.08 15.05 9.22
CA ALA C 90 5.45 14.07 8.16
C ALA C 90 4.60 14.30 6.91
N ALA C 91 3.31 14.43 7.07
CA ALA C 91 2.43 14.67 5.90
C ALA C 91 2.89 15.91 5.14
N ASN C 92 3.05 17.01 5.83
CA ASN C 92 3.51 18.25 5.15
C ASN C 92 4.97 18.10 4.69
N PHE C 93 5.76 17.39 5.46
CA PHE C 93 7.18 17.20 5.06
C PHE C 93 7.26 16.49 3.71
N LEU C 94 6.31 15.64 3.43
CA LEU C 94 6.31 14.92 2.12
C LEU C 94 5.84 15.85 1.00
N ASP C 95 5.57 17.08 1.32
CA ASP C 95 5.10 18.05 0.27
C ASP C 95 4.62 19.34 0.93
N CYS C 96 4.97 20.47 0.38
CA CYS C 96 4.52 21.76 0.97
C CYS C 96 3.03 21.70 1.34
#